data_6V11
#
_entry.id   6V11
#
loop_
_entity.id
_entity.type
_entity.pdbx_description
1 polymer 'Lon protease'
2 non-polymer "ADENOSINE-5'-DIPHOSPHATE"
#
_entity_poly.entity_id   1
_entity_poly.type   'polypeptide(L)'
_entity_poly.pdbx_seq_one_letter_code
;ALKRKIEAAKMPKDAREKTEAELQKLKMMSPMSAEATVVRGYIDWMLQVPWNSRSKVKKDLVKAQEVLDTDHYGLERVKD
RILEYLAVQSRVSKIKGPILCLVGPPGVGKTSLGQSIAKATGRQYVRMALGGVRDEAEIRGHRRTYIGSMPGKLIQKMAK
VGVKNPLFLLDEIDKMASDMRGDPASALLEVLDPEQNVAFNDHYLEVDYDLSDVMFVATSNSMNIPAPLLDRMEVIRLSG
YTEDEKLNIAKQHLLPKQFERNAIKKGELTIDDSAIMSIIRYYTREAGVRSLEREISKLCRKAVKNLLMDKTVKHIEING
DNLKDFLGVQKVDYGRADTENRVGQVTGLAWTEVGGDLLTIETACVPGKGKLTYTGSLGEVMQESIQAALTVVRARADKL
GINPDFYEKRDIHVHVPEGATPKDGPSAGIAMCTALVSCLTGNPVRADVAMTGEITLRGLVLPIGGLKEKLLAAHRGGIK
VVLIPDDNKRDLEEIPDNVIADLEIHPVKRIDDVLAIALEHPA
;
_entity_poly.pdbx_strand_id   A,B,C,D,E,F
#
loop_
_chem_comp.id
_chem_comp.type
_chem_comp.name
_chem_comp.formula
ADP non-polymer ADENOSINE-5'-DIPHOSPHATE 'C10 H15 N5 O10 P2'
#
# COMPACT_ATOMS: atom_id res chain seq x y z
N ALA A 1 32.25 -20.81 40.71
CA ALA A 1 32.22 -20.14 39.43
C ALA A 1 30.88 -19.45 39.21
N LEU A 2 29.91 -20.22 38.70
CA LEU A 2 28.57 -19.68 38.49
C LEU A 2 27.90 -19.41 39.83
N LYS A 3 27.98 -20.38 40.74
CA LYS A 3 27.22 -20.35 41.98
C LYS A 3 27.80 -19.35 42.99
N ARG A 4 29.07 -19.01 42.85
CA ARG A 4 29.71 -18.14 43.82
C ARG A 4 29.46 -16.66 43.54
N LYS A 5 28.61 -16.34 42.56
CA LYS A 5 28.34 -14.95 42.23
C LYS A 5 26.87 -14.68 41.95
N ILE A 6 25.98 -15.65 42.14
CA ILE A 6 24.57 -15.42 41.91
C ILE A 6 23.95 -14.56 42.99
N GLU A 7 24.60 -14.41 44.14
CA GLU A 7 24.15 -13.41 45.11
C GLU A 7 24.38 -12.00 44.59
N ALA A 8 25.48 -11.78 43.85
CA ALA A 8 25.70 -10.62 42.97
C ALA A 8 25.64 -9.30 43.72
N ALA A 9 26.18 -9.28 44.95
CA ALA A 9 26.34 -8.10 45.79
C ALA A 9 24.98 -7.42 46.06
N LYS A 10 24.18 -8.12 46.88
CA LYS A 10 22.81 -7.75 47.29
C LYS A 10 21.91 -7.42 46.10
N MET A 11 22.01 -8.27 45.09
CA MET A 11 21.00 -8.33 44.04
C MET A 11 19.66 -8.72 44.65
N PRO A 12 18.56 -8.08 44.22
CA PRO A 12 17.28 -8.25 44.93
C PRO A 12 16.70 -9.65 44.83
N LYS A 13 15.60 -9.84 45.57
CA LYS A 13 15.11 -11.18 45.90
C LYS A 13 14.58 -11.91 44.69
N ASP A 14 13.84 -11.21 43.83
CA ASP A 14 13.09 -11.84 42.74
C ASP A 14 14.01 -12.55 41.76
N ALA A 15 15.04 -11.84 41.28
CA ALA A 15 15.99 -12.47 40.38
C ALA A 15 16.96 -13.40 41.11
N ARG A 16 16.98 -13.40 42.44
CA ARG A 16 17.67 -14.47 43.14
C ARG A 16 16.89 -15.77 43.08
N GLU A 17 15.58 -15.74 43.28
CA GLU A 17 14.87 -17.01 43.14
C GLU A 17 14.71 -17.41 41.67
N LYS A 18 14.67 -16.44 40.75
CA LYS A 18 14.63 -16.82 39.35
C LYS A 18 15.97 -17.38 38.91
N THR A 19 17.07 -16.71 39.30
CA THR A 19 18.41 -17.15 38.94
C THR A 19 18.73 -18.52 39.52
N GLU A 20 18.34 -18.76 40.77
CA GLU A 20 18.51 -20.10 41.30
C GLU A 20 17.51 -21.09 40.71
N ALA A 21 16.39 -20.60 40.15
CA ALA A 21 15.43 -21.50 39.52
C ALA A 21 15.97 -22.05 38.20
N GLU A 22 16.54 -21.20 37.35
CA GLU A 22 17.21 -21.80 36.20
C GLU A 22 18.58 -22.37 36.53
N LEU A 23 19.14 -22.10 37.72
CA LEU A 23 20.34 -22.82 38.11
C LEU A 23 20.02 -24.25 38.49
N GLN A 24 18.86 -24.47 39.14
CA GLN A 24 18.44 -25.85 39.35
C GLN A 24 17.79 -26.45 38.12
N LYS A 25 17.43 -25.63 37.12
CA LYS A 25 17.21 -26.20 35.79
C LYS A 25 18.52 -26.68 35.18
N LEU A 26 19.60 -25.95 35.43
CA LEU A 26 20.93 -26.39 34.98
C LEU A 26 21.37 -27.66 35.69
N LYS A 27 20.95 -27.83 36.95
CA LYS A 27 21.27 -29.06 37.68
C LYS A 27 20.63 -30.30 37.07
N MET A 28 19.55 -30.15 36.32
CA MET A 28 18.95 -31.28 35.60
C MET A 28 18.93 -31.01 34.11
N ALA A 36 21.09 -26.28 27.16
CA ALA A 36 21.68 -25.96 28.46
C ALA A 36 22.66 -24.80 28.36
N THR A 37 23.16 -24.54 27.15
CA THR A 37 24.02 -23.38 26.93
C THR A 37 23.20 -22.09 26.97
N VAL A 38 21.97 -22.14 26.44
CA VAL A 38 21.06 -21.00 26.49
C VAL A 38 20.62 -20.75 27.92
N VAL A 39 20.64 -21.79 28.76
CA VAL A 39 20.42 -21.60 30.19
C VAL A 39 21.58 -20.85 30.82
N ARG A 40 22.82 -21.18 30.42
CA ARG A 40 24.01 -20.50 30.92
C ARG A 40 24.00 -19.02 30.55
N GLY A 41 23.72 -18.73 29.28
CA GLY A 41 23.59 -17.35 28.85
C GLY A 41 22.44 -16.64 29.52
N TYR A 42 21.32 -17.35 29.71
CA TYR A 42 20.15 -16.78 30.36
C TYR A 42 20.42 -16.44 31.82
N ILE A 43 21.32 -17.18 32.47
CA ILE A 43 21.82 -16.77 33.78
C ILE A 43 22.67 -15.52 33.63
N ASP A 44 23.56 -15.51 32.64
CA ASP A 44 24.57 -14.46 32.55
C ASP A 44 23.97 -13.11 32.17
N TRP A 45 22.84 -13.11 31.46
CA TRP A 45 22.11 -11.87 31.22
C TRP A 45 21.63 -11.28 32.54
N MET A 46 21.02 -12.11 33.38
CA MET A 46 20.49 -11.62 34.65
C MET A 46 21.60 -11.31 35.65
N LEU A 47 22.80 -11.84 35.44
CA LEU A 47 23.92 -11.42 36.28
C LEU A 47 24.60 -10.16 35.79
N GLN A 48 24.62 -9.90 34.48
CA GLN A 48 25.40 -8.77 33.99
C GLN A 48 24.63 -7.46 33.99
N VAL A 49 23.31 -7.49 34.03
CA VAL A 49 22.56 -6.24 34.21
C VAL A 49 22.77 -5.75 35.64
N PRO A 50 22.87 -4.45 35.88
CA PRO A 50 23.23 -3.98 37.21
C PRO A 50 22.06 -4.01 38.16
N TRP A 51 22.38 -4.08 39.44
CA TRP A 51 21.36 -4.07 40.48
C TRP A 51 21.75 -3.17 41.64
N ASN A 52 22.86 -2.45 41.52
CA ASN A 52 23.38 -1.60 42.58
C ASN A 52 24.28 -0.56 41.93
N SER A 53 25.13 0.07 42.74
CA SER A 53 26.21 0.96 42.32
C SER A 53 25.68 2.17 41.56
N ARG A 54 24.94 2.99 42.29
CA ARG A 54 24.52 4.28 41.78
C ARG A 54 25.75 5.19 41.70
N SER A 55 26.15 5.55 40.49
CA SER A 55 27.24 6.51 40.32
C SER A 55 26.75 7.89 40.74
N LYS A 56 27.41 8.46 41.75
CA LYS A 56 26.86 9.58 42.49
C LYS A 56 26.85 10.86 41.66
N VAL A 57 25.88 11.72 41.95
CA VAL A 57 25.75 13.00 41.27
C VAL A 57 26.81 13.95 41.81
N LYS A 58 27.04 15.04 41.11
CA LYS A 58 27.93 16.09 41.57
C LYS A 58 27.08 17.31 41.84
N LYS A 59 26.79 17.57 43.11
CA LYS A 59 25.86 18.60 43.50
C LYS A 59 26.44 20.00 43.44
N ASP A 60 27.73 20.14 43.11
CA ASP A 60 28.30 21.46 42.88
C ASP A 60 27.74 21.98 41.58
N LEU A 61 26.65 22.74 41.67
CA LEU A 61 25.97 23.20 40.48
C LEU A 61 26.74 24.30 39.77
N VAL A 62 27.61 25.02 40.49
CA VAL A 62 28.48 25.99 39.84
C VAL A 62 29.52 25.27 39.00
N LYS A 63 29.94 24.08 39.43
CA LYS A 63 30.83 23.27 38.59
C LYS A 63 30.11 22.80 37.33
N ALA A 64 28.82 22.50 37.44
CA ALA A 64 28.05 22.13 36.25
C ALA A 64 27.88 23.32 35.31
N GLN A 65 27.73 24.51 35.87
CA GLN A 65 27.81 25.74 35.08
C GLN A 65 29.14 25.84 34.35
N GLU A 66 30.23 25.51 35.04
CA GLU A 66 31.54 25.62 34.41
C GLU A 66 31.79 24.53 33.39
N VAL A 67 31.08 23.40 33.47
CA VAL A 67 31.31 22.30 32.55
C VAL A 67 30.32 22.31 31.40
N LEU A 68 29.25 23.11 31.49
CA LEU A 68 28.44 23.30 30.29
C LEU A 68 29.02 24.35 29.35
N ASP A 69 29.80 25.28 29.85
CA ASP A 69 30.35 26.31 28.97
C ASP A 69 31.64 25.89 28.29
N THR A 70 32.14 24.68 28.55
CA THR A 70 33.34 24.23 27.90
C THR A 70 33.08 23.37 26.69
N ASP A 71 31.82 23.03 26.42
CA ASP A 71 31.51 22.11 25.34
C ASP A 71 30.53 22.65 24.33
N HIS A 72 29.78 23.69 24.65
CA HIS A 72 28.84 24.30 23.73
C HIS A 72 28.91 25.80 23.97
N TYR A 73 28.93 26.58 22.91
CA TYR A 73 29.31 27.98 23.08
C TYR A 73 28.19 28.85 23.62
N GLY A 74 27.11 29.00 22.86
CA GLY A 74 26.25 30.13 23.10
C GLY A 74 24.77 29.85 23.24
N LEU A 75 24.41 28.76 23.88
CA LEU A 75 23.00 28.42 24.04
C LEU A 75 22.52 28.83 25.43
N GLU A 76 22.52 30.15 25.68
CA GLU A 76 22.33 30.65 27.04
C GLU A 76 20.93 30.37 27.57
N ARG A 77 19.90 30.50 26.74
CA ARG A 77 18.55 30.19 27.19
C ARG A 77 18.39 28.68 27.44
N VAL A 78 18.94 27.88 26.55
CA VAL A 78 18.90 26.44 26.70
C VAL A 78 19.75 25.99 27.89
N LYS A 79 20.91 26.62 28.09
CA LYS A 79 21.75 26.26 29.24
C LYS A 79 21.10 26.64 30.55
N ASP A 80 20.44 27.79 30.59
CA ASP A 80 19.77 28.18 31.83
C ASP A 80 18.61 27.25 32.14
N ARG A 81 17.87 26.83 31.13
CA ARG A 81 16.78 25.88 31.36
C ARG A 81 17.31 24.52 31.83
N ILE A 82 18.41 24.05 31.24
CA ILE A 82 19.01 22.79 31.66
C ILE A 82 19.52 22.88 33.08
N LEU A 83 20.11 24.02 33.46
CA LEU A 83 20.57 24.15 34.84
C LEU A 83 19.44 24.33 35.83
N GLU A 84 18.26 24.78 35.40
CA GLU A 84 17.11 24.72 36.28
C GLU A 84 16.72 23.27 36.55
N TYR A 85 16.64 22.47 35.47
CA TYR A 85 16.29 21.07 35.63
C TYR A 85 17.34 20.30 36.43
N LEU A 86 18.59 20.73 36.37
CA LEU A 86 19.61 20.11 37.19
C LEU A 86 19.64 20.64 38.60
N ALA A 87 19.07 21.83 38.85
CA ALA A 87 18.97 22.30 40.21
C ALA A 87 17.93 21.50 40.98
N VAL A 88 16.72 21.38 40.42
CA VAL A 88 15.70 20.59 41.10
C VAL A 88 16.04 19.10 41.02
N GLN A 89 16.75 18.69 39.97
CA GLN A 89 17.31 17.35 39.91
C GLN A 89 18.40 17.13 40.96
N SER A 90 19.02 18.21 41.43
CA SER A 90 20.00 18.05 42.50
C SER A 90 19.34 17.94 43.87
N ARG A 91 18.34 18.78 44.14
CA ARG A 91 17.76 18.77 45.48
C ARG A 91 16.91 17.54 45.72
N VAL A 92 15.83 17.37 44.96
CA VAL A 92 15.13 16.10 44.98
C VAL A 92 15.97 15.05 44.25
N SER A 93 16.05 13.85 44.81
CA SER A 93 16.88 12.81 44.21
C SER A 93 16.30 12.33 42.89
N LYS A 94 14.97 12.27 42.78
CA LYS A 94 14.33 11.81 41.55
C LYS A 94 13.17 12.74 41.22
N ILE A 95 13.32 13.54 40.17
CA ILE A 95 12.16 14.27 39.66
C ILE A 95 11.28 13.29 38.91
N LYS A 96 10.03 13.19 39.33
CA LYS A 96 9.07 12.30 38.69
C LYS A 96 8.12 13.10 37.82
N GLY A 97 8.65 14.11 37.13
CA GLY A 97 7.86 14.96 36.27
C GLY A 97 8.17 14.71 34.81
N PRO A 98 7.97 15.73 33.99
CA PRO A 98 8.20 15.60 32.56
C PRO A 98 9.68 15.63 32.21
N ILE A 99 9.99 15.03 31.08
CA ILE A 99 11.37 14.81 30.61
C ILE A 99 11.78 15.99 29.72
N LEU A 100 13.06 16.35 29.79
CA LEU A 100 13.67 17.32 28.89
C LEU A 100 13.45 16.94 27.44
N CYS A 101 13.03 17.92 26.65
CA CYS A 101 12.77 17.73 25.23
C CYS A 101 13.55 18.78 24.46
N LEU A 102 14.60 18.36 23.75
CA LEU A 102 15.43 19.25 22.97
C LEU A 102 14.96 19.22 21.53
N VAL A 103 14.47 20.35 21.04
CA VAL A 103 13.90 20.44 19.71
C VAL A 103 14.61 21.56 18.96
N GLY A 104 15.10 21.24 17.77
CA GLY A 104 15.62 22.25 16.87
C GLY A 104 15.96 21.72 15.51
N PRO A 105 16.46 22.58 14.64
CA PRO A 105 16.86 22.14 13.30
C PRO A 105 18.10 21.29 13.38
N PRO A 106 18.39 20.47 12.37
CA PRO A 106 19.51 19.54 12.47
C PRO A 106 20.84 20.23 12.33
N GLY A 107 21.75 19.90 13.24
CA GLY A 107 23.07 20.49 13.22
C GLY A 107 23.27 21.51 14.31
N VAL A 108 22.41 21.47 15.32
CA VAL A 108 22.63 22.28 16.51
C VAL A 108 23.04 21.24 17.54
N GLY A 109 23.43 21.66 18.75
CA GLY A 109 24.12 20.78 19.67
C GLY A 109 23.28 19.72 20.34
N LYS A 110 22.07 19.46 19.83
CA LYS A 110 21.39 18.21 20.15
C LYS A 110 22.24 17.04 19.68
N THR A 111 22.15 15.93 20.43
CA THR A 111 22.95 14.70 20.35
C THR A 111 24.39 15.00 20.81
N SER A 112 24.63 16.21 21.33
CA SER A 112 25.89 16.46 22.00
C SER A 112 25.67 17.22 23.29
N LEU A 113 24.54 17.92 23.39
CA LEU A 113 24.16 18.53 24.64
C LEU A 113 23.94 17.45 25.69
N GLY A 114 23.32 16.35 25.28
CA GLY A 114 23.15 15.21 26.18
C GLY A 114 24.47 14.56 26.54
N GLN A 115 25.46 14.65 25.67
CA GLN A 115 26.78 14.18 26.04
C GLN A 115 27.41 15.12 27.05
N SER A 116 27.08 16.41 26.98
CA SER A 116 27.65 17.33 27.96
C SER A 116 26.78 17.44 29.20
N ILE A 117 25.69 16.67 29.29
CA ILE A 117 24.98 16.57 30.56
C ILE A 117 25.57 15.44 31.40
N ALA A 118 25.97 14.35 30.74
CA ALA A 118 26.46 13.18 31.44
C ALA A 118 27.78 13.44 32.14
N LYS A 119 28.57 14.38 31.61
CA LYS A 119 29.72 14.84 32.35
C LYS A 119 29.41 16.20 32.98
N ALA A 120 28.14 16.44 33.26
CA ALA A 120 27.75 17.53 34.13
C ALA A 120 27.13 17.06 35.43
N THR A 121 26.50 15.89 35.44
CA THR A 121 26.11 15.25 36.69
C THR A 121 27.17 14.24 37.12
N GLY A 122 27.43 13.26 36.27
CA GLY A 122 28.42 12.24 36.56
C GLY A 122 27.96 10.90 36.03
N ARG A 123 26.68 10.80 35.73
CA ARG A 123 26.13 9.53 35.25
C ARG A 123 26.61 9.24 33.83
N GLN A 124 26.59 7.98 33.46
CA GLN A 124 27.20 7.53 32.22
C GLN A 124 26.31 7.78 31.02
N TYR A 125 26.89 8.32 29.95
CA TYR A 125 26.14 8.61 28.74
C TYR A 125 25.79 7.33 28.00
N VAL A 126 24.54 7.22 27.57
CA VAL A 126 24.11 6.15 26.66
C VAL A 126 23.20 6.77 25.61
N ARG A 127 23.48 6.50 24.34
CA ARG A 127 22.64 6.98 23.26
C ARG A 127 21.86 5.82 22.66
N MET A 128 20.60 6.07 22.35
CA MET A 128 19.71 5.07 21.76
C MET A 128 18.95 5.72 20.61
N ALA A 129 19.38 5.46 19.39
CA ALA A 129 18.70 6.01 18.23
C ALA A 129 17.41 5.25 17.98
N LEU A 130 16.39 5.98 17.52
CA LEU A 130 15.08 5.41 17.26
C LEU A 130 14.73 5.69 15.82
N GLY A 131 15.15 4.81 14.92
CA GLY A 131 14.90 4.99 13.50
C GLY A 131 14.18 3.82 12.86
N MET A 150 17.39 -13.31 22.62
CA MET A 150 17.47 -11.86 22.43
C MET A 150 16.64 -11.09 23.44
N PRO A 151 17.32 -10.40 24.37
CA PRO A 151 16.60 -9.54 25.31
C PRO A 151 16.03 -8.28 24.67
N GLY A 152 15.41 -7.44 25.48
CA GLY A 152 14.91 -6.17 25.00
C GLY A 152 16.05 -5.20 24.70
N LYS A 153 15.74 -4.21 23.85
CA LYS A 153 16.74 -3.28 23.35
C LYS A 153 17.26 -2.39 24.47
N LEU A 154 16.36 -1.95 25.34
CA LEU A 154 16.73 -1.03 26.40
C LEU A 154 17.57 -1.74 27.45
N ILE A 155 17.20 -2.96 27.81
CA ILE A 155 18.00 -3.70 28.77
C ILE A 155 19.29 -4.19 28.12
N GLN A 156 19.31 -4.30 26.80
CA GLN A 156 20.56 -4.56 26.08
C GLN A 156 21.51 -3.39 26.26
N LYS A 157 20.98 -2.16 26.21
CA LYS A 157 21.83 -1.01 26.46
C LYS A 157 22.21 -0.88 27.92
N MET A 158 21.31 -1.28 28.83
CA MET A 158 21.63 -1.27 30.26
C MET A 158 22.75 -2.25 30.55
N ALA A 159 22.74 -3.41 29.90
CA ALA A 159 23.83 -4.34 30.02
C ALA A 159 25.08 -3.85 29.32
N LYS A 160 24.93 -2.99 28.32
CA LYS A 160 26.11 -2.39 27.70
C LYS A 160 26.80 -1.44 28.66
N VAL A 161 26.05 -0.59 29.34
CA VAL A 161 26.69 0.38 30.23
C VAL A 161 26.97 -0.22 31.61
N GLY A 162 26.03 -0.96 32.20
CA GLY A 162 26.22 -1.47 33.53
C GLY A 162 26.31 -0.41 34.61
N VAL A 163 25.21 0.30 34.87
CA VAL A 163 25.08 1.14 36.06
C VAL A 163 23.60 1.27 36.35
N LYS A 164 23.27 1.50 37.62
CA LYS A 164 21.86 1.59 37.99
C LYS A 164 21.22 2.88 37.49
N ASN A 165 21.98 3.97 37.40
CA ASN A 165 21.46 5.29 37.10
C ASN A 165 22.11 5.91 35.86
N PRO A 166 21.81 5.42 34.68
CA PRO A 166 22.47 5.97 33.48
C PRO A 166 21.79 7.23 32.97
N LEU A 167 22.25 7.71 31.82
CA LEU A 167 21.60 8.77 31.06
C LEU A 167 21.32 8.20 29.68
N PHE A 168 20.05 7.97 29.39
CA PHE A 168 19.65 7.15 28.26
C PHE A 168 18.96 8.07 27.25
N LEU A 169 19.72 8.57 26.28
CA LEU A 169 19.17 9.53 25.34
C LEU A 169 18.29 8.85 24.31
N LEU A 170 17.03 9.23 24.31
CA LEU A 170 16.10 8.85 23.24
C LEU A 170 16.22 9.90 22.14
N ASP A 171 16.77 9.51 21.00
CA ASP A 171 16.93 10.43 19.89
C ASP A 171 15.96 10.09 18.77
N GLU A 172 15.60 11.12 18.01
CA GLU A 172 14.74 11.04 16.83
C GLU A 172 13.38 10.42 17.15
N ILE A 173 12.64 11.11 18.02
CA ILE A 173 11.27 10.71 18.30
C ILE A 173 10.32 11.14 17.19
N ASP A 174 10.81 11.98 16.27
CA ASP A 174 10.08 12.23 15.02
C ASP A 174 9.90 10.94 14.22
N LYS A 175 10.85 10.01 14.31
CA LYS A 175 10.72 8.71 13.68
C LYS A 175 10.13 7.68 14.65
N ASP A 183 9.47 -4.44 17.59
CA ASP A 183 9.12 -3.60 18.73
C ASP A 183 8.04 -2.61 18.28
N PRO A 184 6.92 -2.56 19.01
CA PRO A 184 5.88 -1.57 18.68
C PRO A 184 6.32 -0.14 18.97
N ALA A 185 5.58 0.80 18.37
CA ALA A 185 6.06 2.17 18.28
C ALA A 185 5.86 2.94 19.57
N SER A 186 4.61 3.16 19.97
CA SER A 186 4.31 4.05 21.08
C SER A 186 4.42 3.38 22.43
N ALA A 187 4.93 2.17 22.49
CA ALA A 187 5.01 1.40 23.73
C ALA A 187 6.18 1.79 24.62
N LEU A 188 6.83 2.92 24.35
CA LEU A 188 7.90 3.41 25.21
C LEU A 188 7.40 4.39 26.25
N LEU A 189 6.09 4.64 26.29
CA LEU A 189 5.58 5.55 27.31
C LEU A 189 5.54 4.89 28.67
N GLU A 190 5.64 3.56 28.72
CA GLU A 190 5.86 2.84 29.96
C GLU A 190 7.27 3.01 30.50
N VAL A 191 8.17 3.62 29.72
CA VAL A 191 9.50 3.91 30.22
C VAL A 191 9.53 5.31 30.83
N LEU A 192 8.51 6.12 30.61
CA LEU A 192 8.50 7.52 31.01
C LEU A 192 7.61 7.81 32.20
N ASP A 193 6.46 7.16 32.29
CA ASP A 193 5.50 7.45 33.36
C ASP A 193 5.99 6.91 34.69
N PRO A 194 5.49 7.46 35.81
CA PRO A 194 5.85 6.87 37.11
C PRO A 194 5.30 5.48 37.36
N GLU A 195 4.11 5.18 36.87
CA GLU A 195 3.43 3.95 37.25
C GLU A 195 4.05 2.71 36.63
N GLN A 196 4.83 2.86 35.56
CA GLN A 196 5.42 1.70 34.90
C GLN A 196 6.93 1.66 35.05
N ASN A 197 7.51 2.59 35.80
CA ASN A 197 8.95 2.64 36.00
C ASN A 197 9.41 2.19 37.37
N VAL A 198 8.48 1.93 38.29
CA VAL A 198 8.86 1.26 39.52
C VAL A 198 9.09 -0.22 39.24
N ALA A 199 8.51 -0.74 38.16
CA ALA A 199 8.75 -2.11 37.73
C ALA A 199 8.48 -2.18 36.23
N PHE A 200 9.45 -2.69 35.48
CA PHE A 200 9.32 -2.79 34.04
C PHE A 200 9.52 -4.25 33.62
N ASN A 201 8.50 -4.83 33.01
CA ASN A 201 8.53 -6.21 32.57
C ASN A 201 9.37 -6.36 31.31
N ASP A 202 9.45 -7.59 30.82
CA ASP A 202 10.06 -7.86 29.53
C ASP A 202 9.44 -9.14 28.99
N HIS A 203 9.43 -9.26 27.67
CA HIS A 203 8.93 -10.48 27.05
C HIS A 203 9.91 -11.63 27.19
N TYR A 204 11.21 -11.34 27.19
CA TYR A 204 12.21 -12.41 27.20
C TYR A 204 13.26 -12.19 28.28
N LEU A 205 12.88 -11.57 29.39
CA LEU A 205 13.75 -11.56 30.54
C LEU A 205 12.98 -11.84 31.83
N GLU A 206 11.64 -11.92 31.77
CA GLU A 206 10.75 -12.64 32.69
C GLU A 206 10.57 -11.94 34.04
N VAL A 207 11.37 -10.92 34.34
CA VAL A 207 11.29 -10.34 35.67
C VAL A 207 10.97 -8.86 35.57
N ASP A 208 10.91 -8.19 36.71
CA ASP A 208 10.59 -6.78 36.76
C ASP A 208 11.84 -5.99 37.11
N TYR A 209 12.16 -4.99 36.29
CA TYR A 209 13.27 -4.09 36.56
C TYR A 209 12.72 -2.71 36.87
N ASP A 210 13.37 -2.00 37.78
CA ASP A 210 12.98 -0.65 38.12
C ASP A 210 13.71 0.36 37.25
N LEU A 211 13.00 0.93 36.28
CA LEU A 211 13.56 1.97 35.43
C LEU A 211 13.45 3.34 36.05
N SER A 212 13.03 3.44 37.30
CA SER A 212 13.19 4.67 38.05
C SER A 212 14.67 4.89 38.35
N ASP A 213 14.98 6.12 38.79
CA ASP A 213 16.35 6.62 39.00
C ASP A 213 17.17 6.49 37.72
N VAL A 214 16.54 6.74 36.58
CA VAL A 214 17.19 6.67 35.28
C VAL A 214 16.81 7.94 34.54
N MET A 215 17.69 8.93 34.56
CA MET A 215 17.41 10.22 33.95
C MET A 215 17.36 10.10 32.43
N PHE A 216 16.36 10.72 31.84
CA PHE A 216 16.16 10.67 30.40
C PHE A 216 16.31 12.05 29.81
N VAL A 217 16.89 12.12 28.62
CA VAL A 217 16.95 13.33 27.81
C VAL A 217 16.52 12.95 26.42
N ALA A 218 15.51 13.62 25.90
CA ALA A 218 14.89 13.23 24.64
C ALA A 218 15.07 14.34 23.62
N THR A 219 15.55 13.99 22.44
CA THR A 219 15.80 14.95 21.38
C THR A 219 14.97 14.62 20.15
N SER A 220 14.66 15.63 19.35
CA SER A 220 13.94 15.44 18.11
C SER A 220 14.25 16.56 17.14
N ASN A 221 14.08 16.26 15.85
CA ASN A 221 14.26 17.29 14.84
C ASN A 221 13.08 18.23 14.77
N SER A 222 11.94 17.86 15.30
CA SER A 222 10.74 18.64 15.03
C SER A 222 9.80 18.55 16.21
N MET A 223 8.55 18.94 15.98
CA MET A 223 7.52 19.01 17.00
C MET A 223 6.48 17.92 16.88
N ASN A 224 6.22 17.42 15.68
CA ASN A 224 5.14 16.47 15.43
C ASN A 224 5.56 15.10 15.98
N ILE A 225 5.35 14.96 17.29
CA ILE A 225 5.62 13.77 18.07
C ILE A 225 4.27 13.06 18.16
N PRO A 226 4.21 11.72 18.26
CA PRO A 226 2.94 11.07 18.56
C PRO A 226 2.32 11.56 19.86
N ALA A 227 0.99 11.55 19.89
CA ALA A 227 0.23 12.40 20.82
C ALA A 227 0.41 12.13 22.30
N PRO A 228 0.52 10.88 22.83
CA PRO A 228 0.73 10.76 24.27
C PRO A 228 2.09 11.23 24.72
N LEU A 229 3.09 11.21 23.83
CA LEU A 229 4.43 11.57 24.24
C LEU A 229 4.58 13.07 24.39
N LEU A 230 3.77 13.85 23.67
CA LEU A 230 3.90 15.30 23.63
C LEU A 230 3.52 15.97 24.94
N ASP A 231 2.86 15.24 25.85
CA ASP A 231 2.52 15.79 27.15
C ASP A 231 3.59 15.51 28.20
N ARG A 232 4.36 14.45 28.06
CA ARG A 232 5.35 14.10 29.06
C ARG A 232 6.70 14.76 28.84
N MET A 233 6.78 15.73 27.95
CA MET A 233 8.04 16.31 27.51
C MET A 233 7.93 17.83 27.59
N GLU A 234 8.88 18.46 28.27
CA GLU A 234 8.95 19.92 28.29
C GLU A 234 9.93 20.39 27.22
N VAL A 235 9.43 21.18 26.29
CA VAL A 235 10.12 21.48 25.06
C VAL A 235 11.12 22.60 25.29
N ILE A 236 12.35 22.39 24.83
CA ILE A 236 13.42 23.37 24.93
C ILE A 236 13.86 23.68 23.51
N ARG A 237 13.76 24.93 23.10
CA ARG A 237 13.94 25.31 21.71
C ARG A 237 15.38 25.73 21.45
N LEU A 238 16.14 24.88 20.80
CA LEU A 238 17.46 25.24 20.30
C LEU A 238 17.26 25.86 18.93
N SER A 239 17.35 27.18 18.85
CA SER A 239 17.12 27.85 17.57
C SER A 239 18.39 27.79 16.73
N GLY A 240 18.37 28.50 15.61
CA GLY A 240 19.53 28.57 14.76
C GLY A 240 20.56 29.53 15.32
N TYR A 241 21.62 29.73 14.54
CA TYR A 241 22.72 30.60 14.94
C TYR A 241 22.78 31.81 14.02
N THR A 242 23.76 32.66 14.26
CA THR A 242 24.00 33.79 13.39
C THR A 242 25.45 33.73 12.90
N GLU A 243 25.81 34.70 12.06
CA GLU A 243 27.14 34.70 11.46
C GLU A 243 28.25 34.88 12.49
N ASP A 244 28.05 35.79 13.45
CA ASP A 244 29.06 36.00 14.47
C ASP A 244 29.16 34.79 15.39
N GLU A 245 28.03 34.20 15.71
CA GLU A 245 28.03 33.07 16.63
C GLU A 245 28.63 31.85 15.97
N LYS A 246 28.38 31.66 14.68
CA LYS A 246 29.07 30.58 13.97
C LYS A 246 30.55 30.88 13.83
N LEU A 247 30.91 32.15 13.76
CA LEU A 247 32.33 32.49 13.67
C LEU A 247 33.05 32.13 14.96
N ASN A 248 32.45 32.43 16.11
CA ASN A 248 33.09 32.09 17.37
C ASN A 248 33.09 30.58 17.61
N ILE A 249 32.02 29.89 17.21
CA ILE A 249 32.01 28.44 17.38
C ILE A 249 33.08 27.79 16.51
N ALA A 250 33.21 28.25 15.28
CA ALA A 250 34.25 27.70 14.43
C ALA A 250 35.64 28.13 14.87
N LYS A 251 35.75 29.21 15.62
CA LYS A 251 37.07 29.65 16.04
C LYS A 251 37.46 29.06 17.38
N GLN A 252 36.54 28.44 18.11
CA GLN A 252 36.92 27.85 19.38
C GLN A 252 36.71 26.34 19.46
N HIS A 253 35.57 25.84 19.02
CA HIS A 253 35.22 24.46 19.30
C HIS A 253 35.20 23.55 18.09
N LEU A 254 35.50 24.05 16.89
CA LEU A 254 35.44 23.22 15.70
C LEU A 254 36.82 22.94 15.11
N LEU A 255 37.60 23.99 14.88
CA LEU A 255 38.96 23.80 14.40
C LEU A 255 39.87 23.00 15.33
N PRO A 256 39.83 23.12 16.67
CA PRO A 256 40.68 22.21 17.46
C PRO A 256 40.27 20.76 17.37
N LYS A 257 38.99 20.42 17.49
CA LYS A 257 38.65 19.01 17.47
C LYS A 257 38.69 18.42 16.06
N GLN A 258 38.72 19.27 15.03
CA GLN A 258 39.00 18.75 13.71
C GLN A 258 40.50 18.61 13.48
N PHE A 259 41.32 19.45 14.12
CA PHE A 259 42.76 19.27 13.98
C PHE A 259 43.23 18.03 14.70
N GLU A 260 42.71 17.77 15.90
CA GLU A 260 43.27 16.69 16.69
C GLU A 260 42.82 15.32 16.20
N ARG A 261 41.85 15.23 15.31
CA ARG A 261 41.58 13.98 14.63
C ARG A 261 42.29 13.91 13.29
N ASN A 262 43.09 14.91 12.95
CA ASN A 262 43.92 14.86 11.77
C ASN A 262 45.36 15.28 12.06
N ALA A 263 45.65 15.65 13.31
CA ALA A 263 47.00 15.79 13.86
C ALA A 263 47.81 16.90 13.20
N ILE A 264 47.16 17.92 12.67
CA ILE A 264 47.86 19.14 12.31
C ILE A 264 48.21 19.86 13.60
N LYS A 265 49.49 20.19 13.77
CA LYS A 265 50.02 20.58 15.08
C LYS A 265 50.59 22.00 15.09
N LYS A 266 49.69 22.97 15.26
CA LYS A 266 49.94 24.29 15.87
C LYS A 266 51.02 25.09 15.11
N GLY A 267 50.64 25.52 13.92
CA GLY A 267 51.51 26.39 13.16
C GLY A 267 51.71 25.83 11.78
N GLU A 268 51.26 24.61 11.60
CA GLU A 268 51.23 24.02 10.29
C GLU A 268 50.08 24.57 9.45
N LEU A 269 49.10 25.19 10.08
CA LEU A 269 47.88 25.58 9.39
C LEU A 269 47.21 26.67 10.20
N THR A 270 47.02 27.85 9.60
CA THR A 270 46.22 28.89 10.20
C THR A 270 45.13 29.30 9.22
N ILE A 271 43.99 29.70 9.76
CA ILE A 271 42.86 30.15 8.96
C ILE A 271 42.42 31.50 9.49
N ASP A 272 42.36 32.49 8.61
CA ASP A 272 41.91 33.82 8.99
C ASP A 272 40.42 33.80 9.32
N ASP A 273 39.97 34.87 9.96
CA ASP A 273 38.56 34.96 10.27
C ASP A 273 37.74 35.26 9.03
N SER A 274 38.29 36.03 8.09
CA SER A 274 37.55 36.33 6.88
C SER A 274 37.37 35.11 6.00
N ALA A 275 38.29 34.13 6.11
CA ALA A 275 38.13 32.89 5.37
C ALA A 275 36.95 32.08 5.89
N ILE A 276 36.82 32.00 7.21
CA ILE A 276 35.66 31.34 7.79
C ILE A 276 34.40 32.14 7.51
N MET A 277 34.52 33.47 7.39
CA MET A 277 33.36 34.24 6.95
C MET A 277 32.99 33.94 5.50
N SER A 278 33.96 33.55 4.68
CA SER A 278 33.61 33.13 3.33
C SER A 278 33.07 31.72 3.31
N ILE A 279 33.44 30.87 4.26
CA ILE A 279 32.84 29.54 4.30
C ILE A 279 31.41 29.63 4.82
N ILE A 280 31.17 30.52 5.78
CA ILE A 280 29.84 30.64 6.35
C ILE A 280 28.90 31.36 5.40
N ARG A 281 29.36 32.45 4.78
CA ARG A 281 28.46 33.23 3.93
C ARG A 281 28.21 32.56 2.59
N TYR A 282 29.26 32.04 1.97
CA TYR A 282 29.19 31.64 0.57
C TYR A 282 28.97 30.15 0.36
N TYR A 283 29.77 29.30 0.99
CA TYR A 283 29.79 27.92 0.52
C TYR A 283 28.82 27.04 1.26
N THR A 284 28.02 27.61 2.15
CA THR A 284 26.91 26.89 2.76
C THR A 284 25.87 27.90 3.20
N ARG A 285 24.64 27.43 3.34
CA ARG A 285 23.58 28.27 3.90
C ARG A 285 22.62 27.33 4.62
N GLU A 286 22.82 27.20 5.93
CA GLU A 286 22.13 26.19 6.73
C GLU A 286 22.18 26.62 8.19
N ALA A 287 21.07 26.38 8.91
CA ALA A 287 20.93 26.87 10.26
C ALA A 287 21.81 26.14 11.27
N GLY A 288 22.32 24.96 10.94
CA GLY A 288 23.18 24.23 11.83
C GLY A 288 24.64 24.58 11.61
N VAL A 289 25.53 23.70 12.06
CA VAL A 289 26.94 23.84 11.76
C VAL A 289 27.50 22.55 11.18
N ARG A 290 26.61 21.65 10.74
CA ARG A 290 27.09 20.38 10.19
C ARG A 290 27.81 20.60 8.86
N SER A 291 27.27 21.47 8.02
CA SER A 291 27.93 21.74 6.75
C SER A 291 29.25 22.45 6.92
N LEU A 292 29.32 23.35 7.91
CA LEU A 292 30.59 23.97 8.26
C LEU A 292 31.61 22.94 8.71
N GLU A 293 31.17 21.89 9.39
CA GLU A 293 32.06 20.79 9.73
C GLU A 293 32.53 20.04 8.50
N ARG A 294 31.65 19.87 7.51
CA ARG A 294 32.08 19.13 6.32
C ARG A 294 33.08 19.94 5.50
N GLU A 295 32.86 21.24 5.40
CA GLU A 295 33.79 22.05 4.61
C GLU A 295 35.11 22.22 5.32
N ILE A 296 35.09 22.37 6.63
CA ILE A 296 36.34 22.48 7.38
C ILE A 296 37.10 21.16 7.38
N SER A 297 36.38 20.04 7.42
CA SER A 297 37.03 18.73 7.34
C SER A 297 37.69 18.53 5.99
N LYS A 298 36.98 18.88 4.91
CA LYS A 298 37.55 18.83 3.56
C LYS A 298 38.77 19.73 3.45
N LEU A 299 38.72 20.89 4.10
CA LEU A 299 39.81 21.84 4.07
C LEU A 299 41.06 21.28 4.74
N CYS A 300 40.87 20.61 5.88
CA CYS A 300 42.00 19.97 6.53
C CYS A 300 42.56 18.82 5.71
N ARG A 301 41.68 18.07 5.02
CA ARG A 301 42.14 16.98 4.17
C ARG A 301 43.07 17.48 3.07
N LYS A 302 42.63 18.50 2.34
CA LYS A 302 43.47 19.01 1.25
C LYS A 302 44.71 19.71 1.78
N ALA A 303 44.67 20.23 3.00
CA ALA A 303 45.89 20.80 3.56
C ALA A 303 46.92 19.72 3.89
N VAL A 304 46.46 18.57 4.40
CA VAL A 304 47.38 17.47 4.65
C VAL A 304 47.98 16.96 3.35
N LYS A 305 47.15 16.85 2.32
CA LYS A 305 47.64 16.40 1.02
C LYS A 305 48.64 17.38 0.42
N ASN A 306 48.47 18.68 0.67
CA ASN A 306 49.54 19.58 0.27
C ASN A 306 50.77 19.43 1.13
N LEU A 307 50.62 19.02 2.39
CA LEU A 307 51.81 18.96 3.23
C LEU A 307 52.64 17.72 3.01
N LEU A 308 52.06 16.61 2.60
CA LEU A 308 52.92 15.45 2.33
C LEU A 308 53.41 15.37 0.90
N MET A 309 52.62 15.84 -0.06
CA MET A 309 53.06 15.83 -1.45
C MET A 309 54.11 16.88 -1.75
N ASP A 310 54.27 17.87 -0.87
CA ASP A 310 55.24 18.93 -1.07
C ASP A 310 56.16 18.96 0.13
N LYS A 311 57.37 19.48 -0.07
CA LYS A 311 58.34 19.56 1.01
C LYS A 311 58.96 20.94 1.18
N THR A 312 58.69 21.89 0.28
CA THR A 312 59.19 23.25 0.47
C THR A 312 58.38 23.97 1.54
N VAL A 313 57.07 23.99 1.39
CA VAL A 313 56.20 24.66 2.35
C VAL A 313 56.06 23.82 3.60
N LYS A 314 55.89 24.48 4.73
CA LYS A 314 55.53 23.76 5.94
C LYS A 314 54.39 24.50 6.63
N HIS A 315 54.29 25.79 6.40
CA HIS A 315 53.23 26.61 6.96
C HIS A 315 52.29 27.02 5.85
N ILE A 316 51.07 26.50 5.85
CA ILE A 316 50.04 26.89 4.90
C ILE A 316 49.11 27.87 5.58
N GLU A 317 49.04 29.08 5.05
CA GLU A 317 48.16 30.11 5.55
C GLU A 317 47.05 30.31 4.53
N ILE A 318 45.82 30.46 5.01
CA ILE A 318 44.65 30.52 4.15
C ILE A 318 43.87 31.78 4.48
N ASN A 319 43.66 32.61 3.48
CA ASN A 319 42.90 33.84 3.63
C ASN A 319 41.66 33.77 2.74
N GLY A 320 40.99 34.91 2.60
CA GLY A 320 39.85 34.98 1.70
C GLY A 320 40.19 34.93 0.24
N ASP A 321 41.47 34.96 -0.12
CA ASP A 321 41.92 34.90 -1.50
C ASP A 321 42.46 33.54 -1.89
N ASN A 322 43.10 32.83 -0.97
CA ASN A 322 43.60 31.50 -1.26
C ASN A 322 42.51 30.46 -1.17
N LEU A 323 41.29 30.86 -0.79
CA LEU A 323 40.30 29.89 -0.36
C LEU A 323 39.66 29.16 -1.52
N LYS A 324 39.25 29.89 -2.57
CA LYS A 324 38.64 29.23 -3.71
C LYS A 324 39.64 28.43 -4.52
N ASP A 325 40.93 28.57 -4.25
CA ASP A 325 41.91 27.65 -4.81
C ASP A 325 41.78 26.27 -4.20
N PHE A 326 41.28 26.18 -2.96
CA PHE A 326 41.14 24.90 -2.30
C PHE A 326 39.77 24.29 -2.42
N LEU A 327 38.75 25.05 -2.80
CA LEU A 327 37.43 24.46 -2.94
C LEU A 327 36.79 24.91 -4.24
N GLY A 328 35.50 24.70 -4.39
CA GLY A 328 34.80 25.14 -5.58
C GLY A 328 34.68 26.65 -5.65
N VAL A 329 33.98 27.11 -6.67
CA VAL A 329 33.79 28.54 -6.83
C VAL A 329 32.85 29.06 -5.76
N GLN A 330 31.58 28.67 -5.79
CA GLN A 330 30.65 28.80 -4.69
C GLN A 330 29.73 27.59 -4.71
N LYS A 331 28.79 27.57 -3.78
CA LYS A 331 27.62 26.73 -3.94
C LYS A 331 26.35 27.57 -3.98
N VAL A 332 26.15 28.44 -3.00
CA VAL A 332 25.06 29.40 -3.02
C VAL A 332 25.69 30.77 -2.91
N ASP A 333 24.86 31.81 -2.88
CA ASP A 333 25.35 33.16 -2.63
C ASP A 333 24.31 33.92 -1.83
N TYR A 334 24.52 35.22 -1.68
CA TYR A 334 23.55 36.08 -1.02
C TYR A 334 23.80 37.50 -1.50
N GLY A 335 23.01 38.43 -1.00
CA GLY A 335 23.35 39.83 -1.13
C GLY A 335 22.24 40.71 -1.64
N ARG A 336 21.45 40.18 -2.57
CA ARG A 336 20.39 40.90 -3.29
C ARG A 336 20.93 42.16 -3.95
N ALA A 337 22.13 42.06 -4.51
CA ALA A 337 22.71 43.11 -5.34
C ALA A 337 22.41 42.90 -6.81
N ASP A 338 21.43 42.05 -7.12
CA ASP A 338 21.00 41.77 -8.48
C ASP A 338 20.06 42.87 -8.96
N THR A 339 19.39 42.62 -10.08
CA THR A 339 18.28 43.49 -10.45
C THR A 339 17.14 43.30 -9.47
N GLU A 340 16.30 44.32 -9.36
CA GLU A 340 15.19 44.26 -8.46
C GLU A 340 13.85 44.30 -9.17
N ASN A 341 13.83 44.52 -10.47
CA ASN A 341 12.58 44.70 -11.21
C ASN A 341 11.88 43.34 -11.39
N ARG A 342 11.41 42.80 -10.27
CA ARG A 342 10.69 41.56 -10.26
C ARG A 342 9.25 41.94 -9.93
N VAL A 343 8.47 42.22 -10.95
CA VAL A 343 7.06 42.49 -10.73
C VAL A 343 6.37 41.25 -10.20
N GLY A 344 5.61 41.42 -9.12
CA GLY A 344 4.86 40.31 -8.57
C GLY A 344 5.69 39.19 -7.98
N GLN A 345 6.76 39.51 -7.28
CA GLN A 345 7.58 38.47 -6.68
C GLN A 345 8.25 39.06 -5.45
N VAL A 346 7.70 38.74 -4.28
CA VAL A 346 8.23 39.20 -3.02
C VAL A 346 8.93 38.03 -2.36
N THR A 347 9.59 38.29 -1.25
CA THR A 347 10.42 37.29 -0.62
C THR A 347 9.83 37.01 0.76
N GLY A 348 8.91 36.08 0.82
CA GLY A 348 8.30 35.76 2.10
C GLY A 348 9.26 35.02 3.01
N LEU A 349 8.93 35.02 4.30
CA LEU A 349 9.69 34.30 5.30
C LEU A 349 8.87 33.10 5.73
N ALA A 350 9.49 31.93 5.78
CA ALA A 350 8.78 30.68 6.02
C ALA A 350 9.30 30.04 7.28
N TRP A 351 8.38 29.66 8.16
CA TRP A 351 8.73 29.00 9.40
C TRP A 351 8.53 27.50 9.26
N THR A 352 9.34 26.89 8.41
CA THR A 352 9.50 25.45 8.49
C THR A 352 10.20 25.12 9.77
N GLU A 353 9.90 23.96 10.35
CA GLU A 353 10.53 23.67 11.61
C GLU A 353 11.95 23.15 11.42
N VAL A 354 12.27 22.63 10.24
CA VAL A 354 13.66 22.26 9.94
C VAL A 354 14.33 23.52 9.41
N GLY A 355 14.70 24.39 10.35
CA GLY A 355 15.31 25.67 10.04
C GLY A 355 14.33 26.71 9.54
N GLY A 356 14.52 27.97 9.93
CA GLY A 356 13.84 29.05 9.27
C GLY A 356 14.30 29.17 7.83
N ASP A 357 13.42 29.67 6.96
CA ASP A 357 13.70 29.53 5.55
C ASP A 357 13.12 30.67 4.75
N LEU A 358 13.86 31.11 3.73
CA LEU A 358 13.38 32.06 2.74
C LEU A 358 12.45 31.37 1.75
N LEU A 359 11.87 32.19 0.88
CA LEU A 359 10.71 31.78 0.10
C LEU A 359 10.47 32.84 -0.96
N THR A 360 10.14 32.42 -2.17
CA THR A 360 9.93 33.35 -3.28
C THR A 360 8.52 33.16 -3.81
N ILE A 361 7.58 33.89 -3.24
CA ILE A 361 6.19 33.81 -3.65
C ILE A 361 6.01 34.58 -4.95
N GLU A 362 5.34 33.97 -5.90
CA GLU A 362 5.15 34.52 -7.24
C GLU A 362 3.69 34.48 -7.64
N THR A 363 3.21 35.57 -8.21
CA THR A 363 1.86 35.63 -8.75
C THR A 363 1.87 36.23 -10.14
N ALA A 364 0.85 35.89 -10.91
CA ALA A 364 0.69 36.40 -12.26
C ALA A 364 -0.76 36.78 -12.48
N CYS A 365 -0.97 37.66 -13.44
CA CYS A 365 -2.31 38.08 -13.82
C CYS A 365 -2.44 37.98 -15.33
N VAL A 366 -3.25 37.05 -15.79
CA VAL A 366 -3.38 36.76 -17.22
C VAL A 366 -4.77 37.17 -17.66
N PRO A 367 -5.00 37.43 -18.95
CA PRO A 367 -6.36 37.68 -19.42
C PRO A 367 -7.21 36.42 -19.35
N GLY A 368 -8.43 36.55 -18.83
CA GLY A 368 -9.26 35.37 -18.63
C GLY A 368 -10.66 35.66 -18.13
N LYS A 369 -11.22 34.76 -17.32
CA LYS A 369 -12.60 34.85 -16.89
C LYS A 369 -12.75 35.00 -15.39
N GLY A 370 -11.70 35.45 -14.70
CA GLY A 370 -11.79 35.73 -13.28
C GLY A 370 -11.64 34.54 -12.37
N LYS A 371 -11.49 33.34 -12.92
CA LYS A 371 -11.39 32.14 -12.11
C LYS A 371 -10.04 32.11 -11.40
N LEU A 372 -10.06 32.16 -10.07
CA LEU A 372 -8.84 32.17 -9.28
C LEU A 372 -8.20 30.79 -9.28
N THR A 373 -6.88 30.77 -9.23
CA THR A 373 -6.13 29.51 -9.31
C THR A 373 -4.96 29.55 -8.35
N TYR A 374 -4.93 28.62 -7.42
CA TYR A 374 -3.86 28.51 -6.46
C TYR A 374 -3.14 27.18 -6.62
N THR A 375 -1.82 27.20 -6.48
CA THR A 375 -1.01 26.00 -6.55
C THR A 375 0.09 26.10 -5.51
N GLY A 376 0.82 25.02 -5.32
CA GLY A 376 1.90 25.05 -4.36
C GLY A 376 1.67 24.23 -3.11
N SER A 377 1.07 23.05 -3.28
CA SER A 377 1.04 21.92 -2.37
C SER A 377 0.24 22.12 -1.09
N LEU A 378 -0.30 23.30 -0.83
CA LEU A 378 -1.02 23.52 0.41
C LEU A 378 -2.51 23.53 0.14
N GLY A 379 -3.28 23.38 1.21
CA GLY A 379 -4.68 23.03 1.09
C GLY A 379 -5.61 24.21 0.96
N GLU A 380 -6.47 24.39 1.95
CA GLU A 380 -7.53 25.37 1.91
C GLU A 380 -7.33 26.54 2.85
N VAL A 381 -6.28 26.53 3.67
CA VAL A 381 -6.05 27.66 4.54
C VAL A 381 -5.53 28.84 3.72
N MET A 382 -4.68 28.53 2.75
CA MET A 382 -4.25 29.52 1.78
C MET A 382 -5.41 30.04 0.95
N GLN A 383 -6.49 29.27 0.80
CA GLN A 383 -7.64 29.77 0.06
C GLN A 383 -8.28 30.96 0.76
N GLU A 384 -8.54 30.84 2.05
CA GLU A 384 -9.16 31.95 2.75
C GLU A 384 -8.18 33.09 2.95
N SER A 385 -6.87 32.80 3.01
CA SER A 385 -5.91 33.89 3.00
C SER A 385 -5.89 34.62 1.66
N ILE A 386 -5.99 33.89 0.55
CA ILE A 386 -5.96 34.50 -0.77
C ILE A 386 -7.19 35.35 -1.00
N GLN A 387 -8.37 34.80 -0.72
CA GLN A 387 -9.60 35.54 -0.95
C GLN A 387 -9.70 36.74 -0.03
N ALA A 388 -9.10 36.64 1.16
CA ALA A 388 -8.95 37.83 1.99
C ALA A 388 -8.07 38.86 1.30
N ALA A 389 -6.94 38.43 0.73
CA ALA A 389 -6.02 39.36 0.08
C ALA A 389 -6.64 40.00 -1.16
N LEU A 390 -7.44 39.25 -1.90
CA LEU A 390 -8.05 39.79 -3.09
C LEU A 390 -9.18 40.74 -2.76
N THR A 391 -9.89 40.53 -1.64
CA THR A 391 -10.84 41.56 -1.23
C THR A 391 -10.11 42.82 -0.76
N VAL A 392 -8.94 42.66 -0.13
CA VAL A 392 -8.12 43.80 0.25
C VAL A 392 -7.70 44.60 -0.97
N VAL A 393 -7.34 43.92 -2.06
CA VAL A 393 -6.95 44.64 -3.27
C VAL A 393 -8.15 45.31 -3.92
N ARG A 394 -9.29 44.59 -4.02
CA ARG A 394 -10.46 45.16 -4.67
C ARG A 394 -11.07 46.32 -3.92
N ALA A 395 -10.79 46.45 -2.63
CA ALA A 395 -11.28 47.63 -1.94
C ALA A 395 -10.49 48.89 -2.25
N ARG A 396 -9.37 48.77 -2.95
CA ARG A 396 -8.44 49.88 -3.13
C ARG A 396 -8.10 50.06 -4.58
N ALA A 397 -9.11 50.02 -5.44
CA ALA A 397 -8.88 50.17 -6.87
C ALA A 397 -8.61 51.61 -7.27
N ASP A 398 -9.15 52.58 -6.53
CA ASP A 398 -9.03 53.97 -6.93
C ASP A 398 -7.63 54.50 -6.67
N LYS A 399 -7.22 54.51 -5.42
CA LYS A 399 -5.95 55.10 -5.04
C LYS A 399 -4.75 54.19 -5.31
N LEU A 400 -4.92 53.13 -6.08
CA LEU A 400 -3.80 52.36 -6.60
C LEU A 400 -3.72 52.37 -8.11
N GLY A 401 -4.74 52.87 -8.81
CA GLY A 401 -4.67 53.02 -10.24
C GLY A 401 -4.92 51.76 -11.01
N ILE A 402 -5.97 51.02 -10.65
CA ILE A 402 -6.35 49.79 -11.32
C ILE A 402 -7.74 49.98 -11.91
N ASN A 403 -7.92 49.57 -13.15
CA ASN A 403 -9.23 49.44 -13.74
C ASN A 403 -10.05 48.47 -12.91
N PRO A 404 -11.19 48.88 -12.36
CA PRO A 404 -11.86 48.06 -11.33
C PRO A 404 -12.56 46.81 -11.82
N ASP A 405 -12.40 46.42 -13.08
CA ASP A 405 -13.05 45.24 -13.61
C ASP A 405 -12.16 44.00 -13.60
N PHE A 406 -11.05 44.04 -12.87
CA PHE A 406 -10.07 42.97 -13.01
C PHE A 406 -10.51 41.69 -12.34
N TYR A 407 -11.48 41.75 -11.43
CA TYR A 407 -11.86 40.55 -10.70
C TYR A 407 -12.64 39.57 -11.56
N GLU A 408 -13.16 40.01 -12.71
CA GLU A 408 -13.92 39.14 -13.59
C GLU A 408 -13.32 38.97 -14.97
N LYS A 409 -12.44 39.86 -15.41
CA LYS A 409 -11.90 39.78 -16.75
C LYS A 409 -10.47 39.28 -16.79
N ARG A 410 -9.82 39.07 -15.65
CA ARG A 410 -8.40 38.70 -15.63
C ARG A 410 -8.20 37.61 -14.59
N ASP A 411 -7.86 36.41 -15.05
CA ASP A 411 -7.59 35.31 -14.13
C ASP A 411 -6.31 35.57 -13.36
N ILE A 412 -6.21 34.96 -12.19
CA ILE A 412 -5.09 35.20 -11.29
C ILE A 412 -4.54 33.87 -10.84
N HIS A 413 -3.23 33.69 -10.98
CA HIS A 413 -2.56 32.50 -10.53
C HIS A 413 -1.61 32.90 -9.41
N VAL A 414 -1.73 32.25 -8.27
CA VAL A 414 -0.98 32.60 -7.06
C VAL A 414 -0.20 31.38 -6.60
N HIS A 415 1.11 31.52 -6.49
CA HIS A 415 1.99 30.40 -6.21
C HIS A 415 2.82 30.67 -4.99
N VAL A 416 3.00 29.65 -4.17
CA VAL A 416 3.90 29.71 -3.02
C VAL A 416 4.63 28.37 -2.95
N PRO A 417 5.93 28.34 -2.72
CA PRO A 417 6.64 27.06 -2.66
C PRO A 417 6.22 26.25 -1.46
N GLU A 418 6.61 24.98 -1.49
CA GLU A 418 6.06 23.99 -0.58
C GLU A 418 6.58 24.08 0.84
N GLY A 419 7.65 24.83 1.08
CA GLY A 419 8.20 24.84 2.42
C GLY A 419 7.39 25.68 3.38
N ALA A 420 6.61 25.00 4.21
CA ALA A 420 5.88 25.62 5.31
C ALA A 420 5.47 24.51 6.27
N THR A 421 4.69 24.88 7.27
CA THR A 421 4.06 23.96 8.19
C THR A 421 2.56 24.16 8.08
N PRO A 422 1.73 23.20 8.54
CA PRO A 422 0.28 23.43 8.50
C PRO A 422 -0.17 24.59 9.36
N LYS A 423 0.26 24.66 10.61
CA LYS A 423 0.14 25.92 11.31
C LYS A 423 1.19 26.87 10.75
N ASP A 424 0.94 28.17 10.93
CA ASP A 424 1.68 29.28 10.30
C ASP A 424 1.58 29.22 8.78
N GLY A 425 0.52 28.59 8.29
CA GLY A 425 0.10 28.66 6.92
C GLY A 425 -0.23 30.06 6.46
N PRO A 426 -1.18 30.77 7.11
CA PRO A 426 -1.50 32.12 6.66
C PRO A 426 -0.46 33.17 7.02
N SER A 427 0.75 32.76 7.38
CA SER A 427 1.90 33.61 7.16
C SER A 427 2.07 33.90 5.69
N ALA A 428 2.81 34.97 5.41
CA ALA A 428 3.05 35.48 4.07
C ALA A 428 1.75 35.75 3.33
N GLY A 429 0.75 36.22 4.06
CA GLY A 429 -0.46 36.69 3.43
C GLY A 429 -0.22 38.00 2.71
N ILE A 430 0.43 38.94 3.40
CA ILE A 430 0.74 40.21 2.76
C ILE A 430 1.86 40.07 1.74
N ALA A 431 2.57 38.94 1.76
CA ALA A 431 3.35 38.58 0.59
C ALA A 431 2.45 38.40 -0.63
N MET A 432 1.32 37.73 -0.46
CA MET A 432 0.41 37.55 -1.57
C MET A 432 -0.28 38.85 -1.95
N CYS A 433 -0.54 39.71 -0.97
CA CYS A 433 -1.18 41.00 -1.27
C CYS A 433 -0.24 41.91 -2.05
N THR A 434 1.00 42.04 -1.59
CA THR A 434 1.96 42.86 -2.32
C THR A 434 2.29 42.25 -3.68
N ALA A 435 2.25 40.92 -3.76
CA ALA A 435 2.40 40.26 -5.05
C ALA A 435 1.29 40.65 -6.02
N LEU A 436 0.05 40.71 -5.54
CA LEU A 436 -1.04 41.07 -6.44
C LEU A 436 -1.02 42.53 -6.82
N VAL A 437 -0.67 43.42 -5.89
CA VAL A 437 -0.61 44.84 -6.24
C VAL A 437 0.52 45.11 -7.19
N SER A 438 1.64 44.40 -7.02
CA SER A 438 2.76 44.52 -7.93
C SER A 438 2.41 44.03 -9.32
N CYS A 439 1.77 42.86 -9.42
CA CYS A 439 1.53 42.34 -10.76
C CYS A 439 0.38 43.05 -11.45
N LEU A 440 -0.55 43.64 -10.70
CA LEU A 440 -1.60 44.41 -11.35
C LEU A 440 -1.09 45.77 -11.81
N THR A 441 -0.51 46.55 -10.90
CA THR A 441 -0.13 47.90 -11.31
C THR A 441 1.15 47.92 -12.12
N GLY A 442 1.91 46.82 -12.14
CA GLY A 442 3.18 46.84 -12.84
C GLY A 442 4.23 47.64 -12.12
N ASN A 443 4.32 47.49 -10.81
CA ASN A 443 5.26 48.23 -9.98
C ASN A 443 6.24 47.24 -9.39
N PRO A 444 7.54 47.40 -9.58
CA PRO A 444 8.48 46.38 -9.11
C PRO A 444 8.66 46.43 -7.61
N VAL A 445 8.62 45.25 -7.00
CA VAL A 445 9.00 45.11 -5.60
C VAL A 445 10.50 45.24 -5.49
N ARG A 446 10.99 46.07 -4.57
CA ARG A 446 12.42 46.12 -4.30
C ARG A 446 12.88 44.79 -3.73
N ALA A 447 13.98 44.27 -4.27
CA ALA A 447 14.33 42.87 -4.07
C ALA A 447 15.01 42.62 -2.73
N ASP A 448 15.49 43.66 -2.06
CA ASP A 448 16.11 43.45 -0.77
C ASP A 448 15.11 43.21 0.34
N VAL A 449 13.84 43.57 0.14
CA VAL A 449 12.87 43.52 1.23
C VAL A 449 12.40 42.09 1.42
N ALA A 450 11.86 41.82 2.60
CA ALA A 450 11.29 40.51 2.88
C ALA A 450 10.16 40.69 3.86
N MET A 451 9.02 40.08 3.59
CA MET A 451 7.84 40.35 4.38
C MET A 451 7.35 39.09 5.05
N THR A 452 6.46 39.29 6.01
CA THR A 452 5.79 38.21 6.71
C THR A 452 4.55 38.80 7.37
N GLY A 453 3.64 37.93 7.77
CA GLY A 453 2.45 38.42 8.44
C GLY A 453 1.19 37.70 8.03
N GLU A 454 0.06 38.03 8.64
CA GLU A 454 -1.21 37.43 8.26
C GLU A 454 -2.21 38.55 8.05
N ILE A 455 -2.93 38.50 6.93
CA ILE A 455 -3.76 39.60 6.46
C ILE A 455 -5.23 39.26 6.70
N THR A 456 -6.02 40.27 7.04
CA THR A 456 -7.46 40.18 7.13
C THR A 456 -8.09 41.20 6.20
N LEU A 457 -9.42 41.19 6.17
CA LEU A 457 -10.16 41.91 5.13
C LEU A 457 -9.98 43.41 5.23
N ARG A 458 -9.86 43.94 6.43
CA ARG A 458 -9.69 45.38 6.56
C ARG A 458 -8.28 45.86 6.28
N GLY A 459 -7.38 44.99 5.89
CA GLY A 459 -6.02 45.40 5.74
C GLY A 459 -5.24 45.44 7.03
N LEU A 460 -5.84 45.04 8.14
CA LEU A 460 -5.07 44.92 9.36
C LEU A 460 -4.16 43.71 9.28
N VAL A 461 -3.11 43.73 10.08
CA VAL A 461 -2.03 42.76 10.01
C VAL A 461 -1.92 42.06 11.35
N LEU A 462 -2.30 40.79 11.41
CA LEU A 462 -2.35 40.04 12.64
C LEU A 462 -0.95 39.64 13.11
N PRO A 463 -0.78 39.24 14.37
CA PRO A 463 0.53 38.73 14.80
C PRO A 463 0.87 37.41 14.15
N ILE A 464 2.16 37.09 14.19
CA ILE A 464 2.66 35.80 13.73
C ILE A 464 3.63 35.25 14.75
N GLY A 465 3.77 33.93 14.76
CA GLY A 465 4.60 33.24 15.71
C GLY A 465 5.92 32.79 15.12
N GLY A 466 6.85 32.47 16.01
CA GLY A 466 8.16 32.03 15.59
C GLY A 466 8.99 33.12 14.96
N LEU A 467 9.03 34.29 15.59
CA LEU A 467 9.65 35.44 14.95
C LEU A 467 11.17 35.34 14.97
N LYS A 468 11.73 34.70 15.99
CA LYS A 468 13.18 34.54 16.03
C LYS A 468 13.66 33.62 14.93
N GLU A 469 12.96 32.50 14.72
CA GLU A 469 13.40 31.54 13.72
C GLU A 469 13.29 32.11 12.32
N LYS A 470 12.32 32.98 12.07
CA LYS A 470 12.29 33.59 10.75
C LYS A 470 13.34 34.68 10.61
N LEU A 471 13.54 35.51 11.64
CA LEU A 471 14.49 36.60 11.51
C LEU A 471 15.93 36.13 11.45
N LEU A 472 16.26 34.96 12.00
CA LEU A 472 17.60 34.43 11.77
C LEU A 472 17.79 34.04 10.33
N ALA A 473 16.74 33.52 9.69
CA ALA A 473 16.82 33.18 8.28
C ALA A 473 16.97 34.42 7.43
N ALA A 474 16.22 35.47 7.77
CA ALA A 474 16.37 36.73 7.05
C ALA A 474 17.69 37.39 7.33
N HIS A 475 18.33 37.08 8.45
CA HIS A 475 19.69 37.57 8.66
C HIS A 475 20.68 36.79 7.82
N ARG A 476 20.48 35.49 7.68
CA ARG A 476 21.50 34.66 7.06
C ARG A 476 21.50 34.79 5.55
N GLY A 477 20.35 34.99 4.95
CA GLY A 477 20.27 35.12 3.52
C GLY A 477 20.62 36.48 2.97
N GLY A 478 20.99 37.43 3.80
CA GLY A 478 21.36 38.73 3.29
C GLY A 478 20.21 39.64 2.98
N ILE A 479 19.20 39.69 3.82
CA ILE A 479 18.08 40.59 3.64
C ILE A 479 18.29 41.84 4.47
N LYS A 480 18.07 43.01 3.88
CA LYS A 480 18.31 44.24 4.64
C LYS A 480 17.08 44.67 5.43
N VAL A 481 15.93 44.82 4.78
CA VAL A 481 14.77 45.45 5.38
C VAL A 481 13.66 44.43 5.51
N VAL A 482 13.20 44.20 6.73
CA VAL A 482 12.17 43.21 7.01
C VAL A 482 10.94 43.95 7.50
N LEU A 483 9.76 43.48 7.12
CA LEU A 483 8.51 44.01 7.65
C LEU A 483 7.87 42.96 8.54
N ILE A 484 7.50 43.36 9.74
CA ILE A 484 6.83 42.48 10.71
C ILE A 484 5.54 43.17 11.11
N PRO A 485 4.58 42.44 11.64
CA PRO A 485 3.38 43.11 12.15
C PRO A 485 3.71 43.93 13.38
N ASP A 486 2.88 44.94 13.63
CA ASP A 486 3.13 45.82 14.77
C ASP A 486 2.91 45.09 16.08
N ASP A 487 2.04 44.10 16.11
CA ASP A 487 1.73 43.40 17.35
C ASP A 487 2.71 42.28 17.66
N ASN A 488 3.81 42.17 16.93
CA ASN A 488 4.93 41.35 17.36
C ASN A 488 6.09 42.21 17.81
N LYS A 489 5.83 43.45 18.20
CA LYS A 489 6.90 44.36 18.62
C LYS A 489 7.56 43.90 19.90
N ARG A 490 6.80 43.28 20.80
CA ARG A 490 7.37 42.87 22.08
C ARG A 490 8.31 41.68 21.94
N ASP A 491 8.23 40.93 20.86
CA ASP A 491 9.11 39.80 20.70
C ASP A 491 10.48 40.21 20.18
N LEU A 492 10.67 41.49 19.85
CA LEU A 492 12.01 41.95 19.54
C LEU A 492 12.88 42.08 20.79
N GLU A 493 12.29 42.14 21.97
CA GLU A 493 13.07 42.10 23.20
C GLU A 493 13.24 40.66 23.68
N GLU A 494 13.58 39.80 22.75
CA GLU A 494 14.01 38.45 23.05
C GLU A 494 15.17 38.05 22.13
N ILE A 495 15.37 38.79 21.05
CA ILE A 495 16.34 38.45 20.01
C ILE A 495 17.73 38.78 20.54
N PRO A 496 18.73 37.94 20.31
CA PRO A 496 20.12 38.35 20.53
C PRO A 496 20.47 39.55 19.67
N ASP A 497 20.91 40.62 20.33
CA ASP A 497 20.93 41.95 19.75
C ASP A 497 22.04 42.18 18.74
N ASN A 498 22.77 41.15 18.32
CA ASN A 498 23.56 41.26 17.11
C ASN A 498 22.69 41.11 15.88
N VAL A 499 21.56 40.42 16.01
CA VAL A 499 20.68 40.17 14.88
C VAL A 499 19.93 41.43 14.51
N ILE A 500 19.44 42.16 15.51
CA ILE A 500 18.72 43.40 15.27
C ILE A 500 19.71 44.49 14.88
N ALA A 501 20.99 44.29 15.14
CA ALA A 501 22.03 45.25 14.81
C ALA A 501 22.29 45.37 13.31
N ASP A 502 21.74 44.48 12.50
CA ASP A 502 22.01 44.49 11.07
C ASP A 502 20.77 44.56 10.21
N LEU A 503 19.57 44.60 10.80
CA LEU A 503 18.33 44.53 10.05
C LEU A 503 17.55 45.81 10.28
N GLU A 504 17.35 46.57 9.21
CA GLU A 504 16.49 47.74 9.29
C GLU A 504 15.04 47.27 9.36
N ILE A 505 14.51 47.16 10.57
CA ILE A 505 13.20 46.56 10.79
C ILE A 505 12.16 47.67 10.86
N HIS A 506 11.07 47.50 10.12
CA HIS A 506 9.94 48.40 10.21
C HIS A 506 8.72 47.58 10.59
N PRO A 507 8.13 47.77 11.76
CA PRO A 507 6.83 47.16 12.02
C PRO A 507 5.71 47.98 11.42
N VAL A 508 4.73 47.30 10.85
CA VAL A 508 3.58 47.91 10.22
C VAL A 508 2.32 47.35 10.86
N LYS A 509 1.21 48.05 10.64
CA LYS A 509 -0.06 47.56 11.13
C LYS A 509 -1.11 47.55 10.03
N ARG A 510 -0.97 48.41 9.03
CA ARG A 510 -1.92 48.48 7.94
C ARG A 510 -1.21 48.13 6.64
N ILE A 511 -1.97 47.53 5.72
CA ILE A 511 -1.40 47.14 4.45
C ILE A 511 -1.09 48.35 3.58
N ASP A 512 -1.76 49.49 3.84
CA ASP A 512 -1.44 50.71 3.12
C ASP A 512 -0.07 51.26 3.52
N ASP A 513 0.45 50.84 4.66
CA ASP A 513 1.80 51.18 5.04
C ASP A 513 2.81 50.15 4.57
N VAL A 514 2.37 48.93 4.28
CA VAL A 514 3.24 48.02 3.54
C VAL A 514 3.47 48.54 2.14
N LEU A 515 2.42 49.05 1.50
CA LEU A 515 2.58 49.52 0.13
C LEU A 515 3.36 50.81 0.01
N ALA A 516 3.95 51.41 1.04
CA ALA A 516 4.88 52.50 0.82
C ALA A 516 6.32 52.06 1.03
N ILE A 517 6.54 50.86 1.54
CA ILE A 517 7.88 50.36 1.84
C ILE A 517 8.29 49.27 0.86
N ALA A 518 7.42 48.30 0.63
CA ALA A 518 7.82 47.10 -0.10
C ALA A 518 7.97 47.36 -1.59
N LEU A 519 7.26 48.33 -2.13
CA LEU A 519 7.40 48.62 -3.54
C LEU A 519 8.55 49.60 -3.74
N GLU A 520 8.66 50.20 -4.93
CA GLU A 520 9.66 51.23 -5.14
C GLU A 520 9.08 52.44 -5.84
N HIS A 521 7.76 52.61 -5.81
CA HIS A 521 7.13 53.79 -6.36
C HIS A 521 5.95 54.16 -5.47
N PRO A 522 5.63 55.45 -5.39
CA PRO A 522 4.49 55.87 -4.55
C PRO A 522 3.18 55.37 -5.11
N ALA A 523 2.26 55.05 -4.21
CA ALA A 523 0.98 54.51 -4.60
C ALA A 523 -0.14 54.99 -3.68
N ALA B 1 47.39 -33.92 19.52
CA ALA B 1 46.37 -34.35 18.57
C ALA B 1 45.99 -33.21 17.64
N LEU B 2 45.30 -32.21 18.19
CA LEU B 2 44.87 -31.04 17.43
C LEU B 2 45.16 -29.72 18.15
N LYS B 3 45.34 -29.74 19.48
CA LYS B 3 45.57 -28.53 20.25
C LYS B 3 46.93 -27.91 19.96
N ARG B 4 47.88 -28.71 19.49
CA ARG B 4 49.24 -28.21 19.28
C ARG B 4 49.38 -27.31 18.06
N LYS B 5 48.30 -27.04 17.33
CA LYS B 5 48.28 -26.04 16.29
C LYS B 5 47.68 -24.73 16.80
N ILE B 6 46.56 -24.82 17.52
CA ILE B 6 45.88 -23.62 17.98
C ILE B 6 46.59 -22.99 19.16
N GLU B 7 47.52 -23.71 19.79
CA GLU B 7 48.25 -23.14 20.91
C GLU B 7 49.29 -22.13 20.46
N ALA B 8 49.69 -22.16 19.19
CA ALA B 8 50.70 -21.26 18.66
C ALA B 8 50.13 -20.27 17.63
N ALA B 9 48.85 -20.40 17.28
CA ALA B 9 48.27 -19.50 16.30
C ALA B 9 48.03 -18.10 16.84
N LYS B 10 48.10 -17.94 18.17
CA LYS B 10 47.90 -16.69 18.90
C LYS B 10 46.53 -16.10 18.59
N MET B 11 45.53 -16.86 18.95
CA MET B 11 44.28 -16.13 19.12
C MET B 11 44.20 -15.61 20.55
N PRO B 12 43.44 -14.55 20.82
CA PRO B 12 43.36 -14.04 22.19
C PRO B 12 42.61 -14.99 23.11
N LYS B 13 42.62 -14.62 24.39
CA LYS B 13 42.26 -15.52 25.49
C LYS B 13 40.80 -15.98 25.41
N ASP B 14 39.92 -15.16 24.85
CA ASP B 14 38.52 -15.53 24.74
C ASP B 14 38.34 -16.69 23.77
N ALA B 15 38.81 -16.52 22.53
CA ALA B 15 38.72 -17.61 21.56
C ALA B 15 39.67 -18.74 21.91
N ARG B 16 40.70 -18.46 22.71
CA ARG B 16 41.58 -19.52 23.17
C ARG B 16 40.85 -20.44 24.12
N GLU B 17 40.10 -19.88 25.07
CA GLU B 17 39.39 -20.72 26.02
C GLU B 17 38.11 -21.29 25.44
N LYS B 18 37.54 -20.68 24.40
CA LYS B 18 36.46 -21.35 23.70
C LYS B 18 37.01 -22.51 22.88
N THR B 19 38.16 -22.30 22.24
CA THR B 19 38.77 -23.34 21.41
C THR B 19 39.21 -24.52 22.26
N GLU B 20 39.81 -24.24 23.42
CA GLU B 20 40.09 -25.32 24.35
C GLU B 20 38.82 -25.86 24.99
N ALA B 21 37.76 -25.05 25.05
CA ALA B 21 36.53 -25.46 25.72
C ALA B 21 35.82 -26.55 24.92
N GLU B 22 35.57 -26.34 23.64
CA GLU B 22 35.07 -27.48 22.88
C GLU B 22 36.18 -28.42 22.44
N LEU B 23 37.44 -28.02 22.58
CA LEU B 23 38.54 -28.89 22.16
C LEU B 23 38.73 -30.06 23.11
N GLN B 24 38.72 -29.81 24.42
CA GLN B 24 38.91 -30.93 25.33
C GLN B 24 37.69 -31.83 25.36
N LYS B 25 36.50 -31.27 25.11
CA LYS B 25 35.31 -32.09 24.86
C LYS B 25 35.50 -32.95 23.62
N LEU B 26 36.12 -32.38 22.59
CA LEU B 26 36.41 -33.13 21.38
C LEU B 26 37.42 -34.25 21.63
N LYS B 27 38.47 -33.97 22.41
CA LYS B 27 39.44 -35.01 22.75
C LYS B 27 38.86 -36.05 23.70
N MET B 28 37.79 -35.72 24.42
CA MET B 28 37.15 -36.68 25.29
C MET B 28 35.85 -37.24 24.72
N MET B 29 35.52 -36.92 23.48
CA MET B 29 34.47 -37.63 22.78
C MET B 29 35.10 -38.54 21.73
N SER B 30 34.27 -39.32 21.06
CA SER B 30 34.74 -40.31 20.09
C SER B 30 35.32 -39.61 18.87
N PRO B 31 36.58 -39.85 18.51
CA PRO B 31 37.23 -39.08 17.45
C PRO B 31 36.74 -39.39 16.04
N MET B 32 35.73 -40.24 15.86
CA MET B 32 35.20 -40.55 14.55
C MET B 32 33.70 -40.36 14.44
N SER B 33 33.08 -39.70 15.42
CA SER B 33 31.64 -39.48 15.37
C SER B 33 31.31 -38.34 14.41
N ALA B 34 30.02 -38.23 14.08
CA ALA B 34 29.58 -37.21 13.13
C ALA B 34 29.57 -35.83 13.75
N GLU B 35 28.97 -35.70 14.94
CA GLU B 35 28.98 -34.45 15.69
C GLU B 35 30.38 -34.02 16.07
N ALA B 36 31.26 -35.01 16.35
CA ALA B 36 32.66 -34.72 16.61
C ALA B 36 33.34 -34.11 15.40
N THR B 37 33.01 -34.59 14.20
CA THR B 37 33.60 -34.03 12.98
C THR B 37 33.01 -32.66 12.66
N VAL B 38 31.74 -32.44 13.03
CA VAL B 38 31.15 -31.10 12.96
C VAL B 38 31.94 -30.14 13.85
N VAL B 39 32.37 -30.60 15.02
CA VAL B 39 33.21 -29.77 15.85
C VAL B 39 34.63 -29.65 15.26
N ARG B 40 35.11 -30.68 14.56
CA ARG B 40 36.43 -30.63 13.91
C ARG B 40 36.46 -29.52 12.85
N GLY B 41 35.48 -29.53 11.95
CA GLY B 41 35.38 -28.47 10.96
C GLY B 41 35.03 -27.12 11.56
N TYR B 42 34.33 -27.14 12.70
CA TYR B 42 34.01 -25.91 13.41
C TYR B 42 35.29 -25.25 13.93
N ILE B 43 36.21 -26.05 14.46
CA ILE B 43 37.52 -25.54 14.84
C ILE B 43 38.31 -25.15 13.59
N ASP B 44 38.10 -25.88 12.50
CA ASP B 44 38.77 -25.55 11.25
C ASP B 44 38.30 -24.25 10.65
N TRP B 45 37.11 -23.75 11.01
CA TRP B 45 36.82 -22.36 10.72
C TRP B 45 37.73 -21.44 11.51
N MET B 46 38.12 -21.83 12.71
CA MET B 46 38.88 -20.96 13.60
C MET B 46 40.38 -21.07 13.42
N LEU B 47 40.86 -22.08 12.70
CA LEU B 47 42.25 -22.05 12.26
C LEU B 47 42.45 -21.02 11.14
N GLN B 48 41.37 -20.71 10.42
CA GLN B 48 41.44 -19.83 9.26
C GLN B 48 41.61 -18.37 9.65
N VAL B 49 41.03 -17.97 10.78
CA VAL B 49 40.86 -16.56 11.13
C VAL B 49 42.19 -15.94 11.54
N PRO B 50 42.65 -14.92 10.83
CA PRO B 50 43.96 -14.32 11.13
C PRO B 50 43.93 -13.28 12.24
N TRP B 51 44.05 -13.72 13.48
CA TRP B 51 44.01 -12.80 14.62
C TRP B 51 45.26 -11.91 14.76
N ASN B 52 46.21 -11.91 13.82
CA ASN B 52 47.42 -11.12 13.92
C ASN B 52 47.86 -10.74 12.50
N SER B 53 49.13 -10.36 12.35
CA SER B 53 49.84 -10.20 11.07
C SER B 53 49.19 -9.14 10.18
N ARG B 54 49.29 -7.90 10.65
CA ARG B 54 48.98 -6.75 9.81
C ARG B 54 49.95 -6.66 8.65
N SER B 55 49.41 -6.46 7.45
CA SER B 55 50.25 -6.17 6.30
C SER B 55 50.61 -4.69 6.28
N LYS B 56 51.82 -4.40 5.82
CA LYS B 56 52.39 -3.08 6.01
C LYS B 56 51.80 -2.07 5.03
N VAL B 57 51.47 -0.90 5.55
CA VAL B 57 51.03 0.20 4.72
C VAL B 57 52.25 1.02 4.30
N LYS B 58 52.07 1.83 3.27
CA LYS B 58 53.16 2.60 2.68
C LYS B 58 52.80 4.08 2.72
N LYS B 59 53.70 4.88 3.28
CA LYS B 59 53.39 6.27 3.64
C LYS B 59 53.78 7.28 2.58
N ASP B 60 54.75 6.97 1.72
CA ASP B 60 55.23 7.92 0.73
C ASP B 60 54.18 8.08 -0.36
N LEU B 61 53.49 9.22 -0.37
CA LEU B 61 52.42 9.42 -1.32
C LEU B 61 52.90 9.74 -2.74
N VAL B 62 54.19 9.92 -2.95
CA VAL B 62 54.69 10.15 -4.29
C VAL B 62 54.49 8.91 -5.16
N LYS B 63 54.88 7.75 -4.64
CA LYS B 63 54.58 6.54 -5.38
C LYS B 63 53.12 6.13 -5.28
N ALA B 64 52.34 6.72 -4.39
CA ALA B 64 50.89 6.55 -4.45
C ALA B 64 50.32 7.29 -5.65
N GLN B 65 50.82 8.50 -5.88
CA GLN B 65 50.49 9.23 -7.09
C GLN B 65 50.93 8.46 -8.32
N GLU B 66 52.15 7.95 -8.31
CA GLU B 66 52.69 7.24 -9.46
C GLU B 66 52.18 5.82 -9.58
N VAL B 67 51.40 5.33 -8.62
CA VAL B 67 50.73 4.06 -8.80
C VAL B 67 49.26 4.24 -9.12
N LEU B 68 48.69 5.43 -8.92
CA LEU B 68 47.34 5.63 -9.42
C LEU B 68 47.34 6.06 -10.88
N ASP B 69 48.19 6.99 -11.25
CA ASP B 69 48.20 7.50 -12.62
C ASP B 69 48.83 6.56 -13.63
N THR B 70 49.27 5.38 -13.23
CA THR B 70 49.77 4.41 -14.18
C THR B 70 48.73 3.41 -14.60
N ASP B 71 47.54 3.46 -14.01
CA ASP B 71 46.54 2.46 -14.32
C ASP B 71 45.24 3.05 -14.81
N HIS B 72 44.81 4.18 -14.28
CA HIS B 72 43.60 4.84 -14.72
C HIS B 72 43.93 6.20 -15.30
N TYR B 73 43.20 6.60 -16.33
CA TYR B 73 43.69 7.70 -17.15
C TYR B 73 43.47 9.06 -16.51
N GLY B 74 42.22 9.47 -16.38
CA GLY B 74 41.98 10.89 -16.25
C GLY B 74 40.99 11.32 -15.20
N LEU B 75 40.94 10.62 -14.07
CA LEU B 75 39.97 10.96 -13.04
C LEU B 75 40.63 11.93 -12.07
N GLU B 76 40.95 13.12 -12.58
CA GLU B 76 41.78 14.04 -11.82
C GLU B 76 41.02 14.67 -10.65
N ARG B 77 39.71 14.88 -10.80
CA ARG B 77 38.95 15.41 -9.69
C ARG B 77 38.57 14.35 -8.67
N VAL B 78 38.95 13.10 -8.89
CA VAL B 78 38.63 12.03 -7.95
C VAL B 78 39.89 11.65 -7.20
N LYS B 79 41.02 11.67 -7.89
CA LYS B 79 42.26 11.21 -7.27
C LYS B 79 42.73 12.16 -6.17
N ASP B 80 42.41 13.45 -6.29
CA ASP B 80 42.63 14.35 -5.16
C ASP B 80 41.80 13.91 -3.97
N ARG B 81 40.52 13.59 -4.19
CA ARG B 81 39.65 13.18 -3.10
C ARG B 81 40.04 11.82 -2.54
N ILE B 82 40.77 11.00 -3.30
CA ILE B 82 41.22 9.72 -2.78
C ILE B 82 42.54 9.89 -2.04
N LEU B 83 43.32 10.92 -2.38
CA LEU B 83 44.59 11.13 -1.71
C LEU B 83 44.48 12.05 -0.52
N GLU B 84 43.35 12.73 -0.36
CA GLU B 84 42.98 13.22 0.96
C GLU B 84 42.98 12.06 1.95
N TYR B 85 42.20 11.03 1.62
CA TYR B 85 41.97 9.94 2.54
C TYR B 85 43.21 9.10 2.73
N LEU B 86 44.01 8.95 1.66
CA LEU B 86 45.27 8.26 1.86
C LEU B 86 46.31 9.13 2.55
N ALA B 87 46.15 10.45 2.53
CA ALA B 87 47.09 11.31 3.24
C ALA B 87 46.86 11.25 4.74
N VAL B 88 45.61 11.43 5.17
CA VAL B 88 45.31 11.30 6.59
C VAL B 88 45.48 9.86 7.03
N GLN B 89 45.24 8.91 6.12
CA GLN B 89 45.58 7.52 6.40
C GLN B 89 47.09 7.33 6.56
N SER B 90 47.89 8.16 5.90
CA SER B 90 49.34 8.07 6.07
C SER B 90 49.77 8.59 7.42
N ARG B 91 49.27 9.76 7.83
CA ARG B 91 49.73 10.27 9.11
C ARG B 91 49.05 9.56 10.27
N VAL B 92 47.74 9.69 10.41
CA VAL B 92 47.02 8.97 11.44
C VAL B 92 46.94 7.51 11.05
N SER B 93 47.33 6.62 11.97
CA SER B 93 47.44 5.21 11.63
C SER B 93 46.08 4.56 11.45
N LYS B 94 45.04 5.09 12.09
CA LYS B 94 43.76 4.38 12.10
C LYS B 94 42.64 5.42 12.13
N ILE B 95 42.11 5.74 10.96
CA ILE B 95 40.97 6.64 10.86
C ILE B 95 39.73 5.88 11.29
N LYS B 96 38.93 6.50 12.17
CA LYS B 96 37.67 5.91 12.60
C LYS B 96 36.49 6.65 12.02
N GLY B 97 36.71 7.57 11.10
CA GLY B 97 35.66 8.43 10.59
C GLY B 97 34.80 7.78 9.54
N PRO B 98 34.37 8.56 8.55
CA PRO B 98 33.52 8.03 7.49
C PRO B 98 34.32 7.28 6.45
N ILE B 99 33.62 6.71 5.48
CA ILE B 99 34.15 5.72 4.55
C ILE B 99 33.96 6.26 3.13
N LEU B 100 34.92 5.99 2.26
CA LEU B 100 34.84 6.42 0.87
C LEU B 100 33.68 5.73 0.15
N CYS B 101 32.80 6.53 -0.41
CA CYS B 101 31.71 6.03 -1.24
C CYS B 101 31.92 6.53 -2.66
N LEU B 102 31.84 5.62 -3.63
CA LEU B 102 32.08 5.93 -5.02
C LEU B 102 30.77 5.73 -5.77
N VAL B 103 30.26 6.80 -6.38
CA VAL B 103 28.98 6.76 -7.07
C VAL B 103 29.17 7.30 -8.47
N GLY B 104 28.72 6.53 -9.46
CA GLY B 104 28.63 6.98 -10.82
C GLY B 104 27.86 5.98 -11.64
N PRO B 105 27.72 6.22 -12.93
CA PRO B 105 27.10 5.23 -13.81
C PRO B 105 27.99 4.00 -13.94
N PRO B 106 27.45 2.85 -14.34
CA PRO B 106 28.29 1.67 -14.48
C PRO B 106 29.10 1.72 -15.75
N GLY B 107 30.37 1.33 -15.62
CA GLY B 107 31.27 1.40 -16.75
C GLY B 107 32.35 2.43 -16.56
N VAL B 108 32.28 3.20 -15.48
CA VAL B 108 33.26 4.25 -15.21
C VAL B 108 34.58 3.70 -14.71
N GLY B 109 34.56 2.65 -13.90
CA GLY B 109 35.79 2.04 -13.42
C GLY B 109 35.91 1.95 -11.92
N LYS B 110 34.79 1.90 -11.21
CA LYS B 110 34.84 1.96 -9.75
C LYS B 110 35.38 0.68 -9.13
N THR B 111 35.01 -0.48 -9.67
CA THR B 111 35.55 -1.75 -9.21
C THR B 111 37.04 -1.85 -9.47
N SER B 112 37.52 -1.32 -10.58
CA SER B 112 38.95 -1.23 -10.82
C SER B 112 39.63 -0.24 -9.91
N LEU B 113 38.92 0.82 -9.49
CA LEU B 113 39.57 1.84 -8.68
C LEU B 113 39.75 1.35 -7.25
N GLY B 114 38.74 0.67 -6.71
CA GLY B 114 38.91 0.03 -5.42
C GLY B 114 39.93 -1.10 -5.48
N GLN B 115 40.09 -1.71 -6.65
CA GLN B 115 41.18 -2.65 -6.81
C GLN B 115 42.51 -1.94 -6.84
N SER B 116 42.53 -0.68 -7.26
CA SER B 116 43.81 0.01 -7.41
C SER B 116 44.29 0.61 -6.10
N ILE B 117 43.37 0.96 -5.22
CA ILE B 117 43.72 1.54 -3.92
C ILE B 117 44.47 0.49 -3.09
N ALA B 118 44.08 -0.76 -3.24
CA ALA B 118 44.75 -1.85 -2.55
C ALA B 118 46.19 -1.98 -3.02
N LYS B 119 46.44 -1.73 -4.30
CA LYS B 119 47.82 -1.69 -4.76
C LYS B 119 48.51 -0.42 -4.28
N ALA B 120 47.73 0.62 -4.00
CA ALA B 120 48.34 1.89 -3.61
C ALA B 120 48.88 1.82 -2.18
N THR B 121 48.07 1.37 -1.23
CA THR B 121 48.55 1.33 0.15
C THR B 121 49.49 0.17 0.38
N GLY B 122 49.08 -1.02 -0.02
CA GLY B 122 49.89 -2.21 0.20
C GLY B 122 49.03 -3.36 0.67
N ARG B 123 47.83 -3.05 1.13
CA ARG B 123 46.96 -4.08 1.68
C ARG B 123 46.33 -4.89 0.56
N GLN B 124 45.71 -6.00 0.94
CA GLN B 124 45.17 -6.95 -0.02
C GLN B 124 43.82 -6.47 -0.54
N TYR B 125 43.08 -7.35 -1.22
CA TYR B 125 41.85 -6.95 -1.87
C TYR B 125 40.88 -8.10 -1.88
N VAL B 126 39.68 -7.92 -1.32
CA VAL B 126 38.61 -8.89 -1.40
C VAL B 126 37.31 -8.14 -1.69
N ARG B 127 36.68 -8.48 -2.80
CA ARG B 127 35.44 -7.83 -3.21
C ARG B 127 34.25 -8.63 -2.72
N MET B 128 33.26 -7.96 -2.16
CA MET B 128 32.09 -8.60 -1.60
C MET B 128 30.85 -8.05 -2.27
N ALA B 129 30.32 -8.78 -3.25
CA ALA B 129 29.11 -8.34 -3.92
C ALA B 129 27.91 -8.47 -3.01
N LEU B 130 26.86 -7.70 -3.31
CA LEU B 130 25.68 -7.66 -2.46
C LEU B 130 24.44 -7.67 -3.33
N GLY B 131 23.57 -8.65 -3.09
CA GLY B 131 22.28 -8.72 -3.75
C GLY B 131 21.19 -9.16 -2.79
N GLY B 152 29.15 -17.56 8.15
CA GLY B 152 28.86 -16.20 7.76
C GLY B 152 29.69 -15.73 6.58
N LYS B 153 29.15 -14.79 5.79
CA LYS B 153 29.83 -14.37 4.56
C LYS B 153 31.09 -13.57 4.87
N LEU B 154 30.99 -12.65 5.83
CA LEU B 154 32.07 -11.71 6.07
C LEU B 154 33.28 -12.40 6.70
N ILE B 155 33.03 -13.35 7.60
CA ILE B 155 34.14 -14.11 8.16
C ILE B 155 34.65 -15.12 7.13
N GLN B 156 33.84 -15.46 6.14
CA GLN B 156 34.32 -16.31 5.06
C GLN B 156 35.28 -15.55 4.17
N LYS B 157 35.05 -14.25 3.97
CA LYS B 157 35.97 -13.48 3.16
C LYS B 157 37.19 -13.05 3.96
N MET B 158 37.01 -12.71 5.24
CA MET B 158 38.16 -12.41 6.08
C MET B 158 39.03 -13.63 6.29
N ALA B 159 38.41 -14.81 6.33
CA ALA B 159 39.18 -16.03 6.32
C ALA B 159 39.75 -16.31 4.94
N LYS B 160 39.08 -15.82 3.90
CA LYS B 160 39.53 -16.10 2.55
C LYS B 160 40.78 -15.33 2.21
N VAL B 161 40.93 -14.13 2.79
CA VAL B 161 42.14 -13.35 2.54
C VAL B 161 43.30 -13.78 3.43
N GLY B 162 43.00 -14.36 4.59
CA GLY B 162 44.05 -14.81 5.50
C GLY B 162 44.90 -13.71 6.09
N VAL B 163 44.41 -12.48 6.14
CA VAL B 163 45.18 -11.37 6.67
C VAL B 163 44.24 -10.46 7.48
N LYS B 164 44.82 -9.65 8.35
CA LYS B 164 44.06 -8.87 9.30
C LYS B 164 43.42 -7.65 8.67
N ASN B 165 44.15 -6.94 7.79
CA ASN B 165 43.74 -5.64 7.26
C ASN B 165 43.65 -5.65 5.74
N PRO B 166 42.55 -6.14 5.19
CA PRO B 166 42.36 -6.09 3.74
C PRO B 166 41.78 -4.76 3.31
N LEU B 167 41.42 -4.65 2.03
CA LEU B 167 40.62 -3.54 1.52
C LEU B 167 39.29 -4.15 1.12
N PHE B 168 38.39 -4.24 2.08
CA PHE B 168 37.19 -5.04 1.92
C PHE B 168 36.14 -4.20 1.20
N LEU B 169 36.08 -4.34 -0.12
CA LEU B 169 35.09 -3.59 -0.88
C LEU B 169 33.69 -4.12 -0.65
N LEU B 170 32.72 -3.22 -0.78
CA LEU B 170 31.31 -3.53 -0.62
C LEU B 170 30.58 -2.98 -1.83
N ASP B 171 30.55 -3.74 -2.92
CA ASP B 171 30.03 -3.20 -4.16
C ASP B 171 28.53 -3.39 -4.27
N GLU B 172 27.91 -2.45 -4.98
CA GLU B 172 26.46 -2.41 -5.25
C GLU B 172 25.65 -2.49 -3.97
N ILE B 173 25.94 -1.55 -3.07
CA ILE B 173 25.09 -1.30 -1.91
C ILE B 173 23.71 -0.85 -2.35
N ASP B 174 23.63 -0.16 -3.48
CA ASP B 174 22.34 0.25 -4.02
C ASP B 174 21.51 -0.96 -4.44
N LYS B 175 22.16 -2.03 -4.90
CA LYS B 175 21.46 -3.28 -5.22
C LYS B 175 21.49 -4.27 -4.07
N MET B 176 21.49 -3.81 -2.83
CA MET B 176 21.33 -4.69 -1.69
C MET B 176 19.88 -4.76 -1.24
N ALA B 177 19.23 -3.60 -1.15
CA ALA B 177 17.83 -3.54 -0.75
C ALA B 177 16.94 -4.00 -1.90
N PRO B 184 20.00 -12.10 7.26
CA PRO B 184 20.37 -10.72 7.62
C PRO B 184 19.86 -9.71 6.59
N ALA B 185 19.11 -8.70 7.04
CA ALA B 185 18.50 -7.74 6.10
C ALA B 185 19.46 -6.62 5.72
N SER B 186 19.78 -5.74 6.67
CA SER B 186 20.74 -4.67 6.44
C SER B 186 21.56 -4.40 7.69
N ALA B 187 21.99 -5.46 8.36
CA ALA B 187 22.68 -5.30 9.63
C ALA B 187 24.17 -5.00 9.49
N LEU B 188 24.61 -4.61 8.30
CA LEU B 188 26.01 -4.25 8.08
C LEU B 188 26.36 -2.88 8.62
N LEU B 189 25.38 -2.12 9.13
CA LEU B 189 25.70 -0.79 9.63
C LEU B 189 26.46 -0.84 10.95
N GLU B 190 26.51 -2.00 11.61
CA GLU B 190 27.42 -2.20 12.73
C GLU B 190 28.80 -2.63 12.27
N VAL B 191 28.99 -2.91 10.98
CA VAL B 191 30.32 -3.16 10.46
C VAL B 191 30.99 -1.84 10.08
N LEU B 192 30.25 -0.75 10.07
CA LEU B 192 30.77 0.53 9.58
C LEU B 192 31.16 1.48 10.67
N ASP B 193 30.33 1.64 11.68
CA ASP B 193 30.59 2.66 12.71
C ASP B 193 31.61 2.15 13.73
N PRO B 194 32.51 3.02 14.19
CA PRO B 194 33.54 2.59 15.15
C PRO B 194 32.98 2.30 16.53
N GLU B 195 31.80 2.80 16.83
CA GLU B 195 31.13 2.46 18.08
C GLU B 195 30.70 1.00 18.14
N GLN B 196 30.66 0.31 16.99
CA GLN B 196 30.36 -1.11 16.97
C GLN B 196 31.54 -1.95 16.50
N ASN B 197 32.53 -1.36 15.87
CA ASN B 197 33.58 -2.15 15.23
C ASN B 197 34.67 -2.60 16.16
N VAL B 198 34.58 -2.26 17.45
CA VAL B 198 35.51 -2.84 18.39
C VAL B 198 35.15 -4.31 18.64
N ALA B 199 33.90 -4.69 18.40
CA ALA B 199 33.47 -6.06 18.64
C ALA B 199 32.35 -6.43 17.69
N PHE B 200 32.61 -7.40 16.82
CA PHE B 200 31.58 -8.01 15.99
C PHE B 200 31.72 -9.53 16.08
N ASN B 201 30.64 -10.19 16.51
CA ASN B 201 30.60 -11.63 16.65
C ASN B 201 30.78 -12.39 15.34
N HIS B 203 28.30 -14.36 12.48
CA HIS B 203 27.41 -14.54 13.62
C HIS B 203 27.48 -15.94 14.21
N TYR B 204 27.63 -16.94 13.34
CA TYR B 204 27.67 -18.33 13.76
C TYR B 204 28.99 -18.74 14.40
N LEU B 205 29.93 -17.81 14.60
CA LEU B 205 31.18 -18.13 15.27
C LEU B 205 31.13 -17.76 16.75
N GLU B 206 30.24 -16.84 17.13
CA GLU B 206 29.95 -16.36 18.50
C GLU B 206 31.20 -16.04 19.32
N VAL B 207 32.24 -15.55 18.65
CA VAL B 207 33.37 -14.91 19.29
C VAL B 207 33.56 -13.58 18.58
N ASP B 208 33.62 -12.49 19.35
CA ASP B 208 33.65 -11.18 18.72
C ASP B 208 35.01 -10.91 18.06
N TYR B 209 34.96 -10.31 16.88
CA TYR B 209 36.16 -9.95 16.15
C TYR B 209 36.37 -8.45 16.25
N ASP B 210 37.62 -8.03 16.20
CA ASP B 210 37.98 -6.62 16.18
C ASP B 210 38.09 -6.15 14.73
N LEU B 211 36.95 -5.79 14.14
CA LEU B 211 36.91 -5.36 12.76
C LEU B 211 37.47 -3.97 12.52
N SER B 212 37.99 -3.29 13.53
CA SER B 212 38.75 -2.09 13.27
C SER B 212 40.07 -2.46 12.60
N ASP B 213 40.69 -1.44 12.00
CA ASP B 213 41.83 -1.57 11.09
C ASP B 213 41.51 -2.54 9.96
N VAL B 214 40.28 -2.43 9.43
CA VAL B 214 39.88 -3.10 8.20
C VAL B 214 39.27 -2.00 7.34
N MET B 215 40.08 -1.39 6.50
CA MET B 215 39.67 -0.25 5.68
C MET B 215 38.63 -0.66 4.65
N PHE B 216 37.58 0.15 4.55
CA PHE B 216 36.48 -0.15 3.65
C PHE B 216 36.41 0.88 2.54
N VAL B 217 35.96 0.44 1.38
CA VAL B 217 35.56 1.30 0.27
C VAL B 217 34.25 0.74 -0.26
N ALA B 218 33.25 1.59 -0.43
CA ALA B 218 31.95 1.15 -0.89
C ALA B 218 31.60 1.85 -2.18
N THR B 219 30.97 1.13 -3.11
CA THR B 219 30.58 1.68 -4.39
C THR B 219 29.09 1.42 -4.63
N SER B 220 28.54 2.13 -5.61
CA SER B 220 27.14 1.96 -5.99
C SER B 220 26.95 2.51 -7.40
N ASN B 221 25.70 2.70 -7.77
CA ASN B 221 25.34 3.30 -9.05
C ASN B 221 24.40 4.48 -8.89
N SER B 222 23.92 4.76 -7.69
CA SER B 222 23.12 5.93 -7.42
C SER B 222 23.19 6.22 -5.93
N MET B 223 22.74 7.42 -5.57
CA MET B 223 22.65 7.80 -4.16
C MET B 223 21.27 7.48 -3.61
N ASN B 224 20.85 6.24 -3.81
CA ASN B 224 19.66 5.69 -3.18
C ASN B 224 20.05 4.73 -2.06
N ILE B 225 21.19 5.02 -1.45
CA ILE B 225 21.74 4.26 -0.32
C ILE B 225 20.77 4.35 0.85
N PRO B 226 20.56 3.28 1.63
CA PRO B 226 19.64 3.36 2.78
C PRO B 226 20.12 4.35 3.83
N ALA B 227 19.19 5.20 4.28
CA ALA B 227 19.40 6.32 5.18
C ALA B 227 20.23 6.07 6.46
N PRO B 228 20.25 4.89 7.07
CA PRO B 228 21.28 4.66 8.10
C PRO B 228 22.67 4.52 7.55
N LEU B 229 22.83 3.95 6.35
CA LEU B 229 24.17 3.73 5.81
C LEU B 229 24.80 5.01 5.32
N LEU B 230 23.98 5.99 4.91
CA LEU B 230 24.50 7.19 4.28
C LEU B 230 25.19 8.11 5.28
N ASP B 231 25.04 7.83 6.58
CA ASP B 231 25.66 8.65 7.61
C ASP B 231 27.18 8.56 7.55
N ARG B 232 27.70 7.37 7.26
CA ARG B 232 29.13 7.13 7.42
C ARG B 232 29.89 7.08 6.10
N MET B 233 29.35 7.68 5.04
CA MET B 233 29.90 7.48 3.71
C MET B 233 30.18 8.80 3.04
N GLU B 234 31.44 9.04 2.69
CA GLU B 234 31.83 10.20 1.90
C GLU B 234 31.50 9.94 0.44
N VAL B 235 30.49 10.63 -0.08
CA VAL B 235 30.15 10.47 -1.48
C VAL B 235 31.22 11.11 -2.34
N ILE B 236 31.86 10.32 -3.19
CA ILE B 236 32.76 10.81 -4.22
C ILE B 236 32.15 10.48 -5.57
N ARG B 237 31.88 11.49 -6.37
CA ARG B 237 31.21 11.28 -7.64
C ARG B 237 32.23 10.94 -8.71
N LEU B 238 31.86 10.01 -9.59
CA LEU B 238 32.64 9.69 -10.77
C LEU B 238 31.73 9.88 -11.98
N SER B 239 31.79 11.05 -12.60
CA SER B 239 30.97 11.31 -13.76
C SER B 239 31.54 10.60 -14.97
N GLY B 240 30.90 10.80 -16.12
CA GLY B 240 31.26 10.08 -17.32
C GLY B 240 32.59 10.55 -17.92
N TYR B 241 32.86 10.01 -19.09
CA TYR B 241 34.05 10.35 -19.85
C TYR B 241 33.62 10.99 -21.15
N THR B 242 34.48 11.79 -21.73
CA THR B 242 34.16 12.40 -23.02
C THR B 242 35.00 11.74 -24.11
N GLU B 243 34.75 12.16 -25.36
CA GLU B 243 35.26 11.43 -26.52
C GLU B 243 36.78 11.50 -26.63
N ASP B 244 37.36 12.65 -26.32
CA ASP B 244 38.81 12.72 -26.23
C ASP B 244 39.31 11.84 -25.10
N GLU B 245 38.60 11.86 -23.98
CA GLU B 245 39.03 11.09 -22.83
C GLU B 245 38.84 9.61 -23.05
N LYS B 246 37.74 9.21 -23.72
CA LYS B 246 37.57 7.82 -24.09
C LYS B 246 38.59 7.38 -25.13
N LEU B 247 38.96 8.30 -26.02
CA LEU B 247 39.94 7.98 -27.05
C LEU B 247 41.31 7.69 -26.44
N ASN B 248 41.71 8.49 -25.46
CA ASN B 248 42.97 8.21 -24.81
C ASN B 248 42.88 6.99 -23.91
N ILE B 249 41.69 6.70 -23.36
CA ILE B 249 41.53 5.48 -22.57
C ILE B 249 41.70 4.25 -23.45
N ALA B 250 41.05 4.25 -24.62
CA ALA B 250 41.18 3.10 -25.49
C ALA B 250 42.56 3.01 -26.11
N LYS B 251 43.24 4.15 -26.25
CA LYS B 251 44.53 4.12 -26.92
C LYS B 251 45.66 3.76 -25.96
N GLN B 252 45.49 3.99 -24.65
CA GLN B 252 46.58 3.72 -23.74
C GLN B 252 46.33 2.59 -22.75
N HIS B 253 45.07 2.27 -22.45
CA HIS B 253 44.78 1.32 -21.39
C HIS B 253 43.80 0.23 -21.75
N LEU B 254 43.19 0.23 -22.93
CA LEU B 254 42.27 -0.83 -23.29
C LEU B 254 42.79 -1.72 -24.40
N LEU B 255 43.26 -1.13 -25.49
CA LEU B 255 43.95 -1.91 -26.51
C LEU B 255 45.16 -2.70 -26.03
N PRO B 256 45.97 -2.28 -25.05
CA PRO B 256 46.98 -3.23 -24.57
C PRO B 256 46.42 -4.38 -23.77
N LYS B 257 45.48 -4.16 -22.85
CA LYS B 257 45.00 -5.30 -22.07
C LYS B 257 44.14 -6.24 -22.92
N GLN B 258 43.45 -5.70 -23.92
CA GLN B 258 42.74 -6.57 -24.84
C GLN B 258 43.70 -7.26 -25.80
N PHE B 259 44.80 -6.61 -26.17
CA PHE B 259 45.74 -7.32 -27.03
C PHE B 259 46.55 -8.35 -26.28
N GLU B 260 46.57 -8.30 -24.95
CA GLU B 260 47.27 -9.36 -24.24
C GLU B 260 46.34 -10.39 -23.65
N ARG B 261 45.03 -10.15 -23.58
CA ARG B 261 44.15 -11.24 -23.19
C ARG B 261 43.68 -12.07 -24.37
N ASN B 262 44.09 -11.73 -25.59
CA ASN B 262 43.87 -12.57 -26.74
C ASN B 262 45.17 -12.91 -27.44
N ALA B 263 46.29 -12.43 -26.91
CA ALA B 263 47.65 -12.78 -27.33
C ALA B 263 47.92 -12.44 -28.80
N ILE B 264 47.41 -11.30 -29.25
CA ILE B 264 47.81 -10.78 -30.55
C ILE B 264 49.29 -10.40 -30.51
N LYS B 265 50.04 -10.86 -31.50
CA LYS B 265 51.46 -10.54 -31.62
C LYS B 265 51.66 -9.05 -31.88
N LYS B 266 52.88 -8.58 -31.66
CA LYS B 266 53.11 -7.14 -31.56
C LYS B 266 53.02 -6.45 -32.92
N GLY B 267 53.54 -7.08 -33.97
CA GLY B 267 53.65 -6.42 -35.25
C GLY B 267 52.41 -6.43 -36.12
N GLU B 268 51.24 -6.23 -35.54
CA GLU B 268 49.97 -6.28 -36.26
C GLU B 268 48.89 -5.56 -35.46
N LEU B 269 47.72 -5.45 -36.08
CA LEU B 269 46.52 -4.82 -35.52
C LEU B 269 46.76 -3.36 -35.14
N THR B 270 47.18 -2.59 -36.12
CA THR B 270 47.25 -1.15 -35.96
C THR B 270 45.85 -0.59 -36.11
N ILE B 271 45.23 -0.24 -34.99
CA ILE B 271 43.92 0.39 -34.98
C ILE B 271 44.16 1.89 -34.92
N ASP B 272 43.82 2.60 -35.99
CA ASP B 272 44.03 4.03 -36.00
C ASP B 272 43.00 4.75 -35.15
N ASP B 273 43.18 6.06 -35.03
CA ASP B 273 42.37 6.82 -34.08
C ASP B 273 40.96 7.03 -34.61
N SER B 274 40.81 7.29 -35.90
CA SER B 274 39.50 7.60 -36.47
C SER B 274 38.57 6.39 -36.42
N ALA B 275 39.13 5.18 -36.44
CA ALA B 275 38.32 3.99 -36.26
C ALA B 275 37.74 3.94 -34.85
N ILE B 276 38.57 4.22 -33.84
CA ILE B 276 38.09 4.24 -32.47
C ILE B 276 37.11 5.38 -32.27
N MET B 277 37.31 6.51 -32.94
CA MET B 277 36.34 7.58 -32.90
C MET B 277 35.02 7.18 -33.54
N SER B 278 35.06 6.33 -34.57
CA SER B 278 33.80 5.87 -35.14
C SER B 278 33.14 4.81 -34.28
N ILE B 279 33.92 4.04 -33.52
CA ILE B 279 33.32 3.10 -32.60
C ILE B 279 32.64 3.83 -31.46
N ILE B 280 33.30 4.86 -30.92
CA ILE B 280 32.72 5.61 -29.81
C ILE B 280 31.53 6.42 -30.29
N ARG B 281 31.64 7.03 -31.47
CA ARG B 281 30.55 7.89 -31.92
C ARG B 281 29.37 7.11 -32.46
N TYR B 282 29.62 6.00 -33.17
CA TYR B 282 28.53 5.36 -33.89
C TYR B 282 28.07 4.04 -33.31
N TYR B 283 28.89 3.34 -32.54
CA TYR B 283 28.59 1.97 -32.18
C TYR B 283 28.35 1.77 -30.69
N THR B 284 28.24 2.85 -29.91
CA THR B 284 28.07 2.70 -28.47
C THR B 284 27.48 3.98 -27.88
N ARG B 285 26.69 3.83 -26.82
CA ARG B 285 26.13 4.95 -26.05
C ARG B 285 26.13 4.57 -24.58
N GLU B 286 27.18 4.96 -23.87
CA GLU B 286 27.17 4.85 -22.42
C GLU B 286 28.12 5.89 -21.86
N ALA B 287 27.88 6.28 -20.62
CA ALA B 287 28.79 7.19 -19.98
C ALA B 287 30.10 6.53 -19.59
N GLY B 288 30.14 5.20 -19.54
CA GLY B 288 31.33 4.48 -19.18
C GLY B 288 32.09 3.99 -20.38
N VAL B 289 32.93 2.98 -20.16
CA VAL B 289 33.64 2.36 -21.26
C VAL B 289 33.42 0.85 -21.22
N ARG B 290 32.28 0.42 -20.68
CA ARG B 290 32.01 -1.01 -20.66
C ARG B 290 31.75 -1.55 -22.06
N SER B 291 30.89 -0.89 -22.84
CA SER B 291 30.55 -1.41 -24.16
C SER B 291 31.70 -1.27 -25.15
N LEU B 292 32.57 -0.29 -24.91
CA LEU B 292 33.77 -0.14 -25.74
C LEU B 292 34.67 -1.35 -25.60
N GLU B 293 34.70 -1.97 -24.42
CA GLU B 293 35.43 -3.21 -24.24
C GLU B 293 34.84 -4.35 -25.06
N ARG B 294 33.50 -4.40 -25.16
CA ARG B 294 32.88 -5.43 -25.97
C ARG B 294 33.22 -5.25 -27.43
N GLU B 295 33.18 -4.01 -27.91
CA GLU B 295 33.44 -3.78 -29.32
C GLU B 295 34.90 -4.00 -29.66
N ILE B 296 35.81 -3.63 -28.77
CA ILE B 296 37.23 -3.84 -29.04
C ILE B 296 37.56 -5.32 -28.97
N SER B 297 36.96 -6.05 -28.03
CA SER B 297 37.23 -7.48 -27.94
C SER B 297 36.71 -8.24 -29.14
N LYS B 298 35.51 -7.87 -29.61
CA LYS B 298 34.98 -8.49 -30.83
C LYS B 298 35.80 -8.12 -32.05
N LEU B 299 36.36 -6.91 -32.05
CA LEU B 299 37.26 -6.51 -33.14
C LEU B 299 38.53 -7.34 -33.12
N CYS B 300 39.05 -7.60 -31.93
CA CYS B 300 40.28 -8.39 -31.79
C CYS B 300 40.10 -9.80 -32.28
N ARG B 301 39.05 -10.49 -31.82
CA ARG B 301 38.92 -11.88 -32.24
C ARG B 301 38.46 -12.03 -33.69
N LYS B 302 37.76 -11.04 -34.25
CA LYS B 302 37.55 -11.10 -35.69
C LYS B 302 38.85 -10.93 -36.46
N ALA B 303 39.76 -10.10 -35.93
CA ALA B 303 41.06 -9.98 -36.57
C ALA B 303 41.88 -11.25 -36.45
N VAL B 304 41.79 -11.93 -35.31
CA VAL B 304 42.52 -13.19 -35.13
C VAL B 304 41.97 -14.27 -36.05
N LYS B 305 40.65 -14.33 -36.19
CA LYS B 305 40.04 -15.26 -37.13
C LYS B 305 40.44 -14.96 -38.55
N ASN B 306 40.61 -13.69 -38.89
CA ASN B 306 41.17 -13.42 -40.20
C ASN B 306 42.67 -13.61 -40.27
N LEU B 307 43.33 -13.89 -39.14
CA LEU B 307 44.73 -14.29 -39.21
C LEU B 307 44.92 -15.79 -39.32
N LEU B 308 43.97 -16.60 -38.86
CA LEU B 308 44.17 -18.04 -38.99
C LEU B 308 43.46 -18.65 -40.18
N MET B 309 42.44 -17.99 -40.70
CA MET B 309 41.75 -18.50 -41.88
C MET B 309 42.43 -18.09 -43.17
N ASP B 310 43.66 -17.59 -43.10
CA ASP B 310 44.41 -17.18 -44.27
C ASP B 310 45.87 -17.10 -43.87
N LYS B 311 46.76 -17.29 -44.84
CA LYS B 311 48.18 -17.08 -44.63
C LYS B 311 48.74 -16.01 -45.56
N THR B 312 47.87 -15.31 -46.29
CA THR B 312 48.32 -14.25 -47.18
C THR B 312 48.72 -13.00 -46.40
N VAL B 313 47.78 -12.42 -45.69
CA VAL B 313 48.04 -11.19 -44.95
C VAL B 313 48.48 -11.53 -43.54
N LYS B 314 49.31 -10.68 -42.98
CA LYS B 314 49.69 -10.78 -41.59
C LYS B 314 49.51 -9.46 -40.85
N HIS B 315 49.75 -8.34 -41.53
CA HIS B 315 49.53 -7.03 -40.95
C HIS B 315 48.13 -6.57 -41.33
N ILE B 316 47.22 -6.55 -40.36
CA ILE B 316 45.86 -6.07 -40.56
C ILE B 316 45.78 -4.65 -40.02
N GLU B 317 45.33 -3.74 -40.86
CA GLU B 317 45.03 -2.37 -40.45
C GLU B 317 43.55 -2.14 -40.64
N ILE B 318 42.93 -1.46 -39.69
CA ILE B 318 41.50 -1.18 -39.69
C ILE B 318 41.34 0.32 -39.52
N ASN B 319 41.03 1.02 -40.59
CA ASN B 319 40.85 2.46 -40.50
C ASN B 319 39.40 2.77 -40.14
N GLY B 320 39.02 4.03 -40.26
CA GLY B 320 37.66 4.45 -40.01
C GLY B 320 36.67 4.13 -41.10
N ASP B 321 37.14 3.59 -42.22
CA ASP B 321 36.27 3.22 -43.32
C ASP B 321 35.75 1.79 -43.22
N ASN B 322 36.66 0.83 -43.05
CA ASN B 322 36.33 -0.56 -43.29
C ASN B 322 35.74 -1.27 -42.07
N LEU B 323 35.25 -0.54 -41.07
CA LEU B 323 34.54 -1.17 -39.97
C LEU B 323 33.23 -1.78 -40.44
N LYS B 324 32.56 -1.12 -41.38
CA LYS B 324 31.32 -1.64 -41.91
C LYS B 324 31.52 -2.94 -42.66
N ASP B 325 32.73 -3.18 -43.16
CA ASP B 325 33.10 -4.48 -43.71
C ASP B 325 33.66 -5.40 -42.64
N PHE B 326 33.67 -4.97 -41.38
CA PHE B 326 34.39 -5.75 -40.38
C PHE B 326 33.63 -5.94 -39.08
N LEU B 327 32.67 -5.09 -38.76
CA LEU B 327 32.08 -5.08 -37.43
C LEU B 327 30.57 -5.00 -37.52
N GLY B 328 30.05 -4.52 -38.65
CA GLY B 328 28.62 -4.50 -38.83
C GLY B 328 28.07 -3.19 -39.35
N VAL B 329 26.98 -2.73 -38.76
CA VAL B 329 26.29 -1.55 -39.26
C VAL B 329 26.15 -0.56 -38.11
N GLN B 330 26.11 0.73 -38.46
CA GLN B 330 26.22 1.81 -37.50
C GLN B 330 24.95 1.88 -36.66
N LYS B 331 25.00 1.28 -35.47
CA LYS B 331 23.80 0.91 -34.74
C LYS B 331 23.02 2.11 -34.22
N VAL B 332 23.69 3.18 -33.81
CA VAL B 332 23.01 4.36 -33.31
C VAL B 332 23.55 5.58 -34.05
N ASP B 333 22.83 6.69 -33.91
CA ASP B 333 23.08 7.88 -34.71
C ASP B 333 23.76 8.97 -33.90
N TYR B 334 24.49 9.81 -34.59
CA TYR B 334 25.29 10.83 -33.93
C TYR B 334 25.08 12.21 -34.52
N GLY B 335 24.95 12.33 -35.82
CA GLY B 335 24.88 13.62 -36.46
C GLY B 335 23.50 14.24 -36.33
N ARG B 336 23.42 15.53 -36.70
CA ARG B 336 22.16 16.27 -36.71
C ARG B 336 21.98 16.95 -38.06
N ALA B 337 21.48 16.18 -39.01
CA ALA B 337 20.90 16.70 -40.24
C ALA B 337 19.46 16.21 -40.26
N ASP B 338 18.78 16.39 -39.13
CA ASP B 338 17.62 15.58 -38.77
C ASP B 338 16.32 16.35 -38.77
N THR B 339 16.10 17.19 -39.80
CA THR B 339 14.79 17.72 -40.17
C THR B 339 14.14 18.54 -39.07
N GLU B 340 14.63 19.76 -38.82
CA GLU B 340 14.17 20.62 -37.75
C GLU B 340 12.69 21.00 -37.77
N ASN B 341 11.94 20.52 -38.74
CA ASN B 341 10.51 20.75 -38.90
C ASN B 341 9.68 19.89 -37.93
N ARG B 342 10.27 19.25 -36.92
CA ARG B 342 9.46 18.65 -35.86
C ARG B 342 8.76 19.77 -35.11
N VAL B 343 7.43 19.75 -35.16
CA VAL B 343 6.64 20.85 -34.62
C VAL B 343 6.63 20.80 -33.10
N GLY B 344 6.52 19.62 -32.53
CA GLY B 344 6.27 19.55 -31.11
C GLY B 344 7.45 19.22 -30.23
N GLN B 345 8.28 18.28 -30.64
CA GLN B 345 9.26 17.71 -29.75
C GLN B 345 10.51 18.58 -29.67
N VAL B 346 11.03 18.74 -28.45
CA VAL B 346 12.33 19.36 -28.23
C VAL B 346 13.21 18.29 -27.61
N THR B 347 14.46 18.60 -27.35
CA THR B 347 15.37 17.67 -26.72
C THR B 347 15.78 18.23 -25.37
N GLY B 348 15.30 17.64 -24.30
CA GLY B 348 15.67 18.06 -22.97
C GLY B 348 16.80 17.19 -22.44
N LEU B 349 17.57 17.74 -21.52
CA LEU B 349 18.58 16.98 -20.84
C LEU B 349 18.04 16.52 -19.50
N ALA B 350 18.60 15.44 -18.97
CA ALA B 350 18.04 14.88 -17.74
C ALA B 350 19.15 14.23 -16.93
N TRP B 351 19.40 14.80 -15.74
CA TRP B 351 20.33 14.22 -14.80
C TRP B 351 19.65 13.05 -14.11
N THR B 352 19.72 11.90 -14.76
CA THR B 352 18.93 10.75 -14.36
C THR B 352 19.60 10.00 -13.22
N GLU B 353 18.97 8.91 -12.82
CA GLU B 353 19.52 8.04 -11.77
C GLU B 353 20.82 7.38 -12.21
N VAL B 354 20.93 7.08 -13.50
CA VAL B 354 22.12 6.39 -14.00
C VAL B 354 23.04 7.45 -14.63
N GLY B 355 22.82 8.71 -14.27
CA GLY B 355 23.75 9.74 -14.69
C GLY B 355 23.14 10.82 -15.57
N GLY B 356 23.65 10.94 -16.79
CA GLY B 356 23.17 11.93 -17.73
C GLY B 356 22.56 11.26 -18.93
N ASP B 357 21.55 11.91 -19.53
CA ASP B 357 20.81 11.29 -20.60
C ASP B 357 20.10 12.34 -21.43
N LEU B 358 19.99 12.10 -22.73
CA LEU B 358 19.10 12.85 -23.59
C LEU B 358 17.66 12.42 -23.34
N LEU B 359 16.74 13.23 -23.84
CA LEU B 359 15.32 13.05 -23.51
C LEU B 359 14.52 13.90 -24.48
N THR B 360 13.54 13.31 -25.16
CA THR B 360 12.72 14.03 -26.11
C THR B 360 11.35 14.27 -25.51
N ILE B 361 11.08 15.50 -25.11
CA ILE B 361 9.81 15.86 -24.52
C ILE B 361 8.87 16.34 -25.62
N GLU B 362 7.67 15.79 -25.64
CA GLU B 362 6.70 16.00 -26.71
C GLU B 362 5.42 16.56 -26.14
N THR B 363 4.79 17.47 -26.88
CA THR B 363 3.47 17.98 -26.52
C THR B 363 2.57 17.98 -27.73
N ALA B 364 1.27 17.88 -27.46
CA ALA B 364 0.26 17.93 -28.49
C ALA B 364 -0.90 18.78 -28.00
N CYS B 365 -1.61 19.38 -28.95
CA CYS B 365 -2.75 20.23 -28.65
C CYS B 365 -3.94 19.77 -29.48
N VAL B 366 -4.95 19.24 -28.82
CA VAL B 366 -6.12 18.70 -29.52
C VAL B 366 -7.34 19.55 -29.20
N PRO B 367 -8.34 19.60 -30.08
CA PRO B 367 -9.58 20.31 -29.74
C PRO B 367 -10.32 19.61 -28.62
N GLY B 368 -10.92 20.41 -27.73
CA GLY B 368 -11.55 19.86 -26.55
C GLY B 368 -12.20 20.87 -25.63
N LYS B 369 -11.95 20.75 -24.33
CA LYS B 369 -12.59 21.58 -23.32
C LYS B 369 -11.63 22.38 -22.46
N GLY B 370 -10.35 22.03 -22.41
CA GLY B 370 -9.42 22.83 -21.62
C GLY B 370 -8.72 22.02 -20.55
N LYS B 371 -8.85 20.71 -20.62
CA LYS B 371 -8.33 19.82 -19.60
C LYS B 371 -6.90 19.42 -19.93
N LEU B 372 -6.07 19.33 -18.91
CA LEU B 372 -4.70 18.86 -19.10
C LEU B 372 -4.65 17.33 -19.11
N THR B 373 -3.51 16.81 -19.52
CA THR B 373 -3.28 15.36 -19.51
C THR B 373 -1.82 15.12 -19.21
N TYR B 374 -1.54 14.44 -18.11
CA TYR B 374 -0.17 14.15 -17.70
C TYR B 374 0.20 12.77 -18.22
N THR B 375 1.43 12.60 -18.67
CA THR B 375 1.86 11.31 -19.18
C THR B 375 3.35 11.13 -18.96
N GLY B 376 3.76 9.98 -18.43
CA GLY B 376 5.18 9.70 -18.34
C GLY B 376 5.87 10.00 -17.02
N SER B 377 5.41 9.38 -15.94
CA SER B 377 6.02 9.44 -14.61
C SER B 377 6.02 10.84 -14.04
N LEU B 378 4.97 11.59 -14.35
CA LEU B 378 4.81 12.95 -13.86
C LEU B 378 4.28 12.90 -12.44
N GLY B 379 5.18 13.05 -11.47
CA GLY B 379 4.76 13.39 -10.13
C GLY B 379 4.19 14.79 -10.06
N GLU B 380 3.63 15.12 -8.91
CA GLU B 380 2.83 16.33 -8.76
C GLU B 380 3.64 17.61 -8.88
N VAL B 381 4.95 17.54 -8.65
CA VAL B 381 5.79 18.72 -8.82
C VAL B 381 5.84 19.11 -10.29
N MET B 382 5.95 18.13 -11.17
CA MET B 382 5.93 18.43 -12.58
C MET B 382 4.56 18.86 -13.04
N GLN B 383 3.49 18.46 -12.33
CA GLN B 383 2.18 19.01 -12.61
C GLN B 383 2.15 20.51 -12.31
N GLU B 384 2.74 20.90 -11.18
CA GLU B 384 2.80 22.31 -10.81
C GLU B 384 3.65 23.11 -11.79
N SER B 385 4.71 22.52 -12.32
CA SER B 385 5.47 23.24 -13.33
C SER B 385 4.78 23.25 -14.69
N ILE B 386 3.93 22.26 -14.97
CA ILE B 386 3.13 22.30 -16.19
C ILE B 386 2.14 23.46 -16.16
N GLN B 387 1.42 23.61 -15.04
CA GLN B 387 0.54 24.76 -14.95
C GLN B 387 1.31 26.07 -14.83
N ALA B 388 2.55 26.02 -14.35
CA ALA B 388 3.42 27.19 -14.43
C ALA B 388 3.66 27.58 -15.87
N ALA B 389 4.08 26.63 -16.71
CA ALA B 389 4.36 26.95 -18.11
C ALA B 389 3.09 27.34 -18.86
N LEU B 390 1.94 26.79 -18.45
CA LEU B 390 0.66 27.20 -19.01
C LEU B 390 0.37 28.66 -18.71
N THR B 391 0.69 29.11 -17.50
CA THR B 391 0.50 30.53 -17.21
C THR B 391 1.57 31.39 -17.88
N VAL B 392 2.76 30.84 -18.17
CA VAL B 392 3.73 31.56 -18.98
C VAL B 392 3.17 31.85 -20.35
N VAL B 393 2.54 30.85 -20.97
CA VAL B 393 2.01 31.02 -22.32
C VAL B 393 0.83 31.98 -22.31
N ARG B 394 -0.10 31.80 -21.36
CA ARG B 394 -1.28 32.65 -21.33
C ARG B 394 -0.95 34.09 -21.00
N ALA B 395 0.16 34.33 -20.29
CA ALA B 395 0.56 35.71 -20.06
C ALA B 395 1.07 36.35 -21.33
N ARG B 396 1.59 35.56 -22.25
CA ARG B 396 2.23 36.06 -23.47
C ARG B 396 1.47 35.63 -24.71
N ALA B 397 0.14 35.71 -24.65
CA ALA B 397 -0.67 35.21 -25.74
C ALA B 397 -0.58 36.12 -26.96
N ASP B 398 -0.83 37.41 -26.75
CA ASP B 398 -1.07 38.29 -27.90
C ASP B 398 0.21 38.66 -28.62
N LYS B 399 1.33 38.75 -27.92
CA LYS B 399 2.57 39.08 -28.59
C LYS B 399 3.28 37.86 -29.15
N LEU B 400 2.61 36.70 -29.18
CA LEU B 400 3.05 35.57 -29.96
C LEU B 400 2.11 35.25 -31.12
N GLY B 401 0.94 35.89 -31.16
CA GLY B 401 -0.02 35.60 -32.19
C GLY B 401 -0.97 34.46 -31.88
N ILE B 402 -0.97 33.95 -30.66
CA ILE B 402 -1.84 32.85 -30.30
C ILE B 402 -3.27 33.36 -30.19
N ASN B 403 -4.22 32.51 -30.57
CA ASN B 403 -5.62 32.74 -30.29
C ASN B 403 -5.81 32.87 -28.78
N PRO B 404 -6.32 34.00 -28.27
CA PRO B 404 -6.25 34.25 -26.82
C PRO B 404 -7.14 33.37 -25.96
N ASP B 405 -8.02 32.58 -26.54
CA ASP B 405 -8.92 31.71 -25.78
C ASP B 405 -8.60 30.24 -25.99
N PHE B 406 -7.31 29.91 -26.10
CA PHE B 406 -6.95 28.52 -26.37
C PHE B 406 -7.10 27.65 -25.14
N TYR B 407 -7.11 28.22 -23.95
CA TYR B 407 -7.06 27.40 -22.74
C TYR B 407 -8.37 26.69 -22.45
N GLU B 408 -9.42 26.91 -23.23
CA GLU B 408 -10.65 26.14 -23.07
C GLU B 408 -11.25 25.67 -24.37
N LYS B 409 -10.84 26.18 -25.52
CA LYS B 409 -11.24 25.53 -26.76
C LYS B 409 -10.46 24.25 -26.98
N ARG B 410 -9.18 24.23 -26.60
CA ARG B 410 -8.26 23.19 -27.05
C ARG B 410 -7.58 22.57 -25.84
N ASP B 411 -7.75 21.26 -25.66
CA ASP B 411 -7.04 20.52 -24.63
C ASP B 411 -5.54 20.46 -24.93
N ILE B 412 -4.77 20.05 -23.93
CA ILE B 412 -3.31 20.03 -24.02
C ILE B 412 -2.82 18.73 -23.44
N HIS B 413 -2.01 18.01 -24.21
CA HIS B 413 -1.38 16.78 -23.75
C HIS B 413 0.12 16.97 -23.82
N VAL B 414 0.79 16.71 -22.69
CA VAL B 414 2.22 16.93 -22.52
C VAL B 414 2.85 15.61 -22.10
N HIS B 415 3.98 15.27 -22.72
CA HIS B 415 4.60 13.97 -22.51
C HIS B 415 6.05 14.12 -22.11
N VAL B 416 6.44 13.46 -21.04
CA VAL B 416 7.83 13.44 -20.60
C VAL B 416 8.26 11.99 -20.49
N PRO B 417 9.20 11.52 -21.30
CA PRO B 417 9.73 10.17 -21.11
C PRO B 417 10.49 10.09 -19.80
N GLU B 418 10.42 8.93 -19.16
CA GLU B 418 10.88 8.81 -17.79
C GLU B 418 12.39 8.73 -17.74
N GLY B 419 12.92 8.70 -16.52
CA GLY B 419 14.35 8.67 -16.31
C GLY B 419 14.76 9.66 -15.25
N ALA B 420 14.06 10.78 -15.19
CA ALA B 420 14.44 11.84 -14.26
C ALA B 420 14.15 11.43 -12.82
N THR B 421 15.10 11.67 -11.93
CA THR B 421 14.87 11.43 -10.52
C THR B 421 13.90 12.49 -10.00
N PRO B 422 13.07 12.15 -9.01
CA PRO B 422 12.08 13.12 -8.52
C PRO B 422 12.68 14.32 -7.81
N LYS B 423 13.93 14.24 -7.38
CA LYS B 423 14.60 15.45 -6.93
C LYS B 423 14.96 16.34 -8.12
N ASP B 424 15.28 15.73 -9.25
CA ASP B 424 15.63 16.51 -10.42
C ASP B 424 14.39 17.19 -10.99
N GLY B 425 13.36 16.41 -11.26
CA GLY B 425 11.98 16.86 -11.29
C GLY B 425 11.66 17.92 -12.31
N PRO B 426 11.45 19.15 -11.83
CA PRO B 426 11.11 20.25 -12.72
C PRO B 426 12.27 20.82 -13.51
N SER B 427 13.41 20.14 -13.55
CA SER B 427 14.31 20.32 -14.67
C SER B 427 13.60 19.92 -15.95
N ALA B 428 14.03 20.54 -17.05
CA ALA B 428 13.29 20.56 -18.31
C ALA B 428 11.85 21.01 -18.06
N GLY B 429 11.73 22.15 -17.44
CA GLY B 429 10.44 22.81 -17.34
C GLY B 429 10.22 23.66 -18.57
N ILE B 430 11.24 24.41 -19.01
CA ILE B 430 11.02 25.31 -20.13
C ILE B 430 10.99 24.59 -21.46
N ALA B 431 11.42 23.33 -21.47
CA ALA B 431 11.15 22.47 -22.61
C ALA B 431 9.65 22.33 -22.84
N MET B 432 8.87 22.30 -21.77
CA MET B 432 7.42 22.23 -21.91
C MET B 432 6.86 23.55 -22.42
N CYS B 433 7.47 24.67 -22.04
CA CYS B 433 6.96 25.96 -22.49
C CYS B 433 7.26 26.21 -23.96
N THR B 434 8.48 25.90 -24.39
CA THR B 434 8.79 26.00 -25.81
C THR B 434 8.04 24.94 -26.60
N ALA B 435 7.78 23.80 -25.99
CA ALA B 435 6.96 22.79 -26.66
C ALA B 435 5.52 23.25 -26.83
N LEU B 436 4.96 23.99 -25.86
CA LEU B 436 3.60 24.48 -26.03
C LEU B 436 3.51 25.64 -26.99
N VAL B 437 4.47 26.57 -26.94
CA VAL B 437 4.48 27.68 -27.89
C VAL B 437 4.64 27.15 -29.30
N SER B 438 5.49 26.14 -29.44
CA SER B 438 5.71 25.53 -30.74
C SER B 438 4.48 24.77 -31.21
N CYS B 439 3.79 24.10 -30.30
CA CYS B 439 2.63 23.32 -30.71
C CYS B 439 1.44 24.20 -31.03
N LEU B 440 1.32 25.36 -30.39
CA LEU B 440 0.22 26.25 -30.68
C LEU B 440 0.45 27.03 -31.96
N THR B 441 1.57 27.73 -32.06
CA THR B 441 1.76 28.57 -33.25
C THR B 441 2.21 27.77 -34.46
N GLY B 442 2.54 26.50 -34.32
CA GLY B 442 3.02 25.75 -35.46
C GLY B 442 4.41 26.12 -35.90
N ASN B 443 5.20 26.71 -35.01
CA ASN B 443 6.56 27.11 -35.34
C ASN B 443 7.50 25.96 -34.98
N PRO B 444 8.32 25.47 -35.90
CA PRO B 444 9.13 24.28 -35.61
C PRO B 444 10.28 24.58 -34.68
N VAL B 445 10.46 23.73 -33.68
CA VAL B 445 11.64 23.78 -32.82
C VAL B 445 12.83 23.21 -33.58
N ARG B 446 13.89 24.00 -33.72
CA ARG B 446 15.12 23.50 -34.32
C ARG B 446 15.74 22.44 -33.42
N ALA B 447 16.19 21.35 -34.05
CA ALA B 447 16.44 20.11 -33.33
C ALA B 447 17.93 19.86 -33.11
N ASP B 448 18.71 20.90 -32.92
CA ASP B 448 20.04 20.79 -32.35
C ASP B 448 20.17 21.73 -31.16
N VAL B 449 19.12 21.77 -30.35
CA VAL B 449 19.03 22.65 -29.19
C VAL B 449 18.66 21.77 -28.00
N ALA B 450 19.58 21.63 -27.05
CA ALA B 450 19.31 20.82 -25.87
C ALA B 450 18.95 21.72 -24.71
N MET B 451 17.68 22.09 -24.63
CA MET B 451 17.20 22.98 -23.60
C MET B 451 17.16 22.28 -22.25
N THR B 452 17.35 23.07 -21.19
CA THR B 452 17.07 22.61 -19.84
C THR B 452 16.68 23.82 -19.02
N GLY B 453 16.31 23.58 -17.76
CA GLY B 453 15.99 24.70 -16.90
C GLY B 453 14.81 24.43 -16.00
N GLU B 454 14.50 25.39 -15.15
CA GLU B 454 13.38 25.26 -14.24
C GLU B 454 12.64 26.59 -14.25
N ILE B 455 11.38 26.56 -14.64
CA ILE B 455 10.62 27.77 -14.92
C ILE B 455 9.87 28.20 -13.66
N THR B 456 9.68 29.51 -13.52
CA THR B 456 8.81 30.09 -12.51
C THR B 456 7.41 30.21 -13.08
N LEU B 457 6.53 30.94 -12.41
CA LEU B 457 5.29 31.30 -13.09
C LEU B 457 5.50 32.37 -14.12
N ARG B 458 6.20 33.43 -13.72
CA ARG B 458 6.02 34.64 -14.47
C ARG B 458 7.02 34.75 -15.63
N GLY B 459 7.99 33.84 -15.70
CA GLY B 459 8.89 33.90 -16.83
C GLY B 459 10.33 34.12 -16.45
N LEU B 460 10.75 33.57 -15.32
CA LEU B 460 12.16 33.55 -14.97
C LEU B 460 12.62 32.10 -14.89
N VAL B 461 13.91 31.88 -15.08
CA VAL B 461 14.46 30.55 -15.24
C VAL B 461 15.45 30.30 -14.12
N LEU B 462 15.12 29.37 -13.23
CA LEU B 462 15.84 29.13 -11.99
C LEU B 462 17.04 28.21 -12.21
N PRO B 463 17.99 28.16 -11.29
CA PRO B 463 19.13 27.25 -11.46
C PRO B 463 18.74 25.79 -11.32
N ILE B 464 19.66 24.93 -11.76
CA ILE B 464 19.54 23.48 -11.62
C ILE B 464 20.90 22.89 -11.32
N GLY B 465 20.90 21.77 -10.62
CA GLY B 465 22.12 21.09 -10.25
C GLY B 465 22.44 19.94 -11.18
N GLY B 466 23.67 19.47 -11.08
CA GLY B 466 24.12 18.37 -11.89
C GLY B 466 24.33 18.79 -13.32
N LEU B 467 24.98 19.94 -13.51
CA LEU B 467 25.15 20.46 -14.85
C LEU B 467 26.20 19.67 -15.63
N LYS B 468 27.08 18.95 -14.94
CA LYS B 468 28.14 18.25 -15.65
C LYS B 468 27.62 16.99 -16.33
N GLU B 469 26.68 16.28 -15.71
CA GLU B 469 26.08 15.13 -16.39
C GLU B 469 25.26 15.56 -17.59
N LYS B 470 24.51 16.65 -17.45
CA LYS B 470 23.72 17.13 -18.56
C LYS B 470 24.60 17.63 -19.70
N LEU B 471 25.75 18.21 -19.39
CA LEU B 471 26.61 18.62 -20.49
C LEU B 471 27.37 17.45 -21.11
N LEU B 472 27.71 16.42 -20.34
CA LEU B 472 28.34 15.27 -20.97
C LEU B 472 27.36 14.51 -21.85
N ALA B 473 26.11 14.41 -21.42
CA ALA B 473 25.12 13.78 -22.28
C ALA B 473 24.78 14.68 -23.46
N ALA B 474 24.86 15.99 -23.28
CA ALA B 474 24.59 16.88 -24.40
C ALA B 474 25.75 16.91 -25.38
N HIS B 475 26.94 16.53 -24.94
CA HIS B 475 28.04 16.43 -25.89
C HIS B 475 28.11 15.06 -26.55
N ARG B 476 27.78 14.02 -25.80
CA ARG B 476 27.99 12.66 -26.29
C ARG B 476 26.99 12.30 -27.36
N GLY B 477 25.81 12.88 -27.34
CA GLY B 477 24.87 12.73 -28.43
C GLY B 477 25.08 13.69 -29.57
N GLY B 478 26.12 14.50 -29.53
CA GLY B 478 26.40 15.36 -30.65
C GLY B 478 25.52 16.58 -30.78
N ILE B 479 24.81 16.98 -29.73
CA ILE B 479 24.08 18.24 -29.77
C ILE B 479 25.08 19.37 -29.74
N LYS B 480 24.83 20.43 -30.50
CA LYS B 480 25.84 21.48 -30.64
C LYS B 480 25.42 22.84 -30.10
N VAL B 481 24.22 22.98 -29.55
CA VAL B 481 23.77 24.22 -28.92
C VAL B 481 22.97 23.84 -27.69
N VAL B 482 23.37 24.36 -26.53
CA VAL B 482 22.73 24.03 -25.27
C VAL B 482 22.29 25.32 -24.61
N LEU B 483 21.07 25.35 -24.08
CA LEU B 483 20.56 26.48 -23.32
C LEU B 483 20.50 26.11 -21.85
N ILE B 484 21.23 26.84 -21.02
CA ILE B 484 21.24 26.61 -19.58
C ILE B 484 20.81 27.91 -18.92
N PRO B 485 20.38 27.87 -17.65
CA PRO B 485 19.99 29.12 -16.98
C PRO B 485 21.16 30.06 -16.76
N ASP B 486 20.82 31.31 -16.43
CA ASP B 486 21.85 32.33 -16.27
C ASP B 486 22.62 32.14 -14.99
N ASP B 487 21.96 31.70 -13.93
CA ASP B 487 22.63 31.56 -12.65
C ASP B 487 23.40 30.26 -12.52
N ASN B 488 23.72 29.60 -13.63
CA ASN B 488 24.75 28.58 -13.70
C ASN B 488 25.87 29.02 -14.62
N LYS B 489 26.29 30.28 -14.51
CA LYS B 489 27.61 30.66 -14.96
C LYS B 489 28.66 30.40 -13.90
N ARG B 490 28.30 29.68 -12.85
CA ARG B 490 29.17 29.40 -11.74
C ARG B 490 29.78 28.02 -11.86
N ASP B 491 28.95 27.00 -12.05
CA ASP B 491 29.47 25.67 -12.32
C ASP B 491 30.00 25.55 -13.73
N LEU B 492 29.63 26.47 -14.62
CA LEU B 492 30.00 26.41 -16.03
C LEU B 492 31.50 26.52 -16.22
N GLU B 493 32.20 27.23 -15.34
CA GLU B 493 33.65 27.29 -15.49
C GLU B 493 34.31 26.02 -14.98
N GLU B 494 33.67 25.30 -14.08
CA GLU B 494 34.28 24.14 -13.45
C GLU B 494 34.18 22.87 -14.28
N ILE B 495 33.51 22.88 -15.41
CA ILE B 495 33.63 21.76 -16.34
C ILE B 495 35.01 21.87 -16.95
N PRO B 496 35.89 20.93 -16.69
CA PRO B 496 37.32 21.18 -16.94
C PRO B 496 37.73 21.03 -18.39
N ASP B 497 37.09 20.11 -19.12
CA ASP B 497 37.65 19.62 -20.36
C ASP B 497 37.30 20.61 -21.47
N ASN B 498 37.52 20.22 -22.72
CA ASN B 498 37.12 21.04 -23.85
C ASN B 498 35.66 20.84 -24.24
N VAL B 499 34.85 20.33 -23.30
CA VAL B 499 33.40 20.25 -23.45
C VAL B 499 32.83 21.59 -23.84
N ILE B 500 33.28 22.65 -23.16
CA ILE B 500 32.83 23.99 -23.44
C ILE B 500 33.32 24.47 -24.80
N ALA B 501 34.47 23.95 -25.26
CA ALA B 501 35.16 24.51 -26.41
C ALA B 501 34.44 24.25 -27.72
N ASP B 502 33.54 23.28 -27.77
CA ASP B 502 32.84 22.95 -29.01
C ASP B 502 31.36 22.70 -28.78
N LEU B 503 30.69 23.54 -28.01
CA LEU B 503 29.32 23.27 -27.63
C LEU B 503 28.42 24.49 -27.70
N GLU B 504 28.99 25.69 -27.80
CA GLU B 504 28.28 26.97 -27.94
C GLU B 504 27.29 27.17 -26.80
N ILE B 505 27.73 26.85 -25.59
CA ILE B 505 26.92 27.03 -24.39
C ILE B 505 26.73 28.52 -24.17
N HIS B 506 25.47 28.95 -24.12
CA HIS B 506 25.26 30.30 -23.70
C HIS B 506 24.00 30.41 -22.86
N PRO B 507 24.09 31.02 -21.69
CA PRO B 507 22.95 31.06 -20.78
C PRO B 507 21.88 32.04 -21.25
N VAL B 508 20.72 31.89 -20.63
CA VAL B 508 19.58 32.77 -20.79
C VAL B 508 19.00 33.00 -19.41
N LYS B 509 18.15 34.00 -19.30
CA LYS B 509 17.49 34.17 -18.02
C LYS B 509 15.98 34.27 -18.11
N ARG B 510 15.45 34.90 -19.14
CA ARG B 510 14.01 35.02 -19.31
C ARG B 510 13.52 34.01 -20.33
N ILE B 511 12.21 33.89 -20.44
CA ILE B 511 11.64 32.98 -21.42
C ILE B 511 11.71 33.59 -22.81
N ASP B 512 11.90 34.90 -22.91
CA ASP B 512 11.95 35.52 -24.22
C ASP B 512 13.28 35.31 -24.90
N ASP B 513 14.35 35.07 -24.15
CA ASP B 513 15.58 34.66 -24.79
C ASP B 513 15.52 33.22 -25.25
N VAL B 514 14.69 32.40 -24.61
CA VAL B 514 14.50 31.03 -25.08
C VAL B 514 13.67 31.00 -26.35
N LEU B 515 12.54 31.73 -26.36
CA LEU B 515 11.69 31.73 -27.54
C LEU B 515 12.31 32.45 -28.73
N ALA B 516 13.31 33.29 -28.50
CA ALA B 516 13.95 33.93 -29.63
C ALA B 516 14.98 33.03 -30.30
N ILE B 517 15.41 31.97 -29.64
CA ILE B 517 16.52 31.16 -30.11
C ILE B 517 16.07 29.76 -30.51
N ALA B 518 15.35 29.07 -29.63
CA ALA B 518 15.06 27.67 -29.88
C ALA B 518 13.96 27.45 -30.91
N LEU B 519 13.29 28.50 -31.36
CA LEU B 519 12.39 28.38 -32.49
C LEU B 519 13.11 28.86 -33.74
N GLU B 520 12.80 28.26 -34.89
CA GLU B 520 13.44 28.68 -36.13
C GLU B 520 12.63 29.74 -36.87
N HIS B 521 11.80 30.50 -36.18
CA HIS B 521 11.21 31.72 -36.69
C HIS B 521 11.27 32.77 -35.61
N PRO B 522 11.25 34.05 -35.97
CA PRO B 522 11.05 35.09 -34.97
C PRO B 522 9.62 35.05 -34.43
N ALA B 523 9.44 35.64 -33.25
CA ALA B 523 8.13 35.70 -32.64
C ALA B 523 7.97 36.95 -31.78
N ALA C 1 46.98 -54.67 -0.49
CA ALA C 1 45.57 -54.60 -0.85
C ALA C 1 45.39 -53.72 -2.08
N LEU C 2 44.73 -52.58 -1.91
CA LEU C 2 44.44 -51.64 -2.98
C LEU C 2 45.56 -50.62 -3.19
N LYS C 3 46.79 -50.95 -2.78
CA LYS C 3 47.89 -50.02 -2.91
C LYS C 3 48.32 -49.86 -4.37
N ARG C 4 48.06 -50.86 -5.20
CA ARG C 4 48.53 -50.81 -6.57
C ARG C 4 47.65 -49.94 -7.46
N LYS C 5 46.46 -49.57 -6.99
CA LYS C 5 45.59 -48.74 -7.80
C LYS C 5 46.05 -47.29 -7.82
N ILE C 6 46.45 -46.76 -6.66
CA ILE C 6 46.85 -45.37 -6.51
C ILE C 6 48.36 -45.27 -6.67
N GLU C 7 48.96 -46.32 -7.23
CA GLU C 7 50.40 -46.44 -7.25
C GLU C 7 51.03 -45.48 -8.26
N ALA C 8 50.69 -45.61 -9.53
CA ALA C 8 51.24 -44.78 -10.59
C ALA C 8 50.15 -43.95 -11.26
N ALA C 9 49.25 -43.38 -10.45
CA ALA C 9 48.18 -42.55 -10.98
C ALA C 9 48.60 -41.11 -11.21
N LYS C 10 49.77 -40.71 -10.71
CA LYS C 10 50.23 -39.31 -10.63
C LYS C 10 49.17 -38.43 -9.97
N MET C 11 48.56 -38.96 -8.92
CA MET C 11 47.62 -38.22 -8.12
C MET C 11 48.36 -37.13 -7.36
N PRO C 12 47.72 -35.99 -7.10
CA PRO C 12 48.32 -34.98 -6.21
C PRO C 12 48.57 -35.54 -4.82
N LYS C 13 49.55 -34.94 -4.15
CA LYS C 13 50.06 -35.45 -2.87
C LYS C 13 48.99 -35.40 -1.79
N ASP C 14 48.17 -34.33 -1.79
CA ASP C 14 47.11 -34.15 -0.80
C ASP C 14 46.11 -35.30 -0.84
N ALA C 15 45.60 -35.60 -2.03
CA ALA C 15 44.74 -36.75 -2.22
C ALA C 15 45.45 -38.06 -1.96
N ARG C 16 46.78 -38.09 -2.05
CA ARG C 16 47.49 -39.32 -1.69
C ARG C 16 47.57 -39.54 -0.19
N GLU C 17 47.69 -38.48 0.62
CA GLU C 17 47.56 -38.77 2.05
C GLU C 17 46.11 -38.94 2.47
N LYS C 18 45.16 -38.45 1.67
CA LYS C 18 43.77 -38.84 1.89
C LYS C 18 43.59 -40.34 1.69
N THR C 19 43.89 -40.82 0.48
CA THR C 19 43.61 -42.20 0.11
C THR C 19 44.48 -43.16 0.91
N GLU C 20 45.74 -42.78 1.16
CA GLU C 20 46.57 -43.56 2.06
C GLU C 20 46.10 -43.47 3.50
N ALA C 21 45.42 -42.39 3.88
CA ALA C 21 44.90 -42.30 5.25
C ALA C 21 43.76 -43.29 5.45
N GLU C 22 42.82 -43.36 4.50
CA GLU C 22 41.83 -44.43 4.66
C GLU C 22 42.34 -45.79 4.20
N LEU C 23 43.54 -45.89 3.65
CA LEU C 23 44.13 -47.20 3.40
C LEU C 23 44.73 -47.77 4.68
N GLN C 24 45.48 -46.94 5.41
CA GLN C 24 45.97 -47.37 6.71
C GLN C 24 44.82 -47.50 7.71
N LYS C 25 43.73 -46.78 7.50
CA LYS C 25 42.51 -47.10 8.23
C LYS C 25 41.95 -48.44 7.76
N LEU C 26 42.05 -48.74 6.47
CA LEU C 26 41.51 -49.99 5.93
C LEU C 26 42.28 -51.20 6.41
N LYS C 27 43.51 -51.02 6.89
CA LYS C 27 44.23 -52.09 7.58
C LYS C 27 43.51 -52.53 8.85
N MET C 28 42.75 -51.64 9.48
CA MET C 28 42.20 -51.87 10.82
C MET C 28 40.69 -51.69 10.81
N MET C 29 40.02 -52.32 9.86
CA MET C 29 38.56 -52.38 9.85
C MET C 29 38.15 -53.71 9.23
N SER C 30 37.02 -54.24 9.71
CA SER C 30 36.55 -55.52 9.22
C SER C 30 35.98 -55.35 7.80
N PRO C 31 36.40 -56.19 6.84
CA PRO C 31 35.94 -56.00 5.45
C PRO C 31 34.45 -56.24 5.23
N MET C 32 33.73 -56.84 6.18
CA MET C 32 32.30 -57.00 6.07
C MET C 32 31.54 -55.93 6.86
N SER C 33 32.24 -55.06 7.58
CA SER C 33 31.59 -54.05 8.38
C SER C 33 31.08 -52.91 7.50
N ALA C 34 30.02 -52.24 7.98
CA ALA C 34 29.41 -51.16 7.22
C ALA C 34 30.34 -49.95 7.13
N GLU C 35 31.21 -49.77 8.12
CA GLU C 35 32.20 -48.71 8.07
C GLU C 35 33.18 -48.93 6.93
N ALA C 36 33.52 -50.19 6.64
CA ALA C 36 34.34 -50.47 5.47
C ALA C 36 33.58 -50.26 4.18
N THR C 37 32.25 -50.43 4.21
CA THR C 37 31.45 -50.17 3.03
C THR C 37 31.41 -48.68 2.72
N VAL C 38 31.30 -47.85 3.75
CA VAL C 38 31.31 -46.41 3.55
C VAL C 38 32.69 -45.93 3.13
N VAL C 39 33.74 -46.46 3.75
CA VAL C 39 35.10 -46.02 3.45
C VAL C 39 35.52 -46.45 2.04
N ARG C 40 35.20 -47.69 1.64
CA ARG C 40 35.35 -48.07 0.24
C ARG C 40 34.48 -47.21 -0.67
N GLY C 41 33.32 -46.78 -0.18
CA GLY C 41 32.51 -45.78 -0.86
C GLY C 41 33.14 -44.40 -0.91
N TYR C 42 34.24 -44.18 -0.19
CA TYR C 42 35.04 -42.98 -0.36
C TYR C 42 36.33 -43.23 -1.15
N ILE C 43 36.78 -44.48 -1.24
CA ILE C 43 37.93 -44.82 -2.05
C ILE C 43 37.56 -44.86 -3.52
N ASP C 44 36.34 -45.31 -3.81
CA ASP C 44 35.89 -45.48 -5.20
C ASP C 44 35.81 -44.16 -5.94
N TRP C 45 35.46 -43.09 -5.25
CA TRP C 45 35.33 -41.80 -5.89
C TRP C 45 36.64 -41.02 -5.90
N MET C 46 37.75 -41.66 -5.55
CA MET C 46 39.06 -41.07 -5.76
C MET C 46 39.92 -41.90 -6.69
N LEU C 47 39.44 -43.06 -7.12
CA LEU C 47 40.07 -43.81 -8.19
C LEU C 47 39.44 -43.55 -9.54
N GLN C 48 38.37 -42.75 -9.59
CA GLN C 48 37.66 -42.49 -10.84
C GLN C 48 37.86 -41.09 -11.39
N VAL C 49 38.18 -40.12 -10.55
CA VAL C 49 38.32 -38.74 -11.02
C VAL C 49 39.66 -38.60 -11.75
N PRO C 50 39.67 -38.05 -12.95
CA PRO C 50 40.92 -37.94 -13.72
C PRO C 50 41.84 -36.84 -13.24
N TRP C 51 42.72 -37.14 -12.29
CA TRP C 51 43.70 -36.19 -11.80
C TRP C 51 44.78 -35.86 -12.83
N ASN C 52 44.82 -36.58 -13.94
CA ASN C 52 45.74 -36.35 -15.04
C ASN C 52 45.04 -36.81 -16.32
N SER C 53 45.85 -37.09 -17.36
CA SER C 53 45.41 -37.62 -18.65
C SER C 53 44.47 -36.65 -19.37
N ARG C 54 45.05 -35.52 -19.77
CA ARG C 54 44.38 -34.62 -20.68
C ARG C 54 44.19 -35.28 -22.03
N SER C 55 43.11 -34.91 -22.71
CA SER C 55 42.92 -35.26 -24.11
C SER C 55 43.25 -34.05 -24.97
N LYS C 56 44.00 -34.29 -26.04
CA LYS C 56 44.56 -33.20 -26.83
C LYS C 56 43.48 -32.48 -27.61
N VAL C 57 43.78 -31.25 -28.01
CA VAL C 57 42.89 -30.45 -28.83
C VAL C 57 43.51 -30.27 -30.21
N LYS C 58 42.70 -29.83 -31.15
CA LYS C 58 43.16 -29.58 -32.50
C LYS C 58 43.32 -28.09 -32.72
N LYS C 59 44.36 -27.72 -33.45
CA LYS C 59 44.74 -26.32 -33.59
C LYS C 59 44.23 -25.67 -34.86
N ASP C 60 44.01 -26.43 -35.93
CA ASP C 60 43.61 -25.86 -37.19
C ASP C 60 42.18 -25.34 -37.11
N LEU C 61 41.91 -24.29 -37.89
CA LEU C 61 40.56 -23.81 -38.08
C LEU C 61 40.01 -24.10 -39.46
N VAL C 62 40.81 -24.70 -40.35
CA VAL C 62 40.28 -25.10 -41.64
C VAL C 62 39.33 -26.27 -41.49
N LYS C 63 39.81 -27.36 -40.90
CA LYS C 63 38.93 -28.49 -40.72
C LYS C 63 37.96 -28.31 -39.57
N ALA C 64 38.15 -27.29 -38.73
CA ALA C 64 37.09 -26.91 -37.81
C ALA C 64 35.92 -26.26 -38.56
N GLN C 65 36.25 -25.38 -39.51
CA GLN C 65 35.25 -24.84 -40.43
C GLN C 65 34.55 -25.94 -41.20
N GLU C 66 35.30 -26.98 -41.60
CA GLU C 66 34.68 -28.09 -42.31
C GLU C 66 33.77 -28.89 -41.41
N VAL C 67 34.22 -29.16 -40.18
CA VAL C 67 33.47 -30.07 -39.33
C VAL C 67 32.27 -29.39 -38.69
N LEU C 68 32.22 -28.06 -38.71
CA LEU C 68 30.93 -27.45 -38.39
C LEU C 68 30.00 -27.49 -39.59
N ASP C 69 30.55 -27.48 -40.80
CA ASP C 69 29.74 -27.51 -42.01
C ASP C 69 29.50 -28.93 -42.52
N THR C 70 29.50 -29.92 -41.62
CA THR C 70 29.10 -31.26 -42.00
C THR C 70 27.87 -31.74 -41.27
N ASP C 71 27.39 -31.00 -40.28
CA ASP C 71 26.17 -31.35 -39.58
C ASP C 71 25.17 -30.23 -39.49
N HIS C 72 25.44 -29.08 -40.07
CA HIS C 72 24.54 -27.95 -39.95
C HIS C 72 24.56 -27.13 -41.23
N TYR C 73 23.39 -26.72 -41.68
CA TYR C 73 23.34 -25.95 -42.92
C TYR C 73 23.33 -24.45 -42.66
N GLY C 74 22.30 -23.96 -42.00
CA GLY C 74 22.02 -22.55 -42.04
C GLY C 74 22.54 -21.71 -40.89
N LEU C 75 23.75 -21.98 -40.45
CA LEU C 75 24.36 -21.20 -39.39
C LEU C 75 25.54 -20.46 -40.02
N GLU C 76 25.42 -19.15 -40.13
CA GLU C 76 26.37 -18.34 -40.88
C GLU C 76 27.12 -17.37 -39.98
N ARG C 77 26.40 -16.53 -39.25
CA ARG C 77 27.07 -15.70 -38.27
C ARG C 77 27.53 -16.53 -37.09
N VAL C 78 26.81 -17.62 -36.79
CA VAL C 78 27.08 -18.36 -35.58
C VAL C 78 28.34 -19.19 -35.72
N LYS C 79 28.52 -19.84 -36.87
CA LYS C 79 29.75 -20.60 -37.09
C LYS C 79 30.95 -19.69 -37.19
N ASP C 80 30.78 -18.49 -37.73
CA ASP C 80 31.82 -17.48 -37.65
C ASP C 80 32.15 -17.14 -36.21
N ARG C 81 31.13 -17.05 -35.36
CA ARG C 81 31.33 -16.66 -33.98
C ARG C 81 32.04 -17.75 -33.17
N ILE C 82 31.65 -19.01 -33.37
CA ILE C 82 32.29 -20.11 -32.69
C ILE C 82 33.71 -20.29 -33.21
N LEU C 83 33.95 -20.01 -34.48
CA LEU C 83 35.33 -20.07 -34.95
C LEU C 83 36.15 -18.88 -34.48
N GLU C 84 35.52 -17.76 -34.12
CA GLU C 84 36.25 -16.73 -33.40
C GLU C 84 36.68 -17.25 -32.05
N TYR C 85 35.75 -17.87 -31.33
CA TYR C 85 36.06 -18.34 -29.98
C TYR C 85 37.08 -19.46 -30.00
N LEU C 86 37.12 -20.25 -31.06
CA LEU C 86 38.15 -21.25 -31.17
C LEU C 86 39.41 -20.73 -31.84
N ALA C 87 39.37 -19.52 -32.38
CA ALA C 87 40.62 -18.88 -32.77
C ALA C 87 41.37 -18.39 -31.54
N VAL C 88 40.65 -17.71 -30.66
CA VAL C 88 41.24 -17.27 -29.40
C VAL C 88 41.60 -18.47 -28.53
N GLN C 89 40.73 -19.49 -28.54
CA GLN C 89 41.06 -20.75 -27.88
C GLN C 89 42.20 -21.48 -28.57
N SER C 90 42.44 -21.21 -29.85
CA SER C 90 43.57 -21.83 -30.52
C SER C 90 44.89 -21.25 -30.04
N ARG C 91 45.05 -19.92 -30.13
CA ARG C 91 46.37 -19.38 -29.81
C ARG C 91 46.60 -19.31 -28.30
N VAL C 92 45.69 -18.68 -27.56
CA VAL C 92 45.74 -18.71 -26.10
C VAL C 92 45.50 -20.14 -25.63
N SER C 93 46.33 -20.62 -24.71
CA SER C 93 46.21 -22.00 -24.25
C SER C 93 44.95 -22.23 -23.45
N LYS C 94 44.47 -21.22 -22.73
CA LYS C 94 43.37 -21.41 -21.78
C LYS C 94 42.67 -20.07 -21.60
N ILE C 95 41.51 -19.91 -22.22
CA ILE C 95 40.75 -18.68 -22.04
C ILE C 95 40.19 -18.67 -20.63
N LYS C 96 40.50 -17.61 -19.88
CA LYS C 96 39.94 -17.44 -18.55
C LYS C 96 38.77 -16.48 -18.55
N GLY C 97 38.40 -15.95 -19.71
CA GLY C 97 37.33 -14.99 -19.80
C GLY C 97 35.95 -15.61 -19.72
N PRO C 98 34.97 -14.97 -20.34
CA PRO C 98 33.58 -15.44 -20.24
C PRO C 98 33.29 -16.69 -21.05
N ILE C 99 32.03 -17.08 -21.11
CA ILE C 99 31.61 -18.40 -21.56
C ILE C 99 30.68 -18.24 -22.75
N LEU C 100 30.84 -19.10 -23.77
CA LEU C 100 29.89 -19.16 -24.86
C LEU C 100 28.51 -19.50 -24.34
N CYS C 101 27.53 -18.68 -24.70
CA CYS C 101 26.14 -18.93 -24.36
C CYS C 101 25.31 -19.01 -25.63
N LEU C 102 24.38 -19.94 -25.67
CA LEU C 102 23.58 -20.20 -26.86
C LEU C 102 22.13 -20.03 -26.48
N VAL C 103 21.50 -18.96 -26.95
CA VAL C 103 20.12 -18.67 -26.60
C VAL C 103 19.30 -18.68 -27.88
N GLY C 104 18.30 -19.55 -27.93
CA GLY C 104 17.41 -19.59 -29.06
C GLY C 104 16.07 -20.22 -28.71
N PRO C 105 15.13 -20.13 -29.62
CA PRO C 105 13.84 -20.79 -29.42
C PRO C 105 14.01 -22.29 -29.47
N PRO C 106 13.13 -23.05 -28.81
CA PRO C 106 13.31 -24.51 -28.72
C PRO C 106 13.10 -25.20 -30.05
N GLY C 107 14.16 -25.77 -30.59
CA GLY C 107 14.04 -26.39 -31.89
C GLY C 107 15.24 -26.19 -32.78
N VAL C 108 15.94 -25.08 -32.65
CA VAL C 108 17.15 -24.89 -33.44
C VAL C 108 18.26 -25.73 -32.83
N GLY C 109 19.34 -25.91 -33.55
CA GLY C 109 20.34 -26.87 -33.11
C GLY C 109 21.23 -26.47 -31.96
N LYS C 110 20.67 -25.99 -30.85
CA LYS C 110 21.53 -25.52 -29.78
C LYS C 110 22.08 -26.68 -28.96
N THR C 111 21.49 -27.86 -29.07
CA THR C 111 22.09 -29.01 -28.41
C THR C 111 23.11 -29.68 -29.31
N SER C 112 22.83 -29.77 -30.61
CA SER C 112 23.73 -30.41 -31.55
C SER C 112 25.03 -29.66 -31.74
N LEU C 113 25.07 -28.36 -31.43
CA LEU C 113 26.33 -27.67 -31.44
C LEU C 113 27.26 -28.14 -30.33
N GLY C 114 26.73 -28.73 -29.27
CA GLY C 114 27.60 -29.41 -28.31
C GLY C 114 28.29 -30.60 -28.92
N GLN C 115 27.57 -31.36 -29.75
CA GLN C 115 28.17 -32.46 -30.48
C GLN C 115 29.22 -31.95 -31.45
N SER C 116 28.90 -30.87 -32.16
CA SER C 116 29.78 -30.45 -33.23
C SER C 116 31.03 -29.77 -32.70
N ILE C 117 30.90 -28.99 -31.63
CA ILE C 117 32.09 -28.42 -31.02
C ILE C 117 32.92 -29.52 -30.37
N ALA C 118 32.23 -30.53 -29.82
CA ALA C 118 32.90 -31.66 -29.17
C ALA C 118 33.77 -32.42 -30.14
N LYS C 119 33.25 -32.74 -31.32
CA LYS C 119 34.10 -33.31 -32.35
C LYS C 119 34.67 -32.26 -33.29
N ALA C 120 34.75 -31.01 -32.84
CA ALA C 120 35.47 -29.98 -33.55
C ALA C 120 36.82 -29.68 -32.93
N THR C 121 36.87 -29.50 -31.61
CA THR C 121 38.17 -29.30 -30.99
C THR C 121 38.87 -30.63 -30.77
N GLY C 122 38.14 -31.62 -30.30
CA GLY C 122 38.70 -32.93 -30.04
C GLY C 122 38.29 -33.46 -28.69
N ARG C 123 37.75 -32.59 -27.84
CA ARG C 123 37.46 -32.97 -26.47
C ARG C 123 36.16 -33.77 -26.40
N GLN C 124 35.74 -34.11 -25.19
CA GLN C 124 34.66 -35.05 -24.96
C GLN C 124 33.38 -34.34 -24.56
N TYR C 125 32.25 -34.91 -24.95
CA TYR C 125 30.95 -34.32 -24.70
C TYR C 125 30.35 -34.88 -23.42
N VAL C 126 29.82 -34.00 -22.56
CA VAL C 126 29.07 -34.37 -21.37
C VAL C 126 27.93 -33.38 -21.20
N ARG C 127 26.70 -33.88 -21.08
CA ARG C 127 25.52 -33.03 -20.93
C ARG C 127 24.99 -33.12 -19.51
N MET C 128 24.65 -31.97 -18.94
CA MET C 128 24.15 -31.86 -17.57
C MET C 128 22.95 -30.94 -17.54
N ALA C 129 21.75 -31.51 -17.62
CA ALA C 129 20.55 -30.70 -17.62
C ALA C 129 20.26 -30.18 -16.22
N LEU C 130 19.33 -29.22 -16.15
CA LEU C 130 18.97 -28.61 -14.88
C LEU C 130 17.45 -28.45 -14.81
N GLY C 131 16.92 -28.60 -13.60
CA GLY C 131 15.50 -28.50 -13.37
C GLY C 131 15.15 -28.27 -11.91
N ARG C 143 28.57 -34.20 0.17
CA ARG C 143 28.28 -34.29 1.60
C ARG C 143 28.32 -35.72 2.04
N ARG C 144 28.40 -35.94 3.35
CA ARG C 144 28.42 -37.28 3.92
C ARG C 144 27.12 -37.51 4.68
N THR C 145 26.39 -38.56 4.28
CA THR C 145 25.09 -39.03 4.80
C THR C 145 24.11 -37.96 5.27
N ILE C 147 23.60 -42.95 5.44
CA ILE C 147 22.67 -43.57 4.51
C ILE C 147 23.40 -43.92 3.22
N GLY C 148 24.54 -43.30 3.01
CA GLY C 148 25.27 -43.52 1.77
C GLY C 148 24.92 -42.45 0.76
N SER C 149 25.83 -41.51 0.56
CA SER C 149 25.59 -40.37 -0.32
C SER C 149 26.60 -40.33 -1.43
N MET C 150 26.12 -40.06 -2.64
CA MET C 150 26.94 -39.89 -3.81
C MET C 150 27.72 -38.59 -3.72
N PRO C 151 28.74 -38.40 -4.55
CA PRO C 151 29.41 -37.09 -4.59
C PRO C 151 28.59 -36.00 -5.27
N GLY C 152 29.23 -34.86 -5.49
CA GLY C 152 28.60 -33.80 -6.25
C GLY C 152 28.30 -34.20 -7.68
N LYS C 153 27.34 -33.48 -8.26
CA LYS C 153 26.80 -33.83 -9.57
C LYS C 153 27.86 -33.66 -10.65
N LEU C 154 28.61 -32.57 -10.56
CA LEU C 154 29.57 -32.22 -11.59
C LEU C 154 30.73 -33.19 -11.59
N ILE C 155 31.23 -33.53 -10.40
CA ILE C 155 32.32 -34.50 -10.33
C ILE C 155 31.81 -35.91 -10.60
N GLN C 156 30.49 -36.13 -10.46
CA GLN C 156 29.92 -37.38 -10.94
C GLN C 156 30.01 -37.46 -12.45
N LYS C 157 29.81 -36.33 -13.13
CA LYS C 157 29.99 -36.32 -14.58
C LYS C 157 31.46 -36.37 -14.97
N MET C 158 32.35 -35.78 -14.17
CA MET C 158 33.77 -35.86 -14.47
C MET C 158 34.28 -37.27 -14.27
N ALA C 159 33.66 -38.02 -13.37
CA ALA C 159 33.93 -39.45 -13.29
C ALA C 159 33.27 -40.19 -14.43
N LYS C 160 32.17 -39.64 -14.94
CA LYS C 160 31.44 -40.32 -16.02
C LYS C 160 32.23 -40.31 -17.32
N VAL C 161 32.87 -39.19 -17.65
CA VAL C 161 33.70 -39.21 -18.85
C VAL C 161 35.10 -39.70 -18.53
N GLY C 162 35.66 -39.30 -17.39
CA GLY C 162 37.01 -39.68 -17.05
C GLY C 162 38.05 -39.04 -17.95
N VAL C 163 38.03 -37.71 -18.08
CA VAL C 163 39.10 -36.98 -18.73
C VAL C 163 39.12 -35.57 -18.14
N LYS C 164 40.28 -34.93 -18.24
CA LYS C 164 40.50 -33.67 -17.53
C LYS C 164 39.86 -32.49 -18.24
N ASN C 165 39.72 -32.55 -19.55
CA ASN C 165 39.31 -31.40 -20.37
C ASN C 165 38.09 -31.72 -21.23
N PRO C 166 36.90 -31.76 -20.64
CA PRO C 166 35.70 -32.11 -21.40
C PRO C 166 35.10 -30.87 -22.05
N LEU C 167 34.04 -31.09 -22.83
CA LEU C 167 33.16 -30.00 -23.26
C LEU C 167 31.90 -30.11 -22.43
N PHE C 168 31.98 -29.63 -21.20
CA PHE C 168 30.94 -29.87 -20.24
C PHE C 168 29.81 -28.88 -20.50
N LEU C 169 28.73 -29.34 -21.12
CA LEU C 169 27.61 -28.47 -21.35
C LEU C 169 26.83 -28.19 -20.07
N LEU C 170 25.99 -27.17 -20.13
CA LEU C 170 25.12 -26.79 -19.03
C LEU C 170 23.80 -26.37 -19.66
N ASP C 171 22.89 -27.31 -19.85
CA ASP C 171 21.67 -26.97 -20.56
C ASP C 171 20.64 -26.37 -19.64
N GLU C 172 19.89 -25.41 -20.19
CA GLU C 172 18.62 -24.93 -19.66
C GLU C 172 18.79 -24.29 -18.29
N ILE C 173 19.57 -23.22 -18.26
CA ILE C 173 19.71 -22.43 -17.04
C ILE C 173 18.41 -21.72 -16.73
N ASP C 174 17.62 -21.40 -17.76
CA ASP C 174 16.33 -20.74 -17.55
C ASP C 174 15.35 -21.65 -16.81
N LYS C 175 15.49 -22.96 -16.94
CA LYS C 175 14.61 -23.89 -16.24
C LYS C 175 15.15 -24.29 -14.88
N MET C 176 15.89 -23.42 -14.23
CA MET C 176 16.44 -23.73 -12.92
C MET C 176 15.85 -22.82 -11.84
N PRO C 184 20.97 -23.25 -6.13
CA PRO C 184 20.75 -23.19 -7.57
C PRO C 184 21.80 -22.34 -8.29
N ALA C 185 21.50 -21.06 -8.55
CA ALA C 185 22.48 -20.17 -9.16
C ALA C 185 23.64 -19.89 -8.21
N SER C 186 23.39 -20.00 -6.90
CA SER C 186 24.43 -19.91 -5.90
C SER C 186 25.46 -21.02 -6.01
N ALA C 187 25.08 -22.15 -6.59
CA ALA C 187 26.00 -23.28 -6.66
C ALA C 187 27.06 -23.10 -7.72
N LEU C 188 26.68 -22.64 -8.90
CA LEU C 188 27.55 -22.79 -10.06
C LEU C 188 28.17 -21.49 -10.54
N LEU C 189 27.92 -20.36 -9.88
CA LEU C 189 28.62 -19.15 -10.30
C LEU C 189 30.08 -19.18 -9.85
N GLU C 190 30.39 -20.00 -8.85
CA GLU C 190 31.77 -20.29 -8.49
C GLU C 190 32.37 -21.39 -9.35
N VAL C 191 31.60 -21.92 -10.30
CA VAL C 191 32.12 -22.87 -11.27
C VAL C 191 32.50 -22.15 -12.58
N LEU C 192 32.01 -20.93 -12.79
CA LEU C 192 32.27 -20.18 -14.01
C LEU C 192 33.31 -19.07 -13.85
N ASP C 193 33.93 -18.94 -12.68
CA ASP C 193 34.84 -17.82 -12.49
C ASP C 193 36.30 -18.26 -12.50
N PRO C 194 37.20 -17.49 -13.11
CA PRO C 194 38.56 -17.98 -13.35
C PRO C 194 39.43 -18.00 -12.10
N GLU C 195 39.10 -17.20 -11.09
CA GLU C 195 39.90 -17.10 -9.90
C GLU C 195 39.41 -18.01 -8.78
N GLN C 196 38.36 -18.79 -9.01
CA GLN C 196 37.94 -19.84 -8.10
C GLN C 196 37.96 -21.22 -8.73
N ASN C 197 38.14 -21.33 -10.04
CA ASN C 197 38.14 -22.63 -10.68
C ASN C 197 39.51 -23.28 -10.73
N VAL C 198 40.54 -22.63 -10.18
CA VAL C 198 41.81 -23.31 -10.05
C VAL C 198 41.75 -24.32 -8.91
N ALA C 199 40.81 -24.14 -7.98
CA ALA C 199 40.63 -25.06 -6.87
C ALA C 199 39.27 -24.82 -6.26
N PHE C 200 38.44 -25.87 -6.20
CA PHE C 200 37.29 -25.87 -5.31
C PHE C 200 36.98 -27.33 -5.00
N ASN C 201 36.12 -27.54 -4.02
CA ASN C 201 35.73 -28.89 -3.64
C ASN C 201 34.27 -28.95 -3.25
N ASP C 202 33.60 -29.99 -3.71
CA ASP C 202 32.24 -30.26 -3.26
C ASP C 202 32.32 -30.87 -1.86
N HIS C 203 31.17 -30.91 -1.19
CA HIS C 203 31.11 -31.32 0.21
C HIS C 203 31.42 -32.78 0.43
N TYR C 204 31.55 -33.59 -0.62
CA TYR C 204 31.83 -35.01 -0.45
C TYR C 204 33.32 -35.27 -0.26
N LEU C 205 34.13 -34.96 -1.26
CA LEU C 205 35.53 -35.37 -1.20
C LEU C 205 36.39 -34.44 -0.37
N GLU C 206 35.94 -33.20 -0.13
CA GLU C 206 36.60 -32.11 0.57
C GLU C 206 38.08 -31.92 0.21
N VAL C 207 38.44 -32.21 -1.03
CA VAL C 207 39.77 -31.99 -1.58
C VAL C 207 39.62 -31.12 -2.81
N ASP C 208 40.36 -30.01 -2.83
CA ASP C 208 40.15 -28.99 -3.85
C ASP C 208 40.53 -29.49 -5.24
N TYR C 209 39.62 -29.30 -6.19
CA TYR C 209 39.78 -29.85 -7.53
C TYR C 209 39.69 -28.75 -8.54
N ASP C 210 40.67 -28.69 -9.44
CA ASP C 210 40.68 -27.68 -10.49
C ASP C 210 39.64 -27.97 -11.55
N LEU C 211 39.14 -26.91 -12.16
CA LEU C 211 38.37 -27.00 -13.38
C LEU C 211 38.93 -26.04 -14.42
N SER C 212 40.21 -25.73 -14.33
CA SER C 212 40.87 -25.05 -15.43
C SER C 212 40.97 -26.02 -16.60
N ASP C 213 41.11 -25.45 -17.80
CA ASP C 213 41.13 -26.17 -19.09
C ASP C 213 39.84 -26.97 -19.28
N VAL C 214 38.71 -26.47 -18.79
CA VAL C 214 37.44 -27.16 -18.88
C VAL C 214 36.46 -26.22 -19.56
N MET C 215 36.22 -26.46 -20.84
CA MET C 215 35.54 -25.50 -21.71
C MET C 215 34.03 -25.63 -21.51
N PHE C 216 33.44 -24.69 -20.78
CA PHE C 216 32.01 -24.70 -20.52
C PHE C 216 31.27 -24.00 -21.65
N VAL C 217 30.09 -24.53 -21.99
CA VAL C 217 29.18 -23.93 -22.95
C VAL C 217 27.78 -24.14 -22.42
N ALA C 218 27.01 -23.08 -22.23
CA ALA C 218 25.72 -23.21 -21.59
C ALA C 218 24.61 -22.64 -22.46
N THR C 219 23.52 -23.39 -22.57
CA THR C 219 22.41 -23.04 -23.44
C THR C 219 21.16 -22.75 -22.62
N SER C 220 20.21 -22.06 -23.24
CA SER C 220 18.94 -21.72 -22.61
C SER C 220 17.91 -21.47 -23.69
N ASN C 221 16.67 -21.27 -23.28
CA ASN C 221 15.62 -20.86 -24.20
C ASN C 221 15.19 -19.42 -24.00
N SER C 222 15.91 -18.66 -23.19
CA SER C 222 15.64 -17.24 -23.04
C SER C 222 16.89 -16.55 -22.56
N MET C 223 16.79 -15.23 -22.39
CA MET C 223 17.79 -14.47 -21.69
C MET C 223 17.26 -13.95 -20.36
N ASN C 224 16.45 -14.77 -19.70
CA ASN C 224 16.11 -14.57 -18.29
C ASN C 224 17.02 -15.36 -17.38
N ILE C 225 18.26 -15.56 -17.79
CA ILE C 225 19.35 -16.06 -16.95
C ILE C 225 19.50 -15.12 -15.76
N PRO C 226 19.68 -15.63 -14.54
CA PRO C 226 19.85 -14.74 -13.38
C PRO C 226 21.10 -13.88 -13.48
N ALA C 227 21.03 -12.71 -12.83
CA ALA C 227 22.08 -11.70 -12.94
C ALA C 227 23.50 -12.12 -12.53
N PRO C 228 23.75 -12.99 -11.53
CA PRO C 228 25.15 -13.38 -11.28
C PRO C 228 25.78 -14.19 -12.39
N LEU C 229 24.99 -14.88 -13.22
CA LEU C 229 25.56 -15.66 -14.31
C LEU C 229 25.65 -14.88 -15.60
N LEU C 230 24.69 -13.97 -15.83
CA LEU C 230 24.52 -13.32 -17.12
C LEU C 230 25.69 -12.41 -17.45
N ASP C 231 26.40 -11.92 -16.44
CA ASP C 231 27.57 -11.09 -16.67
C ASP C 231 28.74 -11.90 -17.21
N ARG C 232 28.70 -13.22 -17.10
CA ARG C 232 29.84 -14.06 -17.46
C ARG C 232 29.64 -14.85 -18.75
N MET C 233 28.63 -14.52 -19.54
CA MET C 233 28.24 -15.37 -20.65
C MET C 233 28.13 -14.55 -21.91
N GLU C 234 28.93 -14.90 -22.91
CA GLU C 234 28.85 -14.28 -24.23
C GLU C 234 27.61 -14.81 -24.94
N VAL C 235 26.58 -13.99 -25.07
CA VAL C 235 25.31 -14.42 -25.62
C VAL C 235 25.41 -14.46 -27.14
N ILE C 236 25.14 -15.63 -27.71
CA ILE C 236 25.13 -15.85 -29.16
C ILE C 236 23.69 -16.18 -29.53
N ARG C 237 22.98 -15.23 -30.10
CA ARG C 237 21.57 -15.43 -30.41
C ARG C 237 21.44 -16.26 -31.68
N LEU C 238 20.75 -17.40 -31.59
CA LEU C 238 20.42 -18.22 -32.74
C LEU C 238 18.96 -17.98 -33.06
N SER C 239 18.70 -17.15 -34.07
CA SER C 239 17.33 -16.88 -34.43
C SER C 239 16.76 -18.03 -35.24
N GLY C 240 15.48 -17.91 -35.55
CA GLY C 240 14.74 -18.99 -36.20
C GLY C 240 15.16 -19.21 -37.64
N TYR C 241 14.43 -20.11 -38.30
CA TYR C 241 14.75 -20.49 -39.65
C TYR C 241 13.63 -20.08 -40.59
N THR C 242 13.99 -19.57 -41.76
CA THR C 242 12.98 -19.34 -42.76
C THR C 242 12.66 -20.64 -43.48
N GLU C 243 11.70 -20.59 -44.41
CA GLU C 243 11.12 -21.82 -44.95
C GLU C 243 12.06 -22.52 -45.91
N ASP C 244 12.71 -21.77 -46.80
CA ASP C 244 13.65 -22.37 -47.74
C ASP C 244 14.84 -22.98 -47.02
N GLU C 245 15.24 -22.34 -45.92
CA GLU C 245 16.27 -22.89 -45.06
C GLU C 245 15.81 -24.19 -44.42
N LYS C 246 14.54 -24.27 -44.04
CA LYS C 246 14.00 -25.52 -43.50
C LYS C 246 13.98 -26.59 -44.56
N LEU C 247 13.71 -26.22 -45.80
CA LEU C 247 13.69 -27.19 -46.89
C LEU C 247 15.07 -27.77 -47.14
N ASN C 248 16.09 -26.92 -47.15
CA ASN C 248 17.43 -27.44 -47.37
C ASN C 248 17.93 -28.21 -46.15
N ILE C 249 17.53 -27.81 -44.94
CA ILE C 249 17.93 -28.57 -43.76
C ILE C 249 17.29 -29.94 -43.75
N ALA C 250 16.00 -30.00 -44.09
CA ALA C 250 15.31 -31.29 -44.06
C ALA C 250 15.76 -32.19 -45.20
N LYS C 251 16.05 -31.63 -46.36
CA LYS C 251 16.43 -32.48 -47.48
C LYS C 251 17.90 -32.89 -47.41
N GLN C 252 18.72 -32.14 -46.71
CA GLN C 252 20.14 -32.48 -46.67
C GLN C 252 20.59 -33.15 -45.39
N HIS C 253 19.88 -32.96 -44.27
CA HIS C 253 20.38 -33.43 -43.00
C HIS C 253 19.33 -34.04 -42.08
N LEU C 254 18.12 -34.28 -42.55
CA LEU C 254 17.15 -34.96 -41.71
C LEU C 254 16.72 -36.30 -42.29
N LEU C 255 16.29 -36.31 -43.56
CA LEU C 255 15.96 -37.57 -44.21
C LEU C 255 17.07 -38.62 -44.23
N PRO C 256 18.36 -38.29 -44.33
CA PRO C 256 19.35 -39.37 -44.12
C PRO C 256 19.36 -39.94 -42.71
N LYS C 257 19.30 -39.11 -41.68
CA LYS C 257 19.29 -39.69 -40.34
C LYS C 257 17.90 -40.14 -39.93
N GLN C 258 16.89 -39.89 -40.74
CA GLN C 258 15.64 -40.60 -40.58
C GLN C 258 15.54 -41.79 -41.52
N PHE C 259 16.56 -42.07 -42.30
CA PHE C 259 16.61 -43.30 -43.08
C PHE C 259 17.60 -44.30 -42.54
N GLU C 260 17.96 -44.19 -41.28
CA GLU C 260 18.62 -45.32 -40.63
C GLU C 260 17.94 -45.72 -39.34
N ARG C 261 17.44 -44.77 -38.55
CA ARG C 261 16.77 -45.11 -37.32
C ARG C 261 15.29 -45.38 -37.53
N ASN C 262 14.86 -45.45 -38.78
CA ASN C 262 13.54 -45.98 -39.10
C ASN C 262 13.62 -46.99 -40.23
N ALA C 263 14.83 -47.46 -40.52
CA ALA C 263 15.09 -48.68 -41.30
C ALA C 263 14.49 -48.62 -42.70
N ILE C 264 15.01 -47.69 -43.51
CA ILE C 264 14.57 -47.54 -44.88
C ILE C 264 15.82 -47.54 -45.74
N LYS C 265 15.99 -48.57 -46.55
CA LYS C 265 17.11 -48.59 -47.46
C LYS C 265 16.83 -47.66 -48.64
N LYS C 266 17.84 -47.50 -49.49
CA LYS C 266 17.95 -46.34 -50.36
C LYS C 266 17.27 -46.53 -51.70
N GLY C 267 16.23 -47.34 -51.79
CA GLY C 267 15.68 -47.62 -53.10
C GLY C 267 14.18 -47.71 -53.22
N GLU C 268 13.43 -47.20 -52.24
CA GLU C 268 11.98 -47.33 -52.32
C GLU C 268 11.19 -46.09 -51.95
N LEU C 269 11.73 -45.14 -51.20
CA LEU C 269 10.93 -44.01 -50.72
C LEU C 269 11.41 -42.72 -51.37
N THR C 270 10.46 -41.97 -51.91
CA THR C 270 10.72 -40.67 -52.53
C THR C 270 9.80 -39.65 -51.89
N ILE C 271 10.38 -38.58 -51.35
CA ILE C 271 9.61 -37.46 -50.83
C ILE C 271 10.05 -36.22 -51.59
N ASP C 272 9.12 -35.61 -52.31
CA ASP C 272 9.44 -34.46 -53.14
C ASP C 272 9.62 -33.20 -52.29
N ASP C 273 10.00 -32.12 -52.96
CA ASP C 273 10.18 -30.86 -52.27
C ASP C 273 8.83 -30.25 -51.89
N SER C 274 7.86 -30.34 -52.78
CA SER C 274 6.52 -29.81 -52.52
C SER C 274 5.81 -30.58 -51.42
N ALA C 275 6.18 -31.84 -51.22
CA ALA C 275 5.64 -32.60 -50.09
C ALA C 275 6.14 -32.00 -48.78
N ILE C 276 7.43 -31.72 -48.69
CA ILE C 276 8.00 -31.20 -47.47
C ILE C 276 7.51 -29.77 -47.23
N MET C 277 7.32 -29.02 -48.30
CA MET C 277 6.68 -27.72 -48.19
C MET C 277 5.24 -27.84 -47.73
N SER C 278 4.56 -28.94 -48.09
CA SER C 278 3.23 -29.15 -47.56
C SER C 278 3.29 -29.56 -46.09
N ILE C 279 4.41 -30.11 -45.63
CA ILE C 279 4.52 -30.38 -44.21
C ILE C 279 4.72 -29.08 -43.45
N ILE C 280 5.34 -28.09 -44.08
CA ILE C 280 5.62 -26.82 -43.42
C ILE C 280 4.66 -25.75 -43.92
N TYR C 282 1.70 -26.02 -42.96
CA TYR C 282 0.39 -26.63 -42.82
C TYR C 282 0.30 -27.50 -41.59
N TYR C 283 1.45 -28.00 -41.12
CA TYR C 283 1.46 -28.96 -40.05
C TYR C 283 2.41 -28.63 -38.92
N THR C 284 3.07 -27.48 -38.96
CA THR C 284 4.08 -27.18 -37.95
C THR C 284 4.22 -25.67 -37.75
N ARG C 285 4.37 -25.27 -36.49
CA ARG C 285 4.59 -23.86 -36.13
C ARG C 285 5.62 -23.79 -35.01
N GLU C 286 6.89 -23.71 -35.39
CA GLU C 286 7.94 -23.31 -34.46
C GLU C 286 9.08 -22.76 -35.27
N ALA C 287 9.94 -22.00 -34.61
CA ALA C 287 11.10 -21.45 -35.30
C ALA C 287 12.15 -22.49 -35.58
N GLY C 288 12.14 -23.59 -34.85
CA GLY C 288 13.07 -24.67 -35.06
C GLY C 288 12.50 -25.72 -35.97
N VAL C 289 13.00 -26.95 -35.82
CA VAL C 289 12.63 -28.03 -36.71
C VAL C 289 12.16 -29.26 -35.95
N ARG C 290 11.76 -29.11 -34.69
CA ARG C 290 11.43 -30.27 -33.87
C ARG C 290 10.15 -30.94 -34.34
N SER C 291 9.09 -30.14 -34.55
CA SER C 291 7.83 -30.70 -35.03
C SER C 291 7.97 -31.25 -36.43
N LEU C 292 8.88 -30.68 -37.23
CA LEU C 292 9.22 -31.26 -38.51
C LEU C 292 9.83 -32.65 -38.36
N GLU C 293 10.57 -32.89 -37.27
CA GLU C 293 11.07 -34.23 -37.03
C GLU C 293 10.01 -35.18 -36.51
N ARG C 294 9.02 -34.67 -35.78
CA ARG C 294 7.87 -35.51 -35.45
C ARG C 294 7.15 -35.95 -36.71
N GLU C 295 6.95 -35.04 -37.66
CA GLU C 295 6.16 -35.39 -38.84
C GLU C 295 6.93 -36.27 -39.79
N ILE C 296 8.22 -36.00 -39.99
CA ILE C 296 9.01 -36.84 -40.88
C ILE C 296 9.22 -38.23 -40.28
N SER C 297 9.35 -38.30 -38.95
CA SER C 297 9.45 -39.62 -38.31
C SER C 297 8.15 -40.41 -38.46
N LYS C 298 7.01 -39.74 -38.26
CA LYS C 298 5.70 -40.38 -38.45
C LYS C 298 5.51 -40.83 -39.89
N LEU C 299 6.05 -40.06 -40.83
CA LEU C 299 5.97 -40.45 -42.22
C LEU C 299 6.86 -41.66 -42.52
N CYS C 300 8.00 -41.78 -41.84
CA CYS C 300 8.85 -42.94 -42.09
C CYS C 300 8.26 -44.22 -41.53
N ARG C 301 7.68 -44.16 -40.33
CA ARG C 301 7.06 -45.38 -39.79
C ARG C 301 5.85 -45.79 -40.62
N LYS C 302 5.06 -44.82 -41.12
CA LYS C 302 3.94 -45.23 -41.96
C LYS C 302 4.42 -45.73 -43.32
N ALA C 303 5.59 -45.31 -43.77
CA ALA C 303 6.17 -45.91 -44.96
C ALA C 303 6.52 -47.36 -44.73
N VAL C 304 7.09 -47.68 -43.56
CA VAL C 304 7.51 -49.05 -43.32
C VAL C 304 6.29 -49.96 -43.12
N LYS C 305 5.25 -49.46 -42.45
CA LYS C 305 4.03 -50.24 -42.33
C LYS C 305 3.38 -50.48 -43.68
N ASN C 306 3.34 -49.48 -44.53
CA ASN C 306 2.82 -49.74 -45.87
C ASN C 306 3.81 -50.46 -46.77
N LEU C 307 4.99 -50.80 -46.29
CA LEU C 307 5.77 -51.80 -47.00
C LEU C 307 5.50 -53.22 -46.50
N LEU C 308 5.34 -53.41 -45.20
CA LEU C 308 5.17 -54.78 -44.71
C LEU C 308 3.73 -55.25 -44.68
N MET C 309 2.76 -54.35 -44.48
CA MET C 309 1.36 -54.75 -44.52
C MET C 309 0.79 -54.81 -45.92
N ASP C 310 1.61 -54.58 -46.94
CA ASP C 310 1.16 -54.66 -48.32
C ASP C 310 2.38 -55.01 -49.17
N LYS C 311 2.46 -56.28 -49.58
CA LYS C 311 3.56 -56.76 -50.40
C LYS C 311 3.29 -56.61 -51.88
N THR C 312 2.35 -55.76 -52.26
CA THR C 312 2.06 -55.50 -53.66
C THR C 312 3.18 -54.67 -54.29
N VAL C 313 3.36 -53.45 -53.79
CA VAL C 313 4.36 -52.55 -54.32
C VAL C 313 5.66 -52.75 -53.56
N LYS C 314 6.74 -52.24 -54.13
CA LYS C 314 7.99 -52.02 -53.40
C LYS C 314 8.32 -50.56 -53.24
N HIS C 315 8.10 -49.76 -54.26
CA HIS C 315 8.36 -48.33 -54.17
C HIS C 315 7.13 -47.61 -53.66
N ILE C 316 7.36 -46.57 -52.85
CA ILE C 316 6.30 -45.68 -52.41
C ILE C 316 6.69 -44.27 -52.80
N GLU C 317 5.83 -43.57 -53.51
CA GLU C 317 6.04 -42.18 -53.83
C GLU C 317 5.09 -41.34 -53.00
N ILE C 318 5.61 -40.25 -52.43
CA ILE C 318 4.82 -39.33 -51.63
C ILE C 318 5.00 -37.95 -52.23
N ASN C 319 4.00 -37.48 -52.95
CA ASN C 319 4.02 -36.11 -53.41
C ASN C 319 3.40 -35.22 -52.35
N GLY C 320 3.08 -33.98 -52.70
CA GLY C 320 2.37 -33.11 -51.79
C GLY C 320 0.87 -33.20 -51.96
N ASP C 321 0.40 -34.37 -52.40
CA ASP C 321 -1.00 -34.52 -52.73
C ASP C 321 -1.60 -35.71 -52.00
N ASN C 322 -0.83 -36.78 -51.82
CA ASN C 322 -1.26 -37.90 -51.00
C ASN C 322 -0.79 -37.78 -49.57
N LEU C 323 -0.45 -36.56 -49.13
CA LEU C 323 0.13 -36.37 -47.82
C LEU C 323 -0.95 -36.47 -46.75
N LYS C 324 -2.15 -35.97 -47.05
CA LYS C 324 -3.24 -36.00 -46.09
C LYS C 324 -3.79 -37.40 -45.86
N ASP C 325 -3.43 -38.37 -46.71
CA ASP C 325 -3.82 -39.74 -46.44
C ASP C 325 -2.91 -40.37 -45.40
N PHE C 326 -1.61 -40.12 -45.47
CA PHE C 326 -0.70 -40.66 -44.47
C PHE C 326 -0.85 -39.94 -43.15
N LEU C 327 -0.67 -38.64 -43.15
CA LEU C 327 -0.82 -37.88 -41.91
C LEU C 327 -2.29 -37.50 -41.76
N GLY C 328 -2.56 -36.61 -40.83
CA GLY C 328 -3.93 -36.22 -40.56
C GLY C 328 -4.43 -35.15 -41.51
N VAL C 329 -5.43 -34.44 -41.04
CA VAL C 329 -5.97 -33.27 -41.74
C VAL C 329 -5.07 -32.10 -41.33
N GLN C 330 -5.18 -30.97 -42.02
CA GLN C 330 -4.27 -29.86 -41.84
C GLN C 330 -4.42 -29.22 -40.46
N LYS C 331 -3.33 -29.16 -39.71
CA LYS C 331 -3.38 -28.64 -38.35
C LYS C 331 -3.45 -27.12 -38.35
N VAL C 332 -2.53 -26.46 -39.04
CA VAL C 332 -2.41 -25.01 -39.05
C VAL C 332 -2.67 -24.54 -40.48
N ASP C 333 -3.26 -23.34 -40.61
CA ASP C 333 -3.81 -22.92 -41.89
C ASP C 333 -2.74 -22.54 -42.90
N TYR C 334 -1.81 -21.65 -42.51
CA TYR C 334 -0.93 -20.89 -43.43
C TYR C 334 -1.77 -20.22 -44.51
N GLY C 335 -2.73 -19.44 -44.05
CA GLY C 335 -3.55 -18.69 -44.95
C GLY C 335 -3.79 -17.31 -44.38
N ARG C 336 -3.40 -16.31 -45.12
CA ARG C 336 -3.68 -14.98 -44.60
C ARG C 336 -4.38 -14.11 -45.62
N ALA C 337 -4.00 -14.21 -46.90
CA ALA C 337 -4.69 -13.46 -47.94
C ALA C 337 -6.10 -13.96 -48.21
N ASP C 338 -6.39 -15.19 -47.80
CA ASP C 338 -7.71 -15.76 -48.00
C ASP C 338 -8.72 -15.28 -46.97
N THR C 339 -8.25 -14.67 -45.89
CA THR C 339 -9.12 -14.16 -44.84
C THR C 339 -9.84 -12.91 -45.34
N GLU C 340 -11.12 -12.79 -45.02
CA GLU C 340 -11.85 -11.57 -45.35
C GLU C 340 -11.36 -10.42 -44.46
N ASN C 341 -11.10 -9.27 -45.08
CA ASN C 341 -10.49 -8.16 -44.36
C ASN C 341 -11.50 -7.46 -43.47
N ARG C 342 -11.56 -7.88 -42.23
CA ARG C 342 -12.49 -7.41 -41.22
C ARG C 342 -12.06 -6.06 -40.66
N VAL C 343 -12.98 -5.41 -39.96
CA VAL C 343 -12.68 -4.12 -39.34
C VAL C 343 -12.19 -4.35 -37.92
N GLY C 344 -11.57 -3.34 -37.33
CA GLY C 344 -11.38 -3.31 -35.91
C GLY C 344 -10.30 -4.20 -35.35
N GLN C 345 -9.50 -4.87 -36.18
CA GLN C 345 -8.41 -5.66 -35.65
C GLN C 345 -7.30 -5.70 -36.68
N VAL C 346 -6.07 -5.78 -36.19
CA VAL C 346 -4.88 -5.79 -37.03
C VAL C 346 -4.00 -6.92 -36.57
N THR C 347 -2.91 -7.12 -37.30
CA THR C 347 -2.01 -8.24 -37.08
C THR C 347 -0.69 -7.66 -36.60
N GLY C 348 -0.46 -7.70 -35.31
CA GLY C 348 0.73 -7.12 -34.72
C GLY C 348 1.86 -8.12 -34.61
N LEU C 349 3.06 -7.68 -34.92
CA LEU C 349 4.23 -8.50 -34.67
C LEU C 349 4.67 -8.34 -33.22
N ALA C 350 5.20 -9.42 -32.67
CA ALA C 350 5.51 -9.44 -31.25
C ALA C 350 6.78 -10.23 -31.02
N TRP C 351 7.84 -9.52 -30.63
CA TRP C 351 9.10 -10.13 -30.25
C TRP C 351 8.92 -10.74 -28.88
N THR C 352 8.39 -11.95 -28.85
CA THR C 352 7.95 -12.55 -27.61
C THR C 352 9.14 -13.02 -26.79
N GLU C 353 8.84 -13.61 -25.63
CA GLU C 353 9.88 -13.92 -24.66
C GLU C 353 10.72 -15.10 -25.09
N VAL C 354 10.20 -15.92 -26.02
CA VAL C 354 10.89 -17.13 -26.42
C VAL C 354 11.43 -16.92 -27.83
N GLY C 355 11.00 -15.83 -28.48
CA GLY C 355 11.35 -15.60 -29.87
C GLY C 355 10.43 -14.63 -30.56
N GLY C 356 9.88 -15.02 -31.71
CA GLY C 356 8.98 -14.17 -32.46
C GLY C 356 7.65 -14.87 -32.69
N ASP C 357 6.58 -14.08 -32.72
CA ASP C 357 5.24 -14.64 -32.88
C ASP C 357 4.30 -13.56 -33.39
N LEU C 358 3.36 -13.96 -34.24
CA LEU C 358 2.26 -13.09 -34.62
C LEU C 358 1.33 -12.86 -33.45
N LEU C 359 0.45 -11.88 -33.60
CA LEU C 359 -0.37 -11.41 -32.49
C LEU C 359 -1.46 -10.54 -33.11
N THR C 360 -2.69 -10.64 -32.62
CA THR C 360 -3.81 -9.88 -33.17
C THR C 360 -4.28 -8.89 -32.12
N ILE C 361 -4.16 -7.61 -32.43
CA ILE C 361 -4.60 -6.55 -31.53
C ILE C 361 -5.99 -6.14 -31.91
N GLU C 362 -6.91 -6.21 -30.95
CA GLU C 362 -8.33 -5.97 -31.18
C GLU C 362 -8.80 -4.79 -30.36
N THR C 363 -9.60 -3.93 -31.00
CA THR C 363 -10.20 -2.79 -30.34
C THR C 363 -11.70 -2.79 -30.56
N ALA C 364 -12.38 -1.93 -29.81
CA ALA C 364 -13.82 -1.83 -29.85
C ALA C 364 -14.23 -0.46 -29.35
N CYS C 365 -15.23 0.12 -30.01
CA CYS C 365 -15.76 1.43 -29.65
C CYS C 365 -17.26 1.31 -29.48
N VAL C 366 -17.72 1.40 -28.24
CA VAL C 366 -19.14 1.34 -27.94
C VAL C 366 -19.60 2.72 -27.50
N PRO C 367 -20.88 3.05 -27.64
CA PRO C 367 -21.38 4.30 -27.06
C PRO C 367 -21.41 4.23 -25.54
N GLY C 368 -20.96 5.31 -24.91
CA GLY C 368 -20.77 5.34 -23.47
C GLY C 368 -20.26 6.68 -22.98
N LYS C 369 -19.23 6.67 -22.14
CA LYS C 369 -18.69 7.89 -21.57
C LYS C 369 -17.27 8.24 -22.00
N GLY C 370 -16.56 7.30 -22.61
CA GLY C 370 -15.21 7.61 -23.07
C GLY C 370 -14.12 7.03 -22.19
N LYS C 371 -14.49 6.32 -21.14
CA LYS C 371 -13.45 5.70 -20.33
C LYS C 371 -12.97 4.53 -21.16
N LEU C 372 -11.67 4.26 -21.18
CA LEU C 372 -11.20 3.15 -22.01
C LEU C 372 -10.74 1.96 -21.23
N THR C 373 -11.26 0.80 -21.59
CA THR C 373 -10.93 -0.44 -20.94
C THR C 373 -9.67 -1.03 -21.49
N TYR C 374 -8.73 -1.37 -20.63
CA TYR C 374 -7.57 -2.04 -21.15
C TYR C 374 -7.51 -3.43 -20.60
N THR C 375 -7.43 -4.39 -21.49
CA THR C 375 -7.39 -5.80 -21.13
C THR C 375 -6.11 -6.40 -21.64
N GLY C 376 -5.74 -7.56 -21.15
CA GLY C 376 -4.53 -8.19 -21.63
C GLY C 376 -3.29 -7.91 -20.80
N SER C 377 -2.16 -8.39 -21.30
CA SER C 377 -0.89 -8.31 -20.60
C SER C 377 -0.26 -6.93 -20.45
N LEU C 378 0.64 -6.81 -19.47
CA LEU C 378 1.34 -5.56 -19.26
C LEU C 378 0.39 -4.41 -19.21
N GLY C 379 -0.63 -4.50 -18.39
CA GLY C 379 -1.61 -3.44 -18.37
C GLY C 379 -1.06 -2.06 -18.04
N GLU C 380 -0.17 -1.94 -17.07
CA GLU C 380 0.30 -0.59 -16.75
C GLU C 380 1.08 0.20 -17.79
N VAL C 381 2.07 -0.41 -18.42
CA VAL C 381 2.90 0.33 -19.35
C VAL C 381 2.11 1.00 -20.42
N MET C 382 1.06 0.29 -20.75
CA MET C 382 0.14 0.57 -21.79
C MET C 382 -0.62 1.84 -21.68
N GLN C 383 -0.85 2.33 -20.48
CA GLN C 383 -1.59 3.56 -20.41
C GLN C 383 -0.80 4.62 -21.12
N GLU C 384 0.51 4.58 -20.94
CA GLU C 384 1.38 5.56 -21.52
C GLU C 384 1.26 5.52 -23.01
N SER C 385 1.25 4.32 -23.54
CA SER C 385 1.15 4.09 -24.96
C SER C 385 -0.22 4.27 -25.54
N ILE C 386 -1.21 3.71 -24.88
CA ILE C 386 -2.57 3.77 -25.38
C ILE C 386 -3.08 5.15 -25.44
N GLN C 387 -2.75 5.96 -24.45
CA GLN C 387 -3.23 7.30 -24.46
C GLN C 387 -2.73 8.07 -25.65
N ALA C 388 -1.48 7.87 -26.04
CA ALA C 388 -0.98 8.56 -27.18
C ALA C 388 -1.80 8.15 -28.36
N ALA C 389 -2.07 6.88 -28.48
CA ALA C 389 -2.83 6.57 -29.69
C ALA C 389 -4.11 7.36 -29.80
N LEU C 390 -4.80 7.54 -28.68
CA LEU C 390 -6.03 8.31 -28.68
C LEU C 390 -5.76 9.78 -28.98
N THR C 391 -4.63 10.30 -28.54
CA THR C 391 -4.30 11.67 -28.90
C THR C 391 -3.88 11.80 -30.36
N VAL C 392 -3.23 10.77 -30.91
CA VAL C 392 -2.90 10.76 -32.34
C VAL C 392 -4.17 10.80 -33.18
N VAL C 393 -5.18 10.04 -32.76
CA VAL C 393 -6.46 10.06 -33.47
C VAL C 393 -7.14 11.42 -33.32
N ARG C 394 -7.25 11.92 -32.09
CA ARG C 394 -7.99 13.15 -31.85
C ARG C 394 -7.33 14.36 -32.48
N ALA C 395 -6.03 14.30 -32.74
CA ALA C 395 -5.40 15.39 -33.45
C ALA C 395 -5.87 15.45 -34.89
N ARG C 396 -6.26 14.31 -35.46
CA ARG C 396 -6.63 14.22 -36.86
C ARG C 396 -8.09 13.83 -37.02
N ALA C 397 -8.96 14.40 -36.18
CA ALA C 397 -10.39 14.14 -36.33
C ALA C 397 -10.98 14.97 -37.45
N ASP C 398 -10.22 15.96 -37.95
CA ASP C 398 -10.71 16.79 -39.03
C ASP C 398 -10.67 16.04 -40.36
N LYS C 399 -9.50 15.64 -40.82
CA LYS C 399 -9.37 15.07 -42.15
C LYS C 399 -9.48 13.55 -42.16
N LEU C 400 -10.20 12.97 -41.22
CA LEU C 400 -10.61 11.57 -41.32
C LEU C 400 -12.12 11.40 -41.28
N GLY C 401 -12.88 12.49 -41.23
CA GLY C 401 -14.32 12.40 -41.16
C GLY C 401 -14.88 11.89 -39.86
N ILE C 402 -14.07 11.81 -38.80
CA ILE C 402 -14.54 11.32 -37.52
C ILE C 402 -15.36 12.40 -36.85
N ASN C 403 -16.43 11.98 -36.17
CA ASN C 403 -17.23 12.90 -35.36
C ASN C 403 -16.39 13.39 -34.20
N PRO C 404 -16.11 14.70 -34.09
CA PRO C 404 -15.00 15.16 -33.25
C PRO C 404 -15.25 15.11 -31.76
N ASP C 405 -16.38 14.56 -31.31
CA ASP C 405 -16.71 14.49 -29.89
C ASP C 405 -16.70 13.05 -29.38
N PHE C 406 -15.96 12.17 -30.05
CA PHE C 406 -16.10 10.76 -29.76
C PHE C 406 -15.45 10.36 -28.45
N TYR C 407 -14.46 11.12 -27.97
CA TYR C 407 -13.73 10.75 -26.77
C TYR C 407 -14.56 10.87 -25.50
N GLU C 408 -15.75 11.45 -25.56
CA GLU C 408 -16.65 11.45 -24.42
C GLU C 408 -18.01 10.87 -24.73
N LYS C 409 -18.45 10.81 -25.99
CA LYS C 409 -19.72 10.16 -26.29
C LYS C 409 -19.55 8.65 -26.35
N ARG C 410 -18.34 8.17 -26.60
CA ARG C 410 -18.10 6.79 -27.00
C ARG C 410 -16.98 6.19 -26.17
N ASP C 411 -17.28 5.13 -25.44
CA ASP C 411 -16.23 4.38 -24.75
C ASP C 411 -15.36 3.64 -25.77
N ILE C 412 -14.17 3.26 -25.33
CA ILE C 412 -13.21 2.54 -26.17
C ILE C 412 -12.63 1.39 -25.37
N HIS C 413 -12.74 0.18 -25.90
CA HIS C 413 -12.10 -1.00 -25.34
C HIS C 413 -11.04 -1.48 -26.32
N VAL C 414 -9.84 -1.74 -25.79
CA VAL C 414 -8.72 -2.23 -26.56
C VAL C 414 -8.13 -3.45 -25.86
N HIS C 415 -7.93 -4.53 -26.63
CA HIS C 415 -7.37 -5.75 -26.10
C HIS C 415 -6.12 -6.14 -26.86
N VAL C 416 -5.09 -6.52 -26.13
CA VAL C 416 -3.83 -7.02 -26.66
C VAL C 416 -3.53 -8.33 -25.96
N PRO C 417 -3.29 -9.43 -26.68
CA PRO C 417 -2.99 -10.69 -26.00
C PRO C 417 -1.60 -10.64 -25.41
N GLU C 418 -1.35 -11.51 -24.45
CA GLU C 418 -0.04 -11.52 -23.82
C GLU C 418 0.98 -12.23 -24.70
N GLY C 419 2.24 -12.12 -24.33
CA GLY C 419 3.31 -12.70 -25.10
C GLY C 419 4.50 -11.77 -25.15
N ALA C 420 4.24 -10.47 -25.09
CA ALA C 420 5.32 -9.50 -25.19
C ALA C 420 6.07 -9.39 -23.87
N THR C 421 7.39 -9.22 -23.96
CA THR C 421 8.16 -8.87 -22.79
C THR C 421 7.82 -7.44 -22.36
N PRO C 422 8.02 -7.08 -21.09
CA PRO C 422 7.86 -5.67 -20.71
C PRO C 422 8.91 -4.77 -21.32
N LYS C 423 10.03 -5.32 -21.78
CA LYS C 423 10.95 -4.54 -22.60
C LYS C 423 10.32 -4.23 -23.95
N ASP C 424 9.49 -5.13 -24.47
CA ASP C 424 8.89 -4.90 -25.78
C ASP C 424 7.83 -3.83 -25.70
N GLY C 425 6.79 -4.08 -24.90
CA GLY C 425 5.96 -3.06 -24.31
C GLY C 425 5.23 -2.15 -25.27
N PRO C 426 5.68 -0.91 -25.37
CA PRO C 426 5.04 0.07 -26.27
C PRO C 426 5.25 -0.20 -27.73
N SER C 427 6.01 -1.23 -28.10
CA SER C 427 5.95 -1.74 -29.45
C SER C 427 4.59 -2.33 -29.73
N ALA C 428 4.31 -2.54 -31.01
CA ALA C 428 2.97 -2.77 -31.54
C ALA C 428 2.01 -1.71 -31.02
N GLY C 429 2.43 -0.46 -31.15
CA GLY C 429 1.62 0.65 -30.72
C GLY C 429 0.82 1.24 -31.86
N ILE C 430 1.44 1.38 -33.03
CA ILE C 430 0.72 1.93 -34.18
C ILE C 430 -0.34 0.99 -34.70
N ALA C 431 -0.23 -0.30 -34.37
CA ALA C 431 -1.31 -1.24 -34.56
C ALA C 431 -2.58 -0.77 -33.85
N MET C 432 -2.45 -0.18 -32.67
CA MET C 432 -3.62 0.31 -31.96
C MET C 432 -4.20 1.55 -32.64
N CYS C 433 -3.35 2.39 -33.22
CA CYS C 433 -3.85 3.57 -33.92
C CYS C 433 -4.59 3.19 -35.19
N THR C 434 -4.08 2.20 -35.92
CA THR C 434 -4.82 1.67 -37.06
C THR C 434 -6.11 0.99 -36.62
N ALA C 435 -6.09 0.33 -35.46
CA ALA C 435 -7.30 -0.31 -34.99
C ALA C 435 -8.32 0.70 -34.51
N LEU C 436 -7.90 1.90 -34.12
CA LEU C 436 -8.88 2.88 -33.68
C LEU C 436 -9.40 3.73 -34.83
N VAL C 437 -8.55 4.05 -35.81
CA VAL C 437 -9.05 4.72 -37.00
C VAL C 437 -10.00 3.80 -37.76
N SER C 438 -9.64 2.52 -37.81
CA SER C 438 -10.53 1.52 -38.41
C SER C 438 -11.80 1.36 -37.61
N CYS C 439 -11.68 1.30 -36.28
CA CYS C 439 -12.86 1.04 -35.46
C CYS C 439 -13.80 2.23 -35.44
N LEU C 440 -13.31 3.43 -35.69
CA LEU C 440 -14.18 4.59 -35.73
C LEU C 440 -14.79 4.80 -37.11
N THR C 441 -13.96 4.84 -38.14
CA THR C 441 -14.53 5.11 -39.45
C THR C 441 -15.11 3.89 -40.12
N GLY C 442 -14.98 2.70 -39.53
CA GLY C 442 -15.50 1.52 -40.17
C GLY C 442 -14.75 1.08 -41.40
N ASN C 443 -13.55 1.60 -41.60
CA ASN C 443 -12.76 1.27 -42.77
C ASN C 443 -12.11 -0.08 -42.52
N PRO C 444 -12.25 -1.05 -43.43
CA PRO C 444 -11.69 -2.38 -43.17
C PRO C 444 -10.18 -2.37 -43.26
N VAL C 445 -9.54 -2.86 -42.19
CA VAL C 445 -8.12 -3.18 -42.21
C VAL C 445 -7.88 -4.27 -43.24
N ARG C 446 -7.01 -4.01 -44.20
CA ARG C 446 -6.65 -5.06 -45.14
C ARG C 446 -5.88 -6.15 -44.43
N ALA C 447 -6.17 -7.40 -44.77
CA ALA C 447 -5.89 -8.53 -43.90
C ALA C 447 -4.62 -9.27 -44.28
N ASP C 448 -3.62 -8.57 -44.79
CA ASP C 448 -2.31 -9.16 -45.01
C ASP C 448 -1.21 -8.17 -44.65
N VAL C 449 -1.43 -7.41 -43.58
CA VAL C 449 -0.50 -6.37 -43.16
C VAL C 449 -0.07 -6.65 -41.75
N ALA C 450 1.21 -6.89 -41.55
CA ALA C 450 1.79 -7.06 -40.22
C ALA C 450 2.45 -5.76 -39.82
N MET C 451 1.72 -4.97 -39.04
CA MET C 451 2.25 -3.73 -38.54
C MET C 451 3.14 -3.96 -37.33
N THR C 452 4.10 -3.06 -37.15
CA THR C 452 4.92 -3.02 -35.95
C THR C 452 5.46 -1.59 -35.81
N GLY C 453 5.57 -1.13 -34.58
CA GLY C 453 5.99 0.23 -34.36
C GLY C 453 5.74 0.72 -32.96
N GLU C 454 6.16 1.96 -32.68
CA GLU C 454 6.15 2.50 -31.33
C GLU C 454 5.84 3.98 -31.46
N ILE C 455 4.67 4.39 -30.99
CA ILE C 455 4.05 5.64 -31.42
C ILE C 455 4.31 6.73 -30.40
N THR C 456 4.48 7.96 -30.90
CA THR C 456 4.73 9.15 -30.12
C THR C 456 3.40 9.83 -29.79
N LEU C 457 3.44 11.09 -29.35
CA LEU C 457 2.17 11.81 -29.27
C LEU C 457 1.84 12.51 -30.57
N ARG C 458 2.79 13.26 -31.11
CA ARG C 458 2.44 14.10 -32.23
C ARG C 458 2.31 13.31 -33.52
N GLY C 459 2.81 12.08 -33.56
CA GLY C 459 2.59 11.27 -34.72
C GLY C 459 3.84 10.86 -35.44
N LEU C 460 4.93 10.66 -34.72
CA LEU C 460 6.10 10.03 -35.31
C LEU C 460 6.16 8.58 -34.88
N VAL C 461 7.01 7.82 -35.56
CA VAL C 461 7.14 6.40 -35.34
C VAL C 461 8.56 6.13 -34.89
N LEU C 462 8.73 5.74 -33.64
CA LEU C 462 10.02 5.51 -33.02
C LEU C 462 10.68 4.26 -33.60
N PRO C 463 11.97 4.07 -33.40
CA PRO C 463 12.58 2.78 -33.73
C PRO C 463 12.09 1.69 -32.79
N ILE C 464 12.23 0.45 -33.25
CA ILE C 464 11.81 -0.71 -32.48
C ILE C 464 12.96 -1.70 -32.41
N GLY C 465 13.03 -2.42 -31.30
CA GLY C 465 14.02 -3.46 -31.12
C GLY C 465 13.49 -4.80 -31.56
N GLY C 466 14.42 -5.71 -31.84
CA GLY C 466 14.07 -7.06 -32.21
C GLY C 466 13.41 -7.16 -33.57
N LEU C 467 14.17 -6.90 -34.63
CA LEU C 467 13.56 -6.91 -35.95
C LEU C 467 13.58 -8.28 -36.59
N LYS C 468 14.64 -9.07 -36.38
CA LYS C 468 14.80 -10.29 -37.14
C LYS C 468 13.82 -11.36 -36.70
N GLU C 469 13.50 -11.41 -35.40
CA GLU C 469 12.48 -12.34 -34.93
C GLU C 469 11.10 -11.96 -35.43
N LYS C 470 10.80 -10.66 -35.48
CA LYS C 470 9.51 -10.25 -36.00
C LYS C 470 9.37 -10.54 -37.48
N LEU C 471 10.42 -10.34 -38.26
CA LEU C 471 10.32 -10.64 -39.68
C LEU C 471 10.29 -12.12 -39.97
N LEU C 472 10.94 -12.95 -39.14
CA LEU C 472 10.75 -14.38 -39.31
C LEU C 472 9.34 -14.78 -38.95
N ALA C 473 8.75 -14.15 -37.92
CA ALA C 473 7.41 -14.52 -37.52
C ALA C 473 6.37 -14.05 -38.52
N ALA C 474 6.67 -13.02 -39.29
CA ALA C 474 5.72 -12.61 -40.31
C ALA C 474 5.96 -13.33 -41.62
N HIS C 475 7.18 -13.77 -41.89
CA HIS C 475 7.36 -14.58 -43.09
C HIS C 475 6.81 -15.99 -42.92
N ARG C 476 7.06 -16.59 -41.76
CA ARG C 476 6.65 -17.96 -41.54
C ARG C 476 5.13 -18.07 -41.38
N GLY C 477 4.48 -16.99 -40.97
CA GLY C 477 3.05 -16.91 -40.93
C GLY C 477 2.41 -16.52 -42.23
N GLY C 478 3.21 -16.20 -43.25
CA GLY C 478 2.67 -15.94 -44.56
C GLY C 478 2.12 -14.55 -44.79
N ILE C 479 2.58 -13.54 -44.06
CA ILE C 479 2.09 -12.18 -44.29
C ILE C 479 2.79 -11.64 -45.54
N LYS C 480 2.18 -10.66 -46.19
CA LYS C 480 2.70 -10.16 -47.45
C LYS C 480 3.12 -8.69 -47.43
N VAL C 481 2.70 -7.92 -46.43
CA VAL C 481 3.09 -6.51 -46.32
C VAL C 481 3.48 -6.25 -44.88
N VAL C 482 4.71 -5.81 -44.66
CA VAL C 482 5.21 -5.52 -43.32
C VAL C 482 5.61 -4.05 -43.27
N LEU C 483 5.23 -3.37 -42.20
CA LEU C 483 5.48 -1.95 -42.02
C LEU C 483 6.45 -1.75 -40.87
N ILE C 484 7.74 -1.67 -41.17
CA ILE C 484 8.73 -1.35 -40.15
C ILE C 484 8.79 0.15 -40.04
N PRO C 485 9.27 0.68 -38.92
CA PRO C 485 9.55 2.12 -38.83
C PRO C 485 10.69 2.49 -39.74
N ASP C 486 10.76 3.78 -40.08
CA ASP C 486 11.75 4.26 -41.03
C ASP C 486 13.17 4.14 -40.49
N ASP C 487 13.33 4.23 -39.18
CA ASP C 487 14.64 4.27 -38.57
C ASP C 487 15.23 2.89 -38.36
N ASN C 488 14.76 1.87 -39.06
CA ASN C 488 15.33 0.54 -38.97
C ASN C 488 15.82 0.05 -40.32
N LYS C 489 15.87 0.94 -41.31
CA LYS C 489 16.54 0.66 -42.57
C LYS C 489 18.00 0.35 -42.38
N ARG C 490 18.61 0.94 -41.36
CA ARG C 490 19.81 0.47 -40.70
C ARG C 490 19.81 -1.02 -40.44
N ASP C 491 18.86 -1.52 -39.65
CA ASP C 491 18.88 -2.94 -39.32
C ASP C 491 18.18 -3.78 -40.39
N LEU C 492 17.61 -3.15 -41.41
CA LEU C 492 17.02 -3.89 -42.51
C LEU C 492 18.10 -4.57 -43.35
N GLU C 493 19.32 -4.06 -43.29
CA GLU C 493 20.45 -4.65 -43.99
C GLU C 493 20.83 -6.04 -43.47
N GLU C 494 20.79 -6.24 -42.16
CA GLU C 494 21.35 -7.44 -41.56
C GLU C 494 20.43 -8.65 -41.57
N ILE C 495 19.35 -8.64 -42.34
CA ILE C 495 18.65 -9.90 -42.60
C ILE C 495 19.12 -10.33 -43.97
N PRO C 496 20.03 -11.28 -44.06
CA PRO C 496 20.75 -11.49 -45.33
C PRO C 496 19.96 -12.29 -46.34
N ASP C 497 18.95 -13.00 -45.85
CA ASP C 497 18.26 -14.02 -46.62
C ASP C 497 17.33 -13.33 -47.62
N ASN C 498 16.64 -14.13 -48.45
CA ASN C 498 15.56 -13.62 -49.27
C ASN C 498 14.26 -13.47 -48.50
N VAL C 499 14.32 -13.52 -47.16
CA VAL C 499 13.30 -12.97 -46.28
C VAL C 499 12.90 -11.59 -46.74
N ILE C 500 13.89 -10.73 -47.01
CA ILE C 500 13.65 -9.39 -47.52
C ILE C 500 13.05 -9.41 -48.92
N ALA C 501 13.31 -10.47 -49.68
CA ALA C 501 12.89 -10.48 -51.09
C ALA C 501 11.41 -10.73 -51.27
N ASP C 502 10.83 -11.69 -50.56
CA ASP C 502 9.46 -12.10 -50.81
C ASP C 502 8.47 -11.52 -49.81
N LEU C 503 8.82 -10.41 -49.16
CA LEU C 503 8.01 -9.88 -48.08
C LEU C 503 7.57 -8.46 -48.30
N GLU C 504 8.27 -7.71 -49.18
CA GLU C 504 7.86 -6.37 -49.65
C GLU C 504 7.82 -5.37 -48.50
N ILE C 505 8.94 -5.24 -47.80
CA ILE C 505 9.04 -4.31 -46.69
C ILE C 505 9.20 -2.91 -47.25
N HIS C 506 8.32 -2.01 -46.82
CA HIS C 506 8.51 -0.60 -47.14
C HIS C 506 8.26 0.25 -45.90
N PRO C 507 9.28 0.94 -45.40
CA PRO C 507 9.16 1.60 -44.11
C PRO C 507 8.32 2.85 -44.19
N VAL C 508 8.00 3.37 -43.00
CA VAL C 508 7.18 4.55 -42.84
C VAL C 508 7.77 5.39 -41.73
N LYS C 509 7.56 6.70 -41.81
CA LYS C 509 8.05 7.54 -40.72
C LYS C 509 6.94 8.27 -39.98
N ARG C 510 5.93 8.77 -40.68
CA ARG C 510 4.82 9.42 -40.02
C ARG C 510 3.70 8.42 -39.80
N ILE C 511 2.53 8.93 -39.42
CA ILE C 511 1.38 8.06 -39.28
C ILE C 511 0.53 8.09 -40.53
N ASP C 512 0.65 9.13 -41.35
CA ASP C 512 -0.17 9.19 -42.55
C ASP C 512 0.45 8.45 -43.71
N ASP C 513 1.72 8.06 -43.61
CA ASP C 513 2.22 7.06 -44.53
C ASP C 513 1.82 5.66 -44.09
N VAL C 514 1.31 5.50 -42.88
CA VAL C 514 0.71 4.23 -42.49
C VAL C 514 -0.73 4.16 -42.95
N LEU C 515 -1.54 5.17 -42.59
CA LEU C 515 -2.97 5.05 -42.86
C LEU C 515 -3.34 5.26 -44.32
N ALA C 516 -2.37 5.45 -45.19
CA ALA C 516 -2.65 5.39 -46.62
C ALA C 516 -2.36 4.02 -47.20
N ILE C 517 -1.84 3.10 -46.39
CA ILE C 517 -1.45 1.76 -46.85
C ILE C 517 -2.27 0.69 -46.16
N ALA C 518 -2.30 0.67 -44.84
CA ALA C 518 -2.92 -0.42 -44.11
C ALA C 518 -4.44 -0.39 -44.13
N LEU C 519 -5.05 0.69 -44.59
CA LEU C 519 -6.49 0.72 -44.74
C LEU C 519 -6.84 0.89 -46.21
N GLU C 520 -7.79 0.09 -46.69
CA GLU C 520 -8.05 -0.06 -48.11
C GLU C 520 -8.65 1.18 -48.76
N HIS C 521 -9.28 2.05 -47.98
CA HIS C 521 -9.86 3.27 -48.52
C HIS C 521 -8.90 4.40 -48.27
N PRO C 522 -8.93 5.43 -49.11
CA PRO C 522 -8.10 6.61 -48.83
C PRO C 522 -8.59 7.39 -47.63
N ALA C 523 -7.72 8.25 -47.13
CA ALA C 523 -8.04 9.11 -46.01
C ALA C 523 -7.19 10.37 -46.08
N ALA D 1 30.00 -79.87 -7.06
CA ALA D 1 29.55 -78.86 -6.11
C ALA D 1 28.75 -77.76 -6.81
N LEU D 2 28.75 -76.57 -6.21
CA LEU D 2 27.89 -75.48 -6.68
C LEU D 2 28.40 -74.86 -7.98
N LYS D 3 29.70 -74.96 -8.26
CA LYS D 3 30.28 -74.33 -9.45
C LYS D 3 29.83 -74.97 -10.75
N ARG D 4 29.22 -76.16 -10.69
CA ARG D 4 28.63 -76.76 -11.87
C ARG D 4 27.45 -75.94 -12.38
N LYS D 5 26.74 -75.27 -11.46
CA LYS D 5 25.60 -74.45 -11.85
C LYS D 5 26.04 -73.16 -12.52
N ILE D 6 27.08 -72.51 -12.00
CA ILE D 6 27.60 -71.32 -12.66
C ILE D 6 28.48 -71.66 -13.85
N GLU D 7 28.84 -72.94 -14.00
CA GLU D 7 29.64 -73.36 -15.13
C GLU D 7 28.79 -73.54 -16.38
N ALA D 8 27.52 -73.89 -16.22
CA ALA D 8 26.59 -74.06 -17.32
C ALA D 8 25.85 -72.77 -17.69
N ALA D 9 26.25 -71.63 -17.14
CA ALA D 9 25.56 -70.39 -17.46
C ALA D 9 26.07 -69.73 -18.73
N LYS D 10 27.30 -70.06 -19.16
CA LYS D 10 28.06 -69.32 -20.16
C LYS D 10 28.07 -67.84 -19.81
N MET D 11 28.44 -67.57 -18.57
CA MET D 11 28.20 -66.30 -17.92
C MET D 11 29.16 -65.23 -18.45
N PRO D 12 28.73 -63.97 -18.51
CA PRO D 12 29.63 -62.89 -18.92
C PRO D 12 30.72 -62.57 -17.91
N LYS D 13 31.53 -61.55 -18.21
CA LYS D 13 32.83 -61.36 -17.56
C LYS D 13 32.69 -61.03 -16.08
N ASP D 14 32.01 -59.93 -15.76
CA ASP D 14 31.98 -59.37 -14.41
C ASP D 14 31.41 -60.35 -13.41
N ALA D 15 30.30 -61.00 -13.76
CA ALA D 15 29.75 -62.03 -12.90
C ALA D 15 30.58 -63.30 -12.87
N ARG D 16 31.46 -63.52 -13.85
CA ARG D 16 32.39 -64.65 -13.71
C ARG D 16 33.47 -64.37 -12.70
N GLU D 17 34.12 -63.20 -12.77
CA GLU D 17 35.20 -62.99 -11.80
C GLU D 17 34.65 -62.72 -10.40
N LYS D 18 33.49 -62.07 -10.28
CA LYS D 18 32.97 -61.86 -8.94
C LYS D 18 32.32 -63.13 -8.41
N THR D 19 31.60 -63.87 -9.27
CA THR D 19 30.94 -65.10 -8.83
C THR D 19 31.96 -66.17 -8.44
N GLU D 20 32.99 -66.34 -9.27
CA GLU D 20 34.07 -67.26 -8.90
C GLU D 20 34.87 -66.74 -7.71
N ALA D 21 34.90 -65.42 -7.50
CA ALA D 21 35.54 -64.86 -6.31
C ALA D 21 34.79 -65.26 -5.04
N GLU D 22 33.45 -65.04 -5.00
CA GLU D 22 32.73 -65.47 -3.80
C GLU D 22 32.53 -66.97 -3.73
N LEU D 23 32.84 -67.71 -4.81
CA LEU D 23 32.79 -69.16 -4.73
C LEU D 23 34.06 -69.72 -4.11
N GLN D 24 35.23 -69.23 -4.55
CA GLN D 24 36.47 -69.69 -3.94
C GLN D 24 36.61 -69.14 -2.52
N LYS D 25 36.03 -67.96 -2.26
CA LYS D 25 35.87 -67.54 -0.87
C LYS D 25 34.85 -68.41 -0.15
N LEU D 26 33.82 -68.85 -0.87
CA LEU D 26 32.70 -69.57 -0.24
C LEU D 26 33.11 -70.96 0.21
N LYS D 27 34.05 -71.60 -0.48
CA LYS D 27 34.56 -72.87 -0.01
C LYS D 27 35.57 -72.73 1.12
N MET D 28 36.02 -71.52 1.42
CA MET D 28 37.02 -71.28 2.47
C MET D 28 36.52 -70.28 3.49
N MET D 29 35.26 -70.41 3.90
CA MET D 29 34.68 -69.57 4.94
C MET D 29 33.89 -70.43 5.91
N SER D 30 33.08 -69.80 6.76
CA SER D 30 32.31 -70.53 7.76
C SER D 30 31.23 -71.38 7.10
N PRO D 31 31.00 -72.59 7.59
CA PRO D 31 30.07 -73.50 6.90
C PRO D 31 28.61 -73.14 7.07
N MET D 32 28.17 -72.80 8.30
CA MET D 32 26.75 -72.63 8.55
C MET D 32 26.43 -71.33 9.29
N SER D 33 27.34 -70.36 9.27
CA SER D 33 27.05 -69.06 9.87
C SER D 33 26.20 -68.23 8.92
N ALA D 34 25.83 -67.03 9.37
CA ALA D 34 25.01 -66.15 8.55
C ALA D 34 25.79 -65.52 7.41
N GLU D 35 27.13 -65.54 7.48
CA GLU D 35 27.93 -64.91 6.43
C GLU D 35 27.91 -65.72 5.15
N ALA D 36 28.05 -67.05 5.24
CA ALA D 36 27.90 -67.88 4.05
C ALA D 36 26.44 -67.98 3.61
N THR D 37 25.49 -67.64 4.48
CA THR D 37 24.09 -67.55 4.09
C THR D 37 23.84 -66.31 3.24
N VAL D 38 24.35 -65.17 3.68
CA VAL D 38 24.16 -63.92 2.93
C VAL D 38 24.95 -63.94 1.63
N VAL D 39 26.19 -64.44 1.66
CA VAL D 39 26.94 -64.56 0.41
C VAL D 39 26.35 -65.69 -0.45
N ARG D 40 25.74 -66.69 0.18
CA ARG D 40 25.05 -67.73 -0.59
C ARG D 40 23.82 -67.15 -1.30
N GLY D 41 23.15 -66.18 -0.68
CA GLY D 41 22.15 -65.41 -1.41
C GLY D 41 22.77 -64.55 -2.50
N TYR D 42 23.98 -64.05 -2.24
CA TYR D 42 24.75 -63.27 -3.21
C TYR D 42 25.31 -64.13 -4.34
N ILE D 43 25.09 -65.44 -4.32
CA ILE D 43 25.14 -66.22 -5.55
C ILE D 43 23.75 -66.68 -6.00
N ASP D 44 22.76 -66.67 -5.11
CA ASP D 44 21.39 -67.02 -5.49
C ASP D 44 20.82 -66.01 -6.48
N TRP D 45 21.06 -64.72 -6.24
CA TRP D 45 20.69 -63.72 -7.23
C TRP D 45 21.50 -63.89 -8.50
N MET D 46 22.77 -64.26 -8.38
CA MET D 46 23.63 -64.35 -9.55
C MET D 46 23.36 -65.59 -10.40
N LEU D 47 22.56 -66.53 -9.91
CA LEU D 47 22.08 -67.56 -10.83
C LEU D 47 20.78 -67.19 -11.51
N GLN D 48 19.89 -66.47 -10.82
CA GLN D 48 18.59 -66.17 -11.40
C GLN D 48 18.62 -65.07 -12.45
N VAL D 49 19.73 -64.39 -12.65
CA VAL D 49 19.77 -63.32 -13.65
C VAL D 49 19.83 -63.94 -15.04
N PRO D 50 18.96 -63.53 -15.97
CA PRO D 50 19.02 -64.07 -17.32
C PRO D 50 20.17 -63.50 -18.14
N TRP D 51 21.35 -64.12 -18.01
CA TRP D 51 22.51 -63.64 -18.74
C TRP D 51 22.48 -64.01 -20.22
N ASN D 52 21.67 -64.99 -20.60
CA ASN D 52 21.54 -65.44 -21.98
C ASN D 52 20.13 -65.98 -22.17
N SER D 53 19.96 -66.80 -23.21
CA SER D 53 18.71 -67.53 -23.53
C SER D 53 17.56 -66.57 -23.82
N ARG D 54 17.70 -65.89 -24.96
CA ARG D 54 16.64 -65.07 -25.53
C ARG D 54 15.48 -65.92 -26.02
N SER D 55 14.42 -65.24 -26.45
CA SER D 55 13.26 -65.88 -27.03
C SER D 55 13.07 -65.42 -28.47
N LYS D 56 12.73 -66.35 -29.36
CA LYS D 56 12.52 -66.04 -30.77
C LYS D 56 11.24 -65.26 -30.92
N VAL D 57 11.36 -63.95 -31.07
CA VAL D 57 10.21 -63.07 -31.12
C VAL D 57 9.54 -63.14 -32.48
N LYS D 58 8.24 -62.91 -32.50
CA LYS D 58 7.45 -63.04 -33.72
C LYS D 58 7.69 -61.85 -34.64
N LYS D 59 7.50 -62.08 -35.94
CA LYS D 59 7.95 -61.08 -36.92
C LYS D 59 6.88 -60.70 -37.94
N ASP D 60 5.93 -61.59 -38.21
CA ASP D 60 4.90 -61.29 -39.20
C ASP D 60 3.90 -60.31 -38.61
N LEU D 61 3.76 -59.14 -39.25
CA LEU D 61 2.82 -58.15 -38.77
C LEU D 61 1.38 -58.49 -39.11
N VAL D 62 1.15 -59.42 -40.02
CA VAL D 62 -0.20 -59.75 -40.43
C VAL D 62 -0.94 -60.45 -39.28
N LYS D 63 -0.28 -61.42 -38.66
CA LYS D 63 -0.90 -62.04 -37.50
C LYS D 63 -0.81 -61.14 -36.27
N ALA D 64 0.03 -60.11 -36.30
CA ALA D 64 -0.03 -59.10 -35.26
C ALA D 64 -1.31 -58.29 -35.38
N GLN D 65 -1.71 -57.97 -36.61
CA GLN D 65 -3.02 -57.39 -36.85
C GLN D 65 -4.13 -58.35 -36.42
N GLU D 66 -3.94 -59.65 -36.67
CA GLU D 66 -4.92 -60.64 -36.26
C GLU D 66 -5.04 -60.73 -34.74
N VAL D 67 -3.95 -60.47 -34.02
CA VAL D 67 -3.94 -60.73 -32.59
C VAL D 67 -4.18 -59.46 -31.77
N LEU D 68 -4.11 -58.28 -32.39
CA LEU D 68 -4.48 -57.09 -31.62
C LEU D 68 -5.99 -56.93 -31.50
N ASP D 69 -6.75 -57.67 -32.28
CA ASP D 69 -8.20 -57.53 -32.30
C ASP D 69 -8.90 -58.38 -31.25
N THR D 70 -8.22 -58.76 -30.18
CA THR D 70 -8.81 -59.65 -29.19
C THR D 70 -8.95 -59.00 -27.81
N ASP D 71 -8.69 -57.70 -27.68
CA ASP D 71 -8.76 -57.04 -26.39
C ASP D 71 -9.88 -56.02 -26.28
N HIS D 72 -9.87 -55.01 -27.15
CA HIS D 72 -10.94 -54.03 -27.14
C HIS D 72 -11.28 -53.66 -28.58
N TYR D 73 -12.48 -53.11 -28.75
CA TYR D 73 -12.98 -52.82 -30.08
C TYR D 73 -12.36 -51.55 -30.63
N GLY D 74 -12.63 -50.42 -29.98
CA GLY D 74 -12.40 -49.13 -30.58
C GLY D 74 -11.07 -48.48 -30.29
N LEU D 75 -9.98 -49.11 -30.68
CA LEU D 75 -8.66 -48.49 -30.66
C LEU D 75 -8.14 -48.51 -32.08
N GLU D 76 -8.12 -47.35 -32.71
CA GLU D 76 -7.71 -47.25 -34.11
C GLU D 76 -6.28 -46.74 -34.24
N ARG D 77 -6.00 -45.54 -33.72
CA ARG D 77 -4.68 -44.95 -33.90
C ARG D 77 -3.63 -45.67 -33.06
N VAL D 78 -4.03 -46.16 -31.89
CA VAL D 78 -3.08 -46.76 -30.97
C VAL D 78 -2.58 -48.08 -31.52
N LYS D 79 -3.47 -48.89 -32.09
CA LYS D 79 -3.07 -50.13 -32.73
C LYS D 79 -2.17 -49.87 -33.93
N ASP D 80 -2.41 -48.77 -34.63
CA ASP D 80 -1.57 -48.42 -35.76
C ASP D 80 -0.16 -48.06 -35.31
N ARG D 81 -0.04 -47.24 -34.25
CA ARG D 81 1.27 -46.88 -33.71
C ARG D 81 2.02 -48.11 -33.22
N ILE D 82 1.32 -49.02 -32.56
CA ILE D 82 1.97 -50.21 -32.03
C ILE D 82 2.45 -51.11 -33.15
N LEU D 83 1.64 -51.26 -34.21
CA LEU D 83 2.09 -52.03 -35.37
C LEU D 83 3.24 -51.37 -36.09
N GLU D 84 3.35 -50.06 -35.98
CA GLU D 84 4.44 -49.36 -36.64
C GLU D 84 5.72 -49.41 -35.83
N TYR D 85 5.62 -49.39 -34.50
CA TYR D 85 6.79 -49.62 -33.69
C TYR D 85 7.27 -51.06 -33.84
N LEU D 86 6.34 -51.98 -34.08
CA LEU D 86 6.75 -53.33 -34.40
C LEU D 86 7.18 -53.49 -35.85
N ALA D 87 6.91 -52.50 -36.70
CA ALA D 87 7.40 -52.56 -38.07
C ALA D 87 8.85 -52.10 -38.14
N VAL D 88 9.15 -50.97 -37.49
CA VAL D 88 10.54 -50.55 -37.40
C VAL D 88 11.31 -51.53 -36.53
N GLN D 89 10.65 -52.10 -35.52
CA GLN D 89 11.23 -53.20 -34.77
C GLN D 89 11.34 -54.46 -35.63
N SER D 90 10.52 -54.58 -36.68
CA SER D 90 10.62 -55.75 -37.53
C SER D 90 11.85 -55.66 -38.43
N ARG D 91 12.17 -54.47 -38.94
CA ARG D 91 13.33 -54.44 -39.82
C ARG D 91 14.63 -54.29 -39.03
N VAL D 92 14.76 -53.23 -38.23
CA VAL D 92 15.90 -53.12 -37.34
C VAL D 92 15.68 -54.05 -36.15
N SER D 93 16.63 -54.96 -35.93
CA SER D 93 16.51 -55.93 -34.85
C SER D 93 16.72 -55.29 -33.49
N LYS D 94 17.50 -54.22 -33.41
CA LYS D 94 17.90 -53.63 -32.14
C LYS D 94 17.79 -52.12 -32.23
N ILE D 95 16.61 -51.59 -31.90
CA ILE D 95 16.40 -50.15 -31.96
C ILE D 95 16.96 -49.52 -30.69
N LYS D 96 17.66 -48.40 -30.86
CA LYS D 96 18.15 -47.61 -29.75
C LYS D 96 17.47 -46.25 -29.67
N GLY D 97 16.30 -46.12 -30.28
CA GLY D 97 15.59 -44.86 -30.33
C GLY D 97 14.78 -44.61 -29.08
N PRO D 98 13.66 -43.90 -29.23
CA PRO D 98 12.83 -43.58 -28.07
C PRO D 98 11.98 -44.78 -27.67
N ILE D 99 11.12 -44.54 -26.67
CA ILE D 99 10.37 -45.59 -26.00
C ILE D 99 8.90 -45.25 -26.09
N LEU D 100 8.07 -46.26 -26.37
CA LEU D 100 6.62 -46.08 -26.48
C LEU D 100 6.02 -45.59 -25.19
N CYS D 101 4.81 -45.04 -25.31
CA CYS D 101 4.11 -44.53 -24.16
C CYS D 101 2.61 -44.60 -24.40
N LEU D 102 1.86 -44.67 -23.31
CA LEU D 102 0.41 -44.81 -23.39
C LEU D 102 -0.17 -44.08 -22.19
N VAL D 103 -0.55 -42.82 -22.38
CA VAL D 103 -1.15 -42.04 -21.31
C VAL D 103 -2.53 -41.58 -21.76
N GLY D 104 -3.54 -41.90 -20.96
CA GLY D 104 -4.89 -41.50 -21.24
C GLY D 104 -5.73 -41.41 -19.99
N PRO D 105 -7.03 -41.69 -20.11
CA PRO D 105 -7.92 -41.60 -18.97
C PRO D 105 -7.71 -42.77 -18.02
N PRO D 106 -8.09 -42.64 -16.75
CA PRO D 106 -7.85 -43.72 -15.78
C PRO D 106 -8.77 -44.91 -16.04
N GLY D 107 -8.20 -46.10 -16.09
CA GLY D 107 -8.96 -47.33 -16.12
C GLY D 107 -8.82 -48.12 -17.40
N VAL D 108 -8.81 -47.47 -18.57
CA VAL D 108 -8.84 -48.12 -19.87
C VAL D 108 -7.56 -48.89 -20.12
N GLY D 109 -7.53 -49.69 -21.18
CA GLY D 109 -6.57 -50.75 -21.26
C GLY D 109 -5.13 -50.40 -21.61
N LYS D 110 -4.65 -49.29 -21.06
CA LYS D 110 -3.22 -49.07 -20.99
C LYS D 110 -2.54 -50.14 -20.14
N THR D 111 -3.22 -50.63 -19.11
CA THR D 111 -2.71 -51.77 -18.36
C THR D 111 -2.85 -53.04 -19.19
N SER D 112 -3.81 -53.06 -20.10
CA SER D 112 -4.10 -54.26 -20.88
C SER D 112 -3.28 -54.36 -22.16
N LEU D 113 -2.77 -53.23 -22.69
CA LEU D 113 -2.05 -53.31 -23.95
C LEU D 113 -0.69 -53.95 -23.81
N GLY D 114 -0.14 -54.01 -22.60
CA GLY D 114 1.06 -54.80 -22.39
C GLY D 114 0.83 -56.27 -22.66
N GLN D 115 -0.36 -56.77 -22.38
CA GLN D 115 -0.71 -58.12 -22.76
C GLN D 115 -0.76 -58.26 -24.27
N SER D 116 -1.30 -57.24 -24.94
CA SER D 116 -1.46 -57.27 -26.38
C SER D 116 -0.12 -57.31 -27.08
N ILE D 117 0.80 -56.43 -26.72
CA ILE D 117 2.11 -56.43 -27.34
C ILE D 117 2.88 -57.65 -26.90
N ALA D 118 2.62 -58.10 -25.67
CA ALA D 118 3.37 -59.22 -25.08
C ALA D 118 3.13 -60.51 -25.85
N LYS D 119 1.88 -60.92 -26.00
CA LYS D 119 1.62 -62.08 -26.81
C LYS D 119 1.41 -61.72 -28.28
N ALA D 120 1.68 -60.46 -28.65
CA ALA D 120 1.75 -60.09 -30.04
C ALA D 120 3.15 -60.20 -30.61
N THR D 121 4.17 -60.20 -29.76
CA THR D 121 5.54 -60.32 -30.23
C THR D 121 6.22 -61.61 -29.82
N GLY D 122 5.81 -62.21 -28.71
CA GLY D 122 6.42 -63.43 -28.22
C GLY D 122 7.24 -63.24 -26.97
N ARG D 123 7.72 -62.03 -26.72
CA ARG D 123 8.45 -61.77 -25.49
C ARG D 123 7.49 -61.72 -24.31
N GLN D 124 7.99 -62.03 -23.13
CA GLN D 124 7.12 -62.26 -21.99
C GLN D 124 6.78 -60.95 -21.29
N TYR D 125 5.62 -60.95 -20.63
CA TYR D 125 5.12 -59.77 -19.94
C TYR D 125 5.68 -59.69 -18.53
N VAL D 126 5.99 -58.46 -18.10
CA VAL D 126 6.32 -58.14 -16.70
C VAL D 126 5.65 -56.82 -16.37
N ARG D 127 4.94 -56.76 -15.25
CA ARG D 127 4.41 -55.49 -14.78
C ARG D 127 5.29 -54.97 -13.65
N MET D 128 5.42 -53.66 -13.56
CA MET D 128 6.14 -53.01 -12.47
C MET D 128 5.18 -52.61 -11.36
N PRO D 151 14.96 -48.46 -4.79
CA PRO D 151 15.48 -48.03 -6.10
C PRO D 151 15.69 -49.18 -7.08
N GLY D 152 16.52 -50.16 -6.73
CA GLY D 152 16.80 -51.23 -7.65
C GLY D 152 15.93 -52.46 -7.48
N LYS D 153 14.86 -52.55 -8.28
CA LYS D 153 14.02 -53.74 -8.35
C LYS D 153 13.92 -54.28 -9.77
N LEU D 154 14.76 -53.77 -10.67
CA LEU D 154 14.67 -54.13 -12.07
C LEU D 154 15.11 -55.57 -12.32
N ILE D 155 16.33 -55.89 -11.90
CA ILE D 155 16.88 -57.22 -12.15
C ILE D 155 16.23 -58.26 -11.24
N GLN D 156 15.56 -57.80 -10.18
CA GLN D 156 14.59 -58.62 -9.47
C GLN D 156 13.50 -59.13 -10.40
N LYS D 157 12.96 -58.22 -11.23
CA LYS D 157 11.90 -58.63 -12.13
C LYS D 157 12.42 -59.39 -13.32
N MET D 158 13.64 -59.07 -13.76
CA MET D 158 14.31 -59.88 -14.78
C MET D 158 14.51 -61.31 -14.30
N ALA D 159 14.86 -61.47 -13.03
CA ALA D 159 14.92 -62.80 -12.45
C ALA D 159 13.54 -63.39 -12.28
N LYS D 160 12.52 -62.54 -12.08
CA LYS D 160 11.17 -63.03 -11.87
C LYS D 160 10.61 -63.64 -13.14
N VAL D 161 10.93 -63.04 -14.29
CA VAL D 161 10.50 -63.66 -15.53
C VAL D 161 11.48 -64.74 -16.00
N GLY D 162 12.78 -64.56 -15.77
CA GLY D 162 13.77 -65.54 -16.18
C GLY D 162 13.90 -65.72 -17.69
N VAL D 163 14.04 -64.62 -18.42
CA VAL D 163 14.34 -64.66 -19.84
C VAL D 163 15.02 -63.35 -20.19
N LYS D 164 15.83 -63.36 -21.24
CA LYS D 164 16.78 -62.27 -21.44
C LYS D 164 16.13 -61.00 -21.97
N ASN D 165 15.17 -61.12 -22.90
CA ASN D 165 14.62 -59.99 -23.62
C ASN D 165 13.11 -59.88 -23.43
N PRO D 166 12.67 -59.41 -22.28
CA PRO D 166 11.23 -59.42 -21.98
C PRO D 166 10.53 -58.20 -22.52
N LEU D 167 9.26 -58.03 -22.18
CA LEU D 167 8.54 -56.78 -22.40
C LEU D 167 8.30 -56.18 -21.01
N PHE D 168 9.31 -55.49 -20.50
CA PHE D 168 9.20 -54.90 -19.19
C PHE D 168 8.35 -53.64 -19.28
N LEU D 169 7.66 -53.32 -18.20
CA LEU D 169 6.80 -52.14 -18.18
C LEU D 169 7.20 -51.21 -17.05
N LEU D 170 6.84 -49.94 -17.21
CA LEU D 170 7.07 -48.91 -16.19
C LEU D 170 5.74 -48.19 -16.01
N ASP D 171 4.87 -48.73 -15.17
CA ASP D 171 3.52 -48.22 -15.08
C ASP D 171 3.40 -47.14 -14.02
N GLU D 172 2.58 -46.13 -14.35
CA GLU D 172 2.14 -45.07 -13.43
C GLU D 172 3.32 -44.30 -12.85
N ILE D 173 4.03 -43.61 -13.73
CA ILE D 173 5.14 -42.76 -13.30
C ILE D 173 4.59 -41.56 -12.53
N ASP D 174 3.40 -41.11 -12.87
CA ASP D 174 2.67 -40.17 -12.05
C ASP D 174 2.31 -40.83 -10.71
N ALA D 185 12.89 -41.54 -8.62
CA ALA D 185 12.69 -40.22 -9.20
C ALA D 185 13.44 -40.10 -10.52
N SER D 186 14.66 -39.57 -10.46
CA SER D 186 15.50 -39.47 -11.65
C SER D 186 16.46 -40.63 -11.78
N ALA D 187 16.09 -41.82 -11.30
CA ALA D 187 17.04 -42.92 -11.25
C ALA D 187 16.94 -43.84 -12.45
N LEU D 188 15.98 -43.64 -13.34
CA LEU D 188 15.66 -44.66 -14.33
C LEU D 188 15.92 -44.25 -15.77
N LEU D 189 16.32 -43.00 -16.02
CA LEU D 189 16.69 -42.61 -17.37
C LEU D 189 18.03 -43.20 -17.80
N GLU D 190 18.81 -43.69 -16.83
CA GLU D 190 20.04 -44.43 -17.11
C GLU D 190 19.76 -45.83 -17.64
N VAL D 191 18.51 -46.28 -17.58
CA VAL D 191 18.06 -47.52 -18.21
C VAL D 191 17.54 -47.15 -19.59
N LEU D 192 17.04 -45.92 -19.73
CA LEU D 192 16.39 -45.53 -20.97
C LEU D 192 17.38 -45.05 -22.03
N ASP D 193 18.50 -44.47 -21.62
CA ASP D 193 19.43 -43.89 -22.60
C ASP D 193 20.17 -45.00 -23.36
N PRO D 194 20.39 -44.83 -24.66
CA PRO D 194 20.85 -45.97 -25.47
C PRO D 194 22.30 -46.36 -25.25
N GLU D 195 23.21 -45.41 -25.12
CA GLU D 195 24.62 -45.77 -25.00
C GLU D 195 24.99 -46.23 -23.59
N GLN D 196 24.18 -45.91 -22.58
CA GLN D 196 24.46 -46.34 -21.22
C GLN D 196 23.69 -47.59 -20.83
N ASN D 197 23.48 -48.51 -21.77
CA ASN D 197 22.81 -49.76 -21.46
C ASN D 197 23.59 -50.95 -21.97
N VAL D 198 24.89 -50.77 -22.25
CA VAL D 198 25.75 -51.94 -22.41
C VAL D 198 25.94 -52.63 -21.07
N ALA D 199 25.86 -51.88 -19.97
CA ALA D 199 26.00 -52.44 -18.64
C ALA D 199 25.23 -51.57 -17.66
N PHE D 200 24.69 -52.21 -16.63
CA PHE D 200 23.92 -51.55 -15.60
C PHE D 200 23.84 -52.47 -14.41
N ASN D 201 23.99 -51.91 -13.21
CA ASN D 201 23.92 -52.69 -11.99
C ASN D 201 23.52 -51.82 -10.80
N ASP D 202 22.80 -52.43 -9.88
CA ASP D 202 22.42 -51.85 -8.60
C ASP D 202 23.38 -52.43 -7.56
N HIS D 203 23.10 -52.20 -6.26
CA HIS D 203 24.02 -52.69 -5.24
C HIS D 203 23.90 -54.19 -4.97
N TYR D 204 23.09 -54.93 -5.72
CA TYR D 204 23.02 -56.38 -5.55
C TYR D 204 24.12 -57.12 -6.28
N LEU D 205 24.73 -56.52 -7.30
CA LEU D 205 25.44 -57.34 -8.28
C LEU D 205 26.90 -56.98 -8.46
N GLU D 206 27.23 -55.69 -8.31
CA GLU D 206 28.50 -55.04 -8.72
C GLU D 206 29.07 -55.55 -10.04
N LEU D 211 22.31 -54.64 -21.87
CA LEU D 211 20.85 -54.64 -22.03
C LEU D 211 20.41 -54.45 -23.47
N SER D 212 20.36 -55.54 -24.23
CA SER D 212 19.86 -55.52 -25.59
C SER D 212 18.46 -56.12 -25.61
N ASP D 213 17.62 -55.56 -26.50
CA ASP D 213 16.22 -55.96 -26.70
C ASP D 213 15.42 -55.88 -25.40
N VAL D 214 15.78 -54.94 -24.53
CA VAL D 214 15.05 -54.75 -23.28
C VAL D 214 13.93 -53.77 -23.61
N MET D 215 12.87 -54.30 -24.18
CA MET D 215 11.84 -53.47 -24.81
C MET D 215 10.89 -52.96 -23.75
N PHE D 216 10.63 -51.66 -23.79
CA PHE D 216 9.83 -51.02 -22.76
C PHE D 216 8.53 -50.49 -23.31
N VAL D 217 7.50 -50.53 -22.47
CA VAL D 217 6.27 -49.80 -22.67
C VAL D 217 5.96 -49.14 -21.34
N ALA D 218 6.13 -47.83 -21.26
CA ALA D 218 5.91 -47.11 -20.02
C ALA D 218 4.60 -46.37 -20.12
N THR D 219 3.70 -46.60 -19.16
CA THR D 219 2.44 -45.90 -19.13
C THR D 219 2.38 -45.03 -17.88
N SER D 220 1.34 -44.20 -17.83
CA SER D 220 1.03 -43.37 -16.68
C SER D 220 -0.45 -43.01 -16.78
N ASN D 221 -0.87 -42.04 -15.99
CA ASN D 221 -2.26 -41.61 -16.03
C ASN D 221 -2.43 -40.18 -16.49
N SER D 222 -1.39 -39.35 -16.42
CA SER D 222 -1.53 -37.97 -16.83
C SER D 222 -0.25 -37.52 -17.51
N MET D 223 -0.29 -36.28 -17.99
CA MET D 223 0.81 -35.74 -18.76
C MET D 223 1.94 -35.22 -17.88
N ASN D 224 1.74 -35.16 -16.56
CA ASN D 224 2.76 -34.65 -15.66
C ASN D 224 3.90 -35.64 -15.53
N ILE D 225 4.91 -35.48 -16.38
CA ILE D 225 6.06 -36.38 -16.44
C ILE D 225 7.29 -35.54 -16.16
N PRO D 226 8.27 -36.04 -15.40
CA PRO D 226 9.55 -35.34 -15.28
C PRO D 226 10.24 -35.18 -16.62
N ALA D 227 10.95 -34.07 -16.78
CA ALA D 227 11.42 -33.67 -18.10
C ALA D 227 12.47 -34.58 -18.75
N PRO D 228 13.47 -35.15 -18.05
CA PRO D 228 14.29 -36.17 -18.71
C PRO D 228 13.53 -37.44 -19.05
N LEU D 229 12.48 -37.76 -18.28
CA LEU D 229 11.62 -38.87 -18.66
C LEU D 229 10.75 -38.49 -19.85
N LEU D 230 10.22 -37.26 -19.84
CA LEU D 230 9.36 -36.77 -20.90
C LEU D 230 10.11 -36.58 -22.21
N ASP D 231 11.45 -36.51 -22.14
CA ASP D 231 12.27 -36.41 -23.34
C ASP D 231 12.22 -37.68 -24.19
N ARG D 232 11.94 -38.83 -23.57
CA ARG D 232 12.11 -40.11 -24.24
C ARG D 232 10.80 -40.90 -24.36
N MET D 233 9.66 -40.21 -24.44
CA MET D 233 8.38 -40.89 -24.44
C MET D 233 7.53 -40.38 -25.60
N GLU D 234 7.24 -41.27 -26.55
CA GLU D 234 6.32 -40.99 -27.64
C GLU D 234 4.90 -41.00 -27.07
N VAL D 235 4.38 -39.84 -26.71
CA VAL D 235 3.14 -39.79 -25.95
C VAL D 235 1.96 -40.07 -26.88
N ILE D 236 1.31 -41.20 -26.65
CA ILE D 236 0.06 -41.55 -27.33
C ILE D 236 -1.09 -41.13 -26.44
N ARG D 237 -1.92 -40.22 -26.93
CA ARG D 237 -3.10 -39.81 -26.18
C ARG D 237 -4.21 -40.80 -26.49
N LEU D 238 -4.65 -41.54 -25.47
CA LEU D 238 -5.85 -42.34 -25.59
C LEU D 238 -7.03 -41.54 -25.11
N SER D 239 -8.18 -41.81 -25.70
CA SER D 239 -9.38 -41.02 -25.46
C SER D 239 -10.34 -41.76 -24.54
N GLY D 240 -11.30 -41.02 -24.00
CA GLY D 240 -12.42 -41.67 -23.36
C GLY D 240 -13.24 -42.44 -24.38
N TYR D 241 -13.69 -43.62 -23.99
CA TYR D 241 -14.38 -44.48 -24.94
C TYR D 241 -15.80 -43.96 -25.17
N THR D 242 -16.31 -44.18 -26.37
CA THR D 242 -17.68 -43.77 -26.66
C THR D 242 -18.66 -44.89 -26.30
N GLU D 243 -19.95 -44.56 -26.40
CA GLU D 243 -20.99 -45.46 -25.93
C GLU D 243 -21.19 -46.63 -26.87
N ASP D 244 -20.94 -46.45 -28.16
CA ASP D 244 -20.96 -47.59 -29.07
C ASP D 244 -19.75 -48.47 -28.84
N GLU D 245 -18.61 -47.87 -28.49
CA GLU D 245 -17.43 -48.65 -28.16
C GLU D 245 -17.64 -49.44 -26.88
N LYS D 246 -18.18 -48.79 -25.85
CA LYS D 246 -18.50 -49.50 -24.62
C LYS D 246 -19.60 -50.53 -24.82
N LEU D 247 -20.50 -50.29 -25.77
CA LEU D 247 -21.60 -51.21 -25.98
C LEU D 247 -21.14 -52.44 -26.75
N ASN D 248 -20.23 -52.27 -27.70
CA ASN D 248 -19.70 -53.42 -28.42
C ASN D 248 -18.65 -54.16 -27.60
N ILE D 249 -17.92 -53.46 -26.73
CA ILE D 249 -16.96 -54.12 -25.85
C ILE D 249 -17.67 -54.88 -24.75
N ALA D 250 -18.71 -54.28 -24.16
CA ALA D 250 -19.54 -55.02 -23.23
C ALA D 250 -20.36 -56.10 -23.92
N LYS D 251 -20.59 -55.97 -25.23
CA LYS D 251 -21.21 -57.05 -25.97
C LYS D 251 -20.26 -58.23 -26.13
N GLN D 252 -19.04 -57.97 -26.56
CA GLN D 252 -18.17 -59.04 -27.05
C GLN D 252 -17.08 -59.46 -26.07
N HIS D 253 -16.39 -58.53 -25.43
CA HIS D 253 -15.17 -58.87 -24.72
C HIS D 253 -15.21 -58.58 -23.23
N LEU D 254 -16.39 -58.41 -22.64
CA LEU D 254 -16.49 -58.27 -21.18
C LEU D 254 -17.32 -59.37 -20.55
N LEU D 255 -18.50 -59.65 -21.10
CA LEU D 255 -19.33 -60.73 -20.58
C LEU D 255 -18.71 -62.13 -20.68
N PRO D 256 -17.83 -62.48 -21.63
CA PRO D 256 -17.05 -63.71 -21.45
C PRO D 256 -16.20 -63.75 -20.18
N LYS D 257 -15.48 -62.67 -19.86
CA LYS D 257 -14.63 -62.73 -18.68
C LYS D 257 -15.41 -62.47 -17.39
N GLN D 258 -16.72 -62.26 -17.48
CA GLN D 258 -17.56 -62.35 -16.29
C GLN D 258 -18.31 -63.68 -16.23
N PHE D 259 -18.47 -64.34 -17.37
CA PHE D 259 -19.07 -65.68 -17.36
C PHE D 259 -18.09 -66.71 -16.83
N GLU D 260 -16.87 -66.73 -17.37
CA GLU D 260 -15.93 -67.79 -17.01
C GLU D 260 -15.42 -67.66 -15.59
N ARG D 261 -15.45 -66.46 -15.01
CA ARG D 261 -15.16 -66.29 -13.59
C ARG D 261 -16.34 -66.63 -12.71
N ASN D 262 -17.50 -66.94 -13.30
CA ASN D 262 -18.64 -67.49 -12.57
C ASN D 262 -19.10 -68.83 -13.11
N ALA D 263 -18.36 -69.40 -14.09
CA ALA D 263 -18.59 -70.75 -14.65
C ALA D 263 -19.98 -70.92 -15.22
N ILE D 264 -20.56 -69.83 -15.72
CA ILE D 264 -21.95 -69.80 -16.16
C ILE D 264 -22.04 -70.30 -17.59
N LYS D 265 -22.92 -71.28 -17.83
CA LYS D 265 -23.10 -71.82 -19.16
C LYS D 265 -24.09 -70.96 -19.95
N LYS D 266 -24.55 -71.46 -21.10
CA LYS D 266 -25.22 -70.62 -22.08
C LYS D 266 -26.63 -70.22 -21.68
N GLY D 267 -27.51 -71.21 -21.55
CA GLY D 267 -28.94 -70.94 -21.60
C GLY D 267 -29.65 -70.62 -20.31
N GLU D 268 -29.06 -69.79 -19.46
CA GLU D 268 -29.81 -69.29 -18.31
C GLU D 268 -29.59 -67.81 -18.02
N LEU D 269 -28.59 -67.16 -18.62
CA LEU D 269 -28.38 -65.73 -18.44
C LEU D 269 -28.26 -65.08 -19.80
N THR D 270 -29.15 -64.14 -20.08
CA THR D 270 -29.15 -63.43 -21.35
C THR D 270 -29.67 -62.02 -21.12
N ILE D 271 -28.83 -61.03 -21.38
CA ILE D 271 -29.20 -59.63 -21.30
C ILE D 271 -28.94 -59.01 -22.67
N ASP D 272 -29.94 -58.32 -23.20
CA ASP D 272 -29.68 -57.60 -24.43
C ASP D 272 -28.95 -56.30 -24.13
N ASP D 273 -28.41 -55.68 -25.18
CA ASP D 273 -27.53 -54.53 -25.02
C ASP D 273 -28.27 -53.25 -24.61
N SER D 274 -29.60 -53.25 -24.64
CA SER D 274 -30.37 -52.08 -24.22
C SER D 274 -30.25 -51.85 -22.72
N ALA D 275 -30.30 -52.93 -21.93
CA ALA D 275 -30.06 -52.80 -20.50
C ALA D 275 -28.63 -52.41 -20.21
N ILE D 276 -27.69 -52.80 -21.08
CA ILE D 276 -26.32 -52.32 -20.97
C ILE D 276 -26.25 -50.82 -21.26
N MET D 277 -27.08 -50.34 -22.19
CA MET D 277 -27.20 -48.88 -22.38
C MET D 277 -27.74 -48.21 -21.12
N SER D 278 -28.64 -48.88 -20.39
CA SER D 278 -29.05 -48.35 -19.09
C SER D 278 -27.91 -48.37 -18.10
N ILE D 279 -27.02 -49.36 -18.19
CA ILE D 279 -25.86 -49.41 -17.30
C ILE D 279 -24.92 -48.24 -17.59
N ILE D 280 -24.72 -47.95 -18.87
CA ILE D 280 -23.82 -46.88 -19.27
C ILE D 280 -24.39 -45.52 -18.89
N ARG D 281 -25.68 -45.31 -19.16
CA ARG D 281 -26.29 -44.00 -18.94
C ARG D 281 -26.61 -43.76 -17.47
N TYR D 282 -27.48 -44.58 -16.87
CA TYR D 282 -28.18 -44.16 -15.67
C TYR D 282 -27.34 -44.32 -14.41
N TYR D 283 -26.56 -45.40 -14.31
CA TYR D 283 -25.89 -45.71 -13.05
C TYR D 283 -24.74 -44.77 -12.75
N THR D 284 -23.73 -44.77 -13.61
CA THR D 284 -22.43 -44.24 -13.26
C THR D 284 -21.88 -43.33 -14.34
N ARG D 285 -21.01 -42.41 -13.93
CA ARG D 285 -20.48 -41.34 -14.77
C ARG D 285 -18.98 -41.49 -14.85
N GLU D 286 -18.47 -42.06 -15.95
CA GLU D 286 -17.03 -42.25 -16.10
C GLU D 286 -16.71 -42.35 -17.58
N ALA D 287 -15.40 -42.38 -17.89
CA ALA D 287 -14.91 -42.60 -19.24
C ALA D 287 -14.29 -43.97 -19.44
N GLY D 288 -13.84 -44.63 -18.37
CA GLY D 288 -13.21 -45.93 -18.48
C GLY D 288 -14.18 -47.07 -18.35
N VAL D 289 -13.63 -48.27 -18.26
CA VAL D 289 -14.41 -49.48 -18.05
C VAL D 289 -14.14 -50.09 -16.67
N ARG D 290 -13.49 -49.34 -15.79
CA ARG D 290 -13.20 -49.85 -14.44
C ARG D 290 -14.49 -49.97 -13.64
N SER D 291 -15.21 -48.87 -13.48
CA SER D 291 -16.49 -48.89 -12.78
C SER D 291 -17.53 -49.68 -13.55
N LEU D 292 -17.39 -49.74 -14.87
CA LEU D 292 -18.25 -50.60 -15.67
C LEU D 292 -18.05 -52.07 -15.32
N GLU D 293 -16.80 -52.47 -15.08
CA GLU D 293 -16.56 -53.85 -14.65
C GLU D 293 -16.95 -54.07 -13.20
N ARG D 294 -16.96 -53.02 -12.38
CA ARG D 294 -17.49 -53.19 -11.03
C ARG D 294 -18.99 -53.44 -11.06
N GLU D 295 -19.71 -52.70 -11.92
CA GLU D 295 -21.16 -52.86 -11.95
C GLU D 295 -21.57 -54.15 -12.65
N ILE D 296 -20.90 -54.50 -13.75
CA ILE D 296 -21.22 -55.76 -14.42
C ILE D 296 -20.77 -56.95 -13.58
N SER D 297 -19.69 -56.79 -12.82
CA SER D 297 -19.23 -57.88 -11.96
C SER D 297 -20.17 -58.11 -10.79
N LYS D 298 -20.70 -57.02 -10.20
CA LYS D 298 -21.70 -57.18 -9.16
C LYS D 298 -23.01 -57.70 -9.72
N LEU D 299 -23.34 -57.34 -10.97
CA LEU D 299 -24.53 -57.88 -11.61
C LEU D 299 -24.37 -59.36 -11.93
N CYS D 300 -23.13 -59.82 -12.10
CA CYS D 300 -22.93 -61.26 -12.31
C CYS D 300 -22.85 -62.04 -10.99
N ARG D 301 -22.39 -61.42 -9.90
CA ARG D 301 -22.45 -62.14 -8.62
C ARG D 301 -23.89 -62.22 -8.11
N LYS D 302 -24.71 -61.18 -8.37
CA LYS D 302 -26.13 -61.33 -8.12
C LYS D 302 -26.82 -62.17 -9.18
N ALA D 303 -26.17 -62.38 -10.34
CA ALA D 303 -26.73 -63.34 -11.31
C ALA D 303 -26.50 -64.77 -10.82
N VAL D 304 -25.40 -65.02 -10.12
CA VAL D 304 -25.19 -66.34 -9.52
C VAL D 304 -26.02 -66.50 -8.26
N LYS D 305 -26.20 -65.41 -7.49
CA LYS D 305 -26.95 -65.46 -6.25
C LYS D 305 -28.44 -65.73 -6.49
N ASN D 306 -28.94 -65.41 -7.68
CA ASN D 306 -30.31 -65.72 -8.04
C ASN D 306 -30.50 -67.16 -8.53
N LEU D 307 -29.45 -67.98 -8.53
CA LEU D 307 -29.52 -69.35 -9.00
C LEU D 307 -29.66 -70.37 -7.88
N LEU D 308 -30.39 -70.04 -6.82
CA LEU D 308 -30.53 -70.96 -5.69
C LEU D 308 -32.01 -71.23 -5.39
N LYS D 314 -35.85 -70.13 -14.89
CA LYS D 314 -34.62 -70.69 -15.41
C LYS D 314 -33.83 -69.66 -16.21
N HIS D 315 -34.34 -69.32 -17.38
CA HIS D 315 -33.64 -68.42 -18.31
C HIS D 315 -33.81 -67.00 -17.78
N ILE D 316 -32.88 -66.61 -16.91
CA ILE D 316 -32.99 -65.33 -16.21
C ILE D 316 -32.66 -64.20 -17.19
N GLU D 317 -33.67 -63.41 -17.54
CA GLU D 317 -33.51 -62.25 -18.39
C GLU D 317 -33.66 -60.99 -17.54
N ILE D 318 -32.83 -59.99 -17.82
CA ILE D 318 -32.82 -58.74 -17.08
C ILE D 318 -33.21 -57.63 -18.03
N ASN D 319 -34.31 -56.96 -17.73
CA ASN D 319 -34.79 -55.83 -18.51
C ASN D 319 -34.81 -54.58 -17.63
N GLY D 320 -35.41 -53.51 -18.14
CA GLY D 320 -35.36 -52.21 -17.48
C GLY D 320 -36.10 -52.12 -16.16
N ASP D 321 -36.86 -53.16 -15.78
CA ASP D 321 -37.62 -53.10 -14.54
C ASP D 321 -36.70 -53.28 -13.33
N ASN D 322 -36.03 -54.42 -13.23
CA ASN D 322 -35.23 -54.75 -12.05
C ASN D 322 -33.83 -54.13 -12.07
N LEU D 323 -33.54 -53.23 -13.01
CA LEU D 323 -32.28 -52.52 -12.97
C LEU D 323 -32.24 -51.49 -11.85
N LYS D 324 -33.38 -50.84 -11.57
CA LYS D 324 -33.46 -49.96 -10.41
C LYS D 324 -33.44 -50.75 -9.10
N ASP D 325 -33.79 -52.03 -9.14
CA ASP D 325 -33.90 -52.86 -7.95
C ASP D 325 -32.59 -53.58 -7.64
N PHE D 326 -31.86 -53.98 -8.67
CA PHE D 326 -30.55 -54.60 -8.47
C PHE D 326 -29.53 -53.57 -7.99
N LEU D 327 -28.36 -54.08 -7.63
CA LEU D 327 -27.13 -53.33 -7.46
C LEU D 327 -27.20 -52.27 -6.35
N GLN D 345 -31.49 -18.38 -20.03
CA GLN D 345 -31.09 -19.77 -19.89
C GLN D 345 -30.45 -20.34 -21.17
N VAL D 346 -29.22 -20.84 -21.06
CA VAL D 346 -28.55 -21.55 -22.14
C VAL D 346 -27.96 -22.83 -21.57
N THR D 347 -27.42 -23.66 -22.47
CA THR D 347 -26.91 -24.97 -22.07
C THR D 347 -25.68 -25.25 -22.93
N GLY D 348 -24.51 -25.25 -22.30
CA GLY D 348 -23.28 -25.33 -23.06
C GLY D 348 -22.56 -26.66 -22.89
N LEU D 349 -21.68 -26.94 -23.85
CA LEU D 349 -20.81 -28.09 -23.81
C LEU D 349 -19.55 -27.69 -23.05
N ALA D 350 -19.04 -28.59 -22.23
CA ALA D 350 -17.82 -28.33 -21.47
C ALA D 350 -16.79 -29.39 -21.81
N TRP D 351 -15.53 -28.99 -21.85
CA TRP D 351 -14.43 -29.92 -22.12
C TRP D 351 -13.81 -30.35 -20.79
N THR D 352 -14.64 -31.00 -19.98
CA THR D 352 -14.19 -31.43 -18.67
C THR D 352 -13.23 -32.61 -18.80
N GLU D 353 -12.41 -32.79 -17.77
CA GLU D 353 -11.43 -33.87 -17.76
C GLU D 353 -12.09 -35.24 -17.73
N VAL D 354 -13.14 -35.41 -16.93
CA VAL D 354 -13.80 -36.72 -16.81
C VAL D 354 -14.84 -36.78 -17.92
N GLY D 355 -14.36 -37.11 -19.12
CA GLY D 355 -15.22 -37.32 -20.27
C GLY D 355 -15.96 -36.10 -20.75
N GLY D 356 -16.94 -36.32 -21.62
CA GLY D 356 -17.81 -35.23 -22.04
C GLY D 356 -18.76 -34.83 -20.93
N ASP D 357 -19.32 -33.63 -21.06
CA ASP D 357 -20.15 -33.07 -20.02
C ASP D 357 -21.08 -32.04 -20.64
N LEU D 358 -22.34 -32.06 -20.22
CA LEU D 358 -23.22 -30.94 -20.50
C LEU D 358 -23.13 -29.93 -19.36
N LEU D 359 -23.34 -28.66 -19.69
CA LEU D 359 -23.21 -27.65 -18.65
C LEU D 359 -24.24 -26.57 -18.89
N THR D 360 -25.01 -26.27 -17.85
CA THR D 360 -26.13 -25.34 -17.93
C THR D 360 -25.66 -23.99 -17.40
N ILE D 361 -25.73 -22.98 -18.26
CA ILE D 361 -25.31 -21.64 -17.89
C ILE D 361 -26.54 -20.74 -17.86
N GLU D 362 -26.70 -19.99 -16.78
CA GLU D 362 -27.86 -19.13 -16.61
C GLU D 362 -27.42 -17.77 -16.10
N THR D 363 -28.03 -16.73 -16.66
CA THR D 363 -27.68 -15.35 -16.36
C THR D 363 -28.89 -14.60 -15.82
N ALA D 364 -28.63 -13.46 -15.19
CA ALA D 364 -29.68 -12.67 -14.56
C ALA D 364 -29.46 -11.20 -14.84
N CYS D 365 -30.55 -10.44 -14.79
CA CYS D 365 -30.52 -9.01 -15.08
C CYS D 365 -31.64 -8.30 -14.32
N VAL D 366 -31.30 -7.69 -13.19
CA VAL D 366 -32.24 -6.86 -12.45
C VAL D 366 -31.86 -5.39 -12.64
N PRO D 367 -32.81 -4.46 -12.65
CA PRO D 367 -32.45 -3.04 -12.71
C PRO D 367 -31.88 -2.56 -11.38
N GLY D 368 -30.77 -1.82 -11.46
CA GLY D 368 -30.04 -1.40 -10.28
C GLY D 368 -28.86 -0.53 -10.65
N LYS D 369 -27.70 -0.80 -10.06
CA LYS D 369 -26.52 0.04 -10.27
C LYS D 369 -25.62 -0.49 -11.38
N GLY D 370 -25.99 -1.59 -12.02
CA GLY D 370 -25.23 -2.09 -13.15
C GLY D 370 -23.87 -2.67 -12.83
N LYS D 371 -23.55 -2.89 -11.55
CA LYS D 371 -22.25 -3.41 -11.19
C LYS D 371 -22.19 -4.89 -11.57
N LEU D 372 -21.04 -5.33 -12.05
CA LEU D 372 -20.89 -6.69 -12.52
C LEU D 372 -20.89 -7.67 -11.36
N THR D 373 -21.58 -8.79 -11.55
CA THR D 373 -21.67 -9.82 -10.53
C THR D 373 -21.39 -11.15 -11.19
N TYR D 374 -20.49 -11.93 -10.60
CA TYR D 374 -20.16 -13.25 -11.10
C TYR D 374 -19.87 -14.19 -9.95
N THR D 375 -20.44 -15.38 -10.02
CA THR D 375 -20.10 -16.46 -9.11
C THR D 375 -20.01 -17.76 -9.91
N GLY D 376 -19.39 -18.75 -9.29
CA GLY D 376 -19.13 -20.01 -9.95
C GLY D 376 -17.69 -20.42 -9.71
N SER D 377 -16.93 -19.54 -9.04
CA SER D 377 -15.55 -19.72 -8.60
C SER D 377 -14.58 -20.02 -9.75
N LEU D 378 -14.35 -19.08 -10.66
CA LEU D 378 -13.34 -19.23 -11.69
C LEU D 378 -12.33 -18.09 -11.60
N GLY D 379 -11.34 -18.14 -12.49
CA GLY D 379 -10.28 -17.15 -12.46
C GLY D 379 -10.65 -15.84 -13.10
N GLU D 380 -9.65 -15.03 -13.46
CA GLU D 380 -9.90 -13.75 -14.11
C GLU D 380 -10.00 -13.86 -15.61
N VAL D 381 -9.74 -15.04 -16.18
CA VAL D 381 -9.92 -15.21 -17.61
C VAL D 381 -11.41 -15.21 -17.95
N MET D 382 -12.22 -15.73 -17.03
CA MET D 382 -13.66 -15.55 -17.15
C MET D 382 -14.07 -14.11 -16.93
N GLN D 383 -13.29 -13.32 -16.18
CA GLN D 383 -13.63 -11.92 -16.00
C GLN D 383 -13.43 -11.13 -17.29
N GLU D 384 -12.28 -11.32 -17.94
CA GLU D 384 -12.05 -10.65 -19.20
C GLU D 384 -12.91 -11.24 -20.31
N SER D 385 -13.36 -12.49 -20.15
CA SER D 385 -14.34 -13.02 -21.08
C SER D 385 -15.71 -12.40 -20.84
N ILE D 386 -16.01 -12.06 -19.58
CA ILE D 386 -17.24 -11.33 -19.27
C ILE D 386 -17.19 -9.94 -19.90
N GLN D 387 -16.04 -9.27 -19.79
CA GLN D 387 -15.89 -7.95 -20.41
C GLN D 387 -15.94 -8.06 -21.93
N ALA D 388 -15.49 -9.17 -22.48
CA ALA D 388 -15.64 -9.44 -23.90
C ALA D 388 -17.11 -9.58 -24.27
N ALA D 389 -17.86 -10.32 -23.44
CA ALA D 389 -19.28 -10.54 -23.72
C ALA D 389 -20.07 -9.25 -23.62
N LEU D 390 -19.90 -8.51 -22.53
CA LEU D 390 -20.57 -7.23 -22.36
C LEU D 390 -20.17 -6.23 -23.42
N THR D 391 -18.92 -6.28 -23.89
CA THR D 391 -18.52 -5.36 -24.94
C THR D 391 -19.15 -5.70 -26.27
N VAL D 392 -19.28 -7.00 -26.58
CA VAL D 392 -19.98 -7.43 -27.79
C VAL D 392 -21.45 -7.07 -27.71
N VAL D 393 -22.05 -7.18 -26.53
CA VAL D 393 -23.45 -6.84 -26.37
C VAL D 393 -23.68 -5.33 -26.53
N ARG D 394 -22.89 -4.52 -25.80
CA ARG D 394 -23.01 -3.07 -25.87
C ARG D 394 -22.67 -2.52 -27.24
N ALA D 395 -21.83 -3.22 -28.00
CA ALA D 395 -21.58 -2.81 -29.38
C ALA D 395 -22.80 -3.01 -30.27
N ARG D 396 -23.75 -3.83 -29.86
CA ARG D 396 -24.89 -4.22 -30.66
C ARG D 396 -26.18 -3.86 -29.96
N ALA D 397 -26.22 -2.67 -29.37
CA ALA D 397 -27.46 -2.22 -28.75
C ALA D 397 -28.39 -1.56 -29.74
N ASP D 398 -27.91 -1.30 -30.96
CA ASP D 398 -28.75 -0.66 -31.97
C ASP D 398 -29.71 -1.68 -32.58
N LYS D 399 -29.16 -2.71 -33.20
CA LYS D 399 -29.93 -3.68 -33.97
C LYS D 399 -30.52 -4.80 -33.12
N LEU D 400 -30.38 -4.74 -31.79
CA LEU D 400 -31.10 -5.65 -30.93
C LEU D 400 -32.23 -5.00 -30.16
N GLY D 401 -32.35 -3.68 -30.20
CA GLY D 401 -33.43 -3.00 -29.51
C GLY D 401 -33.25 -2.99 -28.01
N ILE D 402 -32.06 -2.63 -27.56
CA ILE D 402 -31.70 -2.62 -26.15
C ILE D 402 -31.23 -1.21 -25.79
N ASN D 403 -31.79 -0.66 -24.73
CA ASN D 403 -31.39 0.65 -24.25
C ASN D 403 -29.97 0.57 -23.70
N PRO D 404 -28.99 1.28 -24.30
CA PRO D 404 -27.57 0.98 -24.03
C PRO D 404 -27.07 1.34 -22.65
N ASP D 405 -27.89 2.00 -21.82
CA ASP D 405 -27.46 2.44 -20.51
C ASP D 405 -27.54 1.34 -19.45
N PHE D 406 -27.62 0.08 -19.87
CA PHE D 406 -27.76 -1.03 -18.95
C PHE D 406 -26.45 -1.39 -18.26
N TYR D 407 -25.33 -0.79 -18.67
CA TYR D 407 -24.07 -1.03 -17.98
C TYR D 407 -24.04 -0.40 -16.61
N GLU D 408 -24.90 0.58 -16.34
CA GLU D 408 -25.00 1.21 -15.04
C GLU D 408 -26.41 1.29 -14.47
N LYS D 409 -27.43 0.89 -15.23
CA LYS D 409 -28.79 0.89 -14.74
C LYS D 409 -29.33 -0.51 -14.47
N ARG D 410 -28.71 -1.55 -15.02
CA ARG D 410 -29.22 -2.91 -14.89
C ARG D 410 -28.10 -3.80 -14.38
N ASP D 411 -28.25 -4.31 -13.16
CA ASP D 411 -27.26 -5.22 -12.59
C ASP D 411 -27.19 -6.51 -13.40
N ILE D 412 -25.98 -7.04 -13.53
CA ILE D 412 -25.72 -8.20 -14.39
C ILE D 412 -25.07 -9.28 -13.56
N HIS D 413 -25.70 -10.45 -13.51
CA HIS D 413 -25.15 -11.61 -12.83
C HIS D 413 -25.15 -12.81 -13.76
N VAL D 414 -23.95 -13.33 -14.03
CA VAL D 414 -23.73 -14.48 -14.89
C VAL D 414 -23.35 -15.65 -14.00
N HIS D 415 -24.07 -16.75 -14.11
CA HIS D 415 -23.79 -17.91 -13.28
C HIS D 415 -23.44 -19.11 -14.15
N VAL D 416 -22.38 -19.81 -13.75
CA VAL D 416 -21.95 -21.03 -14.40
C VAL D 416 -21.43 -21.97 -13.31
N PRO D 417 -21.66 -23.28 -13.41
CA PRO D 417 -20.96 -24.22 -12.53
C PRO D 417 -19.49 -24.32 -12.91
N GLU D 418 -18.71 -24.90 -12.00
CA GLU D 418 -17.25 -24.88 -12.12
C GLU D 418 -16.69 -26.10 -12.83
N GLY D 419 -17.51 -26.88 -13.53
CA GLY D 419 -16.98 -28.04 -14.21
C GLY D 419 -16.32 -27.71 -15.54
N ALA D 420 -14.99 -27.67 -15.54
CA ALA D 420 -14.18 -27.36 -16.70
C ALA D 420 -12.74 -27.75 -16.39
N THR D 421 -11.83 -27.34 -17.26
CA THR D 421 -10.40 -27.46 -17.07
C THR D 421 -9.77 -26.08 -17.13
N PRO D 422 -8.61 -25.88 -16.49
CA PRO D 422 -7.94 -24.56 -16.60
C PRO D 422 -7.51 -24.22 -18.02
N LYS D 423 -6.72 -25.09 -18.66
CA LYS D 423 -6.53 -24.94 -20.09
C LYS D 423 -7.83 -25.31 -20.81
N ASP D 424 -8.14 -24.55 -21.86
CA ASP D 424 -9.44 -24.51 -22.52
C ASP D 424 -10.54 -24.20 -21.52
N GLY D 425 -10.23 -23.31 -20.58
CA GLY D 425 -11.20 -22.70 -19.70
C GLY D 425 -12.21 -21.80 -20.38
N PRO D 426 -11.76 -20.66 -20.97
CA PRO D 426 -12.73 -19.62 -21.39
C PRO D 426 -13.57 -19.93 -22.61
N SER D 427 -13.61 -21.19 -23.06
CA SER D 427 -14.53 -21.58 -24.10
C SER D 427 -15.97 -21.50 -23.60
N ALA D 428 -16.90 -21.68 -24.54
CA ALA D 428 -18.34 -21.42 -24.36
C ALA D 428 -18.57 -19.99 -23.88
N GLY D 429 -17.85 -19.05 -24.49
CA GLY D 429 -18.12 -17.65 -24.21
C GLY D 429 -19.36 -17.16 -24.91
N ILE D 430 -19.65 -17.74 -26.09
CA ILE D 430 -20.83 -17.31 -26.84
C ILE D 430 -22.13 -17.77 -26.20
N ALA D 431 -22.07 -18.80 -25.35
CA ALA D 431 -23.24 -19.14 -24.56
C ALA D 431 -23.46 -18.09 -23.48
N MET D 432 -22.38 -17.51 -22.96
CA MET D 432 -22.53 -16.40 -22.02
C MET D 432 -23.06 -15.16 -22.72
N CYS D 433 -22.59 -14.90 -23.95
CA CYS D 433 -23.07 -13.74 -24.70
C CYS D 433 -24.55 -13.87 -25.05
N THR D 434 -24.93 -15.00 -25.64
CA THR D 434 -26.33 -15.21 -26.00
C THR D 434 -27.20 -15.37 -24.75
N ALA D 435 -26.59 -15.79 -23.64
CA ALA D 435 -27.32 -15.84 -22.38
C ALA D 435 -27.61 -14.43 -21.86
N LEU D 436 -26.67 -13.50 -22.03
CA LEU D 436 -26.93 -12.13 -21.61
C LEU D 436 -27.92 -11.44 -22.55
N VAL D 437 -27.87 -11.77 -23.84
CA VAL D 437 -28.90 -11.28 -24.76
C VAL D 437 -30.26 -11.88 -24.38
N SER D 438 -30.25 -13.10 -23.84
CA SER D 438 -31.49 -13.73 -23.40
C SER D 438 -32.05 -13.01 -22.17
N CYS D 439 -31.18 -12.61 -21.25
CA CYS D 439 -31.71 -11.92 -20.08
C CYS D 439 -31.89 -10.43 -20.34
N LEU D 440 -31.54 -9.93 -21.51
CA LEU D 440 -31.91 -8.54 -21.83
C LEU D 440 -33.19 -8.49 -22.64
N THR D 441 -33.23 -9.19 -23.78
CA THR D 441 -34.37 -9.05 -24.68
C THR D 441 -35.59 -9.85 -24.24
N GLY D 442 -35.54 -10.50 -23.08
CA GLY D 442 -36.69 -11.23 -22.56
C GLY D 442 -36.99 -12.52 -23.28
N ASN D 443 -36.09 -12.96 -24.15
CA ASN D 443 -36.29 -14.16 -24.95
C ASN D 443 -35.48 -15.30 -24.35
N PRO D 444 -36.10 -16.35 -23.83
CA PRO D 444 -35.34 -17.51 -23.39
C PRO D 444 -34.75 -18.26 -24.58
N VAL D 445 -33.44 -18.50 -24.52
CA VAL D 445 -32.78 -19.33 -25.52
C VAL D 445 -33.29 -20.76 -25.38
N ARG D 446 -33.63 -21.36 -26.52
CA ARG D 446 -34.15 -22.72 -26.57
C ARG D 446 -33.14 -23.72 -25.98
N ALA D 447 -33.65 -24.59 -25.11
CA ALA D 447 -32.79 -25.45 -24.30
C ALA D 447 -32.26 -26.66 -25.06
N ASP D 448 -32.58 -26.79 -26.34
CA ASP D 448 -32.06 -27.87 -27.15
C ASP D 448 -30.85 -27.45 -27.99
N VAL D 449 -30.04 -26.51 -27.50
CA VAL D 449 -28.93 -26.00 -28.29
C VAL D 449 -27.61 -26.21 -27.56
N ALA D 450 -26.54 -26.39 -28.32
CA ALA D 450 -25.21 -26.56 -27.74
C ALA D 450 -24.28 -25.50 -28.30
N MET D 451 -23.58 -24.80 -27.42
CA MET D 451 -22.71 -23.70 -27.80
C MET D 451 -21.36 -23.82 -27.11
N THR D 452 -20.32 -23.59 -27.90
CA THR D 452 -18.96 -23.59 -27.37
C THR D 452 -18.12 -22.66 -28.24
N GLY D 453 -16.94 -22.33 -27.74
CA GLY D 453 -16.05 -21.43 -28.46
C GLY D 453 -15.73 -20.21 -27.64
N GLU D 454 -14.69 -19.48 -28.02
CA GLU D 454 -14.27 -18.31 -27.25
C GLU D 454 -14.51 -17.07 -28.07
N ILE D 455 -14.90 -15.99 -27.40
CA ILE D 455 -15.40 -14.78 -28.03
C ILE D 455 -14.31 -13.71 -28.06
N THR D 456 -14.32 -12.88 -29.11
CA THR D 456 -13.43 -11.76 -29.28
C THR D 456 -14.23 -10.46 -29.30
N LEU D 457 -13.52 -9.33 -29.26
CA LEU D 457 -14.20 -8.05 -29.09
C LEU D 457 -14.92 -7.60 -30.35
N ARG D 458 -14.59 -8.17 -31.48
CA ARG D 458 -15.46 -8.00 -32.63
C ARG D 458 -16.48 -9.12 -32.77
N GLY D 459 -16.63 -9.96 -31.76
CA GLY D 459 -17.59 -11.02 -31.81
C GLY D 459 -17.17 -12.24 -32.60
N LEU D 460 -15.98 -12.22 -33.20
CA LEU D 460 -15.58 -13.39 -33.95
C LEU D 460 -15.12 -14.48 -32.98
N VAL D 461 -15.29 -15.73 -33.40
CA VAL D 461 -15.19 -16.86 -32.48
C VAL D 461 -13.90 -17.60 -32.78
N LEU D 462 -13.09 -17.82 -31.75
CA LEU D 462 -11.81 -18.48 -31.85
C LEU D 462 -11.99 -20.00 -31.93
N PRO D 463 -10.96 -20.73 -32.37
CA PRO D 463 -11.00 -22.19 -32.28
C PRO D 463 -10.97 -22.70 -30.85
N ILE D 464 -11.18 -24.00 -30.73
CA ILE D 464 -11.22 -24.71 -29.46
C ILE D 464 -10.57 -26.08 -29.61
N GLY D 465 -10.14 -26.62 -28.48
CA GLY D 465 -9.49 -27.90 -28.45
C GLY D 465 -10.38 -29.00 -27.89
N GLY D 466 -10.23 -30.19 -28.45
CA GLY D 466 -11.05 -31.31 -28.03
C GLY D 466 -12.50 -31.19 -28.42
N LEU D 467 -12.78 -31.09 -29.72
CA LEU D 467 -14.16 -31.00 -30.19
C LEU D 467 -14.92 -32.30 -29.96
N LYS D 468 -14.23 -33.44 -30.08
CA LYS D 468 -14.82 -34.76 -29.94
C LYS D 468 -15.49 -34.95 -28.60
N GLU D 469 -14.79 -34.57 -27.52
CA GLU D 469 -15.26 -34.83 -26.18
C GLU D 469 -16.52 -34.05 -25.86
N LYS D 470 -16.67 -32.87 -26.45
CA LYS D 470 -17.92 -32.13 -26.30
C LYS D 470 -18.98 -32.65 -27.27
N LEU D 471 -18.57 -33.23 -28.39
CA LEU D 471 -19.55 -33.83 -29.30
C LEU D 471 -20.21 -35.06 -28.73
N LEU D 472 -19.50 -35.85 -27.92
CA LEU D 472 -20.09 -37.04 -27.34
C LEU D 472 -21.16 -36.68 -26.31
N ALA D 473 -20.93 -35.61 -25.55
CA ALA D 473 -21.97 -35.08 -24.68
C ALA D 473 -23.07 -34.41 -25.48
N ALA D 474 -22.75 -33.90 -26.67
CA ALA D 474 -23.75 -33.25 -27.50
C ALA D 474 -24.73 -34.24 -28.10
N HIS D 475 -24.28 -35.46 -28.41
CA HIS D 475 -25.22 -36.46 -28.89
C HIS D 475 -25.80 -37.26 -27.74
N ARG D 476 -25.11 -37.30 -26.60
CA ARG D 476 -25.62 -38.03 -25.44
C ARG D 476 -26.85 -37.37 -24.84
N GLY D 477 -26.81 -36.07 -24.60
CA GLY D 477 -27.91 -35.38 -23.98
C GLY D 477 -29.14 -35.17 -24.84
N GLY D 478 -29.08 -35.55 -26.12
CA GLY D 478 -30.20 -35.35 -27.01
C GLY D 478 -30.28 -33.98 -27.64
N ILE D 479 -29.23 -33.20 -27.51
CA ILE D 479 -29.21 -31.83 -28.03
C ILE D 479 -29.04 -31.86 -29.54
N LYS D 480 -30.07 -31.43 -30.25
CA LYS D 480 -30.07 -31.46 -31.71
C LYS D 480 -29.12 -30.43 -32.30
N VAL D 481 -29.20 -29.19 -31.84
CA VAL D 481 -28.58 -28.05 -32.52
C VAL D 481 -27.21 -27.80 -31.89
N VAL D 482 -26.16 -27.97 -32.70
CA VAL D 482 -24.78 -27.80 -32.26
C VAL D 482 -24.21 -26.58 -32.94
N LEU D 483 -23.62 -25.69 -32.14
CA LEU D 483 -22.99 -24.48 -32.65
C LEU D 483 -21.49 -24.52 -32.32
N ILE D 484 -20.68 -24.67 -33.35
CA ILE D 484 -19.23 -24.78 -33.22
C ILE D 484 -18.60 -23.55 -33.85
N PRO D 485 -17.36 -23.22 -33.48
CA PRO D 485 -16.61 -22.22 -34.24
C PRO D 485 -16.32 -22.71 -35.65
N ASP D 486 -16.16 -21.75 -36.56
CA ASP D 486 -16.06 -22.09 -37.97
C ASP D 486 -14.71 -22.71 -38.32
N ASP D 487 -13.71 -22.49 -37.48
CA ASP D 487 -12.35 -22.91 -37.78
C ASP D 487 -12.13 -24.39 -37.56
N ASN D 488 -12.99 -25.05 -36.82
CA ASN D 488 -12.84 -26.47 -36.52
C ASN D 488 -13.51 -27.35 -37.56
N LYS D 489 -13.69 -26.83 -38.78
CA LYS D 489 -14.35 -27.58 -39.86
C LYS D 489 -13.55 -28.81 -40.25
N ARG D 490 -12.23 -28.71 -40.18
CA ARG D 490 -11.37 -29.86 -40.50
C ARG D 490 -11.36 -30.89 -39.39
N ASP D 491 -11.90 -30.57 -38.22
CA ASP D 491 -11.94 -31.52 -37.12
C ASP D 491 -13.20 -32.38 -37.15
N LEU D 492 -14.03 -32.26 -38.19
CA LEU D 492 -15.16 -33.16 -38.34
C LEU D 492 -14.76 -34.59 -38.65
N GLU D 493 -13.71 -34.79 -39.44
CA GLU D 493 -13.36 -36.12 -39.95
C GLU D 493 -12.56 -36.93 -38.92
N GLU D 494 -13.13 -37.03 -37.73
CA GLU D 494 -12.53 -37.74 -36.62
C GLU D 494 -13.59 -38.49 -35.82
N ILE D 495 -14.86 -38.19 -36.04
CA ILE D 495 -15.98 -38.61 -35.21
C ILE D 495 -16.62 -39.86 -35.80
N PRO D 496 -17.04 -40.82 -34.97
CA PRO D 496 -17.93 -41.89 -35.47
C PRO D 496 -19.22 -41.32 -36.01
N ASP D 497 -19.63 -41.84 -37.16
CA ASP D 497 -20.60 -41.20 -38.04
C ASP D 497 -22.04 -41.25 -37.53
N ASN D 498 -22.29 -41.89 -36.39
CA ASN D 498 -23.61 -41.79 -35.77
C ASN D 498 -23.86 -40.39 -35.24
N VAL D 499 -22.83 -39.76 -34.66
CA VAL D 499 -22.97 -38.42 -34.11
C VAL D 499 -23.11 -37.40 -35.25
N ILE D 500 -22.39 -37.65 -36.34
CA ILE D 500 -22.35 -36.71 -37.45
C ILE D 500 -23.68 -36.67 -38.21
N ALA D 501 -24.24 -37.84 -38.50
CA ALA D 501 -25.49 -37.89 -39.27
C ALA D 501 -26.72 -37.53 -38.45
N ASP D 502 -26.58 -37.37 -37.13
CA ASP D 502 -27.73 -37.03 -36.29
C ASP D 502 -27.81 -35.55 -35.93
N LEU D 503 -26.76 -34.95 -35.39
CA LEU D 503 -26.82 -33.64 -34.75
C LEU D 503 -26.78 -32.54 -35.79
N GLU D 504 -27.45 -31.43 -35.50
CA GLU D 504 -27.39 -30.26 -36.35
C GLU D 504 -26.16 -29.43 -35.96
N ILE D 505 -25.03 -29.71 -36.61
CA ILE D 505 -23.81 -28.94 -36.43
C ILE D 505 -23.84 -27.74 -37.37
N HIS D 506 -23.74 -26.55 -36.82
CA HIS D 506 -23.54 -25.34 -37.61
C HIS D 506 -22.16 -24.77 -37.35
N PRO D 507 -21.30 -24.67 -38.34
CA PRO D 507 -20.09 -23.86 -38.19
C PRO D 507 -20.40 -22.38 -38.31
N VAL D 508 -20.43 -21.72 -37.16
CA VAL D 508 -20.65 -20.28 -37.12
C VAL D 508 -19.33 -19.61 -36.81
N LYS D 509 -19.27 -18.31 -37.09
CA LYS D 509 -18.03 -17.57 -36.90
C LYS D 509 -18.25 -16.26 -36.17
N ARG D 510 -19.44 -15.70 -36.28
CA ARG D 510 -19.74 -14.38 -35.76
C ARG D 510 -20.64 -14.51 -34.55
N ILE D 511 -21.13 -13.38 -34.06
CA ILE D 511 -22.16 -13.44 -33.04
C ILE D 511 -23.52 -13.22 -33.67
N ASP D 512 -23.53 -12.72 -34.92
CA ASP D 512 -24.75 -12.58 -35.69
C ASP D 512 -25.39 -13.93 -35.98
N ASP D 513 -24.58 -14.94 -36.29
CA ASP D 513 -25.10 -16.25 -36.62
C ASP D 513 -25.34 -17.10 -35.38
N VAL D 514 -25.00 -16.60 -34.20
CA VAL D 514 -25.40 -17.28 -32.98
C VAL D 514 -26.67 -16.65 -32.42
N LEU D 515 -26.80 -15.34 -32.53
CA LEU D 515 -28.06 -14.72 -32.11
C LEU D 515 -29.20 -14.96 -33.07
N ALA D 516 -28.98 -15.56 -34.24
CA ALA D 516 -30.07 -15.85 -35.16
C ALA D 516 -30.44 -17.34 -35.17
N ILE D 517 -29.84 -18.14 -34.30
CA ILE D 517 -30.14 -19.56 -34.20
C ILE D 517 -30.56 -19.93 -32.79
N ALA D 518 -29.75 -19.59 -31.78
CA ALA D 518 -30.04 -20.00 -30.42
C ALA D 518 -31.24 -19.26 -29.84
N LEU D 519 -31.52 -18.05 -30.31
CA LEU D 519 -32.75 -17.40 -29.92
C LEU D 519 -33.93 -18.07 -30.62
N GLU D 520 -35.07 -18.15 -29.92
CA GLU D 520 -36.30 -18.63 -30.52
C GLU D 520 -37.14 -17.49 -31.08
N HIS D 521 -36.51 -16.34 -31.31
CA HIS D 521 -37.07 -15.22 -32.06
C HIS D 521 -35.93 -14.55 -32.83
N PRO D 522 -36.16 -14.15 -34.08
CA PRO D 522 -35.14 -13.40 -34.81
C PRO D 522 -34.95 -12.01 -34.23
N ALA D 523 -33.81 -11.41 -34.56
CA ALA D 523 -33.49 -10.07 -34.06
C ALA D 523 -32.85 -9.23 -35.16
N ALA E 1 -16.56 -35.14 24.49
CA ALA E 1 -17.67 -35.12 23.54
C ALA E 1 -18.63 -34.00 23.86
N LEU E 2 -18.61 -32.96 23.03
CA LEU E 2 -19.54 -31.84 23.13
C LEU E 2 -20.83 -32.10 22.37
N LYS E 3 -20.94 -33.26 21.73
CA LYS E 3 -22.07 -33.58 20.87
C LYS E 3 -23.32 -33.92 21.67
N ARG E 4 -23.17 -34.20 22.96
CA ARG E 4 -24.32 -34.58 23.78
C ARG E 4 -25.15 -33.38 24.22
N LYS E 5 -24.55 -32.19 24.28
CA LYS E 5 -25.31 -31.00 24.63
C LYS E 5 -26.18 -30.53 23.48
N ILE E 6 -25.63 -30.56 22.25
CA ILE E 6 -26.41 -30.26 21.06
C ILE E 6 -27.30 -31.44 20.68
N GLU E 7 -27.01 -32.63 21.22
CA GLU E 7 -27.94 -33.75 21.10
C GLU E 7 -29.13 -33.58 22.04
N ALA E 8 -28.90 -32.98 23.21
CA ALA E 8 -30.00 -32.76 24.16
C ALA E 8 -30.90 -31.61 23.74
N ALA E 9 -30.31 -30.52 23.24
CA ALA E 9 -31.08 -29.36 22.83
C ALA E 9 -31.57 -29.44 21.39
N LYS E 10 -31.35 -30.59 20.73
CA LYS E 10 -31.85 -30.91 19.38
C LYS E 10 -31.33 -29.91 18.34
N MET E 11 -30.02 -29.98 18.11
CA MET E 11 -29.39 -29.25 17.02
C MET E 11 -30.02 -29.65 15.68
N PRO E 12 -30.24 -28.71 14.76
CA PRO E 12 -30.85 -29.03 13.46
C PRO E 12 -29.99 -29.95 12.60
N LYS E 13 -30.53 -30.25 11.42
CA LYS E 13 -30.14 -31.44 10.66
C LYS E 13 -28.72 -31.34 10.13
N ASP E 14 -28.45 -30.37 9.25
CA ASP E 14 -27.15 -30.31 8.59
C ASP E 14 -26.06 -29.85 9.54
N ALA E 15 -26.41 -29.03 10.53
CA ALA E 15 -25.43 -28.48 11.44
C ALA E 15 -24.83 -29.52 12.38
N ARG E 16 -25.46 -30.69 12.54
CA ARG E 16 -24.87 -31.74 13.35
C ARG E 16 -23.68 -32.41 12.69
N GLU E 17 -23.79 -32.76 11.39
CA GLU E 17 -22.64 -33.34 10.70
C GLU E 17 -21.68 -32.30 10.16
N LYS E 18 -22.10 -31.05 10.01
CA LYS E 18 -21.11 -29.99 9.84
C LYS E 18 -20.37 -29.76 11.15
N THR E 19 -21.07 -29.86 12.28
CA THR E 19 -20.47 -29.73 13.60
C THR E 19 -19.44 -30.83 13.86
N GLU E 20 -19.85 -32.08 13.65
CA GLU E 20 -18.91 -33.19 13.77
C GLU E 20 -17.87 -33.17 12.66
N ALA E 21 -18.14 -32.48 11.55
CA ALA E 21 -17.12 -32.29 10.54
C ALA E 21 -16.03 -31.35 11.03
N GLU E 22 -16.41 -30.25 11.68
CA GLU E 22 -15.35 -29.43 12.26
C GLU E 22 -14.82 -29.99 13.58
N LEU E 23 -15.44 -31.04 14.11
CA LEU E 23 -14.90 -31.72 15.30
C LEU E 23 -13.88 -32.77 14.91
N GLN E 24 -14.14 -33.52 13.83
CA GLN E 24 -13.11 -34.42 13.31
C GLN E 24 -12.00 -33.63 12.62
N LYS E 25 -12.30 -32.45 12.11
CA LYS E 25 -11.22 -31.54 11.75
C LYS E 25 -10.54 -30.99 12.99
N LEU E 26 -11.34 -30.67 14.01
CA LEU E 26 -10.86 -29.90 15.15
C LEU E 26 -10.00 -30.74 16.09
N LYS E 27 -10.55 -31.84 16.60
CA LYS E 27 -9.81 -32.67 17.55
C LYS E 27 -8.75 -33.54 16.89
N MET E 28 -8.50 -33.37 15.59
CA MET E 28 -7.30 -33.90 14.96
C MET E 28 -6.23 -32.84 14.72
N MET E 29 -6.61 -31.58 14.46
CA MET E 29 -5.63 -30.54 14.23
C MET E 29 -5.30 -29.85 15.56
N SER E 30 -4.38 -28.88 15.49
CA SER E 30 -4.00 -28.10 16.66
C SER E 30 -4.79 -26.81 16.69
N PRO E 31 -5.60 -26.56 17.72
CA PRO E 31 -6.42 -25.33 17.75
C PRO E 31 -5.68 -24.12 18.31
N MET E 32 -4.35 -24.18 18.40
CA MET E 32 -3.55 -23.17 19.10
C MET E 32 -3.39 -21.87 18.31
N SER E 33 -4.12 -21.67 17.23
CA SER E 33 -4.12 -20.46 16.45
C SER E 33 -5.51 -19.82 16.57
N ALA E 34 -5.77 -18.79 15.76
CA ALA E 34 -7.04 -18.08 15.77
C ALA E 34 -8.18 -18.86 15.10
N GLU E 35 -7.94 -20.11 14.70
CA GLU E 35 -9.01 -20.96 14.21
C GLU E 35 -9.88 -21.49 15.33
N ALA E 36 -9.42 -21.39 16.59
CA ALA E 36 -10.24 -21.82 17.72
C ALA E 36 -11.48 -20.95 17.90
N THR E 37 -11.42 -19.70 17.44
CA THR E 37 -12.62 -18.88 17.42
C THR E 37 -13.59 -19.36 16.34
N VAL E 38 -13.07 -19.67 15.16
CA VAL E 38 -13.91 -20.00 14.03
C VAL E 38 -14.47 -21.41 14.15
N VAL E 39 -13.60 -22.39 14.40
CA VAL E 39 -13.98 -23.79 14.30
C VAL E 39 -14.86 -24.19 15.47
N ARG E 40 -14.48 -23.79 16.69
CA ARG E 40 -15.34 -24.03 17.84
C ARG E 40 -16.59 -23.18 17.77
N GLY E 41 -16.49 -22.01 17.13
CA GLY E 41 -17.57 -21.04 17.07
C GLY E 41 -18.74 -21.41 16.17
N TYR E 42 -18.69 -22.55 15.50
CA TYR E 42 -19.90 -23.07 14.90
C TYR E 42 -20.75 -23.81 15.94
N ILE E 43 -20.14 -24.20 17.05
CA ILE E 43 -20.85 -24.65 18.23
C ILE E 43 -21.11 -23.48 19.18
N ASP E 44 -20.13 -22.59 19.31
CA ASP E 44 -20.25 -21.48 20.24
C ASP E 44 -21.23 -20.44 19.70
N TRP E 45 -21.00 -19.96 18.49
CA TRP E 45 -21.82 -18.90 17.92
C TRP E 45 -23.23 -19.35 17.57
N MET E 46 -23.49 -20.65 17.49
CA MET E 46 -24.88 -21.12 17.46
C MET E 46 -25.42 -21.35 18.86
N LEU E 47 -24.56 -21.72 19.80
CA LEU E 47 -25.00 -22.16 21.12
C LEU E 47 -24.82 -21.08 22.17
N GLN E 48 -23.61 -20.55 22.34
CA GLN E 48 -23.38 -19.50 23.32
C GLN E 48 -23.95 -18.17 22.84
N ALA E 64 -55.24 -11.21 27.52
CA ALA E 64 -54.10 -10.30 27.69
C ALA E 64 -54.59 -8.88 27.93
N GLN E 65 -55.61 -8.76 28.78
CA GLN E 65 -56.21 -7.47 29.09
C GLN E 65 -55.28 -6.62 29.95
N GLU E 66 -55.03 -7.07 31.17
CA GLU E 66 -54.38 -6.25 32.18
C GLU E 66 -52.87 -6.31 32.13
N VAL E 67 -52.31 -7.11 31.22
CA VAL E 67 -50.87 -7.10 31.00
C VAL E 67 -50.45 -5.85 30.23
N LEU E 68 -51.38 -5.21 29.52
CA LEU E 68 -51.09 -4.00 28.78
C LEU E 68 -51.81 -2.78 29.31
N ASP E 69 -52.87 -2.96 30.11
CA ASP E 69 -53.75 -1.86 30.50
C ASP E 69 -53.37 -1.25 31.85
N THR E 70 -52.16 -1.51 32.33
CA THR E 70 -51.74 -0.93 33.60
C THR E 70 -50.34 -0.36 33.62
N ASP E 71 -49.53 -0.58 32.58
CA ASP E 71 -48.16 -0.05 32.54
C ASP E 71 -47.99 1.00 31.46
N HIS E 72 -49.06 1.36 30.76
CA HIS E 72 -49.03 2.37 29.70
C HIS E 72 -50.38 3.07 29.73
N TYR E 73 -50.46 4.15 30.50
CA TYR E 73 -51.73 4.83 30.68
C TYR E 73 -52.09 5.65 29.44
N GLY E 74 -53.39 5.74 29.17
CA GLY E 74 -53.95 6.78 28.34
C GLY E 74 -54.33 6.33 26.94
N LEU E 75 -53.58 5.40 26.37
CA LEU E 75 -53.80 4.99 24.99
C LEU E 75 -55.12 4.23 24.86
N GLU E 76 -55.82 4.48 23.77
CA GLU E 76 -57.05 3.76 23.46
C GLU E 76 -56.96 2.97 22.17
N ARG E 77 -56.61 3.62 21.07
CA ARG E 77 -56.68 2.99 19.76
C ARG E 77 -55.56 1.98 19.56
N VAL E 78 -54.35 2.31 20.01
CA VAL E 78 -53.20 1.44 19.84
C VAL E 78 -53.39 0.17 20.64
N LYS E 79 -54.07 0.27 21.78
CA LYS E 79 -54.35 -0.89 22.62
C LYS E 79 -55.21 -1.92 21.88
N ASP E 80 -56.33 -1.47 21.32
CA ASP E 80 -57.21 -2.38 20.62
C ASP E 80 -56.61 -2.85 19.30
N ARG E 81 -55.73 -2.04 18.70
CA ARG E 81 -55.02 -2.47 17.50
C ARG E 81 -54.06 -3.62 17.81
N ILE E 82 -53.34 -3.52 18.92
CA ILE E 82 -52.47 -4.60 19.33
C ILE E 82 -53.28 -5.83 19.72
N LEU E 83 -54.45 -5.61 20.31
CA LEU E 83 -55.36 -6.74 20.56
C LEU E 83 -55.90 -7.34 19.28
N GLU E 84 -55.94 -6.59 18.18
CA GLU E 84 -56.33 -7.17 16.89
C GLU E 84 -55.20 -7.98 16.27
N TYR E 85 -53.95 -7.52 16.38
CA TYR E 85 -52.88 -8.36 15.87
C TYR E 85 -52.70 -9.60 16.71
N LEU E 86 -52.95 -9.50 18.01
CA LEU E 86 -53.02 -10.69 18.83
C LEU E 86 -54.28 -11.49 18.60
N ALA E 87 -55.29 -10.91 17.95
CA ALA E 87 -56.41 -11.74 17.50
C ALA E 87 -56.04 -12.51 16.24
N VAL E 88 -55.17 -11.93 15.41
CA VAL E 88 -54.68 -12.64 14.24
C VAL E 88 -53.76 -13.77 14.67
N GLN E 89 -52.93 -13.54 15.69
CA GLN E 89 -52.18 -14.66 16.26
C GLN E 89 -53.08 -15.61 17.02
N SER E 90 -54.18 -15.10 17.58
CA SER E 90 -55.10 -15.95 18.34
C SER E 90 -55.88 -16.88 17.44
N ARG E 91 -56.10 -16.50 16.19
CA ARG E 91 -56.88 -17.33 15.26
C ARG E 91 -55.97 -18.23 14.41
N VAL E 92 -55.07 -17.62 13.65
CA VAL E 92 -54.20 -18.35 12.74
C VAL E 92 -53.12 -19.05 13.54
N SER E 93 -52.79 -20.28 13.15
CA SER E 93 -51.77 -21.05 13.85
C SER E 93 -50.37 -20.48 13.67
N LYS E 94 -50.12 -19.71 12.60
CA LYS E 94 -48.79 -19.14 12.37
C LYS E 94 -48.93 -17.91 11.51
N ILE E 95 -48.51 -16.75 12.03
CA ILE E 95 -48.46 -15.53 11.25
C ILE E 95 -47.14 -15.47 10.50
N LYS E 96 -47.21 -15.39 9.18
CA LYS E 96 -46.08 -14.99 8.35
C LYS E 96 -46.42 -13.75 7.54
N GLY E 97 -47.35 -12.94 8.04
CA GLY E 97 -47.82 -11.78 7.34
C GLY E 97 -46.99 -10.54 7.63
N PRO E 98 -47.65 -9.40 7.77
CA PRO E 98 -46.93 -8.15 7.97
C PRO E 98 -46.41 -7.99 9.38
N ILE E 99 -45.35 -7.20 9.51
CA ILE E 99 -44.67 -6.94 10.77
C ILE E 99 -45.11 -5.57 11.28
N LEU E 100 -45.58 -5.51 12.52
CA LEU E 100 -46.04 -4.25 13.07
C LEU E 100 -44.89 -3.29 13.29
N CYS E 101 -45.06 -2.05 12.83
CA CYS E 101 -44.08 -0.99 13.02
C CYS E 101 -44.71 0.10 13.86
N LEU E 102 -44.27 0.20 15.11
CA LEU E 102 -44.77 1.26 16.00
C LEU E 102 -44.13 2.57 15.61
N VAL E 103 -44.94 3.50 15.11
CA VAL E 103 -44.45 4.77 14.58
C VAL E 103 -45.00 5.89 15.43
N GLY E 104 -44.12 6.80 15.86
CA GLY E 104 -44.51 7.96 16.61
C GLY E 104 -43.35 8.91 16.78
N PRO E 105 -43.58 10.06 17.40
CA PRO E 105 -42.49 10.96 17.69
C PRO E 105 -41.62 10.38 18.79
N PRO E 106 -40.35 10.80 18.89
CA PRO E 106 -39.49 10.30 19.96
C PRO E 106 -39.93 10.80 21.32
N GLY E 107 -39.80 9.94 22.31
CA GLY E 107 -40.19 10.24 23.66
C GLY E 107 -41.43 9.50 24.12
N VAL E 108 -42.19 8.92 23.19
CA VAL E 108 -43.30 8.06 23.59
C VAL E 108 -42.77 6.68 23.89
N GLY E 109 -43.63 5.82 24.42
CA GLY E 109 -43.21 4.48 24.79
C GLY E 109 -43.12 3.46 23.67
N LYS E 110 -42.67 3.86 22.47
CA LYS E 110 -42.58 2.90 21.38
C LYS E 110 -41.48 1.88 21.61
N THR E 111 -40.41 2.27 22.30
CA THR E 111 -39.46 1.27 22.76
C THR E 111 -40.00 0.57 24.00
N SER E 112 -40.86 1.27 24.74
CA SER E 112 -41.31 0.77 26.02
C SER E 112 -42.54 -0.12 25.94
N LEU E 113 -43.19 -0.20 24.79
CA LEU E 113 -44.25 -1.19 24.63
C LEU E 113 -43.73 -2.57 24.32
N GLY E 114 -42.47 -2.70 23.88
CA GLY E 114 -41.93 -4.02 23.62
C GLY E 114 -41.76 -4.84 24.88
N GLN E 115 -41.57 -4.18 26.03
CA GLN E 115 -41.59 -4.87 27.30
C GLN E 115 -42.96 -5.44 27.59
N SER E 116 -43.99 -4.60 27.43
CA SER E 116 -45.34 -4.99 27.79
C SER E 116 -45.92 -6.00 26.81
N ILE E 117 -45.51 -5.97 25.56
CA ILE E 117 -45.93 -6.98 24.60
C ILE E 117 -45.14 -8.28 24.81
N ALA E 118 -43.84 -8.16 25.12
CA ALA E 118 -43.03 -9.34 25.40
C ALA E 118 -43.52 -10.09 26.63
N LYS E 119 -44.06 -9.38 27.61
CA LYS E 119 -44.75 -10.06 28.70
C LYS E 119 -46.23 -10.28 28.42
N ALA E 120 -46.75 -9.74 27.31
CA ALA E 120 -48.13 -10.04 26.94
C ALA E 120 -48.24 -11.39 26.23
N THR E 121 -47.25 -11.75 25.43
CA THR E 121 -47.20 -13.09 24.88
C THR E 121 -46.44 -14.03 25.79
N GLY E 122 -45.29 -13.61 26.28
CA GLY E 122 -44.43 -14.42 27.12
C GLY E 122 -43.04 -14.64 26.57
N ARG E 123 -42.78 -14.27 25.32
CA ARG E 123 -41.46 -14.47 24.75
C ARG E 123 -40.53 -13.34 25.18
N GLN E 124 -39.26 -13.47 24.79
CA GLN E 124 -38.19 -12.66 25.36
C GLN E 124 -38.16 -11.27 24.72
N TYR E 125 -37.08 -10.54 24.97
CA TYR E 125 -36.92 -9.18 24.45
C TYR E 125 -35.48 -9.00 24.04
N VAL E 126 -35.24 -8.62 22.79
CA VAL E 126 -33.94 -8.18 22.33
C VAL E 126 -34.13 -6.88 21.58
N ARG E 127 -33.38 -5.85 21.97
CA ARG E 127 -33.30 -4.63 21.20
C ARG E 127 -32.04 -4.67 20.36
N MET E 128 -32.18 -4.42 19.06
CA MET E 128 -31.06 -4.35 18.13
C MET E 128 -30.84 -2.91 17.70
N ALA E 129 -29.68 -2.37 18.02
CA ALA E 129 -29.35 -1.00 17.64
C ALA E 129 -28.93 -0.95 16.18
N LEU E 130 -29.46 0.01 15.44
CA LEU E 130 -29.21 0.15 14.01
C LEU E 130 -28.69 1.56 13.75
N GLY E 131 -27.37 1.68 13.64
CA GLY E 131 -26.74 2.97 13.41
C GLY E 131 -26.16 3.12 12.01
N PRO E 151 -18.30 -13.56 12.62
CA PRO E 151 -19.58 -13.81 13.28
C PRO E 151 -20.59 -12.72 12.98
N GLY E 152 -21.78 -13.11 12.51
CA GLY E 152 -22.76 -12.13 12.10
C GLY E 152 -23.44 -11.46 13.27
N LYS E 153 -24.16 -10.37 12.97
CA LYS E 153 -24.76 -9.55 14.01
C LYS E 153 -26.03 -10.17 14.56
N LEU E 154 -26.95 -10.50 13.67
CA LEU E 154 -28.22 -11.11 14.07
C LEU E 154 -28.00 -12.51 14.65
N ILE E 155 -26.97 -13.22 14.18
CA ILE E 155 -26.67 -14.51 14.76
C ILE E 155 -25.97 -14.36 16.10
N GLN E 156 -25.41 -13.17 16.40
CA GLN E 156 -24.86 -12.90 17.71
C GLN E 156 -25.95 -12.53 18.71
N LYS E 157 -26.92 -11.73 18.29
CA LYS E 157 -27.99 -11.36 19.19
C LYS E 157 -28.93 -12.53 19.43
N MET E 158 -29.28 -13.26 18.37
CA MET E 158 -29.99 -14.52 18.52
C MET E 158 -29.15 -15.56 19.22
N ALA E 159 -27.83 -15.45 19.12
CA ALA E 159 -26.96 -16.32 19.92
C ALA E 159 -27.02 -15.98 21.40
N LYS E 160 -27.29 -14.72 21.72
CA LYS E 160 -27.23 -14.30 23.10
C LYS E 160 -28.59 -14.38 23.80
N VAL E 161 -29.69 -14.37 23.05
CA VAL E 161 -31.00 -14.46 23.69
C VAL E 161 -31.23 -15.85 24.30
N GLY E 162 -30.70 -16.90 23.67
CA GLY E 162 -30.79 -18.22 24.23
C GLY E 162 -32.14 -18.91 24.15
N VAL E 163 -33.16 -18.25 23.59
CA VAL E 163 -34.47 -18.86 23.44
C VAL E 163 -34.66 -19.17 21.95
N LYS E 164 -35.58 -20.09 21.68
CA LYS E 164 -35.84 -20.50 20.31
C LYS E 164 -36.71 -19.48 19.57
N ASN E 165 -37.59 -18.77 20.28
CA ASN E 165 -38.64 -17.97 19.66
C ASN E 165 -38.83 -16.64 20.40
N PRO E 166 -38.03 -15.62 20.03
CA PRO E 166 -38.11 -14.33 20.74
C PRO E 166 -39.05 -13.31 20.12
N LEU E 167 -39.15 -12.14 20.75
CA LEU E 167 -39.80 -10.94 20.20
C LEU E 167 -38.67 -9.96 19.86
N PHE E 168 -38.14 -10.09 18.66
CA PHE E 168 -36.89 -9.40 18.29
C PHE E 168 -37.24 -8.01 17.80
N LEU E 169 -37.16 -7.02 18.69
CA LEU E 169 -37.49 -5.65 18.32
C LEU E 169 -36.37 -5.02 17.49
N LEU E 170 -36.75 -3.95 16.80
CA LEU E 170 -35.82 -3.19 15.96
C LEU E 170 -36.13 -1.71 16.13
N ASP E 171 -35.17 -0.96 16.66
CA ASP E 171 -35.25 0.49 16.68
C ASP E 171 -34.34 1.07 15.60
N GLU E 172 -34.60 2.33 15.26
CA GLU E 172 -33.80 3.14 14.34
C GLU E 172 -33.70 2.51 12.96
N ILE E 173 -34.86 2.28 12.34
CA ILE E 173 -34.86 1.81 10.96
C ILE E 173 -34.34 2.91 10.03
N ASP E 174 -34.62 4.16 10.38
CA ASP E 174 -34.25 5.31 9.55
C ASP E 174 -32.74 5.47 9.45
N LYS E 175 -32.00 5.00 10.44
CA LYS E 175 -30.58 5.29 10.53
C LYS E 175 -29.75 4.06 10.17
N ALA E 185 -27.23 -2.52 5.13
CA ALA E 185 -27.86 -2.22 3.84
C ALA E 185 -28.98 -3.22 3.55
N SER E 186 -28.62 -4.32 2.91
CA SER E 186 -29.59 -5.33 2.50
C SER E 186 -29.76 -6.45 3.51
N ALA E 187 -29.37 -6.24 4.77
CA ALA E 187 -29.35 -7.33 5.73
C ALA E 187 -30.68 -7.55 6.42
N LEU E 188 -31.61 -6.61 6.31
CA LEU E 188 -32.84 -6.70 7.09
C LEU E 188 -34.03 -7.21 6.28
N LEU E 189 -34.16 -6.80 5.01
CA LEU E 189 -35.27 -7.26 4.20
C LEU E 189 -35.12 -8.71 3.77
N GLU E 190 -33.92 -9.25 3.83
CA GLU E 190 -33.69 -10.67 3.56
C GLU E 190 -34.12 -11.56 4.72
N VAL E 191 -34.52 -10.97 5.85
CA VAL E 191 -35.09 -11.72 6.95
C VAL E 191 -36.60 -11.46 7.09
N LEU E 192 -37.08 -10.29 6.65
CA LEU E 192 -38.49 -9.94 6.77
C LEU E 192 -39.38 -10.79 5.88
N ASP E 193 -38.83 -11.34 4.78
CA ASP E 193 -39.59 -12.26 3.95
C ASP E 193 -39.86 -13.57 4.70
N PRO E 194 -41.03 -14.19 4.49
CA PRO E 194 -41.41 -15.35 5.30
C PRO E 194 -40.74 -16.66 4.90
N GLU E 195 -39.67 -16.64 4.12
CA GLU E 195 -38.92 -17.86 3.85
C GLU E 195 -38.01 -18.26 5.00
N GLN E 196 -37.56 -17.30 5.81
CA GLN E 196 -36.76 -17.58 7.00
C GLN E 196 -37.23 -16.71 8.16
N SER E 212 -36.47 -17.84 11.14
CA SER E 212 -37.69 -18.63 11.12
C SER E 212 -38.33 -18.70 12.50
N ASP E 213 -39.64 -18.48 12.53
CA ASP E 213 -40.47 -18.49 13.74
C ASP E 213 -39.94 -17.49 14.77
N VAL E 214 -39.60 -16.30 14.30
CA VAL E 214 -39.12 -15.22 15.15
C VAL E 214 -40.03 -14.04 14.91
N MET E 215 -40.86 -13.71 15.90
CA MET E 215 -41.81 -12.61 15.76
C MET E 215 -41.09 -11.27 15.79
N PHE E 216 -41.22 -10.49 14.73
CA PHE E 216 -40.66 -9.15 14.68
C PHE E 216 -41.72 -8.12 14.98
N VAL E 217 -41.37 -7.13 15.80
CA VAL E 217 -42.13 -5.90 15.98
C VAL E 217 -41.10 -4.79 15.97
N ALA E 218 -41.08 -3.99 14.92
CA ALA E 218 -40.08 -2.94 14.79
C ALA E 218 -40.68 -1.59 15.13
N THR E 219 -39.81 -0.57 15.15
CA THR E 219 -40.22 0.80 15.43
C THR E 219 -39.50 1.75 14.49
N SER E 220 -40.08 2.93 14.33
CA SER E 220 -39.43 4.02 13.61
C SER E 220 -39.96 5.33 14.14
N ASN E 221 -39.04 6.26 14.44
CA ASN E 221 -39.49 7.59 14.83
C ASN E 221 -40.01 8.36 13.63
N SER E 222 -39.30 8.32 12.52
CA SER E 222 -39.72 8.95 11.29
C SER E 222 -40.41 7.93 10.41
N MET E 223 -41.49 8.36 9.74
CA MET E 223 -42.32 7.44 8.97
C MET E 223 -41.70 7.13 7.62
N ASN E 224 -40.66 7.84 7.20
CA ASN E 224 -40.09 7.62 5.86
C ASN E 224 -39.28 6.33 5.78
N ILE E 225 -39.96 5.21 5.93
CA ILE E 225 -39.37 3.89 5.78
C ILE E 225 -39.22 3.67 4.29
N PRO E 226 -38.15 3.02 3.82
CA PRO E 226 -38.09 2.63 2.40
C PRO E 226 -39.22 1.69 2.03
N ALA E 227 -39.76 1.89 0.82
CA ALA E 227 -40.97 1.19 0.39
C ALA E 227 -40.86 -0.33 0.23
N PRO E 228 -39.71 -0.95 -0.11
CA PRO E 228 -39.63 -2.40 0.08
C PRO E 228 -39.74 -2.82 1.54
N LEU E 229 -39.18 -2.01 2.45
CA LEU E 229 -39.32 -2.30 3.86
C LEU E 229 -40.71 -1.93 4.36
N LEU E 230 -41.20 -0.75 3.96
CA LEU E 230 -42.50 -0.27 4.41
C LEU E 230 -43.64 -1.11 3.85
N ASP E 231 -43.43 -1.73 2.69
CA ASP E 231 -44.49 -2.47 2.02
C ASP E 231 -44.84 -3.74 2.78
N ARG E 232 -43.85 -4.39 3.38
CA ARG E 232 -44.09 -5.60 4.17
C ARG E 232 -44.56 -5.33 5.58
N MET E 233 -44.75 -4.08 5.97
CA MET E 233 -44.92 -3.74 7.37
C MET E 233 -46.13 -2.85 7.55
N GLU E 234 -46.98 -3.20 8.51
CA GLU E 234 -48.09 -2.33 8.88
C GLU E 234 -47.58 -1.15 9.68
N VAL E 235 -48.44 -0.14 9.83
CA VAL E 235 -48.09 1.12 10.47
C VAL E 235 -49.08 1.38 11.58
N ILE E 236 -48.56 1.56 12.80
CA ILE E 236 -49.36 1.98 13.94
C ILE E 236 -48.91 3.38 14.32
N ARG E 237 -49.84 4.33 14.31
CA ARG E 237 -49.52 5.73 14.56
C ARG E 237 -49.74 6.06 16.02
N LEU E 238 -48.66 6.30 16.74
CA LEU E 238 -48.71 6.67 18.15
C LEU E 238 -48.62 8.18 18.23
N SER E 239 -49.69 8.82 18.69
CA SER E 239 -49.75 10.27 18.68
C SER E 239 -48.94 10.85 19.83
N GLY E 240 -48.87 12.17 19.86
CA GLY E 240 -48.39 12.84 21.03
C GLY E 240 -49.45 12.88 22.11
N TYR E 241 -49.06 13.37 23.26
CA TYR E 241 -49.97 13.37 24.39
C TYR E 241 -50.55 14.77 24.51
N THR E 242 -51.25 15.03 25.60
CA THR E 242 -51.66 16.38 25.94
C THR E 242 -51.37 16.62 27.41
N GLU E 243 -51.70 17.83 27.87
CA GLU E 243 -51.47 18.16 29.27
C GLU E 243 -52.39 17.37 30.19
N ASP E 244 -53.59 17.06 29.72
CA ASP E 244 -54.52 16.35 30.58
C ASP E 244 -54.35 14.84 30.52
N GLU E 245 -53.24 14.37 29.96
CA GLU E 245 -52.82 13.02 30.31
C GLU E 245 -51.38 13.00 30.79
N LYS E 246 -50.59 14.00 30.40
CA LYS E 246 -49.26 14.15 31.01
C LYS E 246 -49.37 14.46 32.50
N LEU E 247 -50.45 15.11 32.92
CA LEU E 247 -50.71 15.22 34.35
C LEU E 247 -51.06 13.85 34.93
N ASN E 248 -51.73 13.00 34.16
CA ASN E 248 -52.18 11.74 34.71
C ASN E 248 -51.12 10.66 34.62
N ILE E 249 -50.25 10.72 33.60
CA ILE E 249 -49.14 9.77 33.57
C ILE E 249 -48.14 10.09 34.68
N ALA E 250 -47.85 11.37 34.89
CA ALA E 250 -46.91 11.72 35.95
C ALA E 250 -47.54 11.54 37.32
N LYS E 251 -48.85 11.75 37.43
CA LYS E 251 -49.50 11.58 38.71
C LYS E 251 -49.63 10.11 39.07
N GLN E 252 -49.83 9.25 38.08
CA GLN E 252 -50.13 7.86 38.38
C GLN E 252 -48.96 6.92 38.17
N HIS E 253 -48.34 6.92 36.99
CA HIS E 253 -47.43 5.84 36.65
C HIS E 253 -45.97 6.27 36.52
N LEU E 254 -45.59 7.44 37.03
CA LEU E 254 -44.18 7.83 37.00
C LEU E 254 -43.58 8.03 38.37
N LEU E 255 -44.30 8.69 39.27
CA LEU E 255 -43.82 8.81 40.65
C LEU E 255 -43.63 7.46 41.35
N PRO E 256 -44.41 6.41 41.11
CA PRO E 256 -43.96 5.08 41.54
C PRO E 256 -42.65 4.62 40.91
N LYS E 257 -42.54 4.60 39.57
CA LYS E 257 -41.33 4.01 39.00
C LYS E 257 -40.13 4.96 39.06
N GLN E 258 -40.30 6.15 39.63
CA GLN E 258 -39.15 6.96 40.00
C GLN E 258 -38.87 6.90 41.50
N PHE E 259 -39.88 6.67 42.33
CA PHE E 259 -39.60 6.50 43.75
C PHE E 259 -38.96 5.16 44.05
N GLU E 260 -39.35 4.10 43.34
CA GLU E 260 -38.81 2.79 43.65
C GLU E 260 -37.41 2.60 43.08
N ARG E 261 -37.01 3.39 42.09
CA ARG E 261 -35.63 3.34 41.62
C ARG E 261 -34.72 4.24 42.42
N ASN E 262 -35.27 4.99 43.38
CA ASN E 262 -34.47 5.82 44.28
C ASN E 262 -34.82 5.58 45.74
N ALA E 263 -35.66 4.57 46.03
CA ALA E 263 -35.98 4.09 47.37
C ALA E 263 -36.54 5.18 48.28
N ILE E 264 -37.23 6.15 47.71
CA ILE E 264 -37.76 7.26 48.47
C ILE E 264 -39.10 6.83 49.03
N LYS E 265 -39.22 6.84 50.35
CA LYS E 265 -40.40 6.28 51.01
C LYS E 265 -41.57 7.27 50.93
N LYS E 266 -42.66 6.97 51.63
CA LYS E 266 -43.96 7.54 51.28
C LYS E 266 -44.51 8.46 52.35
N GLY E 267 -43.66 9.28 52.96
CA GLY E 267 -44.16 10.20 53.97
C GLY E 267 -43.44 11.53 53.99
N GLU E 268 -42.65 11.81 52.96
CA GLU E 268 -41.73 12.93 53.02
C GLU E 268 -41.67 13.77 51.76
N LEU E 269 -42.25 13.33 50.64
CA LEU E 269 -42.13 14.07 49.37
C LEU E 269 -43.51 14.10 48.72
N THR E 270 -44.29 15.12 49.06
CA THR E 270 -45.63 15.26 48.54
C THR E 270 -45.61 16.26 47.39
N ILE E 271 -46.12 15.83 46.24
CA ILE E 271 -46.10 16.63 45.02
C ILE E 271 -47.53 16.97 44.65
N ASP E 272 -47.85 18.26 44.61
CA ASP E 272 -49.12 18.73 44.10
C ASP E 272 -49.21 18.47 42.61
N ASP E 273 -50.43 18.43 42.09
CA ASP E 273 -50.58 18.36 40.65
C ASP E 273 -50.27 19.69 39.98
N SER E 274 -50.39 20.79 40.73
CA SER E 274 -50.12 22.11 40.17
C SER E 274 -48.64 22.27 39.84
N ALA E 275 -47.76 21.73 40.70
CA ALA E 275 -46.34 21.75 40.41
C ALA E 275 -46.01 20.90 39.20
N ILE E 276 -46.73 19.79 39.02
CA ILE E 276 -46.54 18.96 37.84
C ILE E 276 -46.98 19.69 36.59
N MET E 277 -48.06 20.47 36.68
CA MET E 277 -48.46 21.32 35.56
C MET E 277 -47.44 22.41 35.30
N SER E 278 -46.74 22.87 36.34
CA SER E 278 -45.65 23.82 36.12
C SER E 278 -44.49 23.16 35.38
N ILE E 279 -44.22 21.88 35.67
CA ILE E 279 -43.13 21.22 34.98
C ILE E 279 -43.50 20.93 33.53
N ILE E 280 -44.75 20.53 33.29
CA ILE E 280 -45.17 20.19 31.93
C ILE E 280 -45.29 21.43 31.07
N ARG E 281 -45.79 22.52 31.65
CA ARG E 281 -45.87 23.77 30.88
C ARG E 281 -44.50 24.39 30.67
N TYR E 282 -43.74 24.56 31.75
CA TYR E 282 -42.65 25.51 31.70
C TYR E 282 -41.29 24.89 31.42
N TYR E 283 -41.18 23.58 31.31
CA TYR E 283 -39.84 22.99 31.21
C TYR E 283 -39.70 21.94 30.13
N THR E 284 -40.72 21.70 29.34
CA THR E 284 -40.60 20.69 28.29
C THR E 284 -41.42 21.10 27.07
N ARG E 285 -40.85 20.82 25.90
CA ARG E 285 -41.55 20.98 24.63
C ARG E 285 -41.18 19.76 23.79
N GLU E 286 -41.93 18.67 23.95
CA GLU E 286 -41.94 17.57 23.01
C GLU E 286 -43.22 16.78 23.26
N ALA E 287 -43.49 15.83 22.37
CA ALA E 287 -44.71 15.06 22.49
C ALA E 287 -44.61 14.04 23.60
N GLY E 288 -43.44 13.44 23.79
CA GLY E 288 -43.25 12.41 24.78
C GLY E 288 -43.09 12.96 26.18
N VAL E 289 -42.67 12.09 27.09
CA VAL E 289 -42.56 12.46 28.49
C VAL E 289 -41.13 12.26 28.98
N ARG E 290 -40.16 12.28 28.05
CA ARG E 290 -38.78 12.04 28.42
C ARG E 290 -38.19 13.19 29.23
N SER E 291 -38.51 14.43 28.85
CA SER E 291 -38.04 15.55 29.65
C SER E 291 -38.77 15.62 30.98
N LEU E 292 -40.02 15.19 31.02
CA LEU E 292 -40.74 15.06 32.29
C LEU E 292 -40.08 14.01 33.18
N GLU E 293 -39.57 12.93 32.58
CA GLU E 293 -38.77 11.96 33.32
C GLU E 293 -37.52 12.58 33.92
N ARG E 294 -36.77 13.34 33.11
CA ARG E 294 -35.52 13.92 33.61
C ARG E 294 -35.77 14.93 34.71
N GLU E 295 -36.80 15.76 34.58
CA GLU E 295 -37.01 16.78 35.59
C GLU E 295 -37.60 16.20 36.86
N ILE E 296 -38.46 15.19 36.74
CA ILE E 296 -39.00 14.56 37.94
C ILE E 296 -37.91 13.78 38.66
N SER E 297 -37.05 13.09 37.92
CA SER E 297 -35.93 12.36 38.52
C SER E 297 -34.98 13.29 39.25
N LYS E 298 -34.64 14.42 38.63
CA LYS E 298 -33.77 15.38 39.29
C LYS E 298 -34.43 16.01 40.50
N LEU E 299 -35.76 16.19 40.45
CA LEU E 299 -36.46 16.68 41.64
C LEU E 299 -36.43 15.66 42.76
N CYS E 300 -36.48 14.37 42.42
CA CYS E 300 -36.44 13.31 43.42
C CYS E 300 -35.10 13.28 44.15
N ARG E 301 -34.00 13.18 43.42
CA ARG E 301 -32.78 13.04 44.19
C ARG E 301 -32.23 14.37 44.70
N LYS E 302 -32.71 15.50 44.18
CA LYS E 302 -32.49 16.73 44.93
C LYS E 302 -33.26 16.74 46.24
N ALA E 303 -34.43 16.10 46.29
CA ALA E 303 -35.09 15.97 47.58
C ALA E 303 -34.33 15.03 48.51
N VAL E 304 -33.67 14.01 47.96
CA VAL E 304 -32.87 13.11 48.79
C VAL E 304 -31.70 13.84 49.43
N LYS E 305 -30.98 14.64 48.63
CA LYS E 305 -29.90 15.45 49.19
C LYS E 305 -30.44 16.48 50.17
N ASN E 306 -31.62 17.04 49.91
CA ASN E 306 -32.20 17.93 50.90
C ASN E 306 -32.82 17.22 52.09
N LEU E 307 -32.77 15.89 52.15
CA LEU E 307 -33.16 15.17 53.36
C LEU E 307 -32.00 14.62 54.18
N LEU E 308 -30.99 14.01 53.55
CA LEU E 308 -29.93 13.41 54.36
C LEU E 308 -29.04 14.46 55.01
N MET E 309 -28.78 15.57 54.31
CA MET E 309 -27.86 16.58 54.84
C MET E 309 -28.45 17.36 56.00
N ASP E 310 -29.77 17.42 56.11
CA ASP E 310 -30.43 18.15 57.18
C ASP E 310 -31.44 17.21 57.83
N LYS E 311 -31.14 16.77 59.04
CA LYS E 311 -32.04 15.89 59.77
C LYS E 311 -33.15 16.62 60.50
N THR E 312 -33.27 17.94 60.33
CA THR E 312 -34.25 18.71 61.08
C THR E 312 -35.66 18.42 60.61
N VAL E 313 -35.96 18.74 59.36
CA VAL E 313 -37.27 18.43 58.81
C VAL E 313 -37.27 17.00 58.30
N LYS E 314 -38.44 16.41 58.26
CA LYS E 314 -38.61 15.10 57.66
C LYS E 314 -39.51 15.13 56.45
N HIS E 315 -40.61 15.87 56.51
CA HIS E 315 -41.60 15.91 55.44
C HIS E 315 -41.38 17.15 54.59
N ILE E 316 -41.40 16.98 53.27
CA ILE E 316 -41.24 18.08 52.33
C ILE E 316 -42.42 18.07 51.38
N GLU E 317 -43.08 19.22 51.25
CA GLU E 317 -44.07 19.41 50.20
C GLU E 317 -43.43 20.11 49.02
N ILE E 318 -44.09 20.03 47.88
CA ILE E 318 -43.75 20.90 46.75
C ILE E 318 -45.07 21.40 46.16
N ASN E 319 -45.02 22.62 45.64
CA ASN E 319 -46.24 23.33 45.28
C ASN E 319 -46.18 23.98 43.91
N GLY E 320 -45.01 24.18 43.33
CA GLY E 320 -44.85 25.01 42.17
C GLY E 320 -44.55 26.45 42.51
N ASP E 321 -45.13 26.96 43.60
CA ASP E 321 -44.78 28.28 44.08
C ASP E 321 -43.39 28.29 44.69
N ASN E 322 -42.93 27.14 45.16
CA ASN E 322 -41.63 26.99 45.79
C ASN E 322 -40.80 25.92 45.08
N LEU E 323 -40.86 25.93 43.75
CA LEU E 323 -40.19 24.92 42.95
C LEU E 323 -38.97 25.45 42.22
N LYS E 324 -38.91 26.75 41.93
CA LYS E 324 -37.80 27.30 41.16
C LYS E 324 -36.50 27.37 41.95
N ASP E 325 -36.54 27.13 43.26
CA ASP E 325 -35.33 26.89 44.04
C ASP E 325 -34.97 25.42 44.12
N PHE E 326 -35.76 24.55 43.50
CA PHE E 326 -35.37 23.17 43.29
C PHE E 326 -34.98 22.89 41.84
N LEU E 327 -35.24 23.83 40.93
CA LEU E 327 -34.89 23.68 39.53
C LEU E 327 -34.23 24.99 39.11
N GLY E 328 -34.11 25.21 37.81
CA GLY E 328 -33.76 26.51 37.31
C GLY E 328 -34.90 27.50 37.52
N VAL E 329 -34.62 28.75 37.17
CA VAL E 329 -35.64 29.79 37.33
C VAL E 329 -36.76 29.56 36.33
N GLN E 330 -36.40 29.17 35.12
CA GLN E 330 -37.29 29.01 33.99
C GLN E 330 -36.44 28.40 32.89
N LYS E 331 -37.05 27.62 32.04
CA LYS E 331 -36.19 27.14 30.96
C LYS E 331 -36.79 27.38 29.58
N VAL E 332 -38.11 27.30 29.44
CA VAL E 332 -38.71 27.41 28.13
C VAL E 332 -40.15 27.88 28.31
N ASP E 333 -40.68 28.56 27.29
CA ASP E 333 -42.10 28.83 27.19
C ASP E 333 -42.47 28.94 25.71
N GLY E 335 -47.03 29.53 28.75
CA GLY E 335 -47.68 30.81 28.55
C GLY E 335 -47.63 31.24 27.11
N ARG E 336 -48.75 31.79 26.60
CA ARG E 336 -48.85 32.06 25.17
C ARG E 336 -48.20 33.36 24.76
N ALA E 337 -48.24 34.38 25.60
CA ALA E 337 -47.78 35.71 25.22
C ALA E 337 -47.56 36.57 26.44
N ASP E 338 -46.38 37.16 26.54
CA ASP E 338 -46.12 38.21 27.52
C ASP E 338 -46.19 39.58 26.89
N THR E 339 -45.80 39.69 25.62
CA THR E 339 -46.07 40.83 24.77
C THR E 339 -46.94 40.39 23.61
N GLU E 340 -47.64 41.35 23.02
CA GLU E 340 -48.45 41.08 21.83
C GLU E 340 -47.53 40.84 20.64
N ASN E 341 -48.03 40.09 19.66
CA ASN E 341 -47.18 39.71 18.53
C ASN E 341 -46.84 40.92 17.67
N ARG E 342 -45.86 40.73 16.81
CA ARG E 342 -45.06 41.83 16.33
C ARG E 342 -45.68 42.40 15.06
N VAL E 343 -44.92 43.19 14.32
CA VAL E 343 -45.44 43.88 13.14
C VAL E 343 -45.78 42.90 12.04
N GLY E 344 -44.84 42.04 11.66
CA GLY E 344 -45.05 41.24 10.48
C GLY E 344 -44.81 39.75 10.58
N GLN E 345 -45.18 39.11 11.69
CA GLN E 345 -44.91 37.69 11.83
C GLN E 345 -46.15 36.93 12.28
N VAL E 346 -46.19 35.66 11.92
CA VAL E 346 -47.31 34.77 12.20
C VAL E 346 -46.77 33.54 12.91
N THR E 347 -47.65 32.58 13.15
CA THR E 347 -47.27 31.34 13.82
C THR E 347 -47.93 30.18 13.07
N GLY E 348 -47.21 29.63 12.11
CA GLY E 348 -47.75 28.55 11.33
C GLY E 348 -47.67 27.22 12.04
N LEU E 349 -48.48 26.28 11.59
CA LEU E 349 -48.60 24.97 12.22
C LEU E 349 -48.18 23.93 11.19
N ALA E 350 -46.89 23.69 11.09
CA ALA E 350 -46.39 22.74 10.11
C ALA E 350 -46.65 21.32 10.57
N TRP E 351 -47.02 20.47 9.63
CA TRP E 351 -47.30 19.06 9.90
C TRP E 351 -46.13 18.24 9.35
N THR E 352 -45.09 18.11 10.16
CA THR E 352 -43.98 17.27 9.75
C THR E 352 -44.30 15.80 9.99
N GLU E 353 -43.48 14.95 9.38
CA GLU E 353 -43.73 13.52 9.40
C GLU E 353 -43.46 12.88 10.75
N VAL E 354 -42.71 13.55 11.62
CA VAL E 354 -42.42 13.03 12.94
C VAL E 354 -43.56 13.40 13.87
N GLY E 355 -43.86 14.68 13.97
CA GLY E 355 -44.94 15.16 14.80
C GLY E 355 -44.90 16.67 14.85
N GLY E 356 -46.04 17.31 14.68
CA GLY E 356 -46.08 18.74 14.39
C GLY E 356 -45.64 19.62 15.54
N ASP E 357 -45.53 20.91 15.22
CA ASP E 357 -44.95 21.87 16.15
C ASP E 357 -45.31 23.29 15.71
N LEU E 358 -45.08 24.23 16.62
CA LEU E 358 -45.15 25.63 16.24
C LEU E 358 -43.99 25.99 15.32
N LEU E 359 -44.22 26.98 14.48
CA LEU E 359 -43.23 27.42 13.50
C LEU E 359 -43.66 28.80 13.04
N THR E 360 -42.86 29.82 13.35
CA THR E 360 -43.18 31.14 12.86
C THR E 360 -42.76 31.27 11.41
N ILE E 361 -43.37 32.21 10.70
CA ILE E 361 -42.98 32.59 9.36
C ILE E 361 -42.90 34.11 9.31
N GLU E 362 -41.73 34.62 8.97
CA GLU E 362 -41.49 36.05 8.89
C GLU E 362 -41.25 36.43 7.45
N THR E 363 -41.85 37.54 7.03
CA THR E 363 -41.58 38.14 5.72
C THR E 363 -41.33 39.63 5.90
N ALA E 364 -40.48 40.18 5.04
CA ALA E 364 -40.19 41.60 5.08
C ALA E 364 -40.17 42.14 3.66
N CYS E 365 -40.60 43.37 3.50
CA CYS E 365 -40.72 44.01 2.21
C CYS E 365 -39.81 45.24 2.19
N VAL E 366 -38.66 45.10 1.54
CA VAL E 366 -37.64 46.14 1.51
C VAL E 366 -37.77 46.95 0.21
N PRO E 367 -37.32 48.20 0.19
CA PRO E 367 -37.33 48.97 -1.07
C PRO E 367 -36.37 48.41 -2.09
N GLY E 368 -36.91 47.84 -3.16
CA GLY E 368 -36.11 47.24 -4.21
C GLY E 368 -36.76 47.36 -5.56
N LYS E 369 -36.72 46.28 -6.34
CA LYS E 369 -37.24 46.28 -7.70
C LYS E 369 -38.45 45.39 -7.86
N GLY E 370 -38.99 44.85 -6.77
CA GLY E 370 -40.01 43.83 -6.86
C GLY E 370 -39.48 42.42 -7.03
N LYS E 371 -38.21 42.19 -6.68
CA LYS E 371 -37.60 40.88 -6.85
C LYS E 371 -37.93 40.00 -5.65
N LEU E 372 -38.23 38.73 -5.93
CA LEU E 372 -38.73 37.80 -4.93
C LEU E 372 -37.64 36.84 -4.49
N THR E 373 -37.38 36.78 -3.19
CA THR E 373 -36.29 36.00 -2.63
C THR E 373 -36.83 34.98 -1.65
N TYR E 374 -36.40 33.73 -1.79
CA TYR E 374 -36.99 32.63 -1.05
C TYR E 374 -35.91 31.83 -0.35
N THR E 375 -36.13 31.53 0.92
CA THR E 375 -35.10 30.98 1.77
C THR E 375 -35.75 30.09 2.82
N GLY E 376 -35.18 28.91 3.07
CA GLY E 376 -35.77 28.04 4.07
C GLY E 376 -36.25 26.70 3.57
N SER E 377 -35.49 26.11 2.63
CA SER E 377 -35.81 24.83 1.99
C SER E 377 -37.15 24.90 1.25
N LEU E 378 -37.40 26.07 0.67
CA LEU E 378 -38.65 26.31 -0.05
C LEU E 378 -38.60 25.60 -1.39
N GLY E 379 -39.52 24.67 -1.58
CA GLY E 379 -39.63 23.99 -2.85
C GLY E 379 -40.17 24.89 -3.93
N GLU E 380 -40.01 24.42 -5.16
CA GLU E 380 -40.56 25.11 -6.31
C GLU E 380 -42.09 25.10 -6.28
N VAL E 381 -42.69 24.05 -5.71
CA VAL E 381 -44.12 24.03 -5.42
C VAL E 381 -44.45 25.12 -4.41
N MET E 382 -43.57 25.30 -3.42
CA MET E 382 -43.79 26.36 -2.45
C MET E 382 -43.62 27.73 -3.08
N GLN E 383 -42.72 27.85 -4.06
CA GLN E 383 -42.62 29.10 -4.81
C GLN E 383 -43.89 29.40 -5.61
N GLU E 384 -44.50 28.36 -6.19
CA GLU E 384 -45.74 28.55 -6.92
C GLU E 384 -46.87 28.94 -5.98
N SER E 385 -46.89 28.38 -4.77
CA SER E 385 -47.90 28.77 -3.81
C SER E 385 -47.68 30.18 -3.29
N ILE E 386 -46.43 30.63 -3.20
CA ILE E 386 -46.16 32.00 -2.78
C ILE E 386 -46.59 32.98 -3.86
N GLN E 387 -46.30 32.66 -5.13
CA GLN E 387 -46.77 33.51 -6.22
C GLN E 387 -48.28 33.49 -6.34
N ALA E 388 -48.91 32.38 -5.95
CA ALA E 388 -50.35 32.36 -5.82
C ALA E 388 -50.81 33.30 -4.71
N ALA E 389 -50.06 33.33 -3.59
CA ALA E 389 -50.43 34.21 -2.49
C ALA E 389 -50.27 35.67 -2.88
N LEU E 390 -49.21 36.00 -3.62
CA LEU E 390 -49.01 37.36 -4.08
C LEU E 390 -50.04 37.74 -5.13
N THR E 391 -50.50 36.76 -5.91
CA THR E 391 -51.65 36.98 -6.80
C THR E 391 -52.88 37.35 -6.00
N VAL E 392 -53.12 36.64 -4.89
CA VAL E 392 -54.28 36.89 -4.04
C VAL E 392 -54.20 38.27 -3.40
N VAL E 393 -53.00 38.68 -2.98
CA VAL E 393 -52.84 39.99 -2.37
C VAL E 393 -53.02 41.09 -3.40
N ARG E 394 -52.43 40.91 -4.60
CA ARG E 394 -52.53 41.94 -5.64
C ARG E 394 -53.93 42.07 -6.18
N ALA E 395 -54.74 41.01 -6.11
CA ALA E 395 -56.13 41.13 -6.52
C ALA E 395 -56.98 41.92 -5.54
N ARG E 396 -56.48 42.19 -4.34
CA ARG E 396 -57.26 42.83 -3.29
C ARG E 396 -56.56 44.04 -2.68
N ALA E 397 -55.49 44.53 -3.31
CA ALA E 397 -54.63 45.52 -2.67
C ALA E 397 -55.29 46.88 -2.57
N ASP E 398 -56.34 47.15 -3.34
CA ASP E 398 -56.93 48.47 -3.35
C ASP E 398 -57.76 48.73 -2.09
N LYS E 399 -58.54 47.74 -1.67
CA LYS E 399 -59.46 47.93 -0.55
C LYS E 399 -58.74 48.00 0.79
N LEU E 400 -57.47 47.58 0.84
CA LEU E 400 -56.75 47.44 2.09
C LEU E 400 -56.01 48.71 2.49
N GLY E 401 -56.01 49.73 1.64
CA GLY E 401 -55.22 50.92 1.90
C GLY E 401 -53.76 50.78 1.53
N ILE E 402 -53.38 49.71 0.87
CA ILE E 402 -52.01 49.50 0.42
C ILE E 402 -51.77 50.37 -0.81
N ASN E 403 -50.58 50.95 -0.91
CA ASN E 403 -50.19 51.60 -2.15
C ASN E 403 -49.91 50.53 -3.20
N PRO E 404 -50.61 50.52 -4.34
CA PRO E 404 -50.53 49.37 -5.25
C PRO E 404 -49.29 49.33 -6.13
N ASP E 405 -48.26 50.10 -5.80
CA ASP E 405 -47.00 50.09 -6.53
C ASP E 405 -46.03 49.03 -6.04
N PHE E 406 -46.40 48.25 -5.02
CA PHE E 406 -45.43 47.53 -4.21
C PHE E 406 -44.79 46.36 -4.95
N TYR E 407 -45.51 45.76 -5.91
CA TYR E 407 -45.03 44.54 -6.52
C TYR E 407 -43.89 44.75 -7.50
N GLU E 408 -43.56 46.00 -7.84
CA GLU E 408 -42.38 46.28 -8.65
C GLU E 408 -41.54 47.43 -8.13
N LYS E 409 -41.96 48.12 -7.08
CA LYS E 409 -41.13 49.15 -6.47
C LYS E 409 -40.47 48.71 -5.18
N ARG E 410 -40.84 47.54 -4.64
CA ARG E 410 -40.27 47.05 -3.39
C ARG E 410 -40.10 45.54 -3.47
N ASP E 411 -38.93 45.05 -3.06
CA ASP E 411 -38.66 43.63 -3.06
C ASP E 411 -39.35 42.94 -1.89
N ILE E 412 -39.47 41.62 -1.99
CA ILE E 412 -40.14 40.81 -0.97
C ILE E 412 -39.29 39.59 -0.68
N HIS E 413 -39.03 39.36 0.60
CA HIS E 413 -38.32 38.18 1.08
C HIS E 413 -39.26 37.39 1.97
N VAL E 414 -39.46 36.12 1.62
CA VAL E 414 -40.33 35.22 2.35
C VAL E 414 -39.49 34.09 2.89
N HIS E 415 -39.64 33.77 4.17
CA HIS E 415 -38.70 32.88 4.84
C HIS E 415 -39.37 32.17 6.00
N VAL E 416 -39.38 30.85 5.92
CA VAL E 416 -39.57 30.01 7.10
C VAL E 416 -38.21 29.80 7.75
N PRO E 417 -38.05 30.13 9.04
CA PRO E 417 -36.77 29.88 9.71
C PRO E 417 -36.45 28.41 9.88
N GLU E 418 -37.37 27.67 10.49
CA GLU E 418 -37.17 26.25 10.76
C GLU E 418 -37.95 25.46 9.72
N GLY E 419 -37.42 25.42 8.52
CA GLY E 419 -37.91 24.51 7.52
C GLY E 419 -37.10 23.24 7.64
N ALA E 420 -36.31 22.94 6.60
CA ALA E 420 -35.26 21.90 6.62
C ALA E 420 -35.82 20.51 6.88
N THR E 421 -37.07 20.27 6.48
CA THR E 421 -37.73 18.98 6.66
C THR E 421 -38.78 18.85 5.55
N PRO E 422 -38.76 17.76 4.77
CA PRO E 422 -39.76 17.61 3.70
C PRO E 422 -41.16 17.33 4.22
N LYS E 423 -42.00 18.35 4.13
CA LYS E 423 -43.38 18.30 4.59
C LYS E 423 -44.26 18.45 3.37
N ASP E 424 -45.10 17.44 3.12
CA ASP E 424 -45.97 17.47 1.96
C ASP E 424 -47.03 18.54 2.19
N GLY E 425 -46.79 19.70 1.62
CA GLY E 425 -47.66 20.83 1.83
C GLY E 425 -46.88 22.12 1.84
N PRO E 426 -47.33 23.08 1.05
CA PRO E 426 -46.79 24.44 1.12
C PRO E 426 -47.52 25.28 2.15
N SER E 427 -48.12 24.61 3.14
CA SER E 427 -49.14 25.12 4.03
C SER E 427 -48.70 26.30 4.88
N ALA E 428 -49.66 26.83 5.65
CA ALA E 428 -49.63 28.19 6.20
C ALA E 428 -49.36 29.21 5.09
N GLY E 429 -49.97 28.97 3.93
CA GLY E 429 -49.86 29.93 2.84
C GLY E 429 -50.67 31.18 3.10
N ILE E 430 -51.81 31.03 3.78
CA ILE E 430 -52.53 32.22 4.18
C ILE E 430 -51.84 32.90 5.36
N ALA E 431 -50.94 32.21 6.04
CA ALA E 431 -50.08 32.89 6.98
C ALA E 431 -49.01 33.69 6.26
N MET E 432 -48.57 33.22 5.08
CA MET E 432 -47.70 34.03 4.25
C MET E 432 -48.45 35.25 3.73
N CYS E 433 -49.71 35.06 3.35
CA CYS E 433 -50.57 36.16 2.93
C CYS E 433 -50.76 37.17 4.06
N THR E 434 -51.01 36.68 5.27
CA THR E 434 -51.24 37.57 6.39
C THR E 434 -49.96 38.26 6.83
N ALA E 435 -48.82 37.61 6.59
CA ALA E 435 -47.55 38.25 6.83
C ALA E 435 -47.31 39.39 5.84
N LEU E 436 -47.65 39.18 4.57
CA LEU E 436 -47.42 40.19 3.55
C LEU E 436 -48.37 41.38 3.72
N VAL E 437 -49.67 41.10 3.90
CA VAL E 437 -50.64 42.16 4.14
C VAL E 437 -50.34 42.88 5.44
N SER E 438 -49.85 42.14 6.44
CA SER E 438 -49.53 42.73 7.73
C SER E 438 -48.32 43.66 7.64
N CYS E 439 -47.27 43.26 6.93
CA CYS E 439 -46.09 44.10 6.85
C CYS E 439 -46.29 45.27 5.89
N LEU E 440 -47.07 45.08 4.84
CA LEU E 440 -47.31 46.19 3.93
C LEU E 440 -48.28 47.21 4.51
N THR E 441 -49.32 46.77 5.19
CA THR E 441 -50.18 47.72 5.88
C THR E 441 -49.50 48.30 7.11
N GLY E 442 -48.57 47.56 7.71
CA GLY E 442 -48.08 47.92 9.03
C GLY E 442 -49.01 47.53 10.15
N ASN E 443 -50.03 46.74 9.87
CA ASN E 443 -50.99 46.33 10.88
C ASN E 443 -50.43 45.16 11.67
N PRO E 444 -50.19 45.30 12.97
CA PRO E 444 -49.50 44.25 13.71
C PRO E 444 -50.37 43.03 13.92
N VAL E 445 -49.75 41.86 13.85
CA VAL E 445 -50.44 40.60 14.13
C VAL E 445 -50.67 40.50 15.63
N ARG E 446 -51.86 40.03 16.01
CA ARG E 446 -52.18 39.88 17.41
C ARG E 446 -51.46 38.66 17.99
N ALA E 447 -51.50 38.56 19.33
CA ALA E 447 -50.58 37.72 20.08
C ALA E 447 -50.90 36.25 19.93
N ASP E 448 -52.08 35.84 20.37
CA ASP E 448 -52.37 34.44 20.67
C ASP E 448 -53.07 33.73 19.53
N VAL E 449 -52.71 34.02 18.28
CA VAL E 449 -53.37 33.41 17.13
C VAL E 449 -52.34 32.64 16.33
N ALA E 450 -52.49 31.33 16.27
CA ALA E 450 -51.81 30.53 15.28
C ALA E 450 -52.66 30.47 14.04
N MET E 451 -52.04 30.06 12.93
CA MET E 451 -52.74 29.99 11.66
C MET E 451 -52.24 28.80 10.88
N THR E 452 -53.10 28.32 9.98
CA THR E 452 -52.75 27.27 9.05
C THR E 452 -53.68 27.37 7.86
N GLY E 453 -53.41 26.57 6.84
CA GLY E 453 -54.24 26.57 5.68
C GLY E 453 -53.41 26.58 4.42
N GLU E 454 -54.08 26.83 3.30
CA GLU E 454 -53.44 26.78 2.00
C GLU E 454 -54.32 27.53 1.02
N ILE E 455 -53.69 28.38 0.20
CA ILE E 455 -54.40 29.38 -0.59
C ILE E 455 -54.55 28.90 -2.03
N THR E 456 -55.66 29.30 -2.65
CA THR E 456 -55.92 29.06 -4.06
C THR E 456 -55.36 30.21 -4.88
N LEU E 457 -55.70 30.26 -6.17
CA LEU E 457 -55.23 31.33 -7.02
C LEU E 457 -56.04 32.61 -6.85
N ARG E 458 -57.17 32.56 -6.15
CA ARG E 458 -58.07 33.69 -6.10
C ARG E 458 -58.33 34.21 -4.70
N GLY E 459 -58.35 33.34 -3.69
CA GLY E 459 -58.69 33.76 -2.34
C GLY E 459 -59.46 32.72 -1.57
N LEU E 460 -59.76 31.60 -2.22
CA LEU E 460 -60.37 30.48 -1.54
C LEU E 460 -59.29 29.69 -0.79
N VAL E 461 -59.74 28.80 0.09
CA VAL E 461 -58.87 28.10 1.02
C VAL E 461 -58.96 26.61 0.74
N LEU E 462 -57.80 25.97 0.56
CA LEU E 462 -57.72 24.55 0.26
C LEU E 462 -57.90 23.71 1.51
N PRO E 463 -58.09 22.40 1.37
CA PRO E 463 -57.95 21.52 2.52
C PRO E 463 -56.50 21.27 2.89
N ILE E 464 -56.31 20.86 4.13
CA ILE E 464 -54.99 20.54 4.68
C ILE E 464 -55.05 19.16 5.33
N GLY E 465 -53.89 18.50 5.38
CA GLY E 465 -53.79 17.14 5.88
C GLY E 465 -53.05 17.08 7.21
N GLY E 466 -53.40 16.09 8.01
CA GLY E 466 -52.76 15.91 9.30
C GLY E 466 -53.16 16.95 10.31
N LEU E 467 -54.46 17.08 10.56
CA LEU E 467 -54.96 18.09 11.49
C LEU E 467 -54.69 17.72 12.94
N LYS E 468 -54.44 16.43 13.21
CA LYS E 468 -54.22 15.96 14.57
C LYS E 468 -52.94 16.55 15.16
N GLU E 469 -51.83 16.46 14.43
CA GLU E 469 -50.57 16.97 14.96
C GLU E 469 -50.53 18.49 14.97
N LYS E 470 -51.31 19.12 14.10
CA LYS E 470 -51.47 20.56 14.19
C LYS E 470 -52.20 20.96 15.46
N LEU E 471 -53.23 20.20 15.84
CA LEU E 471 -53.99 20.61 17.01
C LEU E 471 -53.30 20.23 18.31
N LEU E 472 -52.74 19.02 18.39
CA LEU E 472 -52.00 18.63 19.58
C LEU E 472 -50.73 19.43 19.70
N ALA E 473 -50.15 19.83 18.57
CA ALA E 473 -49.04 20.78 18.60
C ALA E 473 -49.50 22.16 19.04
N ALA E 474 -50.73 22.53 18.70
CA ALA E 474 -51.23 23.86 19.04
C ALA E 474 -51.49 23.98 20.52
N HIS E 475 -51.99 22.92 21.15
CA HIS E 475 -52.27 23.02 22.57
C HIS E 475 -51.01 22.93 23.41
N ARG E 476 -49.95 22.35 22.88
CA ARG E 476 -48.71 22.22 23.62
C ARG E 476 -47.95 23.53 23.54
N GLY E 477 -47.73 24.16 24.69
CA GLY E 477 -47.25 25.52 24.70
C GLY E 477 -48.38 26.39 24.19
N GLY E 478 -49.49 26.35 24.91
CA GLY E 478 -50.78 26.66 24.33
C GLY E 478 -51.04 28.07 23.89
N ILE E 479 -51.00 28.28 22.59
CA ILE E 479 -51.67 29.40 21.95
C ILE E 479 -53.15 29.08 21.87
N LYS E 480 -53.98 30.13 21.79
CA LYS E 480 -55.40 29.98 22.05
C LYS E 480 -56.23 29.84 20.77
N VAL E 481 -56.17 30.81 19.88
CA VAL E 481 -57.09 30.90 18.76
C VAL E 481 -56.43 30.32 17.52
N VAL E 482 -57.11 29.37 16.88
CA VAL E 482 -56.59 28.67 15.71
C VAL E 482 -57.50 28.96 14.53
N LEU E 483 -56.92 29.23 13.37
CA LEU E 483 -57.66 29.52 12.15
C LEU E 483 -57.39 28.41 11.15
N ILE E 484 -58.42 27.60 10.88
CA ILE E 484 -58.32 26.42 10.03
C ILE E 484 -59.13 26.67 8.77
N PRO E 485 -59.01 25.86 7.72
CA PRO E 485 -59.95 25.96 6.60
C PRO E 485 -61.37 25.60 7.02
N ASP E 486 -62.31 25.98 6.17
CA ASP E 486 -63.67 25.50 6.29
C ASP E 486 -63.86 24.15 5.61
N ASP E 487 -62.87 23.69 4.85
CA ASP E 487 -62.91 22.41 4.19
C ASP E 487 -62.39 21.27 5.07
N ASN E 488 -62.36 21.48 6.39
CA ASN E 488 -61.94 20.44 7.32
C ASN E 488 -62.90 20.31 8.49
N LYS E 489 -64.17 20.70 8.29
CA LYS E 489 -65.16 20.59 9.35
C LYS E 489 -65.55 19.14 9.61
N ARG E 490 -65.52 18.30 8.57
CA ARG E 490 -65.73 16.87 8.74
C ARG E 490 -64.51 16.18 9.31
N ASP E 491 -63.36 16.83 9.30
CA ASP E 491 -62.12 16.25 9.78
C ASP E 491 -61.95 16.35 11.29
N LEU E 492 -63.03 16.54 12.05
CA LEU E 492 -62.95 16.73 13.49
C LEU E 492 -63.48 15.54 14.28
N GLU E 493 -63.74 14.40 13.64
CA GLU E 493 -64.19 13.22 14.36
C GLU E 493 -63.05 12.33 14.81
N GLU E 494 -61.86 12.88 14.96
CA GLU E 494 -60.72 12.16 15.51
C GLU E 494 -60.01 13.05 16.53
N ILE E 495 -60.78 13.66 17.41
CA ILE E 495 -60.29 14.65 18.35
C ILE E 495 -60.67 14.29 19.77
N PRO E 496 -59.72 14.04 20.66
CA PRO E 496 -60.03 14.08 22.10
C PRO E 496 -60.42 15.49 22.52
N ASP E 497 -61.55 15.58 23.23
CA ASP E 497 -62.30 16.83 23.30
C ASP E 497 -61.78 17.83 24.32
N ASN E 498 -60.75 17.50 25.08
CA ASN E 498 -60.09 18.50 25.92
C ASN E 498 -59.35 19.53 25.06
N VAL E 499 -58.84 19.08 23.91
CA VAL E 499 -58.26 19.95 22.90
C VAL E 499 -59.28 20.98 22.45
N ILE E 500 -60.51 20.54 22.22
CA ILE E 500 -61.59 21.46 21.88
C ILE E 500 -61.94 22.31 23.09
N ALA E 501 -61.76 21.78 24.30
CA ALA E 501 -62.15 22.50 25.51
C ALA E 501 -61.22 23.68 25.76
N ASP E 502 -59.98 23.62 25.31
CA ASP E 502 -59.16 24.82 25.42
C ASP E 502 -59.16 25.65 24.15
N LEU E 503 -58.93 25.03 22.99
CA LEU E 503 -58.69 25.77 21.76
C LEU E 503 -59.97 26.35 21.20
N GLU E 504 -60.02 27.69 21.14
CA GLU E 504 -61.07 28.40 20.42
C GLU E 504 -60.76 28.33 18.93
N ILE E 505 -61.65 27.70 18.16
CA ILE E 505 -61.39 27.38 16.77
C ILE E 505 -62.39 28.10 15.89
N HIS E 506 -61.89 28.85 14.91
CA HIS E 506 -62.74 29.48 13.91
C HIS E 506 -62.50 28.84 12.55
N PRO E 507 -63.37 27.95 12.08
CA PRO E 507 -63.24 27.42 10.72
C PRO E 507 -63.83 28.39 9.70
N VAL E 508 -62.95 28.99 8.90
CA VAL E 508 -63.36 29.99 7.93
C VAL E 508 -62.93 29.56 6.54
N LYS E 509 -63.51 30.22 5.53
CA LYS E 509 -63.14 30.01 4.14
C LYS E 509 -62.75 31.29 3.41
N ARG E 510 -63.09 32.46 3.94
CA ARG E 510 -62.74 33.71 3.28
C ARG E 510 -61.36 34.17 3.70
N ILE E 511 -60.61 34.70 2.72
CA ILE E 511 -59.33 35.30 3.03
C ILE E 511 -59.51 36.62 3.77
N ASP E 512 -60.70 37.25 3.68
CA ASP E 512 -60.91 38.54 4.32
C ASP E 512 -61.06 38.40 5.82
N ASP E 513 -61.71 37.34 6.29
CA ASP E 513 -61.82 37.12 7.73
C ASP E 513 -60.50 36.66 8.31
N VAL E 514 -59.71 35.95 7.51
CA VAL E 514 -58.32 35.67 7.86
C VAL E 514 -57.56 36.97 8.04
N LEU E 515 -57.75 37.91 7.12
CA LEU E 515 -57.12 39.22 7.20
C LEU E 515 -57.92 40.22 8.03
N ALA E 516 -58.88 39.75 8.82
CA ALA E 516 -59.65 40.61 9.69
C ALA E 516 -59.72 40.12 11.12
N ILE E 517 -59.29 38.89 11.39
CA ILE E 517 -59.21 38.35 12.73
C ILE E 517 -57.77 38.31 13.23
N ALA E 518 -56.86 37.77 12.41
CA ALA E 518 -55.46 37.64 12.80
C ALA E 518 -54.76 38.99 12.90
N LEU E 519 -55.27 40.01 12.24
CA LEU E 519 -54.72 41.34 12.37
C LEU E 519 -55.35 42.06 13.56
N GLU E 520 -54.97 43.33 13.72
CA GLU E 520 -55.54 44.15 14.78
C GLU E 520 -56.54 45.16 14.21
N HIS E 521 -56.11 45.96 13.24
CA HIS E 521 -57.05 46.89 12.62
C HIS E 521 -57.93 46.15 11.61
N PRO E 522 -59.20 46.55 11.49
CA PRO E 522 -60.01 46.03 10.40
C PRO E 522 -59.55 46.57 9.05
N ALA E 523 -59.91 45.84 8.00
CA ALA E 523 -59.51 46.20 6.65
C ALA E 523 -60.59 45.89 5.63
N ALA F 1 -0.55 -29.33 46.59
CA ALA F 1 0.33 -28.21 46.84
C ALA F 1 -0.06 -27.01 45.98
N LEU F 2 -1.06 -27.21 45.12
CA LEU F 2 -1.46 -26.18 44.16
C LEU F 2 -2.94 -25.84 44.27
N LYS F 3 -3.77 -26.79 44.70
CA LYS F 3 -5.18 -26.50 44.92
C LYS F 3 -5.40 -25.63 46.15
N ARG F 4 -4.45 -25.61 47.08
CA ARG F 4 -4.49 -24.73 48.24
C ARG F 4 -4.38 -23.27 47.87
N LYS F 5 -3.88 -22.97 46.67
CA LYS F 5 -3.69 -21.60 46.24
C LYS F 5 -5.03 -20.92 45.97
N ILE F 6 -5.83 -21.51 45.08
CA ILE F 6 -7.14 -20.96 44.75
C ILE F 6 -8.23 -21.48 45.65
N GLU F 7 -7.96 -22.52 46.42
CA GLU F 7 -9.00 -23.11 47.26
C GLU F 7 -9.24 -22.27 48.51
N ALA F 8 -8.19 -21.63 49.02
CA ALA F 8 -8.32 -20.66 50.09
C ALA F 8 -8.55 -19.25 49.57
N ALA F 9 -9.04 -19.11 48.34
CA ALA F 9 -9.24 -17.81 47.72
C ALA F 9 -10.70 -17.41 47.61
N LYS F 10 -11.63 -18.26 48.06
CA LYS F 10 -13.07 -17.97 48.16
C LYS F 10 -13.67 -17.62 46.80
N MET F 11 -13.19 -18.29 45.77
CA MET F 11 -13.62 -18.06 44.40
C MET F 11 -15.05 -18.55 44.19
N PRO F 12 -15.83 -17.87 43.34
CA PRO F 12 -17.18 -18.37 43.02
C PRO F 12 -17.16 -19.61 42.16
N LYS F 13 -18.36 -20.15 41.91
CA LYS F 13 -18.52 -21.56 41.55
C LYS F 13 -17.96 -21.87 40.16
N ASP F 14 -18.39 -21.13 39.14
CA ASP F 14 -18.03 -21.45 37.76
C ASP F 14 -16.54 -21.26 37.53
N ALA F 15 -15.96 -20.22 38.12
CA ALA F 15 -14.52 -20.06 38.07
C ALA F 15 -13.80 -21.12 38.89
N ARG F 16 -14.47 -21.74 39.87
CA ARG F 16 -13.84 -22.85 40.56
C ARG F 16 -13.80 -24.11 39.73
N GLU F 17 -14.89 -24.47 39.04
CA GLU F 17 -14.77 -25.69 38.23
C GLU F 17 -13.93 -25.45 36.98
N LYS F 18 -13.88 -24.21 36.47
CA LYS F 18 -12.96 -23.93 35.37
C LYS F 18 -11.51 -23.96 35.86
N THR F 19 -11.20 -23.14 36.87
CA THR F 19 -9.81 -22.98 37.30
C THR F 19 -9.26 -24.26 37.89
N GLU F 20 -10.09 -25.01 38.63
CA GLU F 20 -9.70 -26.34 39.06
C GLU F 20 -9.66 -27.32 37.90
N ALA F 21 -10.46 -27.11 36.85
CA ALA F 21 -10.44 -28.03 35.71
C ALA F 21 -9.14 -27.94 34.94
N GLU F 22 -8.72 -26.74 34.54
CA GLU F 22 -7.40 -26.64 33.94
C GLU F 22 -6.27 -26.63 34.96
N LEU F 23 -6.59 -26.64 36.27
CA LEU F 23 -5.54 -26.81 37.25
C LEU F 23 -5.17 -28.28 37.38
N GLN F 24 -6.15 -29.18 37.37
CA GLN F 24 -5.83 -30.59 37.33
C GLN F 24 -5.40 -31.03 35.92
N LYS F 25 -5.88 -30.34 34.89
CA LYS F 25 -5.34 -30.58 33.56
C LYS F 25 -3.91 -30.05 33.44
N LEU F 26 -3.58 -28.99 34.18
CA LEU F 26 -2.19 -28.60 34.34
C LEU F 26 -1.41 -29.66 35.10
N LYS F 27 -2.05 -30.30 36.07
CA LYS F 27 -1.46 -31.47 36.70
C LYS F 27 -1.51 -32.71 35.81
N MET F 28 -2.29 -32.69 34.73
CA MET F 28 -2.30 -33.74 33.73
C MET F 28 -1.55 -33.35 32.46
N MET F 29 -0.47 -32.59 32.61
CA MET F 29 0.44 -32.34 31.49
C MET F 29 1.87 -32.32 32.05
N SER F 30 2.81 -31.95 31.18
CA SER F 30 4.21 -31.91 31.55
C SER F 30 4.45 -30.78 32.57
N PRO F 31 5.41 -30.97 33.49
CA PRO F 31 5.66 -29.91 34.47
C PRO F 31 6.37 -28.70 33.89
N MET F 32 7.31 -28.91 32.97
CA MET F 32 8.18 -27.82 32.55
C MET F 32 8.08 -27.54 31.05
N SER F 33 6.87 -27.47 30.53
CA SER F 33 6.64 -26.94 29.20
C SER F 33 6.41 -25.43 29.27
N ALA F 34 6.79 -24.74 28.18
CA ALA F 34 6.62 -23.29 28.13
C ALA F 34 5.14 -22.93 28.05
N GLU F 35 4.38 -23.62 27.21
CA GLU F 35 2.93 -23.44 27.13
C GLU F 35 2.25 -23.83 28.44
N ALA F 36 2.79 -24.83 29.15
CA ALA F 36 2.30 -25.16 30.48
C ALA F 36 2.52 -24.01 31.45
N THR F 37 3.64 -23.30 31.30
CA THR F 37 3.87 -22.13 32.14
C THR F 37 2.99 -20.97 31.72
N VAL F 38 2.58 -20.92 30.45
CA VAL F 38 1.54 -19.99 30.03
C VAL F 38 0.21 -20.35 30.70
N VAL F 39 -0.02 -21.64 30.94
CA VAL F 39 -1.18 -22.02 31.73
C VAL F 39 -1.00 -21.63 33.20
N ARG F 40 0.24 -21.68 33.72
CA ARG F 40 0.51 -21.21 35.09
C ARG F 40 0.15 -19.74 35.26
N GLY F 41 0.69 -18.88 34.40
CA GLY F 41 0.38 -17.47 34.49
C GLY F 41 -1.09 -17.18 34.18
N TYR F 42 -1.66 -17.98 33.27
CA TYR F 42 -3.09 -17.94 32.97
C TYR F 42 -3.93 -18.15 34.21
N ILE F 43 -3.54 -19.10 35.05
CA ILE F 43 -4.25 -19.31 36.31
C ILE F 43 -3.99 -18.15 37.26
N ASP F 44 -2.74 -17.67 37.29
CA ASP F 44 -2.37 -16.63 38.25
C ASP F 44 -3.02 -15.29 37.97
N TRP F 45 -3.48 -15.05 36.74
CA TRP F 45 -4.39 -13.93 36.52
C TRP F 45 -5.65 -14.11 37.33
N MET F 46 -6.21 -15.33 37.32
CA MET F 46 -7.41 -15.58 38.11
C MET F 46 -7.11 -15.72 39.60
N LEU F 47 -5.85 -15.86 39.97
CA LEU F 47 -5.47 -15.55 41.35
C LEU F 47 -5.61 -14.06 41.60
N GLN F 48 -5.14 -13.24 40.65
CA GLN F 48 -5.11 -11.79 40.86
C GLN F 48 -6.48 -11.12 40.72
N VAL F 49 -7.50 -11.82 40.26
CA VAL F 49 -8.82 -11.20 40.14
C VAL F 49 -9.46 -11.14 41.52
N PRO F 50 -9.89 -9.97 41.98
CA PRO F 50 -10.49 -9.85 43.31
C PRO F 50 -11.93 -10.33 43.39
N TRP F 51 -12.14 -11.62 43.64
CA TRP F 51 -13.49 -12.17 43.63
C TRP F 51 -14.32 -11.79 44.85
N ASN F 52 -13.72 -11.16 45.85
CA ASN F 52 -14.41 -10.76 47.06
C ASN F 52 -13.72 -9.51 47.59
N SER F 53 -13.88 -9.26 48.90
CA SER F 53 -13.25 -8.17 49.64
C SER F 53 -13.69 -6.80 49.11
N ARG F 54 -14.98 -6.55 49.33
CA ARG F 54 -15.53 -5.21 49.14
C ARG F 54 -14.83 -4.22 50.06
N SER F 55 -14.50 -3.05 49.53
CA SER F 55 -14.01 -1.97 50.37
C SER F 55 -15.19 -1.22 50.96
N LYS F 56 -15.12 -0.96 52.26
CA LYS F 56 -16.27 -0.45 53.01
C LYS F 56 -16.57 0.98 52.62
N VAL F 57 -17.67 1.19 51.90
CA VAL F 57 -18.04 2.52 51.47
C VAL F 57 -18.57 3.32 52.66
N LYS F 58 -18.47 4.63 52.56
CA LYS F 58 -18.89 5.52 53.63
C LYS F 58 -20.25 6.09 53.26
N LYS F 59 -21.28 5.67 54.00
CA LYS F 59 -22.63 6.16 53.74
C LYS F 59 -22.89 7.52 54.36
N ASP F 60 -21.98 8.02 55.18
CA ASP F 60 -22.09 9.37 55.68
C ASP F 60 -21.83 10.36 54.55
N LEU F 61 -22.39 11.57 54.69
CA LEU F 61 -22.24 12.60 53.68
C LEU F 61 -21.68 13.91 54.20
N VAL F 62 -21.74 14.17 55.50
CA VAL F 62 -21.27 15.46 56.01
C VAL F 62 -19.75 15.53 55.89
N LYS F 63 -19.05 14.46 56.26
CA LYS F 63 -17.62 14.45 55.99
C LYS F 63 -17.33 14.15 54.53
N ALA F 64 -18.32 13.72 53.73
CA ALA F 64 -18.11 13.68 52.29
C ALA F 64 -18.14 15.09 51.71
N GLN F 65 -19.03 15.95 52.22
CA GLN F 65 -18.93 17.38 51.96
C GLN F 65 -17.57 17.91 52.38
N GLU F 66 -17.12 17.54 53.57
CA GLU F 66 -15.87 18.06 54.08
C GLU F 66 -14.64 17.49 53.39
N VAL F 67 -14.75 16.38 52.67
CA VAL F 67 -13.62 15.87 51.92
C VAL F 67 -13.69 16.30 50.46
N LEU F 68 -14.87 16.69 49.97
CA LEU F 68 -14.88 17.33 48.67
C LEU F 68 -14.52 18.80 48.73
N ASP F 69 -14.66 19.43 49.90
CA ASP F 69 -14.32 20.84 50.04
C ASP F 69 -12.89 21.06 50.51
N THR F 70 -11.96 20.19 50.14
CA THR F 70 -10.58 20.39 50.50
C THR F 70 -9.60 20.16 49.37
N ASP F 71 -10.04 19.69 48.21
CA ASP F 71 -9.15 19.55 47.08
C ASP F 71 -9.62 20.36 45.88
N HIS F 72 -10.72 21.08 46.01
CA HIS F 72 -11.27 21.86 44.91
C HIS F 72 -11.92 23.11 45.48
N TYR F 73 -11.54 24.28 44.99
CA TYR F 73 -11.99 25.50 45.66
C TYR F 73 -13.43 25.87 45.31
N GLY F 74 -13.68 26.20 44.05
CA GLY F 74 -14.90 26.91 43.76
C GLY F 74 -15.88 26.23 42.83
N LEU F 75 -15.97 24.91 42.90
CA LEU F 75 -16.89 24.19 42.04
C LEU F 75 -18.15 23.88 42.85
N GLU F 76 -19.05 24.86 42.95
CA GLU F 76 -20.19 24.65 43.84
C GLU F 76 -21.22 23.69 43.27
N ARG F 77 -21.81 24.02 42.12
CA ARG F 77 -22.94 23.24 41.62
C ARG F 77 -22.53 21.87 41.15
N VAL F 78 -21.27 21.71 40.74
CA VAL F 78 -20.76 20.37 40.45
C VAL F 78 -20.74 19.54 41.72
N LYS F 79 -20.25 20.12 42.83
CA LYS F 79 -20.27 19.42 44.11
C LYS F 79 -21.67 19.13 44.60
N ASP F 80 -22.63 20.02 44.32
CA ASP F 80 -24.01 19.75 44.71
C ASP F 80 -24.57 18.56 43.95
N ARG F 81 -24.32 18.51 42.64
CA ARG F 81 -24.81 17.39 41.84
C ARG F 81 -24.14 16.08 42.25
N ILE F 82 -22.85 16.15 42.61
CA ILE F 82 -22.15 14.96 43.07
C ILE F 82 -22.73 14.47 44.40
N LEU F 83 -23.04 15.39 45.32
CA LEU F 83 -23.62 14.93 46.57
C LEU F 83 -25.08 14.50 46.44
N GLU F 84 -25.78 14.91 45.39
CA GLU F 84 -27.04 14.24 45.07
C GLU F 84 -26.78 12.79 44.71
N TYR F 85 -25.84 12.56 43.78
CA TYR F 85 -25.59 11.21 43.30
C TYR F 85 -25.01 10.32 44.40
N LEU F 86 -24.32 10.91 45.37
CA LEU F 86 -23.81 10.15 46.49
C LEU F 86 -24.81 10.06 47.62
N ALA F 87 -25.86 10.88 47.60
CA ALA F 87 -26.95 10.65 48.54
C ALA F 87 -27.75 9.42 48.14
N VAL F 88 -28.14 9.35 46.87
CA VAL F 88 -28.87 8.15 46.44
C VAL F 88 -27.93 6.95 46.33
N GLN F 89 -26.65 7.20 46.05
CA GLN F 89 -25.68 6.12 46.19
C GLN F 89 -25.49 5.70 47.64
N SER F 90 -25.76 6.60 48.59
CA SER F 90 -25.69 6.21 49.98
C SER F 90 -26.89 5.37 50.38
N ARG F 91 -28.08 5.69 49.88
CA ARG F 91 -29.24 4.91 50.29
C ARG F 91 -29.30 3.56 49.56
N VAL F 92 -29.41 3.56 48.25
CA VAL F 92 -29.45 2.32 47.51
C VAL F 92 -28.02 1.83 47.30
N SER F 93 -27.80 0.54 47.51
CA SER F 93 -26.45 0.00 47.39
C SER F 93 -25.98 -0.04 45.95
N LYS F 94 -26.90 -0.30 45.01
CA LYS F 94 -26.55 -0.53 43.62
C LYS F 94 -27.42 0.32 42.73
N ILE F 95 -26.81 1.20 41.94
CA ILE F 95 -27.53 2.04 40.98
C ILE F 95 -27.12 1.59 39.59
N LYS F 96 -28.10 1.32 38.74
CA LYS F 96 -27.88 0.73 37.43
C LYS F 96 -28.36 1.60 36.28
N GLY F 97 -28.47 2.91 36.51
CA GLY F 97 -28.92 3.81 35.48
C GLY F 97 -27.86 4.78 35.03
N PRO F 98 -27.93 6.02 35.52
CA PRO F 98 -27.05 7.08 35.01
C PRO F 98 -25.65 6.98 35.57
N ILE F 99 -24.69 7.32 34.72
CA ILE F 99 -23.28 7.37 35.08
C ILE F 99 -22.91 8.85 35.20
N LEU F 100 -22.04 9.19 36.15
CA LEU F 100 -21.53 10.54 36.23
C LEU F 100 -20.70 10.88 35.01
N CYS F 101 -21.09 11.96 34.33
CA CYS F 101 -20.44 12.42 33.12
C CYS F 101 -19.89 13.81 33.38
N LEU F 102 -18.57 13.91 33.52
CA LEU F 102 -17.93 15.19 33.74
C LEU F 102 -17.46 15.75 32.41
N VAL F 103 -18.00 16.90 32.02
CA VAL F 103 -17.68 17.51 30.74
C VAL F 103 -17.28 18.95 30.99
N GLY F 104 -16.10 19.33 30.49
CA GLY F 104 -15.67 20.70 30.53
C GLY F 104 -14.50 20.94 29.58
N PRO F 105 -13.93 22.14 29.65
CA PRO F 105 -12.75 22.45 28.86
C PRO F 105 -11.55 21.67 29.37
N PRO F 106 -10.56 21.43 28.52
CA PRO F 106 -9.35 20.75 29.01
C PRO F 106 -8.54 21.67 29.91
N GLY F 107 -8.07 21.11 31.01
CA GLY F 107 -7.32 21.88 31.96
C GLY F 107 -8.09 22.36 33.16
N VAL F 108 -9.29 21.84 33.40
CA VAL F 108 -10.03 22.17 34.60
C VAL F 108 -9.96 20.90 35.42
N GLY F 109 -10.36 20.95 36.69
CA GLY F 109 -10.21 19.80 37.56
C GLY F 109 -11.15 18.65 37.27
N LYS F 110 -10.92 17.97 36.15
CA LYS F 110 -11.69 16.77 35.84
C LYS F 110 -11.11 15.56 36.55
N THR F 111 -9.88 15.18 36.21
CA THR F 111 -9.21 14.01 36.76
C THR F 111 -8.99 14.14 38.25
N SER F 112 -8.70 15.35 38.73
CA SER F 112 -8.52 15.53 40.16
C SER F 112 -9.85 15.64 40.88
N LEU F 113 -10.96 15.64 40.15
CA LEU F 113 -12.26 15.49 40.78
C LEU F 113 -12.49 13.99 40.99
N GLY F 114 -11.88 13.20 40.11
CA GLY F 114 -11.88 11.78 40.24
C GLY F 114 -11.10 11.26 41.43
N GLN F 115 -10.09 11.99 41.88
CA GLN F 115 -9.43 11.68 43.14
C GLN F 115 -10.37 11.91 44.31
N SER F 116 -10.91 13.11 44.45
CA SER F 116 -11.56 13.47 45.70
C SER F 116 -12.93 12.82 45.84
N ILE F 117 -13.52 12.34 44.76
CA ILE F 117 -14.73 11.54 44.90
C ILE F 117 -14.39 10.13 45.39
N ALA F 118 -13.23 9.61 44.97
CA ALA F 118 -12.83 8.26 45.38
C ALA F 118 -12.57 8.20 46.88
N LYS F 119 -11.97 9.23 47.44
CA LYS F 119 -11.89 9.32 48.89
C LYS F 119 -13.02 10.13 49.48
N ALA F 120 -14.15 10.22 48.78
CA ALA F 120 -15.38 10.70 49.40
C ALA F 120 -16.32 9.59 49.81
N THR F 121 -16.35 8.50 49.06
CA THR F 121 -17.06 7.31 49.51
C THR F 121 -16.15 6.37 50.29
N GLY F 122 -14.85 6.50 50.12
CA GLY F 122 -13.90 5.62 50.76
C GLY F 122 -13.41 4.51 49.88
N ARG F 123 -13.95 4.37 48.68
CA ARG F 123 -13.53 3.28 47.82
C ARG F 123 -12.19 3.62 47.17
N GLN F 124 -11.65 2.69 46.42
CA GLN F 124 -10.34 2.89 45.82
C GLN F 124 -10.44 3.79 44.59
N TYR F 125 -9.28 4.10 44.03
CA TYR F 125 -9.19 4.86 42.80
C TYR F 125 -8.46 4.04 41.75
N VAL F 126 -8.96 4.08 40.52
CA VAL F 126 -8.25 3.59 39.35
C VAL F 126 -8.43 4.67 38.30
N ARG F 127 -7.40 4.92 37.50
CA ARG F 127 -7.54 5.76 36.32
C ARG F 127 -7.27 4.91 35.09
N MET F 128 -8.21 4.92 34.15
CA MET F 128 -8.09 4.15 32.92
C MET F 128 -8.12 5.09 31.72
N ALA F 129 -7.12 4.98 30.87
CA ALA F 129 -6.95 5.89 29.76
C ALA F 129 -7.61 5.35 28.50
N LEU F 130 -8.07 6.28 27.66
CA LEU F 130 -8.69 5.95 26.38
C LEU F 130 -8.02 6.76 25.29
N GLY F 131 -7.47 6.08 24.29
CA GLY F 131 -6.82 6.73 23.17
C GLY F 131 -6.71 5.85 21.95
N SER F 149 -0.25 -13.17 24.00
CA SER F 149 -1.52 -13.49 24.64
C SER F 149 -1.78 -12.59 25.83
N MET F 150 -2.56 -11.55 25.61
CA MET F 150 -2.84 -10.56 26.65
C MET F 150 -4.25 -10.71 27.21
N PRO F 151 -4.43 -10.44 28.50
CA PRO F 151 -5.79 -10.29 29.04
C PRO F 151 -6.41 -8.97 28.63
N GLY F 152 -7.67 -8.79 29.01
CA GLY F 152 -8.34 -7.53 28.78
C GLY F 152 -7.75 -6.42 29.64
N LYS F 153 -7.78 -5.20 29.11
CA LYS F 153 -7.19 -4.07 29.82
C LYS F 153 -7.97 -3.73 31.08
N LEU F 154 -9.30 -3.81 31.00
CA LEU F 154 -10.14 -3.44 32.14
C LEU F 154 -9.98 -4.42 33.29
N ILE F 155 -9.94 -5.71 32.98
CA ILE F 155 -9.72 -6.69 34.04
C ILE F 155 -8.28 -6.66 34.50
N GLN F 156 -7.36 -6.15 33.68
CA GLN F 156 -6.00 -5.94 34.12
C GLN F 156 -5.92 -4.82 35.14
N LYS F 157 -6.73 -3.78 34.96
CA LYS F 157 -6.78 -2.72 35.96
C LYS F 157 -7.53 -3.15 37.20
N MET F 158 -8.53 -4.01 37.06
CA MET F 158 -9.19 -4.57 38.24
C MET F 158 -8.26 -5.46 39.03
N ALA F 159 -7.39 -6.20 38.33
CA ALA F 159 -6.33 -6.93 39.02
C ALA F 159 -5.27 -5.99 39.55
N LYS F 160 -5.12 -4.81 38.95
CA LYS F 160 -4.11 -3.86 39.41
C LYS F 160 -4.51 -3.26 40.75
N VAL F 161 -5.79 -2.92 40.93
CA VAL F 161 -6.17 -2.40 42.23
C VAL F 161 -6.44 -3.54 43.21
N GLY F 162 -6.93 -4.69 42.75
CA GLY F 162 -7.17 -5.83 43.60
C GLY F 162 -8.24 -5.63 44.66
N VAL F 163 -9.41 -5.15 44.25
CA VAL F 163 -10.54 -4.94 45.16
C VAL F 163 -11.79 -4.98 44.30
N LYS F 164 -12.94 -5.24 44.92
CA LYS F 164 -14.14 -5.49 44.14
C LYS F 164 -14.75 -4.22 43.58
N ASN F 165 -14.84 -3.16 44.39
CA ASN F 165 -15.64 -1.98 44.05
C ASN F 165 -14.84 -0.68 44.04
N PRO F 166 -13.99 -0.46 43.04
CA PRO F 166 -13.22 0.79 43.00
C PRO F 166 -14.02 1.90 42.35
N LEU F 167 -13.38 3.04 42.11
CA LEU F 167 -13.94 4.14 41.32
C LEU F 167 -13.13 4.22 40.04
N PHE F 168 -13.67 3.66 38.97
CA PHE F 168 -12.91 3.31 37.78
C PHE F 168 -13.15 4.37 36.72
N LEU F 169 -12.27 5.36 36.66
CA LEU F 169 -12.46 6.49 35.75
C LEU F 169 -12.11 6.14 34.32
N LEU F 170 -13.03 6.45 33.42
CA LEU F 170 -12.82 6.39 31.99
C LEU F 170 -12.52 7.82 31.51
N ASP F 171 -11.24 8.17 31.50
CA ASP F 171 -10.85 9.46 30.95
C ASP F 171 -11.00 9.47 29.44
N GLU F 172 -11.55 10.58 28.94
CA GLU F 172 -11.41 11.01 27.55
C GLU F 172 -12.05 10.02 26.57
N ILE F 173 -13.37 9.88 26.70
CA ILE F 173 -14.09 9.06 25.73
C ILE F 173 -14.21 9.80 24.40
N ASP F 174 -14.02 11.12 24.43
CA ASP F 174 -14.01 11.94 23.22
C ASP F 174 -12.93 11.49 22.24
N LYS F 175 -11.76 11.11 22.75
CA LYS F 175 -10.64 10.73 21.89
C LYS F 175 -10.64 9.26 21.53
N MET F 176 -11.80 8.60 21.55
CA MET F 176 -11.86 7.18 21.26
C MET F 176 -12.28 6.94 19.81
N PRO F 184 -12.93 -0.81 20.77
CA PRO F 184 -13.86 -0.06 19.92
C PRO F 184 -14.91 0.68 20.73
N ALA F 185 -15.85 1.32 20.03
CA ALA F 185 -16.92 2.07 20.66
C ALA F 185 -18.08 1.20 21.11
N SER F 186 -17.99 -0.11 20.92
CA SER F 186 -19.02 -1.04 21.34
C SER F 186 -18.60 -1.95 22.47
N ALA F 187 -17.31 -1.98 22.80
CA ALA F 187 -16.84 -2.87 23.85
C ALA F 187 -17.15 -2.34 25.24
N LEU F 188 -17.60 -1.09 25.34
CA LEU F 188 -17.71 -0.46 26.65
C LEU F 188 -19.15 -0.23 27.10
N LEU F 189 -20.12 -0.19 26.20
CA LEU F 189 -21.49 -0.09 26.69
C LEU F 189 -22.02 -1.42 27.17
N GLU F 190 -21.34 -2.52 26.87
CA GLU F 190 -21.63 -3.79 27.51
C GLU F 190 -21.07 -3.83 28.93
N VAL F 191 -20.24 -2.86 29.30
CA VAL F 191 -19.77 -2.72 30.66
C VAL F 191 -20.71 -1.83 31.47
N LEU F 192 -21.41 -0.93 30.79
CA LEU F 192 -22.22 0.08 31.44
C LEU F 192 -23.69 -0.31 31.58
N ASP F 193 -24.16 -1.27 30.81
CA ASP F 193 -25.58 -1.57 30.78
C ASP F 193 -26.01 -2.39 31.98
N PRO F 194 -27.21 -2.11 32.52
CA PRO F 194 -27.66 -2.85 33.71
C PRO F 194 -27.94 -4.31 33.45
N GLU F 195 -28.27 -4.68 32.22
CA GLU F 195 -28.50 -6.08 31.90
C GLU F 195 -27.19 -6.86 31.85
N GLN F 196 -26.07 -6.18 31.61
CA GLN F 196 -24.78 -6.86 31.52
C GLN F 196 -23.79 -6.33 32.55
N ASN F 197 -24.26 -5.65 33.59
CA ASN F 197 -23.39 -5.41 34.73
C ASN F 197 -23.05 -6.68 35.49
N VAL F 198 -23.88 -7.71 35.37
CA VAL F 198 -23.66 -8.93 36.16
C VAL F 198 -22.68 -9.88 35.51
N ALA F 199 -22.37 -9.69 34.23
CA ALA F 199 -21.49 -10.62 33.54
C ALA F 199 -20.66 -9.87 32.50
N PHE F 200 -19.39 -10.23 32.41
CA PHE F 200 -18.48 -9.67 31.41
C PHE F 200 -17.88 -10.79 30.58
N ASN F 201 -18.29 -10.85 29.31
CA ASN F 201 -17.81 -11.86 28.38
C ASN F 201 -16.39 -11.51 27.94
N ASP F 202 -15.43 -11.86 28.79
CA ASP F 202 -14.02 -11.71 28.48
C ASP F 202 -13.60 -12.71 27.40
N HIS F 203 -12.65 -12.30 26.57
CA HIS F 203 -12.21 -13.11 25.45
C HIS F 203 -10.81 -13.68 25.65
N TYR F 204 -10.32 -13.68 26.86
CA TYR F 204 -9.06 -14.31 27.20
C TYR F 204 -9.20 -15.26 28.38
N LEU F 205 -10.02 -14.92 29.36
CA LEU F 205 -10.29 -15.79 30.50
C LEU F 205 -11.59 -16.56 30.35
N GLU F 206 -12.46 -16.12 29.43
CA GLU F 206 -13.80 -16.62 29.10
C GLU F 206 -14.67 -16.95 30.32
N VAL F 207 -14.49 -16.18 31.40
CA VAL F 207 -15.27 -16.29 32.63
C VAL F 207 -15.76 -14.90 32.98
N ASP F 208 -17.05 -14.78 33.30
CA ASP F 208 -17.62 -13.49 33.66
C ASP F 208 -17.14 -13.03 35.03
N TYR F 209 -17.09 -11.70 35.19
CA TYR F 209 -16.82 -11.06 36.47
C TYR F 209 -17.95 -10.07 36.69
N ASP F 210 -18.51 -10.07 37.89
CA ASP F 210 -19.67 -9.23 38.14
C ASP F 210 -19.29 -7.76 38.22
N LEU F 211 -19.38 -7.07 37.09
CA LEU F 211 -19.02 -5.65 37.03
C LEU F 211 -20.09 -4.76 37.64
N SER F 212 -21.20 -5.32 38.09
CA SER F 212 -22.05 -4.63 39.03
C SER F 212 -21.27 -4.38 40.32
N ASP F 213 -21.66 -3.32 41.02
CA ASP F 213 -20.93 -2.77 42.17
C ASP F 213 -19.49 -2.46 41.78
N VAL F 214 -19.32 -1.76 40.65
CA VAL F 214 -18.05 -1.16 40.26
C VAL F 214 -18.41 0.24 39.81
N MET F 215 -18.26 1.22 40.69
CA MET F 215 -18.83 2.54 40.46
C MET F 215 -18.04 3.29 39.38
N PHE F 216 -18.76 3.80 38.40
CA PHE F 216 -18.16 4.39 37.20
C PHE F 216 -18.41 5.88 37.15
N VAL F 217 -17.35 6.64 36.87
CA VAL F 217 -17.41 8.05 36.52
C VAL F 217 -16.59 8.20 35.25
N ALA F 218 -17.12 8.94 34.29
CA ALA F 218 -16.46 9.06 33.00
C ALA F 218 -16.41 10.52 32.55
N THR F 219 -15.26 10.94 32.03
CA THR F 219 -14.96 12.33 31.73
C THR F 219 -14.63 12.49 30.25
N SER F 220 -15.06 13.60 29.67
CA SER F 220 -14.73 13.92 28.29
C SER F 220 -14.76 15.42 28.07
N ASN F 221 -13.97 15.86 27.10
CA ASN F 221 -13.91 17.28 26.74
C ASN F 221 -15.19 17.80 26.11
N SER F 222 -15.97 16.95 25.46
CA SER F 222 -17.02 17.42 24.59
C SER F 222 -18.29 16.65 24.87
N MET F 223 -19.26 16.83 23.98
CA MET F 223 -20.37 15.91 23.86
C MET F 223 -20.27 15.12 22.57
N ASN F 224 -19.08 15.05 21.97
CA ASN F 224 -18.82 14.25 20.78
C ASN F 224 -18.79 12.78 21.19
N ILE F 225 -19.97 12.23 21.41
CA ILE F 225 -20.16 10.94 22.06
C ILE F 225 -20.88 10.05 21.06
N PRO F 226 -20.47 8.79 20.90
CA PRO F 226 -21.31 7.85 20.15
C PRO F 226 -22.66 7.67 20.82
N ALA F 227 -23.70 7.63 19.99
CA ALA F 227 -25.07 7.84 20.44
C ALA F 227 -25.62 6.86 21.50
N PRO F 228 -25.21 5.59 21.60
CA PRO F 228 -25.65 4.82 22.78
C PRO F 228 -25.06 5.34 24.08
N LEU F 229 -23.82 5.80 24.06
CA LEU F 229 -23.20 6.25 25.30
C LEU F 229 -23.73 7.59 25.75
N LEU F 230 -24.30 8.38 24.84
CA LEU F 230 -24.80 9.71 25.19
C LEU F 230 -26.01 9.64 26.10
N ASP F 231 -26.90 8.68 25.86
CA ASP F 231 -28.10 8.59 26.68
C ASP F 231 -27.79 8.08 28.08
N ARG F 232 -26.74 7.29 28.22
CA ARG F 232 -26.45 6.64 29.49
C ARG F 232 -25.80 7.56 30.50
N MET F 233 -25.30 8.70 30.07
CA MET F 233 -24.40 9.53 30.87
C MET F 233 -25.08 10.87 31.09
N GLU F 234 -25.61 11.09 32.28
CA GLU F 234 -26.16 12.39 32.62
C GLU F 234 -25.04 13.40 32.76
N VAL F 235 -25.03 14.39 31.90
CA VAL F 235 -23.86 15.23 31.68
C VAL F 235 -23.82 16.32 32.74
N ILE F 236 -22.65 16.53 33.32
CA ILE F 236 -22.40 17.61 34.25
C ILE F 236 -21.41 18.57 33.60
N ARG F 237 -21.70 19.86 33.63
CA ARG F 237 -20.93 20.83 32.87
C ARG F 237 -20.01 21.59 33.81
N LEU F 238 -18.73 21.25 33.80
CA LEU F 238 -17.73 22.05 34.49
C LEU F 238 -17.38 23.25 33.62
N SER F 239 -17.59 24.43 34.14
CA SER F 239 -17.36 25.65 33.38
C SER F 239 -15.90 26.05 33.46
N GLY F 240 -15.61 27.26 33.05
CA GLY F 240 -14.32 27.85 33.33
C GLY F 240 -14.29 28.50 34.68
N TYR F 241 -13.21 29.23 34.91
CA TYR F 241 -12.96 29.93 36.15
C TYR F 241 -12.80 31.41 35.86
N THR F 242 -13.27 32.25 36.77
CA THR F 242 -13.05 33.68 36.61
C THR F 242 -11.64 34.03 37.09
N GLU F 243 -11.31 35.32 37.14
CA GLU F 243 -9.97 35.70 37.58
C GLU F 243 -9.80 35.48 39.08
N ASP F 244 -10.84 35.80 39.85
CA ASP F 244 -10.78 35.66 41.30
C ASP F 244 -10.64 34.20 41.72
N GLU F 245 -11.32 33.32 41.00
CA GLU F 245 -11.29 31.91 41.35
C GLU F 245 -9.96 31.28 40.99
N LYS F 246 -9.32 31.75 39.92
CA LYS F 246 -7.96 31.32 39.65
C LYS F 246 -7.01 31.89 40.69
N LEU F 247 -7.31 33.07 41.22
CA LEU F 247 -6.47 33.63 42.27
C LEU F 247 -6.52 32.78 43.53
N ASN F 248 -7.72 32.35 43.93
CA ASN F 248 -7.80 31.57 45.15
C ASN F 248 -7.32 30.15 44.94
N ILE F 249 -7.57 29.57 43.76
CA ILE F 249 -7.04 28.24 43.47
C ILE F 249 -5.52 28.25 43.47
N ALA F 250 -4.93 29.29 42.89
CA ALA F 250 -3.48 29.39 42.89
C ALA F 250 -2.94 29.65 44.29
N LYS F 251 -3.65 30.43 45.08
CA LYS F 251 -3.12 30.84 46.37
C LYS F 251 -3.29 29.78 47.44
N GLN F 252 -4.27 28.89 47.30
CA GLN F 252 -4.52 27.90 48.33
C GLN F 252 -4.25 26.46 47.92
N HIS F 253 -4.20 26.14 46.63
CA HIS F 253 -4.09 24.74 46.25
C HIS F 253 -3.07 24.47 45.16
N LEU F 254 -2.39 25.49 44.64
CA LEU F 254 -1.38 25.26 43.61
C LEU F 254 0.01 25.58 44.08
N LEU F 255 0.19 26.72 44.76
CA LEU F 255 1.46 27.03 45.40
C LEU F 255 1.95 25.98 46.39
N PRO F 256 1.12 25.33 47.24
CA PRO F 256 1.68 24.25 48.07
C PRO F 256 2.14 23.03 47.27
N LYS F 257 1.30 22.50 46.39
CA LYS F 257 1.69 21.25 45.73
C LYS F 257 2.72 21.49 44.62
N GLN F 258 3.04 22.74 44.33
CA GLN F 258 4.21 22.99 43.51
C GLN F 258 5.43 23.36 44.32
N PHE F 259 5.27 23.86 45.54
CA PHE F 259 6.43 24.02 46.41
C PHE F 259 6.96 22.67 46.84
N GLU F 260 6.07 21.74 47.16
CA GLU F 260 6.52 20.50 47.78
C GLU F 260 7.12 19.53 46.79
N ARG F 261 6.86 19.69 45.51
CA ARG F 261 7.51 18.86 44.50
C ARG F 261 8.72 19.54 43.88
N ASN F 262 9.13 20.68 44.42
CA ASN F 262 10.31 21.36 43.92
C ASN F 262 11.31 21.61 45.04
N ALA F 263 11.20 20.86 46.14
CA ALA F 263 12.12 20.88 47.28
C ALA F 263 12.26 22.26 47.90
N ILE F 264 11.22 23.08 47.82
CA ILE F 264 11.24 24.41 48.42
C ILE F 264 10.53 24.31 49.75
N LYS F 265 11.26 24.54 50.84
CA LYS F 265 10.63 24.57 52.13
C LYS F 265 9.99 25.94 52.38
N LYS F 266 9.38 26.10 53.55
CA LYS F 266 8.30 27.06 53.73
C LYS F 266 8.76 28.50 53.92
N GLY F 267 10.02 28.84 53.68
CA GLY F 267 10.41 30.20 53.98
C GLY F 267 10.89 31.04 52.82
N GLU F 268 11.52 30.42 51.83
CA GLU F 268 12.45 31.14 50.97
C GLU F 268 11.83 31.75 49.73
N LEU F 269 10.64 31.32 49.31
CA LEU F 269 10.01 31.90 48.13
C LEU F 269 8.62 32.39 48.49
N THR F 270 8.32 33.64 48.15
CA THR F 270 7.03 34.22 48.44
C THR F 270 6.52 34.96 47.21
N ILE F 271 5.33 34.61 46.75
CA ILE F 271 4.74 35.17 45.55
C ILE F 271 3.49 35.94 45.95
N ASP F 272 3.38 37.18 45.46
CA ASP F 272 2.31 38.06 45.90
C ASP F 272 0.98 37.70 45.26
N ASP F 273 -0.04 38.49 45.58
CA ASP F 273 -1.29 38.41 44.85
C ASP F 273 -1.14 39.00 43.46
N SER F 274 -0.52 40.16 43.37
CA SER F 274 -0.41 40.88 42.10
C SER F 274 0.49 40.18 41.12
N ALA F 275 1.43 39.37 41.59
CA ALA F 275 2.21 38.55 40.68
C ALA F 275 1.35 37.49 40.03
N ILE F 276 0.44 36.89 40.81
CA ILE F 276 -0.45 35.89 40.23
C ILE F 276 -1.48 36.53 39.32
N MET F 277 -1.93 37.76 39.65
CA MET F 277 -2.82 38.46 38.73
C MET F 277 -2.11 38.85 37.45
N SER F 278 -0.80 39.10 37.51
CA SER F 278 -0.07 39.35 36.28
C SER F 278 0.12 38.08 35.47
N ILE F 279 0.30 36.93 36.13
CA ILE F 279 0.45 35.69 35.39
C ILE F 279 -0.87 35.31 34.71
N ILE F 280 -1.98 35.47 35.43
CA ILE F 280 -3.28 35.09 34.88
C ILE F 280 -3.69 36.05 33.78
N ARG F 281 -3.54 37.35 34.02
CA ARG F 281 -3.98 38.32 33.03
C ARG F 281 -3.06 38.42 31.83
N TYR F 282 -1.78 38.07 31.96
CA TYR F 282 -0.84 38.34 30.87
C TYR F 282 -0.16 37.11 30.29
N TYR F 283 -0.35 35.92 30.83
CA TYR F 283 0.43 34.79 30.36
C TYR F 283 -0.36 33.53 30.06
N THR F 284 -1.69 33.61 30.01
CA THR F 284 -2.49 32.42 29.78
C THR F 284 -3.84 32.79 29.20
N ARG F 285 -4.35 31.96 28.28
CA ARG F 285 -5.69 32.10 27.72
C ARG F 285 -6.31 30.71 27.59
N GLU F 286 -6.98 30.27 28.64
CA GLU F 286 -7.95 29.18 28.54
C GLU F 286 -8.85 29.24 29.76
N ALA F 287 -9.90 28.43 29.73
CA ALA F 287 -10.86 28.42 30.81
C ALA F 287 -10.33 27.69 32.03
N GLY F 288 -9.26 26.92 31.87
CA GLY F 288 -8.74 26.09 32.94
C GLY F 288 -7.56 26.71 33.65
N VAL F 289 -6.84 25.87 34.37
CA VAL F 289 -5.69 26.30 35.15
C VAL F 289 -4.43 25.53 34.79
N ARG F 290 -4.38 24.92 33.61
CA ARG F 290 -3.19 24.13 33.25
C ARG F 290 -2.00 25.03 32.99
N SER F 291 -2.20 26.14 32.26
CA SER F 291 -1.08 27.03 31.98
C SER F 291 -0.64 27.77 33.22
N LEU F 292 -1.54 27.97 34.18
CA LEU F 292 -1.13 28.51 35.46
C LEU F 292 -0.22 27.55 36.19
N GLU F 293 -0.44 26.25 36.02
CA GLU F 293 0.46 25.26 36.61
C GLU F 293 1.81 25.24 35.92
N ARG F 294 1.83 25.37 34.59
CA ARG F 294 3.12 25.41 33.91
C ARG F 294 3.91 26.65 34.29
N GLU F 295 3.22 27.79 34.44
CA GLU F 295 3.92 29.02 34.77
C GLU F 295 4.42 29.00 36.20
N ILE F 296 3.63 28.49 37.13
CA ILE F 296 4.11 28.48 38.51
C ILE F 296 5.16 27.41 38.71
N SER F 297 5.11 26.34 37.92
CA SER F 297 6.18 25.35 37.95
C SER F 297 7.51 25.93 37.47
N LYS F 298 7.49 26.54 36.29
CA LYS F 298 8.72 27.12 35.72
C LYS F 298 9.23 28.28 36.54
N LEU F 299 8.32 29.05 37.13
CA LEU F 299 8.72 30.12 38.03
C LEU F 299 9.39 29.58 39.29
N CYS F 300 8.89 28.48 39.84
CA CYS F 300 9.50 27.92 41.04
C CYS F 300 10.89 27.38 40.77
N ARG F 301 11.08 26.65 39.67
CA ARG F 301 12.43 26.16 39.43
C ARG F 301 13.38 27.26 38.99
N LYS F 302 12.88 28.37 38.43
CA LYS F 302 13.76 29.52 38.26
C LYS F 302 14.14 30.14 39.59
N ALA F 303 13.26 30.06 40.59
CA ALA F 303 13.68 30.51 41.91
C ALA F 303 14.72 29.58 42.52
N VAL F 304 14.63 28.28 42.23
CA VAL F 304 15.63 27.33 42.73
C VAL F 304 16.99 27.60 42.11
N LYS F 305 17.01 27.93 40.81
CA LYS F 305 18.26 28.33 40.18
C LYS F 305 18.78 29.64 40.76
N ASN F 306 17.89 30.58 41.05
CA ASN F 306 18.36 31.78 41.74
C ASN F 306 18.57 31.58 43.25
N LEU F 307 18.50 30.36 43.76
CA LEU F 307 19.02 30.06 45.09
C LEU F 307 20.36 29.34 45.05
N LEU F 308 20.47 28.23 44.32
CA LEU F 308 21.68 27.43 44.43
C LEU F 308 22.88 28.05 43.75
N MET F 309 22.68 29.06 42.91
CA MET F 309 23.76 29.75 42.24
C MET F 309 24.21 31.01 42.98
N ASP F 310 23.66 31.28 44.16
CA ASP F 310 24.03 32.48 44.89
C ASP F 310 23.69 32.25 46.36
N LYS F 311 24.71 32.18 47.20
CA LYS F 311 24.48 31.84 48.60
C LYS F 311 24.10 33.04 49.46
N THR F 312 24.09 34.25 48.90
CA THR F 312 23.72 35.42 49.71
C THR F 312 22.22 35.48 49.95
N VAL F 313 21.43 35.61 48.89
CA VAL F 313 20.00 35.84 49.00
C VAL F 313 19.30 34.54 49.39
N LYS F 314 18.28 34.66 50.23
CA LYS F 314 17.48 33.48 50.52
C LYS F 314 15.99 33.73 50.35
N HIS F 315 15.49 34.89 50.77
CA HIS F 315 14.07 35.19 50.69
C HIS F 315 13.80 35.91 49.38
N ILE F 316 13.60 35.11 48.33
CA ILE F 316 13.36 35.67 47.01
C ILE F 316 11.92 36.14 46.94
N GLU F 317 11.73 37.43 46.62
CA GLU F 317 10.40 38.01 46.57
C GLU F 317 10.06 38.36 45.14
N ILE F 318 8.79 38.16 44.77
CA ILE F 318 8.28 38.49 43.45
C ILE F 318 7.03 39.34 43.61
N ASN F 319 7.03 40.51 42.96
CA ASN F 319 5.80 41.30 42.91
C ASN F 319 5.35 41.40 41.46
N GLY F 320 4.38 42.27 41.22
CA GLY F 320 3.91 42.54 39.88
C GLY F 320 4.78 43.48 39.07
N ASP F 321 6.05 43.62 39.45
CA ASP F 321 7.03 44.41 38.74
C ASP F 321 8.28 43.63 38.40
N ASN F 322 8.72 42.73 39.27
CA ASN F 322 9.98 42.02 39.09
C ASN F 322 9.78 40.65 38.50
N LEU F 323 8.81 40.49 37.61
CA LEU F 323 8.51 39.18 37.06
C LEU F 323 8.98 39.02 35.63
N LYS F 324 9.10 40.10 34.88
CA LYS F 324 9.50 40.00 33.47
C LYS F 324 10.95 39.60 33.29
N ASP F 325 11.78 39.64 34.32
CA ASP F 325 13.08 39.01 34.22
C ASP F 325 13.01 37.52 34.45
N PHE F 326 11.96 37.03 35.10
CA PHE F 326 11.77 35.59 35.23
C PHE F 326 11.16 34.99 33.97
N LEU F 327 10.02 35.52 33.54
CA LEU F 327 9.28 34.87 32.47
C LEU F 327 9.41 35.56 31.13
N GLY F 328 10.22 36.60 31.02
CA GLY F 328 10.28 37.31 29.77
C GLY F 328 9.10 38.26 29.63
N VAL F 329 8.87 38.67 28.39
CA VAL F 329 7.84 39.66 28.10
C VAL F 329 6.46 39.00 28.10
N GLN F 330 5.42 39.82 28.09
CA GLN F 330 4.05 39.33 28.10
C GLN F 330 3.74 38.62 26.79
N LYS F 331 3.44 37.33 26.88
CA LYS F 331 3.13 36.56 25.68
C LYS F 331 1.83 37.00 25.04
N VAL F 332 0.72 36.87 25.75
CA VAL F 332 -0.56 37.23 25.19
C VAL F 332 -0.94 38.59 25.75
N ASP F 333 -1.87 39.27 25.10
CA ASP F 333 -2.27 40.61 25.51
C ASP F 333 -3.57 40.58 26.29
N TYR F 334 -3.84 41.68 26.96
CA TYR F 334 -5.04 41.86 27.74
C TYR F 334 -6.06 42.59 26.87
N GLY F 335 -7.19 42.99 27.44
CA GLY F 335 -8.29 43.54 26.69
C GLY F 335 -8.10 44.96 26.19
N ARG F 336 -9.21 45.67 26.09
CA ARG F 336 -9.34 46.79 25.18
C ARG F 336 -8.99 48.09 25.87
N ALA F 337 -7.79 48.59 25.61
CA ALA F 337 -7.40 49.96 25.89
C ALA F 337 -6.71 50.58 24.69
N ASP F 338 -6.70 49.89 23.56
CA ASP F 338 -5.99 50.29 22.36
C ASP F 338 -6.95 51.07 21.44
N THR F 339 -6.56 51.24 20.17
CA THR F 339 -7.32 52.09 19.25
C THR F 339 -8.67 51.47 18.94
N GLU F 340 -9.72 52.22 19.22
CA GLU F 340 -11.08 51.73 19.07
C GLU F 340 -11.70 52.12 17.75
N ASN F 341 -10.88 52.46 16.76
CA ASN F 341 -11.43 52.72 15.44
C ASN F 341 -12.01 51.44 14.87
N ARG F 342 -11.12 50.54 14.46
CA ARG F 342 -11.37 49.14 14.04
C ARG F 342 -12.67 48.98 13.25
N VAL F 343 -12.80 49.80 12.20
CA VAL F 343 -14.06 49.92 11.49
C VAL F 343 -14.39 48.61 10.79
N GLY F 344 -15.65 48.21 10.90
CA GLY F 344 -16.30 47.00 10.38
C GLY F 344 -15.87 45.72 11.10
N GLN F 345 -15.07 45.81 12.14
CA GLN F 345 -14.83 44.66 12.98
C GLN F 345 -15.68 44.77 14.23
N VAL F 346 -16.06 43.62 14.75
CA VAL F 346 -16.83 43.57 15.99
C VAL F 346 -16.53 42.25 16.67
N THR F 347 -16.11 42.32 17.93
CA THR F 347 -15.72 41.13 18.65
C THR F 347 -16.97 40.37 19.09
N GLY F 348 -17.12 39.15 18.59
CA GLY F 348 -18.25 38.31 18.92
C GLY F 348 -17.82 37.17 19.84
N LEU F 349 -18.83 36.52 20.40
CA LEU F 349 -18.63 35.46 21.37
C LEU F 349 -19.06 34.14 20.75
N ALA F 350 -18.16 33.17 20.74
CA ALA F 350 -18.45 31.88 20.13
C ALA F 350 -18.45 30.82 21.21
N TRP F 351 -19.54 30.07 21.31
CA TRP F 351 -19.63 28.95 22.22
C TRP F 351 -19.22 27.69 21.48
N THR F 352 -17.93 27.46 21.42
CA THR F 352 -17.38 26.33 20.70
C THR F 352 -17.34 25.11 21.61
N GLU F 353 -16.63 24.08 21.14
CA GLU F 353 -16.41 22.89 21.96
C GLU F 353 -15.59 23.19 23.20
N VAL F 354 -14.47 23.92 23.03
CA VAL F 354 -13.52 24.09 24.12
C VAL F 354 -14.01 25.07 25.16
N GLY F 355 -15.15 25.70 24.95
CA GLY F 355 -15.74 26.58 25.94
C GLY F 355 -16.11 27.89 25.31
N GLY F 356 -16.03 28.96 26.07
CA GLY F 356 -16.20 30.27 25.48
C GLY F 356 -14.99 30.65 24.65
N ASP F 357 -15.21 31.58 23.73
CA ASP F 357 -14.13 32.00 22.85
C ASP F 357 -14.40 33.40 22.36
N LEU F 358 -13.35 34.18 22.18
CA LEU F 358 -13.45 35.44 21.46
C LEU F 358 -13.26 35.20 19.98
N LEU F 359 -13.92 36.04 19.18
CA LEU F 359 -14.10 35.72 17.77
C LEU F 359 -14.33 37.04 17.05
N THR F 360 -13.31 37.56 16.38
CA THR F 360 -13.45 38.81 15.66
C THR F 360 -14.09 38.55 14.31
N ILE F 361 -15.31 39.03 14.14
CA ILE F 361 -16.03 38.92 12.88
C ILE F 361 -15.69 40.11 12.00
N GLU F 362 -15.33 39.82 10.76
CA GLU F 362 -14.85 40.82 9.82
C GLU F 362 -15.68 40.79 8.55
N THR F 363 -16.06 41.97 8.07
CA THR F 363 -16.79 42.13 6.83
C THR F 363 -16.11 43.18 5.98
N ALA F 364 -16.66 43.39 4.79
CA ALA F 364 -16.11 44.38 3.87
C ALA F 364 -17.18 44.73 2.86
N CYS F 365 -16.84 45.68 1.99
CA CYS F 365 -17.78 46.09 0.94
C CYS F 365 -16.97 46.71 -0.19
N VAL F 366 -16.78 45.96 -1.26
CA VAL F 366 -16.05 46.43 -2.44
C VAL F 366 -17.07 46.70 -3.55
N PRO F 367 -16.75 47.51 -4.56
CA PRO F 367 -17.66 47.63 -5.69
C PRO F 367 -17.68 46.36 -6.51
N GLY F 368 -18.86 46.05 -7.06
CA GLY F 368 -19.00 44.79 -7.76
C GLY F 368 -20.31 44.60 -8.50
N LYS F 369 -20.91 43.42 -8.33
CA LYS F 369 -22.16 43.07 -8.99
C LYS F 369 -23.31 42.82 -8.03
N GLY F 370 -23.06 42.78 -6.73
CA GLY F 370 -24.11 42.52 -5.77
C GLY F 370 -24.14 41.11 -5.22
N LYS F 371 -23.07 40.36 -5.37
CA LYS F 371 -23.04 38.94 -5.02
C LYS F 371 -22.36 38.74 -3.68
N LEU F 372 -22.98 37.96 -2.81
CA LEU F 372 -22.39 37.67 -1.51
C LEU F 372 -21.24 36.69 -1.64
N THR F 373 -20.29 36.80 -0.73
CA THR F 373 -19.12 35.94 -0.73
C THR F 373 -18.76 35.65 0.71
N TYR F 374 -18.54 34.38 1.03
CA TYR F 374 -18.50 33.95 2.41
C TYR F 374 -17.34 32.99 2.62
N THR F 375 -16.69 33.10 3.77
CA THR F 375 -15.57 32.23 4.10
C THR F 375 -15.73 31.71 5.52
N GLY F 376 -14.70 31.03 5.99
CA GLY F 376 -14.53 30.71 7.38
C GLY F 376 -15.32 29.52 7.88
N SER F 377 -16.60 29.71 8.11
CA SER F 377 -17.43 28.69 8.73
C SER F 377 -18.10 27.85 7.64
N LEU F 378 -19.15 27.12 8.02
CA LEU F 378 -19.73 26.08 7.17
C LEU F 378 -20.35 26.65 5.90
N GLY F 379 -21.26 27.61 6.05
CA GLY F 379 -21.85 28.26 4.91
C GLY F 379 -23.21 27.73 4.51
N GLU F 380 -23.52 26.49 4.86
CA GLU F 380 -24.85 25.97 4.63
C GLU F 380 -25.80 26.23 5.78
N VAL F 381 -25.28 26.55 6.97
CA VAL F 381 -26.14 26.91 8.09
C VAL F 381 -26.25 28.41 8.29
N MET F 382 -25.38 29.19 7.65
CA MET F 382 -25.24 30.60 8.00
C MET F 382 -25.96 31.53 7.05
N GLN F 383 -26.18 31.12 5.79
CA GLN F 383 -26.62 32.08 4.79
C GLN F 383 -28.06 32.53 4.97
N GLU F 384 -28.87 31.77 5.73
CA GLU F 384 -30.14 32.30 6.17
C GLU F 384 -29.94 33.51 7.06
N SER F 385 -28.96 33.43 7.97
CA SER F 385 -28.66 34.57 8.83
C SER F 385 -27.95 35.67 8.05
N ILE F 386 -27.20 35.31 7.01
CA ILE F 386 -26.47 36.32 6.25
C ILE F 386 -27.44 37.17 5.45
N GLN F 387 -28.27 36.52 4.62
CA GLN F 387 -29.24 37.29 3.86
C GLN F 387 -30.35 37.83 4.74
N ALA F 388 -30.55 37.24 5.92
CA ALA F 388 -31.40 37.83 6.92
C ALA F 388 -30.87 39.19 7.34
N ALA F 389 -29.59 39.24 7.70
CA ALA F 389 -28.97 40.49 8.10
C ALA F 389 -28.91 41.49 6.96
N LEU F 390 -28.76 41.00 5.74
CA LEU F 390 -28.77 41.87 4.57
C LEU F 390 -30.14 42.49 4.37
N THR F 391 -31.20 41.72 4.61
CA THR F 391 -32.54 42.27 4.56
C THR F 391 -32.77 43.27 5.69
N VAL F 392 -32.12 43.03 6.85
CA VAL F 392 -32.21 43.98 7.97
C VAL F 392 -31.57 45.30 7.58
N VAL F 393 -30.46 45.24 6.86
CA VAL F 393 -29.81 46.48 6.43
C VAL F 393 -30.63 47.18 5.36
N ARG F 394 -31.18 46.42 4.41
CA ARG F 394 -31.94 47.03 3.32
C ARG F 394 -33.25 47.64 3.81
N ALA F 395 -33.84 47.11 4.88
CA ALA F 395 -35.05 47.72 5.40
C ALA F 395 -34.77 49.00 6.16
N ARG F 396 -33.51 49.29 6.45
CA ARG F 396 -33.15 50.37 7.36
C ARG F 396 -32.16 51.35 6.73
N ALA F 397 -31.94 51.24 5.42
CA ALA F 397 -30.91 52.06 4.80
C ALA F 397 -31.35 53.51 4.62
N ASP F 398 -32.65 53.76 4.61
CA ASP F 398 -33.16 55.08 4.26
C ASP F 398 -32.84 56.10 5.35
N LYS F 399 -33.06 55.72 6.60
CA LYS F 399 -32.89 56.62 7.72
C LYS F 399 -31.47 56.60 8.27
N LEU F 400 -30.51 55.96 7.58
CA LEU F 400 -29.13 55.95 8.03
C LEU F 400 -28.20 56.77 7.16
N GLY F 401 -28.44 56.86 5.86
CA GLY F 401 -27.52 57.51 4.96
C GLY F 401 -26.77 56.57 4.06
N ILE F 402 -27.03 55.27 4.17
CA ILE F 402 -26.53 54.33 3.17
C ILE F 402 -27.21 54.62 1.84
N ASN F 403 -26.42 54.72 0.78
CA ASN F 403 -26.94 54.88 -0.56
C ASN F 403 -27.74 53.64 -0.94
N PRO F 404 -29.04 53.76 -1.20
CA PRO F 404 -29.90 52.57 -1.25
C PRO F 404 -29.74 51.69 -2.49
N ASP F 405 -28.80 51.99 -3.37
CA ASP F 405 -28.55 51.15 -4.53
C ASP F 405 -27.60 50.00 -4.26
N PHE F 406 -27.10 49.88 -3.04
CA PHE F 406 -25.89 49.11 -2.79
C PHE F 406 -26.11 47.61 -2.91
N TYR F 407 -27.36 47.14 -2.82
CA TYR F 407 -27.58 45.70 -2.80
C TYR F 407 -27.32 45.04 -4.14
N GLU F 408 -27.18 45.82 -5.21
CA GLU F 408 -26.73 45.31 -6.50
C GLU F 408 -25.47 46.00 -7.02
N LYS F 409 -25.07 47.13 -6.42
CA LYS F 409 -23.85 47.78 -6.89
C LYS F 409 -22.61 47.17 -6.25
N ARG F 410 -22.66 46.87 -4.96
CA ARG F 410 -21.46 46.62 -4.19
C ARG F 410 -21.48 45.22 -3.60
N ASP F 411 -20.43 44.45 -3.86
CA ASP F 411 -20.32 43.13 -3.29
C ASP F 411 -19.95 43.18 -1.81
N ILE F 412 -20.16 42.07 -1.14
CA ILE F 412 -19.97 41.95 0.30
C ILE F 412 -19.20 40.68 0.58
N HIS F 413 -18.13 40.79 1.34
CA HIS F 413 -17.36 39.63 1.76
C HIS F 413 -17.43 39.54 3.27
N VAL F 414 -17.78 38.37 3.78
CA VAL F 414 -18.00 38.17 5.21
C VAL F 414 -17.15 37.02 5.67
N HIS F 415 -16.37 37.24 6.73
CA HIS F 415 -15.36 36.29 7.18
C HIS F 415 -15.47 36.11 8.68
N VAL F 416 -16.07 35.01 9.11
CA VAL F 416 -16.16 34.66 10.53
C VAL F 416 -15.24 33.47 10.77
N PRO F 417 -14.36 33.53 11.75
CA PRO F 417 -13.38 32.45 11.93
C PRO F 417 -13.96 31.18 12.51
N GLU F 418 -13.10 30.19 12.75
CA GLU F 418 -13.51 28.86 13.18
C GLU F 418 -14.15 28.91 14.55
N GLY F 419 -15.40 28.50 14.64
CA GLY F 419 -16.15 28.74 15.83
C GLY F 419 -17.10 27.64 16.23
N ALA F 420 -18.35 28.03 16.48
CA ALA F 420 -19.30 27.17 17.18
C ALA F 420 -19.85 26.07 16.29
N THR F 421 -20.00 24.89 16.88
CA THR F 421 -20.87 23.88 16.31
C THR F 421 -22.31 24.40 16.37
N PRO F 422 -23.10 24.25 15.29
CA PRO F 422 -24.47 24.79 15.20
C PRO F 422 -25.43 24.40 16.32
N PRO F 426 -25.04 30.52 13.65
CA PRO F 426 -26.36 31.13 13.81
C PRO F 426 -26.30 32.00 15.02
N SER F 427 -25.55 31.51 16.01
CA SER F 427 -25.11 32.34 17.11
C SER F 427 -24.16 33.40 16.58
N ALA F 428 -24.15 34.54 17.27
CA ALA F 428 -23.45 35.75 16.85
C ALA F 428 -23.85 36.14 15.45
N GLY F 429 -25.14 36.06 15.16
CA GLY F 429 -25.63 36.52 13.88
C GLY F 429 -25.62 38.03 13.78
N ILE F 430 -26.01 38.73 14.85
CA ILE F 430 -26.19 40.18 14.74
C ILE F 430 -24.88 40.93 14.73
N ALA F 431 -23.76 40.25 14.98
CA ALA F 431 -22.47 40.88 14.77
C ALA F 431 -22.22 41.13 13.30
N MET F 432 -22.79 40.32 12.42
CA MET F 432 -22.71 40.61 10.99
C MET F 432 -23.49 41.86 10.65
N CYS F 433 -24.63 42.07 11.31
CA CYS F 433 -25.42 43.27 11.04
C CYS F 433 -24.73 44.52 11.58
N THR F 434 -24.17 44.44 12.79
CA THR F 434 -23.40 45.55 13.31
C THR F 434 -22.17 45.85 12.48
N ALA F 435 -21.55 44.81 11.92
CA ALA F 435 -20.39 45.01 11.07
C ALA F 435 -20.77 45.64 9.74
N LEU F 436 -21.88 45.22 9.13
CA LEU F 436 -22.26 45.78 7.84
C LEU F 436 -22.74 47.21 7.96
N VAL F 437 -23.49 47.54 9.01
CA VAL F 437 -23.88 48.92 9.21
C VAL F 437 -22.66 49.77 9.49
N SER F 438 -21.69 49.19 10.21
CA SER F 438 -20.43 49.88 10.48
C SER F 438 -19.66 50.18 9.20
N CYS F 439 -19.53 49.20 8.32
CA CYS F 439 -18.74 49.44 7.11
C CYS F 439 -19.45 50.31 6.10
N LEU F 440 -20.79 50.23 6.04
CA LEU F 440 -21.47 51.05 5.06
C LEU F 440 -21.53 52.51 5.49
N THR F 441 -21.87 52.79 6.73
CA THR F 441 -21.89 54.20 7.10
C THR F 441 -20.52 54.75 7.41
N GLY F 442 -19.49 53.89 7.49
CA GLY F 442 -18.20 54.37 7.91
C GLY F 442 -18.12 54.73 9.37
N ASN F 443 -19.02 54.20 10.18
CA ASN F 443 -19.09 54.54 11.58
C ASN F 443 -18.29 53.52 12.37
N PRO F 444 -17.23 53.92 13.07
CA PRO F 444 -16.35 52.94 13.69
C PRO F 444 -16.97 52.29 14.91
N VAL F 445 -16.89 50.97 14.97
CA VAL F 445 -17.33 50.21 16.14
C VAL F 445 -16.37 50.45 17.29
N ARG F 446 -16.92 50.79 18.45
CA ARG F 446 -16.11 50.87 19.66
C ARG F 446 -15.59 49.48 20.02
N ALA F 447 -14.31 49.41 20.36
CA ALA F 447 -13.62 48.13 20.33
C ALA F 447 -13.93 47.23 21.52
N ASP F 448 -14.52 47.75 22.58
CA ASP F 448 -14.68 46.98 23.81
C ASP F 448 -16.08 46.42 23.96
N VAL F 449 -16.68 45.94 22.87
CA VAL F 449 -18.05 45.45 22.89
C VAL F 449 -18.07 44.01 22.39
N ALA F 450 -18.76 43.14 23.12
CA ALA F 450 -19.04 41.79 22.71
C ALA F 450 -20.50 41.66 22.30
N MET F 451 -20.77 40.83 21.32
CA MET F 451 -22.12 40.72 20.79
C MET F 451 -22.44 39.27 20.48
N THR F 452 -23.68 38.90 20.73
CA THR F 452 -24.18 37.59 20.37
C THR F 452 -25.67 37.70 20.10
N GLY F 453 -26.26 36.57 19.77
CA GLY F 453 -27.67 36.50 19.43
C GLY F 453 -27.89 35.95 18.04
N GLU F 454 -29.15 35.64 17.77
CA GLU F 454 -29.62 35.30 16.45
C GLU F 454 -30.46 36.46 15.94
N ILE F 455 -30.37 36.74 14.64
CA ILE F 455 -31.06 37.86 14.03
C ILE F 455 -32.26 37.36 13.24
N THR F 456 -33.38 38.08 13.34
CA THR F 456 -34.57 37.79 12.57
C THR F 456 -34.55 38.59 11.27
N LEU F 457 -35.57 38.41 10.44
CA LEU F 457 -35.67 39.26 9.27
C LEU F 457 -36.10 40.66 9.64
N ARG F 458 -37.06 40.77 10.53
CA ARG F 458 -37.70 42.06 10.68
C ARG F 458 -36.93 42.98 11.60
N GLY F 459 -36.10 42.44 12.50
CA GLY F 459 -35.28 43.27 13.34
C GLY F 459 -35.17 42.80 14.78
N LEU F 460 -35.87 41.72 15.09
CA LEU F 460 -35.86 41.19 16.44
C LEU F 460 -34.62 40.34 16.67
N VAL F 461 -34.40 39.99 17.93
CA VAL F 461 -33.28 39.16 18.34
C VAL F 461 -33.84 37.90 18.98
N LEU F 462 -33.45 36.75 18.46
CA LEU F 462 -33.87 35.48 19.01
C LEU F 462 -32.96 35.07 20.16
N PRO F 463 -33.43 34.21 21.08
CA PRO F 463 -32.57 33.79 22.19
C PRO F 463 -31.47 32.86 21.73
N ILE F 464 -30.46 32.72 22.60
CA ILE F 464 -29.37 31.78 22.39
C ILE F 464 -29.12 31.02 23.69
N GLY F 465 -28.37 29.94 23.57
CA GLY F 465 -28.06 29.07 24.69
C GLY F 465 -26.57 28.95 24.88
N GLY F 466 -26.16 28.84 26.14
CA GLY F 466 -24.75 28.80 26.46
C GLY F 466 -24.29 30.17 26.88
N LEU F 467 -25.07 30.82 27.74
CA LEU F 467 -24.77 32.19 28.11
C LEU F 467 -23.56 32.27 29.04
N LYS F 468 -23.33 31.23 29.84
CA LYS F 468 -22.28 31.32 30.86
C LYS F 468 -20.91 31.21 30.24
N GLU F 469 -20.72 30.35 29.23
CA GLU F 469 -19.42 30.25 28.59
C GLU F 469 -19.09 31.50 27.78
N LYS F 470 -20.09 32.12 27.17
CA LYS F 470 -19.86 33.39 26.51
C LYS F 470 -19.48 34.47 27.51
N LEU F 471 -20.17 34.54 28.65
CA LEU F 471 -19.85 35.58 29.61
C LEU F 471 -18.50 35.36 30.25
N LEU F 472 -18.09 34.09 30.43
CA LEU F 472 -16.74 33.84 30.92
C LEU F 472 -15.69 34.17 29.87
N ALA F 473 -16.03 34.01 28.59
CA ALA F 473 -15.08 34.37 27.56
C ALA F 473 -14.88 35.87 27.51
N ALA F 474 -15.98 36.63 27.57
CA ALA F 474 -15.86 38.07 27.52
C ALA F 474 -15.26 38.63 28.79
N HIS F 475 -15.42 37.93 29.91
CA HIS F 475 -14.77 38.39 31.12
C HIS F 475 -13.29 38.07 31.11
N ARG F 476 -12.91 36.91 30.58
CA ARG F 476 -11.51 36.51 30.59
C ARG F 476 -10.70 37.31 29.59
N GLY F 477 -11.31 37.73 28.50
CA GLY F 477 -10.62 38.57 27.55
C GLY F 477 -10.68 40.04 27.83
N GLY F 478 -11.29 40.45 28.94
CA GLY F 478 -11.27 41.84 29.31
C GLY F 478 -12.26 42.72 28.59
N ILE F 479 -13.31 42.16 27.99
CA ILE F 479 -14.34 42.99 27.39
C ILE F 479 -15.18 43.57 28.52
N LYS F 480 -15.77 44.75 28.29
CA LYS F 480 -16.52 45.39 29.35
C LYS F 480 -18.01 45.53 29.11
N VAL F 481 -18.45 45.53 27.85
CA VAL F 481 -19.85 45.75 27.51
C VAL F 481 -20.31 44.61 26.61
N VAL F 482 -21.29 43.85 27.06
CA VAL F 482 -21.80 42.71 26.31
C VAL F 482 -23.26 42.95 25.99
N LEU F 483 -23.63 42.80 24.72
CA LEU F 483 -25.00 43.04 24.28
C LEU F 483 -25.71 41.70 24.05
N ILE F 484 -26.20 41.13 25.14
CA ILE F 484 -26.97 39.90 25.07
C ILE F 484 -28.38 40.24 24.61
N PRO F 485 -29.20 39.26 24.19
CA PRO F 485 -30.60 39.57 23.88
C PRO F 485 -31.42 39.97 25.10
N ASP F 486 -32.71 40.23 24.89
CA ASP F 486 -33.57 40.47 26.03
C ASP F 486 -34.00 39.17 26.69
N ASP F 487 -34.03 38.08 25.94
CA ASP F 487 -34.55 36.82 26.43
C ASP F 487 -33.51 35.98 27.14
N ASN F 488 -32.51 36.60 27.74
CA ASN F 488 -31.62 35.86 28.63
C ASN F 488 -31.47 36.55 29.96
N LYS F 489 -32.36 37.48 30.28
CA LYS F 489 -32.55 37.87 31.67
C LYS F 489 -33.08 36.72 32.51
N ARG F 490 -33.78 35.78 31.86
CA ARG F 490 -34.07 34.48 32.47
C ARG F 490 -32.82 33.81 32.99
N ASP F 491 -31.71 33.87 32.25
CA ASP F 491 -30.49 33.20 32.65
C ASP F 491 -29.48 34.12 33.31
N LEU F 492 -29.74 35.41 33.42
CA LEU F 492 -28.83 36.20 34.24
C LEU F 492 -29.06 36.01 35.73
N GLU F 493 -30.17 35.41 36.14
CA GLU F 493 -30.39 35.12 37.54
C GLU F 493 -29.88 33.74 37.93
N GLU F 494 -28.88 33.23 37.21
CA GLU F 494 -28.35 31.90 37.44
C GLU F 494 -26.84 31.97 37.54
N ILE F 495 -26.25 32.99 36.94
CA ILE F 495 -24.79 33.12 36.93
C ILE F 495 -24.33 33.58 38.31
N PRO F 496 -23.23 33.06 38.85
CA PRO F 496 -22.66 33.65 40.06
C PRO F 496 -22.20 35.08 39.81
N ASP F 497 -22.49 35.95 40.77
CA ASP F 497 -22.46 37.39 40.57
C ASP F 497 -21.06 37.94 40.43
N ASN F 498 -20.03 37.15 40.72
CA ASN F 498 -18.66 37.57 40.43
C ASN F 498 -18.44 37.72 38.93
N VAL F 499 -19.07 36.86 38.13
CA VAL F 499 -18.95 36.96 36.68
C VAL F 499 -19.71 38.17 36.17
N ILE F 500 -20.89 38.42 36.72
CA ILE F 500 -21.70 39.57 36.34
C ILE F 500 -21.13 40.87 36.88
N ALA F 501 -20.18 40.79 37.81
CA ALA F 501 -19.77 41.95 38.59
C ALA F 501 -19.04 43.00 37.76
N ASP F 502 -18.34 42.59 36.71
CA ASP F 502 -17.50 43.53 35.98
C ASP F 502 -17.83 43.51 34.50
N LEU F 503 -19.11 43.54 34.18
CA LEU F 503 -19.58 43.57 32.81
C LEU F 503 -20.78 44.49 32.75
N GLU F 504 -20.65 45.60 32.03
CA GLU F 504 -21.73 46.57 31.90
C GLU F 504 -22.75 46.03 30.91
N ILE F 505 -23.60 45.11 31.41
CA ILE F 505 -24.44 44.29 30.54
C ILE F 505 -25.67 45.08 30.13
N HIS F 506 -25.97 45.08 28.84
CA HIS F 506 -27.20 45.67 28.33
C HIS F 506 -27.99 44.59 27.61
N PRO F 507 -29.24 44.33 27.96
CA PRO F 507 -30.09 43.50 27.12
C PRO F 507 -30.79 44.33 26.07
N VAL F 508 -30.95 43.76 24.88
CA VAL F 508 -31.59 44.43 23.77
C VAL F 508 -32.62 43.50 23.17
N LYS F 509 -33.58 44.09 22.45
CA LYS F 509 -34.68 43.32 21.90
C LYS F 509 -34.84 43.57 20.42
N ARG F 510 -34.48 44.76 19.95
CA ARG F 510 -34.51 45.06 18.53
C ARG F 510 -33.16 45.59 18.10
N ILE F 511 -32.86 45.39 16.81
CA ILE F 511 -31.53 45.66 16.30
C ILE F 511 -31.20 47.14 16.31
N ASP F 512 -32.22 48.01 16.39
CA ASP F 512 -32.00 49.44 16.50
C ASP F 512 -31.30 49.79 17.79
N ASP F 513 -31.61 49.06 18.85
CA ASP F 513 -30.98 49.32 20.14
C ASP F 513 -29.59 48.72 20.23
N VAL F 514 -29.25 47.76 19.38
CA VAL F 514 -27.85 47.39 19.20
C VAL F 514 -27.10 48.51 18.51
N LEU F 515 -27.65 48.99 17.40
CA LEU F 515 -27.00 50.03 16.62
C LEU F 515 -26.95 51.37 17.33
N ALA F 516 -27.69 51.54 18.42
CA ALA F 516 -27.47 52.70 19.27
C ALA F 516 -26.16 52.60 20.03
N ILE F 517 -25.78 51.40 20.46
CA ILE F 517 -24.70 51.25 21.44
C ILE F 517 -23.35 51.01 20.80
N ALA F 518 -23.25 49.96 19.97
CA ALA F 518 -21.94 49.49 19.52
C ALA F 518 -21.25 50.42 18.53
N LEU F 519 -21.94 51.43 18.01
CA LEU F 519 -21.34 52.38 17.10
C LEU F 519 -20.94 53.62 17.88
N GLU F 520 -19.84 54.25 17.50
CA GLU F 520 -19.42 55.42 18.25
C GLU F 520 -20.13 56.69 17.80
N HIS F 521 -20.81 56.67 16.67
CA HIS F 521 -21.62 57.82 16.34
C HIS F 521 -23.08 57.43 16.28
N PRO F 522 -23.98 58.30 16.74
CA PRO F 522 -25.41 57.98 16.66
C PRO F 522 -25.89 57.92 15.21
N ALA F 523 -26.93 57.12 14.99
CA ALA F 523 -27.45 56.97 13.65
C ALA F 523 -28.96 56.78 13.66
PB ADP G . 22.72 16.74 15.00
O1B ADP G . 23.48 15.69 14.23
O2B ADP G . 21.78 17.57 14.16
O3B ADP G . 22.12 16.20 16.26
PA ADP G . 25.10 17.43 16.33
O1A ADP G . 25.26 18.34 17.49
O2A ADP G . 25.09 15.94 16.55
O3A ADP G . 23.81 17.83 15.46
O5' ADP G . 26.34 17.81 15.40
C5' ADP G . 27.63 17.54 15.93
C4' ADP G . 28.53 18.76 15.91
O4' ADP G . 27.84 19.96 16.21
C3' ADP G . 29.56 18.60 17.00
O3' ADP G . 30.85 18.80 16.43
C2' ADP G . 29.31 19.74 17.94
O2' ADP G . 30.53 20.24 18.45
C1' ADP G . 28.70 20.74 17.01
N9 ADP G . 27.98 21.78 17.74
C8 ADP G . 26.68 22.04 17.63
N7 ADP G . 26.32 23.09 18.42
C5 ADP G . 27.41 23.51 19.04
C6 ADP G . 27.73 24.56 19.99
N6 ADP G . 26.78 25.39 20.46
N1 ADP G . 29.00 24.68 20.39
C2 ADP G . 29.96 23.86 19.93
N3 ADP G . 29.74 22.88 19.06
C4 ADP G . 28.51 22.66 18.57
PB ADP H . 31.17 -1.90 -12.52
O1B ADP H . 30.94 -0.47 -12.13
O2B ADP H . 29.93 -2.59 -13.03
O3B ADP H . 31.96 -2.71 -11.56
PA ADP H . 33.35 -0.75 -13.77
O1A ADP H . 32.86 0.64 -13.99
O2A ADP H . 34.18 -1.10 -12.58
O3A ADP H . 32.10 -1.75 -13.81
O5' ADP H . 34.16 -1.22 -15.07
C5' ADP H . 35.58 -1.32 -14.99
C4' ADP H . 36.18 -1.49 -16.38
O4' ADP H . 36.43 -0.23 -16.98
C3' ADP H . 37.52 -2.16 -16.25
O3' ADP H . 37.62 -3.09 -17.32
C2' ADP H . 38.54 -1.07 -16.52
O2' ADP H . 39.65 -1.61 -17.22
C1' ADP H . 37.79 -0.10 -17.39
N9 ADP H . 38.21 1.28 -17.13
C8 ADP H . 37.37 2.25 -16.79
N7 ADP H . 37.99 3.43 -16.62
C5 ADP H . 39.27 3.23 -16.86
C6 ADP H . 40.46 4.07 -16.84
N6 ADP H . 40.37 5.39 -16.54
N1 ADP H . 41.62 3.50 -17.15
C2 ADP H . 41.70 2.20 -17.46
N3 ADP H . 40.66 1.38 -17.48
C4 ADP H . 39.43 1.82 -17.20
PB ADP I . 16.92 -28.64 -27.42
O1B ADP I . 17.16 -27.26 -27.94
O2B ADP I . 17.90 -29.11 -26.38
O3B ADP I . 15.47 -28.88 -27.08
PA ADP I . 17.58 -28.97 -30.09
O1A ADP I . 16.39 -28.16 -30.52
O2A ADP I . 18.94 -28.34 -29.97
O3A ADP I . 17.17 -29.61 -28.68
O5' ADP I . 17.72 -30.18 -31.14
C5' ADP I . 18.08 -29.83 -32.46
C4' ADP I . 17.67 -30.89 -33.47
O4' ADP I . 17.41 -30.24 -34.72
C3' ADP I . 18.79 -31.87 -33.71
O3' ADP I . 18.23 -33.17 -33.82
C2' ADP I . 19.38 -31.48 -35.05
O2' ADP I . 19.69 -32.63 -35.82
C1' ADP I . 18.29 -30.70 -35.74
N9 ADP I . 18.91 -29.53 -36.39
C8 ADP I . 18.78 -28.25 -36.02
N7 ADP I . 19.48 -27.43 -36.83
C5 ADP I . 20.09 -28.20 -37.75
C6 ADP I . 20.97 -27.98 -38.88
N6 ADP I . 21.39 -26.75 -39.24
N1 ADP I . 21.38 -29.06 -39.57
C2 ADP I . 20.98 -30.30 -39.24
N3 ADP I . 20.18 -30.56 -38.21
C4 ADP I . 19.71 -29.58 -37.45
PB ADP J . -38.09 6.01 22.87
O1B ADP J . -39.13 5.08 22.33
O2B ADP J . -38.10 7.38 22.26
O3B ADP J . -36.74 5.39 23.03
PA ADP J . -38.83 5.09 25.40
O1A ADP J . -39.98 4.24 24.95
O2A ADP J . -37.51 4.43 25.69
O3A ADP J . -38.62 6.29 24.36
O5' ADP J . -39.31 5.86 26.73
C5' ADP J . -40.69 5.98 27.02
C4' ADP J . -40.85 6.31 28.50
O4' ADP J . -42.04 7.07 28.69
C3' ADP J . -40.99 5.04 29.30
O3' ADP J . -39.87 4.91 30.17
C2' ADP J . -42.26 5.19 30.11
O2' ADP J . -41.92 5.31 31.49
C1' ADP J . -42.89 6.49 29.67
N9 ADP J . -44.18 6.21 29.01
C8 ADP J . -44.38 6.06 27.70
N7 ADP J . -45.69 5.82 27.42
C5 ADP J . -46.34 5.82 28.58
C6 ADP J . -47.74 5.63 29.03
N6 ADP J . -48.73 5.40 28.15
N1 ADP J . -47.99 5.71 30.34
C2 ADP J . -47.01 5.94 31.23
N3 ADP J . -45.74 6.13 30.90
C4 ADP J . -45.35 6.08 29.62
PB ADP K . -7.01 16.29 32.31
O1B ADP K . -7.94 17.38 31.85
O2B ADP K . -5.95 15.94 31.29
O3B ADP K . -7.69 15.11 32.93
PA ADP K . -7.00 17.92 34.49
O1A ADP K . -7.01 19.25 33.80
O2A ADP K . -8.30 17.26 34.86
O3A ADP K . -6.20 16.92 33.53
O5' ADP K . -6.12 18.09 35.82
C5' ADP K . -6.61 19.06 36.74
C4' ADP K . -5.45 19.81 37.38
O4' ADP K . -5.86 21.12 37.72
C3' ADP K . -5.00 19.13 38.65
O3' ADP K . -3.57 19.03 38.59
C2' ADP K . -5.33 20.09 39.76
O2' ADP K . -4.19 20.26 40.60
C1' ADP K . -5.63 21.40 39.10
N9 ADP K . -6.89 21.93 39.62
C8 ADP K . -7.95 22.21 38.84
N7 ADP K . -8.98 22.70 39.55
C5 ADP K . -8.59 22.74 40.81
C6 ADP K . -9.22 23.15 42.07
N6 ADP K . -10.47 23.62 42.11
N1 ADP K . -8.50 23.04 43.19
C2 ADP K . -7.25 22.57 43.16
N3 ADP K . -6.62 22.18 42.05
C4 ADP K . -7.23 22.24 40.85
#